data_8AGD
#
_entry.id   8AGD
#
loop_
_entity.id
_entity.type
_entity.pdbx_description
1 polymer 'S-layer protein SlpA'
2 polymer 'Superoxide Dismutase (only-Cu)'
3 non-polymer (3~{S},5~{R},6~{R})-5-[(3~{S},7~{R},12~{S},16~{S},20~{S})-3,7,12,16,20,24-hexamethyl-24-oxidanyl-pentacosyl]-4,4,6-trimethyl-cyclohexane-1,3-diol
4 non-polymer '[(2~{S})-2-acetyloxy-3-[[(2~{S})-3-[(2~{R},3~{S},4~{S},5~{S},6~{S})-6-(hydroxymethyl)-3-(octadecanoylamino)-4,5-bis(oxidanyl)oxan-2-yl]oxy-1-oxidanylidene-1-(pentylamino)propan-2-yl]oxy-oxidanyl-phosphoryl]oxy-propyl] ethanoate'
5 non-polymer '[(2~{S})-3-[[(2~{S})-3-[(2~{S},3~{S},4~{S},5~{S},6~{S})-6-(hydroxymethyl)-4,5-bis(oxidanyl)-3-(propanoylamino)oxan-2-yl]oxy-1-oxidanylidene-1-(pentadecylamino)propan-2-yl]oxy-oxidanyl-phosphoryl]oxy-2-octanoyloxy-propyl] decanoate'
6 non-polymer 'COPPER (II) ION'
7 non-polymer 'FE (III) ION'
#
loop_
_entity_poly.entity_id
_entity_poly.type
_entity_poly.pdbx_seq_one_letter_code
_entity_poly.pdbx_strand_id
1 'polypeptide(L)'
;MKKSLIALTTALSFGLAAAQTAAPVSAPQVPALTDVPAGHWAKDAIDRLVSRGVILGYPDGTFRGTQNLTRYEAAIIIAR
LLDQMRDGETPAGMTAEDMTALQNAIQELAADLAALGVRVSDLEANAVSKDDFARLEARIEEVAAAGGEQGATEALQGQI
DDLTARVDEYDALRADVDDNASSIAALNDLTVLLNQDILDLQDRVSAVEAAQADFVQRSDFDALGGRVTTVETRVETVNN
SLTGRIAALERNAFSVKPSLTIGYSVSRTSRNFDVDRLFPLNADGTVANNAFTSGGIDTDTGAQRRDFGDFGNASDPVVA
GAAGLYGFADGVSYTVYFTDGSTATFDGLNPADYKVPTGKVIDTTKGRNGFGFNNLARYKEGSTDIGISLGFDTSGQFSQ
VTSGTGGSLFSTAGRLQVNQIDLNFGLVTGLPSDAYVDTNGNGKKDDGEATGRGTYLGSGGTAAILRDPAGNVYRPVFFR
FKNATTQFSVGNNPVIVTLGQQQKFYFSDYVFDNNYDGRGDGFTVTVDGSNVPVIGAWKPQIKGVYGSRSGLDGTAEAGY
GVYYRGVRAQITPVGTLTAGIHYAQEGRDMFGAAQNTTSTPSDVTTYGADLHGKAFGVELHSEYATSRVRPNTANAAVQT
SNAFYARVATRKDNLAFDLNTPAAKFGNDTFGVSLYDLNYRKIDAGYNNVAGISEYGYGSYSRTSAQNIAYNPDTGVTAP
FANLDRQAYTDANNDGTSDRNADGTVVATNTKIGQMGFGVKAAANLGPVAIGGYYDTSTGANGDNANRMTEAGGSAKVAY
SIFSLRGTYNTLDSNRPQIYRDAAGTQIIGDAKVRRYAVQADVTPGLGLFVGAYYRDVNVNGVRSTTDRGLLGRGYLASS
FEPGVGNNAYRTGLRCADNNFGTGTRDIDGVGGVLNPAVNLDQSRTATCFTSYGVEAGHAGDNANALVKDLFFRVGYSRV
YVPTTATATTGDFSGSVTYGDARYDRKVGVANVRLAGSFSTTNTQLDSRPAGTRGAVGLIVRTDPLENVPFRPQFNGQVG
YYTADNRVAAGNYNANATKYGAGVVLNDFLLPQTKIGVRYDGYMAQNRQYTPFDGDGTQGYFSDANNNRRTNLNGVYVEG
AYQDLIFSYGTYTLSQKDLNGVEYGSGINNGQPARGQTFKISYKVNF
;
A,B,C
2 'polypeptide(L)'
;MKKLALIALPLVLASCTMAGPTEGTYTLAPQAVVKPAGPVYAPAGTAKISETLGVTRTTITLTGMAPYAIYVAHYHKMGT
AAPMGSAPATNTNMAMSSTDATATTTASTSTTSTDTTVAASTDMTTTVTMAPVTAAPNPCNSDGPAIMESRMIAQASADG
KVTLTGIVPTALIRDAAYINVHHGRDFSGALADSGVICTPITMTMR
;
H,I,L
#
loop_
_chem_comp.id
_chem_comp.type
_chem_comp.name
_chem_comp.formula
CU non-polymer 'COPPER (II) ION' 'Cu 2'
FE non-polymer 'FE (III) ION' 'Fe 3'
JPI non-polymer (3~{S},5~{R},6~{R})-5-[(3~{S},7~{R},12~{S},16~{S},20~{S})-3,7,12,16,20,24-hexamethyl-24-oxidanyl-pentacosyl]-4,4,6-trimethyl-cyclohexane-1,3-diol 'C40 H80 O3'
JPX non-polymer '[(2~{S})-3-[[(2~{S})-3-[(2~{S},3~{S},4~{S},5~{S},6~{S})-6-(hydroxymethyl)-4,5-bis(oxidanyl)-3-(propanoylamino)oxan-2-yl]oxy-1-oxidanylidene-1-(pentadecylamino)propan-2-yl]oxy-oxidanyl-phosphoryl]oxy-2-octanoyloxy-propyl] decanoate' 'C48 H91 N2 O15 P'
JQ6 non-polymer '[(2~{S})-2-acetyloxy-3-[[(2~{S})-3-[(2~{R},3~{S},4~{S},5~{S},6~{S})-6-(hydroxymethyl)-3-(octadecanoylamino)-4,5-bis(oxidanyl)oxan-2-yl]oxy-1-oxidanylidene-1-(pentylamino)propan-2-yl]oxy-oxidanyl-phosphoryl]oxy-propyl] ethanoate' 'C39 H73 N2 O15 P'
#
# COMPACT_ATOMS: atom_id res chain seq x y z
N VAL A 50 69.28 250.47 -82.22
CA VAL A 50 70.54 250.37 -81.43
C VAL A 50 71.13 248.98 -81.58
N SER A 51 70.37 247.95 -81.22
CA SER A 51 70.85 246.56 -81.33
C SER A 51 69.66 245.59 -81.47
N ARG A 52 69.43 245.08 -82.68
CA ARG A 52 68.35 244.08 -82.88
C ARG A 52 68.40 243.03 -81.76
N GLY A 53 69.57 242.87 -81.13
CA GLY A 53 69.73 241.89 -80.03
C GLY A 53 69.03 240.58 -80.44
N VAL A 54 67.85 240.31 -79.88
CA VAL A 54 67.08 239.10 -80.22
C VAL A 54 67.83 237.87 -79.69
N ILE A 55 67.31 237.24 -78.62
CA ILE A 55 68.02 236.09 -78.00
C ILE A 55 67.04 234.93 -77.81
N LEU A 56 65.87 235.20 -77.22
CA LEU A 56 64.85 234.14 -77.05
C LEU A 56 63.72 234.37 -78.06
N GLY A 57 63.14 233.29 -78.59
CA GLY A 57 62.12 233.44 -79.65
C GLY A 57 62.58 234.55 -80.61
N TYR A 58 63.90 234.77 -80.70
CA TYR A 58 64.46 235.84 -81.55
C TYR A 58 65.98 235.68 -81.54
N PRO A 59 66.66 236.07 -82.63
CA PRO A 59 68.12 235.85 -82.70
C PRO A 59 68.76 236.88 -83.62
N ASP A 60 70.09 237.02 -83.56
CA ASP A 60 70.82 237.98 -84.41
C ASP A 60 72.31 237.67 -84.37
N GLY A 61 73.10 238.32 -85.23
CA GLY A 61 74.57 238.11 -85.25
C GLY A 61 75.25 239.31 -85.90
N THR A 62 75.29 239.33 -87.24
CA THR A 62 75.90 240.46 -87.98
C THR A 62 75.55 240.34 -89.47
N PHE A 63 75.39 241.48 -90.16
CA PHE A 63 75.00 241.45 -91.59
C PHE A 63 75.42 242.76 -92.26
N ARG A 64 75.53 242.75 -93.59
CA ARG A 64 75.93 243.97 -94.35
C ARG A 64 75.74 243.72 -95.86
N GLY A 65 76.81 243.82 -96.64
CA GLY A 65 76.73 243.62 -98.10
C GLY A 65 75.90 242.37 -98.42
N THR A 66 74.96 242.49 -99.37
CA THR A 66 74.08 241.36 -99.71
C THR A 66 74.90 240.07 -99.86
N GLN A 67 75.74 239.98 -100.91
CA GLN A 67 76.49 238.74 -101.17
C GLN A 67 75.67 237.53 -100.72
N ASN A 68 76.12 236.85 -99.66
CA ASN A 68 75.42 235.62 -99.20
C ASN A 68 75.67 235.41 -97.70
N LEU A 69 75.58 234.16 -97.23
CA LEU A 69 75.77 233.85 -95.79
C LEU A 69 75.78 232.33 -95.58
N THR A 70 76.46 231.88 -94.52
CA THR A 70 76.52 230.43 -94.22
C THR A 70 75.11 229.89 -94.02
N ARG A 71 74.77 228.79 -94.69
CA ARG A 71 73.41 228.22 -94.58
C ARG A 71 72.39 229.36 -94.53
N TYR A 72 72.58 230.39 -95.37
CA TYR A 72 71.68 231.56 -95.36
C TYR A 72 71.76 232.26 -96.72
N GLU A 73 72.96 232.38 -97.28
CA GLU A 73 73.13 233.01 -98.61
C GLU A 73 72.36 234.33 -98.68
N ALA A 74 71.76 234.64 -99.83
CA ALA A 74 70.94 235.86 -99.96
C ALA A 74 69.47 235.48 -99.79
N ALA A 75 68.69 235.50 -100.86
CA ALA A 75 67.26 235.11 -100.80
C ALA A 75 66.53 235.94 -99.74
N ILE A 76 65.96 237.08 -100.14
CA ILE A 76 65.21 237.94 -99.19
C ILE A 76 64.74 237.11 -98.00
N ILE A 77 63.97 236.04 -98.26
CA ILE A 77 63.49 235.13 -97.20
C ILE A 77 64.03 235.60 -95.84
N ILE A 78 63.36 236.58 -95.21
CA ILE A 78 63.80 237.12 -93.91
C ILE A 78 63.86 235.98 -92.89
N ALA A 79 62.78 235.79 -92.11
CA ALA A 79 62.75 234.63 -91.19
C ALA A 79 62.74 233.37 -92.05
N ARG A 80 62.05 233.41 -93.20
CA ARG A 80 61.97 232.25 -94.11
C ARG A 80 63.38 231.66 -94.30
N LEU A 81 64.41 232.51 -94.36
CA LEU A 81 65.80 232.00 -94.47
C LEU A 81 65.94 230.75 -93.59
N LEU A 82 65.24 230.72 -92.46
CA LEU A 82 65.24 229.51 -91.60
C LEU A 82 63.78 229.03 -91.49
N ASP A 83 62.87 229.94 -91.13
CA ASP A 83 61.44 229.59 -90.97
C ASP A 83 61.03 228.55 -92.01
N GLN A 84 61.45 228.73 -93.26
CA GLN A 84 61.11 227.74 -94.32
C GLN A 84 61.63 226.37 -93.89
N MET A 85 62.94 226.12 -94.05
CA MET A 85 63.53 224.83 -93.62
C MET A 85 62.93 224.47 -92.25
N ARG A 86 62.74 225.47 -91.39
CA ARG A 86 62.11 225.21 -90.07
C ARG A 86 60.77 224.51 -90.28
N ASP A 87 59.73 225.27 -90.66
CA ASP A 87 58.41 224.68 -90.95
C ASP A 87 58.61 223.33 -91.66
N GLY A 88 59.42 223.34 -92.73
CA GLY A 88 59.72 222.07 -93.43
C GLY A 88 59.99 220.99 -92.40
N GLU A 89 61.04 221.17 -91.60
CA GLU A 89 61.34 220.20 -90.53
C GLU A 89 60.18 220.14 -89.54
N THR A 90 59.66 221.30 -89.13
CA THR A 90 58.55 221.36 -88.14
C THR A 90 57.46 220.36 -88.53
N PRO A 91 57.27 220.14 -89.83
CA PRO A 91 56.22 219.22 -90.31
C PRO A 91 56.50 217.79 -89.84
N ALA A 92 57.66 217.55 -89.22
CA ALA A 92 57.98 216.21 -88.69
C ALA A 92 56.79 215.71 -87.86
N GLY A 93 56.61 216.25 -86.66
CA GLY A 93 55.43 215.88 -85.84
C GLY A 93 54.22 215.77 -86.77
N MET A 94 53.92 216.85 -87.49
CA MET A 94 52.77 216.85 -88.42
C MET A 94 52.74 215.54 -89.21
N THR A 95 53.85 215.21 -89.87
CA THR A 95 53.93 213.96 -90.66
C THR A 95 53.43 212.80 -89.79
N ALA A 96 54.23 212.42 -88.79
CA ALA A 96 53.81 211.33 -87.88
C ALA A 96 52.34 211.52 -87.53
N GLU A 97 51.97 212.72 -87.10
CA GLU A 97 50.57 213.00 -86.71
C GLU A 97 49.62 212.46 -87.79
N ASP A 98 49.68 212.98 -89.02
CA ASP A 98 48.70 212.50 -89.98
C ASP A 98 48.64 211.00 -90.00
N MET A 99 49.83 210.35 -89.96
CA MET A 99 49.86 208.89 -89.94
C MET A 99 49.20 208.34 -88.69
N THR A 100 49.64 208.87 -87.55
CA THR A 100 49.03 208.45 -86.27
C THR A 100 47.53 208.51 -86.51
N ALA A 101 47.08 209.59 -87.15
CA ALA A 101 45.66 209.70 -87.50
C ALA A 101 45.37 208.63 -88.56
N LEU A 102 45.71 208.93 -89.82
CA LEU A 102 45.37 207.99 -90.91
C LEU A 102 43.93 207.52 -90.65
N GLN A 103 43.03 208.48 -90.40
CA GLN A 103 41.63 208.11 -90.06
C GLN A 103 41.67 207.00 -89.00
N ASN A 104 41.03 205.86 -89.27
CA ASN A 104 41.06 204.72 -88.33
C ASN A 104 40.67 205.16 -86.92
N ALA A 105 40.17 206.39 -86.77
CA ALA A 105 39.71 206.87 -85.45
C ALA A 105 38.96 205.73 -84.78
N ILE A 106 39.24 205.46 -83.49
CA ILE A 106 38.48 204.40 -82.79
C ILE A 106 38.88 203.03 -83.33
N GLN A 107 38.70 202.81 -84.64
CA GLN A 107 39.09 201.53 -85.26
C GLN A 107 40.50 201.15 -84.81
N GLU A 108 41.48 202.02 -85.07
CA GLU A 108 42.88 201.76 -84.65
C GLU A 108 42.88 201.31 -83.18
N LEU A 109 42.40 202.17 -82.27
CA LEU A 109 42.34 201.81 -80.84
C LEU A 109 41.75 200.41 -80.69
N ALA A 110 40.52 200.22 -81.16
CA ALA A 110 39.87 198.88 -81.10
C ALA A 110 40.87 197.82 -81.56
N ALA A 111 41.31 197.89 -82.82
CA ALA A 111 42.30 196.93 -83.35
C ALA A 111 43.40 196.70 -82.32
N ASP A 112 44.14 197.76 -81.97
CA ASP A 112 45.22 197.64 -80.96
C ASP A 112 44.71 196.83 -79.75
N LEU A 113 43.72 197.37 -79.04
CA LEU A 113 43.14 196.67 -77.88
C LEU A 113 42.90 195.20 -78.25
N ALA A 114 42.04 194.94 -79.24
CA ALA A 114 41.77 193.56 -79.68
C ALA A 114 43.09 192.80 -79.79
N ALA A 115 43.97 193.21 -80.70
CA ALA A 115 45.29 192.55 -80.87
C ALA A 115 45.87 192.23 -79.49
N LEU A 116 45.45 192.95 -78.45
CA LEU A 116 45.93 192.68 -77.10
C LEU A 116 45.54 191.28 -76.63
N GLY A 117 46.38 190.68 -75.80
CA GLY A 117 46.11 189.32 -75.29
C GLY A 117 46.94 189.06 -74.03
N VAL A 118 47.79 188.14 -74.28
CA VAL A 118 48.66 187.74 -73.24
C VAL A 118 49.65 187.16 -74.25
N ARG A 119 49.53 187.54 -75.53
CA ARG A 119 50.41 187.04 -76.61
C ARG A 119 51.83 186.93 -76.13
N VAL A 120 52.27 185.80 -75.60
CA VAL A 120 53.63 185.77 -75.01
C VAL A 120 53.67 184.61 -74.07
N SER A 121 54.49 184.74 -73.01
CA SER A 121 54.49 183.47 -72.28
C SER A 121 55.24 183.08 -71.03
N ASP A 122 54.96 183.63 -69.88
CA ASP A 122 55.32 182.83 -68.71
C ASP A 122 54.23 181.96 -69.12
N LEU A 123 53.27 182.67 -69.62
CA LEU A 123 52.28 182.20 -70.52
C LEU A 123 52.93 181.26 -71.48
N GLU A 124 52.18 180.32 -71.94
CA GLU A 124 52.68 179.16 -72.66
C GLU A 124 53.26 178.39 -71.56
N ALA A 125 54.43 178.93 -71.45
CA ALA A 125 55.07 178.56 -70.26
C ALA A 125 53.82 178.63 -69.55
N ASN A 126 53.30 179.76 -69.95
CA ASN A 126 52.19 179.41 -69.04
C ASN A 126 51.12 178.63 -69.82
N ALA A 127 50.56 179.24 -70.86
CA ALA A 127 49.53 178.55 -71.69
C ALA A 127 50.03 177.15 -72.04
N VAL A 128 51.10 177.05 -72.82
CA VAL A 128 51.67 175.73 -73.18
C VAL A 128 51.68 174.82 -71.96
N SER A 129 52.35 175.24 -70.88
CA SER A 129 52.39 174.44 -69.63
C SER A 129 50.97 173.98 -69.29
N LYS A 130 50.11 174.91 -68.88
CA LYS A 130 48.70 174.57 -68.56
C LYS A 130 48.19 173.54 -69.55
N ASP A 131 48.18 173.88 -70.84
CA ASP A 131 47.73 172.92 -71.89
C ASP A 131 48.40 171.57 -71.64
N ASP A 132 49.58 172.11 -71.46
CA ASP A 132 50.37 170.93 -71.57
C ASP A 132 49.66 169.67 -71.02
N PHE A 133 48.86 169.66 -69.99
CA PHE A 133 47.92 168.57 -69.59
C PHE A 133 47.85 167.19 -70.21
N ALA A 134 46.59 166.82 -70.47
CA ALA A 134 46.26 165.51 -71.01
C ALA A 134 44.80 165.31 -70.78
N ARG A 135 43.99 166.34 -71.13
CA ARG A 135 42.69 165.68 -70.86
C ARG A 135 42.61 165.32 -69.37
N LEU A 136 42.61 166.33 -68.49
CA LEU A 136 42.57 166.07 -67.03
C LEU A 136 43.61 165.01 -66.68
N GLU A 137 43.23 164.02 -65.87
CA GLU A 137 44.15 162.95 -65.53
C GLU A 137 44.17 161.86 -66.60
N ALA A 138 44.05 162.20 -67.84
CA ALA A 138 44.08 161.23 -68.95
C ALA A 138 44.45 159.85 -68.41
N ARG A 139 45.71 159.42 -68.61
CA ARG A 139 46.17 158.12 -68.09
C ARG A 139 45.68 157.95 -66.64
N ILE A 140 45.99 158.91 -65.78
CA ILE A 140 45.54 158.85 -64.36
C ILE A 140 44.05 158.47 -64.34
N GLU A 141 43.19 159.36 -64.85
CA GLU A 141 41.74 159.07 -64.89
C GLU A 141 41.52 157.63 -65.32
N GLU A 142 41.98 157.27 -66.53
CA GLU A 142 41.83 155.89 -67.03
C GLU A 142 42.22 154.91 -65.92
N VAL A 143 43.51 154.91 -65.53
CA VAL A 143 43.97 154.02 -64.43
C VAL A 143 42.91 153.99 -63.33
N ALA A 144 42.63 155.14 -62.71
CA ALA A 144 41.61 155.22 -61.64
C ALA A 144 40.37 154.45 -62.07
N ALA A 145 40.10 153.57 -63.17
CA ALA A 145 39.08 152.33 -63.09
C ALA A 145 38.84 151.04 -64.01
N ALA A 146 39.74 150.08 -64.06
CA ALA A 146 39.59 148.84 -64.84
C ALA A 146 39.46 147.78 -63.81
N GLY A 147 38.59 148.26 -63.07
CA GLY A 147 38.51 147.64 -61.84
C GLY A 147 37.37 148.59 -61.29
N GLY A 148 36.96 149.67 -62.06
CA GLY A 148 35.73 150.47 -61.75
C GLY A 148 35.06 149.26 -62.16
N GLU A 149 35.19 149.04 -63.48
CA GLU A 149 34.88 147.66 -63.78
C GLU A 149 36.04 146.89 -62.91
N GLN A 150 37.29 146.22 -63.13
CA GLN A 150 38.11 145.50 -62.00
C GLN A 150 37.76 145.74 -60.38
N GLY A 151 38.30 146.57 -59.27
CA GLY A 151 37.90 146.34 -57.87
C GLY A 151 36.41 145.98 -57.83
N ALA A 152 35.54 146.94 -58.19
CA ALA A 152 34.08 146.68 -58.21
C ALA A 152 33.81 145.26 -58.73
N THR A 153 34.22 144.98 -59.97
CA THR A 153 34.05 143.63 -60.54
C THR A 153 34.62 142.59 -59.56
N GLU A 154 35.95 142.49 -59.49
CA GLU A 154 36.61 141.54 -58.56
C GLU A 154 35.70 141.30 -57.35
N ALA A 155 35.36 142.37 -56.62
CA ALA A 155 34.46 142.23 -55.44
C ALA A 155 33.29 141.32 -55.81
N LEU A 156 33.31 140.07 -55.34
CA LEU A 156 32.22 139.11 -55.64
C LEU A 156 31.92 139.14 -57.15
N GLN A 157 32.96 139.16 -57.99
CA GLN A 157 32.77 139.19 -59.46
C GLN A 157 31.44 139.84 -59.83
N GLY A 158 30.50 139.07 -60.37
CA GLY A 158 29.20 139.63 -60.79
C GLY A 158 28.07 139.02 -59.94
N ARG A 166 30.53 137.61 -50.71
CA ARG A 166 29.45 137.69 -49.68
C ARG A 166 28.92 136.28 -49.40
N VAL A 167 29.74 135.26 -49.65
CA VAL A 167 29.32 133.83 -49.42
C VAL A 167 28.58 133.74 -48.08
N ASP A 168 27.45 133.03 -48.04
CA ASP A 168 26.69 132.87 -46.77
C ASP A 168 26.42 131.38 -46.56
N GLU A 169 27.23 130.71 -45.73
CA GLU A 169 27.07 129.24 -45.55
C GLU A 169 25.66 128.96 -45.02
N TYR A 170 24.99 127.92 -45.53
CA TYR A 170 23.61 127.60 -45.10
C TYR A 170 23.63 126.38 -44.16
N ASP A 171 24.79 125.73 -44.03
CA ASP A 171 24.94 124.58 -43.10
C ASP A 171 23.98 123.45 -43.48
N ALA A 172 23.78 122.49 -42.57
CA ALA A 172 22.90 121.34 -42.87
C ALA A 172 22.35 120.77 -41.56
N LEU A 173 22.68 119.50 -41.26
CA LEU A 173 22.14 118.85 -40.03
C LEU A 173 22.98 117.61 -39.70
N ARG A 174 22.90 117.14 -38.45
CA ARG A 174 23.62 115.91 -38.04
C ARG A 174 23.03 114.71 -38.79
N ALA A 175 23.25 114.63 -40.10
CA ALA A 175 22.68 113.55 -40.92
C ALA A 175 22.62 112.24 -40.12
N ASP A 176 23.70 111.90 -39.41
CA ASP A 176 23.73 110.59 -38.69
C ASP A 176 22.54 110.44 -37.75
N VAL A 177 21.58 109.58 -38.09
CA VAL A 177 20.43 109.30 -37.18
C VAL A 177 20.89 108.22 -36.19
N ASP A 178 21.13 107.00 -36.67
CA ASP A 178 21.69 105.91 -35.81
C ASP A 178 20.64 105.30 -34.89
N ASP A 179 20.89 104.07 -34.43
CA ASP A 179 19.96 103.36 -33.50
C ASP A 179 20.67 102.07 -33.07
N ASN A 180 21.80 101.75 -33.71
CA ASN A 180 22.59 100.53 -33.42
C ASN A 180 22.13 99.88 -32.10
N ALA A 181 22.37 100.54 -30.97
CA ALA A 181 22.03 99.95 -29.65
C ALA A 181 20.88 98.95 -29.81
N SER A 182 19.65 99.45 -30.01
CA SER A 182 18.46 98.58 -30.19
C SER A 182 18.72 97.18 -29.64
N SER A 183 18.97 97.07 -28.33
CA SER A 183 19.24 95.76 -27.69
C SER A 183 19.85 94.80 -28.73
N ILE A 184 20.90 95.25 -29.41
CA ILE A 184 21.55 94.41 -30.48
C ILE A 184 21.42 92.94 -30.07
N ALA A 185 20.83 92.11 -30.93
CA ALA A 185 20.60 90.67 -30.60
C ALA A 185 21.79 90.09 -29.84
N ALA A 186 22.99 90.68 -29.97
CA ALA A 186 24.19 90.22 -29.25
C ALA A 186 23.96 90.29 -27.73
N LEU A 187 23.01 89.51 -27.21
CA LEU A 187 22.76 89.45 -25.74
C LEU A 187 22.02 88.14 -25.44
N ASN A 188 20.73 88.09 -25.76
CA ASN A 188 19.93 86.86 -25.51
C ASN A 188 20.38 85.75 -26.45
N ASP A 189 21.32 86.04 -27.35
CA ASP A 189 21.70 85.00 -28.36
C ASP A 189 22.33 83.82 -27.63
N LEU A 190 22.64 83.98 -26.33
CA LEU A 190 23.27 82.89 -25.53
C LEU A 190 22.33 82.55 -24.37
N THR A 191 21.09 83.04 -24.39
CA THR A 191 20.12 82.82 -23.29
C THR A 191 20.35 81.47 -22.62
N VAL A 192 20.10 80.36 -23.34
CA VAL A 192 20.33 79.00 -22.77
C VAL A 192 21.05 78.17 -23.84
N LEU A 193 22.19 78.66 -24.34
CA LEU A 193 22.99 77.88 -25.33
C LEU A 193 22.99 76.43 -24.86
N LEU A 194 23.31 76.20 -23.58
CA LEU A 194 23.21 74.82 -23.02
C LEU A 194 21.80 74.65 -22.47
N ASN A 195 21.01 73.75 -23.06
CA ASN A 195 19.60 73.57 -22.63
C ASN A 195 19.58 72.91 -21.24
N GLN A 196 20.71 72.91 -20.53
CA GLN A 196 20.80 72.21 -19.21
C GLN A 196 20.65 70.70 -19.43
N ASP A 197 19.53 70.26 -19.99
CA ASP A 197 19.33 68.82 -20.30
C ASP A 197 19.99 68.51 -21.64
N ILE A 198 21.29 68.78 -21.77
CA ILE A 198 22.02 68.56 -23.06
C ILE A 198 21.60 67.21 -23.64
N LEU A 199 21.69 66.13 -22.84
CA LEU A 199 21.33 64.76 -23.31
C LEU A 199 21.45 63.83 -22.10
N ASP A 200 21.10 64.33 -20.91
CA ASP A 200 21.30 63.53 -19.67
C ASP A 200 20.14 62.52 -19.55
N LEU A 201 19.50 62.21 -20.67
CA LEU A 201 18.34 61.27 -20.66
C LEU A 201 18.59 60.19 -21.73
N GLN A 202 19.37 60.52 -22.76
CA GLN A 202 19.70 59.52 -23.81
C GLN A 202 20.30 58.30 -23.10
N ASP A 203 21.01 58.55 -21.99
CA ASP A 203 21.61 57.45 -21.20
C ASP A 203 20.49 56.78 -20.38
N ARG A 204 19.62 57.59 -19.76
CA ARG A 204 18.53 57.03 -18.90
C ARG A 204 17.54 56.19 -19.70
N VAL A 205 17.49 56.31 -21.03
CA VAL A 205 16.61 55.42 -21.84
C VAL A 205 17.23 54.02 -21.82
N SER A 206 18.38 53.86 -22.46
CA SER A 206 19.06 52.54 -22.52
C SER A 206 19.29 52.03 -21.09
N ALA A 207 19.26 52.93 -20.11
CA ALA A 207 19.54 52.54 -18.70
C ALA A 207 18.55 51.46 -18.26
N VAL A 208 17.25 51.74 -18.36
CA VAL A 208 16.22 50.77 -17.89
C VAL A 208 16.05 49.69 -18.97
N GLU A 209 16.33 50.02 -20.23
CA GLU A 209 16.16 49.05 -21.34
C GLU A 209 17.06 47.84 -21.11
N ALA A 210 18.26 48.06 -20.57
CA ALA A 210 19.20 46.95 -20.28
C ALA A 210 18.55 45.96 -19.30
N ALA A 211 17.92 46.49 -18.23
CA ALA A 211 17.28 45.62 -17.22
C ALA A 211 16.07 44.91 -17.84
N GLN A 212 15.37 45.59 -18.74
CA GLN A 212 14.17 44.99 -19.39
C GLN A 212 14.60 43.78 -20.22
N ALA A 213 15.78 43.84 -20.84
CA ALA A 213 16.26 42.74 -21.71
C ALA A 213 16.29 41.43 -20.91
N ASP A 214 16.31 41.52 -19.57
CA ASP A 214 16.29 40.30 -18.73
C ASP A 214 14.89 40.09 -18.15
N PHE A 215 14.73 40.24 -16.84
CA PHE A 215 13.41 40.08 -16.17
C PHE A 215 12.78 38.72 -16.50
N VAL A 216 11.49 38.72 -16.86
CA VAL A 216 10.75 37.46 -17.18
C VAL A 216 9.85 37.71 -18.39
N GLN A 217 8.79 36.91 -18.53
CA GLN A 217 7.82 37.09 -19.65
C GLN A 217 6.45 36.57 -19.20
N ARG A 218 5.37 37.25 -19.58
CA ARG A 218 3.99 36.82 -19.21
C ARG A 218 3.79 35.36 -19.59
N SER A 219 3.76 35.05 -20.89
CA SER A 219 3.62 33.65 -21.36
C SER A 219 4.57 32.69 -20.62
N ASP A 220 5.86 33.03 -20.53
CA ASP A 220 6.85 32.15 -19.86
C ASP A 220 6.35 31.80 -18.45
N PHE A 221 6.04 32.82 -17.64
CA PHE A 221 5.54 32.59 -16.26
C PHE A 221 4.24 31.79 -16.31
N ASP A 222 3.33 32.17 -17.20
CA ASP A 222 2.01 31.49 -17.29
C ASP A 222 2.23 29.99 -17.54
N ALA A 223 3.20 29.63 -18.38
CA ALA A 223 3.43 28.20 -18.71
C ALA A 223 3.93 27.47 -17.47
N LEU A 224 4.38 27.79 -16.88
CA LEU A 224 4.88 27.28 -15.60
C LEU A 224 3.76 27.20 -14.57
N GLY A 225 2.88 28.20 -14.54
CA GLY A 225 1.73 28.14 -13.65
C GLY A 225 0.80 26.99 -13.98
N GLY A 226 0.57 26.75 -15.28
CA GLY A 226 -0.23 25.61 -15.68
C GLY A 226 0.40 24.30 -15.25
N ARG A 227 1.72 24.18 -15.40
CA ARG A 227 2.42 22.98 -14.95
C ARG A 227 2.31 22.80 -13.44
N VAL A 228 2.39 23.90 -12.69
CA VAL A 228 2.23 23.83 -11.25
C VAL A 228 0.84 23.34 -10.88
N THR A 229 -0.18 23.84 -11.58
CA THR A 229 -1.55 23.37 -11.33
C THR A 229 -1.69 21.88 -11.66
N THR A 230 -1.08 21.45 -12.76
CA THR A 230 -1.14 20.04 -13.12
C THR A 230 -0.47 19.18 -12.04
N VAL A 231 0.67 19.63 -11.51
CA VAL A 231 1.33 18.89 -10.45
C VAL A 231 0.47 18.87 -9.19
N GLU A 232 -0.19 20.00 -8.89
CA GLU A 232 -1.06 20.06 -7.72
C GLU A 232 -2.17 19.03 -7.82
N THR A 233 -2.77 18.90 -9.00
CA THR A 233 -3.82 17.90 -9.18
C THR A 233 -3.25 16.48 -9.18
N ARG A 234 -2.07 16.30 -9.77
CA ARG A 234 -1.48 14.98 -9.89
C ARG A 234 -1.10 14.41 -8.53
N VAL A 235 -0.59 15.26 -7.63
CA VAL A 235 -0.24 14.78 -6.30
C VAL A 235 -1.47 14.24 -5.59
N GLU A 236 -2.58 14.99 -5.66
CA GLU A 236 -3.81 14.53 -5.04
C GLU A 236 -4.31 13.24 -5.70
N THR A 237 -4.23 13.15 -7.02
CA THR A 237 -4.68 11.94 -7.70
C THR A 237 -3.88 10.73 -7.26
N VAL A 238 -2.56 10.86 -7.21
CA VAL A 238 -1.71 9.76 -6.78
C VAL A 238 -2.02 9.37 -5.34
N ASN A 239 -2.14 10.37 -4.46
CA ASN A 239 -2.44 10.09 -3.07
C ASN A 239 -3.75 9.34 -2.94
N ASN A 240 -4.78 9.79 -3.65
CA ASN A 240 -6.09 9.17 -3.53
C ASN A 240 -6.09 7.75 -4.08
N SER A 241 -5.49 7.54 -5.25
CA SER A 241 -5.46 6.19 -5.81
C SER A 241 -4.70 5.23 -4.88
N LEU A 242 -3.54 5.64 -4.39
CA LEU A 242 -2.76 4.76 -3.53
C LEU A 242 -3.46 4.53 -2.20
N THR A 243 -4.12 5.55 -1.65
CA THR A 243 -4.87 5.37 -0.42
C THR A 243 -6.03 4.40 -0.62
N GLY A 244 -6.72 4.49 -1.76
CA GLY A 244 -7.78 3.55 -2.04
C GLY A 244 -7.29 2.12 -2.14
N ARG A 245 -6.17 1.92 -2.85
CA ARG A 245 -5.63 0.57 -2.95
C ARG A 245 -5.12 0.05 -1.61
N ILE A 246 -4.53 0.91 -0.79
CA ILE A 246 -4.08 0.50 0.53
C ILE A 246 -5.28 0.14 1.40
N ALA A 247 -6.38 0.90 1.29
CA ALA A 247 -7.58 0.58 2.04
C ALA A 247 -8.16 -0.76 1.61
N ALA A 248 -8.15 -1.03 0.30
CA ALA A 248 -8.62 -2.32 -0.18
C ALA A 248 -7.75 -3.45 0.36
N LEU A 249 -6.43 -3.24 0.40
CA LEU A 249 -5.55 -4.25 0.98
C LEU A 249 -5.83 -4.45 2.47
N GLU A 250 -6.09 -3.36 3.19
CA GLU A 250 -6.32 -3.44 4.63
C GLU A 250 -7.68 -4.05 4.96
N ARG A 251 -8.65 -3.93 4.05
CA ARG A 251 -10.00 -4.41 4.35
C ARG A 251 -10.00 -5.91 4.61
N ASN A 252 -9.27 -6.67 3.79
CA ASN A 252 -9.27 -8.13 3.88
C ASN A 252 -7.87 -8.64 4.20
N ALA A 253 -7.22 -8.02 5.17
CA ALA A 253 -5.91 -8.42 5.64
C ALA A 253 -6.00 -8.97 7.05
N PHE A 254 -5.00 -9.74 7.43
CA PHE A 254 -4.93 -10.34 8.75
C PHE A 254 -4.03 -9.54 9.67
N SER A 255 -4.51 -9.29 10.89
CA SER A 255 -3.66 -8.77 11.96
C SER A 255 -3.12 -9.96 12.74
N VAL A 256 -1.81 -10.14 12.72
CA VAL A 256 -1.16 -11.25 13.41
C VAL A 256 -0.91 -10.84 14.85
N LYS A 257 -1.49 -11.59 15.79
CA LYS A 257 -1.36 -11.30 17.21
C LYS A 257 -0.69 -12.47 17.92
N PRO A 258 0.60 -12.40 18.18
CA PRO A 258 1.27 -13.43 18.99
C PRO A 258 1.30 -13.06 20.46
N SER A 259 1.28 -14.09 21.29
CA SER A 259 1.27 -13.93 22.74
C SER A 259 2.30 -14.85 23.35
N LEU A 260 3.04 -14.32 24.33
CA LEU A 260 4.04 -15.07 25.06
C LEU A 260 3.83 -14.85 26.55
N THR A 261 3.79 -15.94 27.32
CA THR A 261 3.67 -15.89 28.76
C THR A 261 4.90 -16.55 29.38
N ILE A 262 5.55 -15.84 30.30
CA ILE A 262 6.73 -16.34 31.00
C ILE A 262 6.46 -16.29 32.49
N GLY A 263 6.73 -17.39 33.18
CA GLY A 263 6.60 -17.34 34.62
C GLY A 263 7.09 -18.55 35.38
N TYR A 264 7.67 -18.34 36.55
CA TYR A 264 8.14 -19.43 37.41
C TYR A 264 7.21 -19.57 38.60
N SER A 265 6.90 -20.82 38.97
CA SER A 265 6.00 -21.02 40.09
C SER A 265 6.36 -22.29 40.86
N VAL A 266 6.34 -22.20 42.18
CA VAL A 266 6.47 -23.34 43.07
C VAL A 266 5.54 -23.13 44.25
N SER A 267 4.91 -24.22 44.70
CA SER A 267 3.95 -24.12 45.80
C SER A 267 3.87 -25.46 46.52
N ARG A 268 3.99 -25.42 47.84
CA ARG A 268 3.94 -26.62 48.67
C ARG A 268 2.97 -26.41 49.81
N THR A 269 2.00 -27.32 49.94
CA THR A 269 1.03 -27.26 51.03
C THR A 269 0.79 -28.67 51.55
N SER A 270 0.23 -28.74 52.76
CA SER A 270 -0.14 -30.00 53.36
C SER A 270 -1.64 -30.16 53.60
N ARG A 271 -2.41 -29.07 53.58
CA ARG A 271 -3.85 -29.14 53.77
C ARG A 271 -4.67 -28.33 52.78
N ASN A 272 -4.08 -27.33 52.11
CA ASN A 272 -4.79 -26.52 51.12
C ASN A 272 -5.98 -25.78 51.74
N PHE A 273 -5.65 -24.87 52.64
CA PHE A 273 -6.61 -23.94 53.20
C PHE A 273 -6.71 -22.70 52.32
N ASP A 274 -7.44 -21.69 52.80
CA ASP A 274 -7.67 -20.46 52.06
C ASP A 274 -7.06 -19.27 52.81
N VAL A 275 -6.47 -18.35 52.05
CA VAL A 275 -5.84 -17.16 52.64
C VAL A 275 -6.51 -15.87 52.19
N ASP A 276 -7.42 -15.90 51.23
CA ASP A 276 -8.07 -14.68 50.77
C ASP A 276 -8.97 -14.06 51.84
N ARG A 277 -9.28 -14.79 52.90
CA ARG A 277 -10.09 -14.25 53.99
C ARG A 277 -9.28 -13.39 54.94
N LEU A 278 -7.96 -13.32 54.77
CA LEU A 278 -7.11 -12.47 55.58
C LEU A 278 -6.88 -11.09 54.98
N PHE A 279 -7.08 -10.95 53.68
CA PHE A 279 -6.71 -9.72 52.99
C PHE A 279 -7.78 -8.64 53.17
N PRO A 280 -7.38 -7.37 53.07
CA PRO A 280 -8.34 -6.28 53.28
C PRO A 280 -9.44 -6.28 52.24
N LEU A 281 -10.61 -5.82 52.66
CA LEU A 281 -11.76 -5.67 51.76
C LEU A 281 -11.85 -4.24 51.26
N ASN A 282 -11.99 -4.09 49.95
CA ASN A 282 -12.04 -2.77 49.35
C ASN A 282 -13.40 -2.11 49.61
N ALA A 283 -13.46 -0.81 49.32
CA ALA A 283 -14.69 -0.05 49.57
C ALA A 283 -15.86 -0.62 48.79
N ASP A 284 -15.62 -1.32 47.69
CA ASP A 284 -16.66 -2.00 46.93
C ASP A 284 -16.90 -3.42 47.41
N GLY A 285 -16.26 -3.83 48.51
CA GLY A 285 -16.46 -5.14 49.10
C GLY A 285 -15.55 -6.23 48.57
N THR A 286 -14.87 -5.99 47.44
CA THR A 286 -13.94 -6.98 46.91
C THR A 286 -12.72 -7.09 47.80
N VAL A 287 -12.09 -8.26 47.79
CA VAL A 287 -10.90 -8.49 48.59
C VAL A 287 -9.67 -8.03 47.82
N ALA A 288 -8.65 -7.61 48.57
CA ALA A 288 -7.44 -7.08 47.94
C ALA A 288 -6.76 -8.14 47.09
N ASN A 289 -6.18 -7.70 45.98
CA ASN A 289 -5.53 -8.62 45.05
C ASN A 289 -4.23 -9.16 45.65
N ASN A 290 -3.99 -10.45 45.43
CA ASN A 290 -2.75 -11.09 45.83
C ASN A 290 -2.33 -12.08 44.75
N ALA A 291 -1.10 -12.56 44.86
CA ALA A 291 -0.52 -13.46 43.88
C ALA A 291 -0.77 -14.93 44.21
N PHE A 292 -1.52 -15.22 45.27
CA PHE A 292 -1.74 -16.59 45.71
C PHE A 292 -3.17 -17.06 45.52
N THR A 293 -4.10 -16.16 45.22
CA THR A 293 -5.51 -16.55 45.12
C THR A 293 -5.71 -17.56 43.99
N SER A 294 -6.60 -18.53 44.23
CA SER A 294 -6.99 -19.48 43.21
C SER A 294 -8.08 -18.93 42.28
N GLY A 295 -8.65 -17.77 42.60
CA GLY A 295 -9.77 -17.25 41.85
C GLY A 295 -11.07 -17.89 42.31
N GLY A 296 -11.97 -18.16 41.36
CA GLY A 296 -13.20 -18.85 41.66
C GLY A 296 -14.40 -17.98 41.93
N ILE A 297 -14.33 -16.69 41.62
CA ILE A 297 -15.47 -15.80 41.86
C ILE A 297 -16.55 -16.13 40.84
N ASP A 298 -17.68 -16.67 41.30
CA ASP A 298 -18.81 -16.98 40.45
C ASP A 298 -20.05 -16.35 41.05
N THR A 299 -20.71 -15.48 40.29
CA THR A 299 -21.93 -14.84 40.76
C THR A 299 -23.14 -15.75 40.66
N ASP A 300 -23.16 -16.66 39.69
CA ASP A 300 -24.30 -17.56 39.55
C ASP A 300 -24.45 -18.48 40.75
N THR A 301 -23.34 -19.02 41.25
CA THR A 301 -23.35 -19.94 42.37
C THR A 301 -22.91 -19.30 43.67
N GLY A 302 -22.63 -18.00 43.67
CA GLY A 302 -22.21 -17.34 44.90
C GLY A 302 -20.80 -17.66 45.34
N ALA A 303 -20.01 -18.32 44.51
CA ALA A 303 -18.64 -18.64 44.88
C ALA A 303 -17.80 -17.37 44.92
N GLN A 304 -16.81 -17.37 45.81
CA GLN A 304 -15.90 -16.24 45.97
C GLN A 304 -14.49 -16.77 46.12
N ARG A 305 -13.53 -15.84 46.14
CA ARG A 305 -12.13 -16.23 46.29
C ARG A 305 -11.86 -16.84 47.66
N ARG A 306 -12.75 -16.65 48.62
CA ARG A 306 -12.59 -17.16 49.97
C ARG A 306 -13.18 -18.56 50.17
N ASP A 307 -13.72 -19.16 49.10
CA ASP A 307 -14.34 -20.48 49.19
C ASP A 307 -13.43 -21.58 48.68
N PHE A 308 -12.19 -21.26 48.30
CA PHE A 308 -11.30 -22.23 47.67
C PHE A 308 -9.90 -22.09 48.23
N GLY A 309 -9.13 -23.17 48.16
CA GLY A 309 -7.76 -23.13 48.60
C GLY A 309 -6.85 -22.42 47.61
N ASP A 310 -5.66 -22.04 48.10
CA ASP A 310 -4.79 -21.14 47.34
C ASP A 310 -3.37 -21.70 47.18
N PHE A 311 -3.16 -23.00 47.43
CA PHE A 311 -1.82 -23.56 47.43
C PHE A 311 -1.77 -24.78 46.52
N GLY A 312 -0.56 -25.08 46.04
CA GLY A 312 -0.42 -26.07 44.99
C GLY A 312 -1.01 -25.53 43.69
N ASN A 313 -1.32 -26.45 42.78
CA ASN A 313 -2.11 -26.12 41.61
C ASN A 313 -3.58 -26.48 41.79
N ALA A 314 -3.96 -26.88 43.00
CA ALA A 314 -5.32 -27.29 43.31
C ALA A 314 -6.08 -26.12 43.92
N SER A 315 -7.37 -26.03 43.58
CA SER A 315 -8.27 -25.02 44.11
C SER A 315 -9.35 -25.68 44.95
N ASP A 316 -8.95 -26.63 45.79
CA ASP A 316 -9.90 -27.42 46.55
C ASP A 316 -10.78 -26.52 47.40
N PRO A 317 -12.10 -26.58 47.26
CA PRO A 317 -12.97 -25.74 48.08
C PRO A 317 -12.92 -26.14 49.55
N VAL A 318 -13.13 -25.16 50.41
CA VAL A 318 -13.16 -25.42 51.84
C VAL A 318 -14.43 -26.20 52.18
N VAL A 319 -14.33 -27.04 53.21
CA VAL A 319 -15.41 -27.95 53.59
C VAL A 319 -15.95 -27.53 54.94
N ALA A 320 -17.27 -27.43 55.04
CA ALA A 320 -17.90 -27.09 56.31
C ALA A 320 -17.89 -28.28 57.25
N GLY A 321 -18.08 -27.99 58.53
CA GLY A 321 -18.06 -29.03 59.53
C GLY A 321 -16.66 -29.40 59.96
N ALA A 322 -16.55 -30.51 60.69
CA ALA A 322 -15.28 -30.94 61.24
C ALA A 322 -14.36 -31.54 60.18
N ALA A 323 -14.91 -32.08 59.09
CA ALA A 323 -14.05 -32.64 58.05
C ALA A 323 -13.08 -31.59 57.53
N GLY A 324 -13.62 -30.44 57.12
CA GLY A 324 -12.80 -29.26 56.99
C GLY A 324 -12.57 -28.65 58.35
N LEU A 325 -11.68 -27.67 58.41
CA LEU A 325 -11.42 -27.05 59.70
C LEU A 325 -12.55 -26.09 60.04
N TYR A 326 -13.78 -26.61 60.02
CA TYR A 326 -14.99 -25.81 60.18
C TYR A 326 -15.04 -24.70 59.13
N GLY A 327 -14.96 -25.11 57.88
CA GLY A 327 -15.01 -24.20 56.76
C GLY A 327 -13.72 -23.45 56.49
N PHE A 328 -12.60 -23.90 57.06
CA PHE A 328 -11.32 -23.21 56.91
C PHE A 328 -10.33 -23.94 56.02
N ALA A 329 -10.54 -25.21 55.72
CA ALA A 329 -9.57 -25.98 54.95
C ALA A 329 -10.32 -27.04 54.14
N ASP A 330 -9.55 -27.98 53.59
CA ASP A 330 -10.08 -29.02 52.73
C ASP A 330 -10.57 -30.21 53.57
N GLY A 331 -11.44 -31.03 52.97
CA GLY A 331 -12.03 -32.13 53.68
C GLY A 331 -11.12 -33.34 53.79
N VAL A 332 -11.50 -34.26 54.68
CA VAL A 332 -10.68 -35.44 54.92
C VAL A 332 -10.88 -36.47 53.82
N SER A 333 -12.13 -36.86 53.56
CA SER A 333 -12.49 -37.60 52.35
C SER A 333 -11.73 -38.92 52.24
N TYR A 334 -12.05 -39.84 53.16
CA TYR A 334 -11.56 -41.20 53.03
C TYR A 334 -12.05 -41.81 51.71
N THR A 335 -11.41 -42.90 51.31
CA THR A 335 -11.80 -43.67 50.13
C THR A 335 -12.16 -45.09 50.54
N VAL A 336 -13.30 -45.56 50.05
CA VAL A 336 -13.86 -46.85 50.43
C VAL A 336 -13.75 -47.81 49.24
N TYR A 337 -13.21 -48.99 49.49
CA TYR A 337 -13.03 -50.01 48.47
C TYR A 337 -14.16 -51.03 48.55
N PHE A 338 -14.45 -51.65 47.41
CA PHE A 338 -15.57 -52.58 47.29
C PHE A 338 -15.07 -53.95 46.86
N THR A 339 -15.99 -54.93 46.86
CA THR A 339 -15.65 -56.29 46.50
C THR A 339 -15.41 -56.44 45.01
N ASP A 340 -16.28 -55.83 44.19
CA ASP A 340 -16.18 -55.93 42.75
C ASP A 340 -15.06 -55.08 42.17
N GLY A 341 -14.19 -54.52 43.01
CA GLY A 341 -13.12 -53.66 42.55
C GLY A 341 -13.50 -52.21 42.40
N SER A 342 -14.78 -51.87 42.50
CA SER A 342 -15.20 -50.48 42.44
C SER A 342 -14.91 -49.78 43.76
N THR A 343 -14.88 -48.46 43.70
CA THR A 343 -14.55 -47.64 44.86
C THR A 343 -15.48 -46.44 44.94
N ALA A 344 -15.61 -45.90 46.14
CA ALA A 344 -16.38 -44.70 46.39
C ALA A 344 -15.58 -43.78 47.30
N THR A 345 -16.05 -42.55 47.47
CA THR A 345 -15.39 -41.58 48.32
C THR A 345 -16.33 -41.17 49.45
N PHE A 346 -15.85 -41.30 50.69
CA PHE A 346 -16.61 -40.89 51.85
C PHE A 346 -16.06 -39.56 52.36
N ASP A 347 -16.95 -38.59 52.55
CA ASP A 347 -16.58 -37.25 52.98
C ASP A 347 -16.90 -37.11 54.47
N GLY A 348 -15.94 -37.47 55.31
CA GLY A 348 -16.13 -37.35 56.73
C GLY A 348 -14.85 -37.69 57.48
N LEU A 349 -14.80 -37.22 58.73
CA LEU A 349 -13.64 -37.47 59.56
C LEU A 349 -13.64 -38.84 60.22
N ASN A 350 -14.72 -39.61 60.06
CA ASN A 350 -14.82 -40.93 60.66
C ASN A 350 -15.42 -41.89 59.63
N PRO A 351 -14.61 -42.75 59.03
CA PRO A 351 -15.14 -43.66 58.00
C PRO A 351 -16.19 -44.62 58.51
N ALA A 352 -16.22 -44.90 59.81
CA ALA A 352 -17.23 -45.81 60.36
C ALA A 352 -18.64 -45.32 60.12
N ASP A 353 -18.83 -44.02 59.95
CA ASP A 353 -20.14 -43.43 59.70
C ASP A 353 -20.53 -43.50 58.22
N TYR A 354 -19.84 -44.32 57.42
CA TYR A 354 -20.17 -44.49 56.02
C TYR A 354 -21.43 -45.34 55.91
N LYS A 355 -22.57 -44.71 56.18
CA LYS A 355 -23.85 -45.39 56.20
C LYS A 355 -24.45 -45.57 54.81
N VAL A 356 -23.64 -45.43 53.75
CA VAL A 356 -24.18 -45.51 52.40
C VAL A 356 -23.37 -46.48 51.55
N PRO A 357 -23.32 -47.77 51.91
CA PRO A 357 -22.86 -48.77 50.95
C PRO A 357 -23.99 -49.12 49.99
N THR A 358 -23.69 -49.15 48.69
CA THR A 358 -24.74 -49.39 47.71
C THR A 358 -25.32 -50.79 47.91
N GLY A 359 -26.32 -51.11 47.09
CA GLY A 359 -27.11 -52.31 47.29
C GLY A 359 -26.33 -53.60 47.41
N LYS A 360 -25.31 -53.79 46.56
CA LYS A 360 -24.58 -55.04 46.50
C LYS A 360 -23.10 -54.93 46.85
N VAL A 361 -22.60 -53.73 47.09
CA VAL A 361 -21.18 -53.54 47.33
C VAL A 361 -20.85 -53.86 48.79
N ILE A 362 -19.71 -54.50 48.99
CA ILE A 362 -19.19 -54.82 50.32
C ILE A 362 -17.79 -54.29 50.43
N ASP A 363 -17.45 -53.71 51.58
CA ASP A 363 -16.14 -53.11 51.78
C ASP A 363 -15.07 -54.19 51.81
N THR A 364 -14.26 -54.26 50.77
CA THR A 364 -13.12 -55.16 50.74
C THR A 364 -11.98 -54.57 51.54
N THR A 365 -11.36 -55.39 52.39
CA THR A 365 -10.27 -54.91 53.23
C THR A 365 -9.00 -54.74 52.42
N LYS A 366 -9.01 -53.79 51.48
CA LYS A 366 -7.85 -53.51 50.64
C LYS A 366 -6.97 -52.38 51.18
N GLY A 367 -7.58 -51.33 51.74
CA GLY A 367 -6.83 -50.29 52.38
C GLY A 367 -6.53 -50.62 53.82
N ARG A 368 -6.62 -49.64 54.72
CA ARG A 368 -6.45 -49.92 56.14
C ARG A 368 -7.41 -51.00 56.60
N ASN A 369 -8.71 -50.72 56.52
CA ASN A 369 -9.75 -51.70 56.80
C ASN A 369 -10.85 -51.60 55.76
N GLY A 370 -10.46 -51.46 54.49
CA GLY A 370 -11.38 -51.16 53.42
C GLY A 370 -11.57 -49.68 53.16
N PHE A 371 -11.05 -48.82 54.02
CA PHE A 371 -11.11 -47.37 53.84
C PHE A 371 -9.69 -46.86 53.66
N GLY A 372 -9.46 -46.16 52.56
CA GLY A 372 -8.18 -45.53 52.30
C GLY A 372 -8.07 -44.19 53.00
N PHE A 373 -7.33 -43.29 52.39
CA PHE A 373 -7.22 -41.92 52.88
C PHE A 373 -6.68 -41.06 51.75
N ASN A 374 -7.49 -40.12 51.28
CA ASN A 374 -7.04 -39.23 50.22
C ASN A 374 -6.03 -38.25 50.78
N ASN A 375 -4.82 -38.26 50.22
CA ASN A 375 -3.76 -37.40 50.73
C ASN A 375 -4.18 -35.94 50.63
N LEU A 376 -3.95 -35.20 51.72
CA LEU A 376 -4.35 -33.80 51.79
C LEU A 376 -3.26 -32.84 51.33
N ALA A 377 -2.10 -33.35 50.90
CA ALA A 377 -0.98 -32.50 50.51
C ALA A 377 -1.00 -32.26 49.02
N ARG A 378 -0.85 -31.00 48.62
CA ARG A 378 -0.77 -30.61 47.22
C ARG A 378 0.60 -30.00 46.94
N TYR A 379 1.17 -30.36 45.79
CA TYR A 379 2.51 -29.90 45.43
C TYR A 379 2.50 -29.34 44.02
N LYS A 380 3.20 -28.23 43.84
CA LYS A 380 3.48 -27.67 42.52
C LYS A 380 4.99 -27.61 42.38
N GLU A 381 5.57 -28.60 41.72
CA GLU A 381 7.01 -28.64 41.57
C GLU A 381 7.49 -27.42 40.81
N GLY A 382 8.51 -26.75 41.33
CA GLY A 382 8.98 -25.52 40.74
C GLY A 382 9.38 -25.66 39.30
N SER A 383 8.83 -24.80 38.44
CA SER A 383 9.21 -24.80 37.04
C SER A 383 8.94 -23.43 36.45
N THR A 384 9.63 -23.14 35.36
CA THR A 384 9.42 -21.93 34.57
C THR A 384 8.70 -22.32 33.28
N ASP A 385 7.54 -21.73 33.05
CA ASP A 385 6.69 -22.05 31.92
C ASP A 385 6.73 -20.91 30.92
N ILE A 386 6.93 -21.27 29.64
CA ILE A 386 6.76 -20.37 28.51
C ILE A 386 5.57 -20.88 27.70
N GLY A 387 4.58 -20.02 27.50
CA GLY A 387 3.44 -20.35 26.68
C GLY A 387 3.37 -19.46 25.46
N ILE A 388 3.26 -20.05 24.28
CA ILE A 388 3.25 -19.31 23.02
C ILE A 388 1.92 -19.55 22.32
N SER A 389 1.30 -18.47 21.86
CA SER A 389 0.04 -18.56 21.15
C SER A 389 0.06 -17.58 19.98
N LEU A 390 -0.80 -17.83 19.00
CA LEU A 390 -0.90 -16.95 17.85
C LEU A 390 -2.35 -16.92 17.37
N GLY A 391 -2.82 -15.74 17.02
CA GLY A 391 -4.14 -15.58 16.43
C GLY A 391 -4.07 -14.65 15.24
N PHE A 392 -5.09 -14.76 14.38
CA PHE A 392 -5.20 -13.92 13.20
C PHE A 392 -6.56 -13.23 13.25
N ASP A 393 -6.56 -11.93 13.49
CA ASP A 393 -7.80 -11.16 13.50
C ASP A 393 -8.06 -10.57 12.12
N THR A 394 -9.33 -10.31 11.85
CA THR A 394 -9.73 -9.69 10.60
C THR A 394 -9.97 -8.20 10.82
N SER A 395 -10.07 -7.47 9.70
CA SER A 395 -10.25 -6.03 9.76
C SER A 395 -11.57 -5.64 10.42
N GLY A 396 -12.53 -6.55 10.50
CA GLY A 396 -13.82 -6.23 11.06
C GLY A 396 -14.69 -5.38 10.18
N GLN A 397 -14.40 -5.32 8.88
CA GLN A 397 -15.16 -4.51 7.94
C GLN A 397 -16.29 -5.28 7.27
N PHE A 398 -16.48 -6.54 7.63
CA PHE A 398 -17.57 -7.35 7.09
C PHE A 398 -18.77 -7.36 8.03
N SER A 399 -19.38 -6.19 8.17
CA SER A 399 -20.52 -6.01 9.05
C SER A 399 -21.79 -5.63 8.29
N GLN A 400 -21.82 -5.85 6.98
CA GLN A 400 -22.96 -5.49 6.14
C GLN A 400 -23.24 -6.59 5.13
N VAL A 401 -24.50 -6.70 4.74
CA VAL A 401 -24.90 -7.58 3.64
C VAL A 401 -25.94 -6.85 2.80
N THR A 402 -25.91 -7.08 1.49
CA THR A 402 -26.87 -6.51 0.57
C THR A 402 -27.65 -7.62 -0.11
N SER A 403 -28.97 -7.44 -0.20
CA SER A 403 -29.82 -8.47 -0.77
C SER A 403 -29.58 -8.62 -2.27
N GLY A 404 -29.86 -9.83 -2.77
CA GLY A 404 -29.71 -10.12 -4.18
C GLY A 404 -31.04 -10.49 -4.81
N THR A 405 -31.06 -10.42 -6.14
CA THR A 405 -32.29 -10.68 -6.89
C THR A 405 -32.74 -12.12 -6.67
N GLY A 406 -34.06 -12.30 -6.63
CA GLY A 406 -34.63 -13.63 -6.44
C GLY A 406 -36.04 -13.69 -6.97
N GLY A 407 -36.60 -14.90 -6.93
CA GLY A 407 -37.93 -15.13 -7.44
C GLY A 407 -37.96 -16.08 -8.62
N SER A 408 -39.06 -16.79 -8.80
CA SER A 408 -39.23 -17.72 -9.90
C SER A 408 -40.29 -17.27 -10.89
N LEU A 409 -41.48 -16.92 -10.41
CA LEU A 409 -42.51 -16.35 -11.27
C LEU A 409 -42.11 -14.97 -11.77
N PHE A 410 -41.10 -14.37 -11.17
CA PHE A 410 -40.65 -13.02 -11.50
C PHE A 410 -39.19 -12.90 -11.05
N SER A 411 -38.67 -11.68 -11.02
CA SER A 411 -37.29 -11.45 -10.60
C SER A 411 -37.19 -10.10 -9.91
N THR A 412 -36.84 -10.10 -8.63
CA THR A 412 -36.68 -8.86 -7.90
C THR A 412 -35.44 -8.11 -8.37
N ALA A 413 -35.45 -6.79 -8.15
CA ALA A 413 -34.37 -5.95 -8.65
C ALA A 413 -33.03 -6.32 -8.02
N GLY A 414 -33.00 -6.50 -6.71
CA GLY A 414 -31.76 -6.77 -6.00
C GLY A 414 -31.08 -5.49 -5.53
N ARG A 415 -30.19 -5.66 -4.56
CA ARG A 415 -29.47 -4.53 -3.96
C ARG A 415 -30.45 -3.52 -3.36
N LEU A 416 -31.56 -4.01 -2.81
CA LEU A 416 -32.61 -3.15 -2.31
C LEU A 416 -32.53 -2.90 -0.81
N GLN A 417 -31.97 -3.83 -0.04
CA GLN A 417 -31.92 -3.69 1.41
C GLN A 417 -30.52 -4.01 1.90
N VAL A 418 -30.04 -3.20 2.84
CA VAL A 418 -28.74 -3.41 3.48
C VAL A 418 -29.01 -3.80 4.93
N ASN A 419 -28.48 -4.96 5.32
CA ASN A 419 -28.66 -5.49 6.66
C ASN A 419 -27.33 -5.48 7.41
N GLN A 420 -27.37 -5.00 8.65
CA GLN A 420 -26.20 -4.98 9.52
C GLN A 420 -26.16 -6.27 10.32
N ILE A 421 -25.07 -7.02 10.18
CA ILE A 421 -24.92 -8.28 10.86
C ILE A 421 -23.89 -8.12 11.99
N ASP A 422 -23.80 -9.13 12.84
CA ASP A 422 -22.95 -9.11 14.02
C ASP A 422 -22.04 -10.33 14.03
N LEU A 423 -21.38 -10.59 12.90
CA LEU A 423 -20.50 -11.72 12.76
C LEU A 423 -19.08 -11.34 13.17
N ASN A 424 -18.53 -12.11 14.11
CA ASN A 424 -17.18 -11.88 14.62
C ASN A 424 -16.36 -13.15 14.36
N PHE A 425 -15.41 -13.07 13.44
CA PHE A 425 -14.68 -14.26 13.03
C PHE A 425 -13.19 -13.98 12.94
N GLY A 426 -12.42 -15.05 13.03
CA GLY A 426 -10.97 -14.97 12.93
C GLY A 426 -10.38 -16.36 12.83
N LEU A 427 -9.05 -16.41 12.88
CA LEU A 427 -8.32 -17.67 12.81
C LEU A 427 -7.59 -17.92 14.13
N VAL A 428 -7.74 -19.12 14.68
CA VAL A 428 -7.09 -19.49 15.92
C VAL A 428 -6.19 -20.68 15.65
N THR A 429 -5.17 -20.83 16.50
CA THR A 429 -4.22 -21.93 16.42
C THR A 429 -4.26 -22.64 17.77
N GLY A 430 -5.16 -23.60 17.90
CA GLY A 430 -5.40 -24.27 19.16
C GLY A 430 -6.82 -24.10 19.65
N LEU A 431 -7.33 -25.07 20.39
CA LEU A 431 -8.71 -25.05 20.82
C LEU A 431 -8.82 -24.73 22.31
N PRO A 432 -9.89 -24.08 22.73
CA PRO A 432 -10.10 -23.81 24.16
C PRO A 432 -10.38 -25.11 24.91
N SER A 433 -10.17 -25.04 26.23
CA SER A 433 -10.37 -26.22 27.06
C SER A 433 -11.83 -26.61 27.16
N ASP A 434 -12.76 -25.67 26.91
CA ASP A 434 -14.18 -25.92 27.05
C ASP A 434 -14.86 -26.28 25.74
N ALA A 435 -14.10 -26.39 24.65
CA ALA A 435 -14.70 -26.76 23.38
C ALA A 435 -15.12 -28.22 23.38
N TYR A 436 -16.13 -28.53 22.56
CA TYR A 436 -16.66 -29.89 22.46
C TYR A 436 -17.29 -30.07 21.09
N VAL A 437 -17.49 -31.32 20.71
CA VAL A 437 -18.14 -31.67 19.45
C VAL A 437 -19.60 -31.98 19.74
N ASP A 438 -20.50 -31.12 19.25
CA ASP A 438 -21.92 -31.27 19.50
C ASP A 438 -22.52 -32.17 18.44
N THR A 439 -22.72 -33.45 18.79
CA THR A 439 -23.23 -34.44 17.85
C THR A 439 -24.75 -34.54 17.87
N ASN A 440 -25.42 -33.85 18.79
CA ASN A 440 -26.88 -33.91 18.90
C ASN A 440 -27.59 -32.67 18.37
N GLY A 441 -26.94 -31.52 18.39
CA GLY A 441 -27.55 -30.28 17.96
C GLY A 441 -28.17 -29.48 19.08
N ASN A 442 -28.18 -30.00 20.31
CA ASN A 442 -28.79 -29.28 21.43
C ASN A 442 -28.03 -28.00 21.73
N GLY A 443 -26.80 -27.87 21.25
CA GLY A 443 -25.97 -26.72 21.56
C GLY A 443 -25.33 -26.76 22.93
N LYS A 444 -25.42 -27.88 23.64
CA LYS A 444 -24.86 -28.02 24.97
C LYS A 444 -24.05 -29.32 25.03
N LYS A 445 -23.09 -29.35 25.94
CA LYS A 445 -22.20 -30.49 26.09
C LYS A 445 -22.91 -31.56 26.92
N ASP A 446 -23.29 -32.65 26.27
CA ASP A 446 -23.93 -33.77 26.95
C ASP A 446 -22.87 -34.58 27.68
N ASP A 447 -23.22 -35.79 28.10
CA ASP A 447 -22.26 -36.60 28.85
C ASP A 447 -21.06 -36.96 27.97
N GLY A 448 -19.93 -36.32 28.24
CA GLY A 448 -18.71 -36.60 27.49
C GLY A 448 -18.89 -36.60 26.00
N GLU A 449 -19.17 -35.44 25.41
CA GLU A 449 -19.49 -35.42 23.99
C GLU A 449 -18.25 -35.71 23.15
N ALA A 450 -17.28 -34.79 23.14
CA ALA A 450 -16.03 -35.06 22.42
C ALA A 450 -14.77 -34.56 23.11
N THR A 451 -14.83 -33.52 23.94
CA THR A 451 -13.63 -32.87 24.46
C THR A 451 -12.70 -32.47 23.32
N GLY A 452 -13.18 -31.50 22.54
CA GLY A 452 -12.58 -31.11 21.28
C GLY A 452 -11.05 -31.08 21.26
N ARG A 453 -10.43 -30.77 22.39
CA ARG A 453 -8.97 -30.90 22.46
C ARG A 453 -8.54 -32.35 22.30
N GLY A 454 -9.36 -33.30 22.74
CA GLY A 454 -9.07 -34.70 22.52
C GLY A 454 -9.39 -35.19 21.12
N THR A 455 -10.28 -34.49 20.41
CA THR A 455 -10.56 -34.86 19.02
C THR A 455 -9.43 -34.44 18.10
N TYR A 456 -8.89 -33.25 18.31
CA TYR A 456 -7.80 -32.71 17.49
C TYR A 456 -6.54 -32.69 18.36
N LEU A 457 -5.81 -33.79 18.35
CA LEU A 457 -4.59 -33.90 19.15
C LEU A 457 -3.58 -32.86 18.72
N GLY A 458 -2.95 -32.21 19.70
CA GLY A 458 -2.04 -31.12 19.46
C GLY A 458 -2.68 -29.74 19.45
N SER A 459 -4.00 -29.67 19.64
CA SER A 459 -4.66 -28.37 19.67
C SER A 459 -4.25 -27.56 20.90
N GLY A 460 -4.27 -28.19 22.07
CA GLY A 460 -3.91 -27.52 23.30
C GLY A 460 -3.68 -28.53 24.40
N GLY A 461 -3.34 -28.01 25.56
CA GLY A 461 -3.07 -28.86 26.70
C GLY A 461 -1.68 -29.47 26.65
N THR A 462 -1.43 -30.37 27.60
CA THR A 462 -0.17 -31.09 27.69
C THR A 462 -0.29 -32.58 27.40
N ALA A 463 -1.51 -33.11 27.31
CA ALA A 463 -1.69 -34.54 27.07
C ALA A 463 -1.12 -34.93 25.71
N ALA A 464 -1.32 -34.10 24.70
CA ALA A 464 -0.84 -34.37 23.35
C ALA A 464 -0.16 -33.12 22.79
N ILE A 465 0.99 -33.31 22.17
CA ILE A 465 1.71 -32.23 21.51
C ILE A 465 2.28 -32.77 20.21
N LEU A 466 1.85 -32.21 19.08
CA LEU A 466 2.36 -32.62 17.78
C LEU A 466 3.71 -31.96 17.56
N ARG A 467 4.78 -32.77 17.59
CA ARG A 467 6.14 -32.26 17.64
C ARG A 467 6.92 -32.69 16.40
N ASP A 468 8.22 -32.40 16.43
CA ASP A 468 9.17 -32.67 15.38
C ASP A 468 10.52 -32.82 16.08
N PRO A 469 11.34 -33.80 15.68
CA PRO A 469 12.66 -33.92 16.32
C PRO A 469 13.49 -32.66 16.24
N ALA A 470 13.33 -31.86 15.18
CA ALA A 470 14.05 -30.61 15.07
C ALA A 470 13.62 -29.58 16.10
N GLY A 471 12.51 -29.81 16.80
CA GLY A 471 12.00 -28.88 17.78
C GLY A 471 10.79 -28.10 17.34
N ASN A 472 10.37 -28.23 16.08
CA ASN A 472 9.17 -27.54 15.62
C ASN A 472 7.93 -28.09 16.31
N VAL A 473 6.96 -27.21 16.53
CA VAL A 473 5.67 -27.58 17.11
C VAL A 473 4.59 -27.19 16.12
N TYR A 474 3.67 -28.11 15.85
CA TYR A 474 2.59 -27.92 14.89
C TYR A 474 1.26 -27.88 15.63
N ARG A 475 0.41 -26.92 15.26
CA ARG A 475 -0.91 -26.78 15.87
C ARG A 475 -1.93 -26.55 14.77
N PRO A 476 -3.05 -27.28 14.77
CA PRO A 476 -4.05 -27.07 13.73
C PRO A 476 -4.62 -25.66 13.77
N VAL A 477 -4.99 -25.16 12.59
CA VAL A 477 -5.58 -23.84 12.46
C VAL A 477 -7.08 -24.00 12.25
N PHE A 478 -7.87 -23.27 13.04
CA PHE A 478 -9.32 -23.32 12.99
C PHE A 478 -9.87 -21.95 12.65
N PHE A 479 -11.03 -21.95 12.01
CA PHE A 479 -11.77 -20.73 11.73
C PHE A 479 -12.85 -20.58 12.79
N ARG A 480 -12.67 -19.61 13.68
CA ARG A 480 -13.60 -19.38 14.77
C ARG A 480 -14.54 -18.23 14.40
N PHE A 481 -15.81 -18.36 14.77
CA PHE A 481 -16.77 -17.31 14.47
C PHE A 481 -17.95 -17.36 15.42
N LYS A 482 -18.51 -16.19 15.72
CA LYS A 482 -19.79 -16.04 16.39
C LYS A 482 -20.73 -15.27 15.48
N ASN A 483 -21.96 -15.75 15.38
CA ASN A 483 -23.04 -15.06 14.68
C ASN A 483 -24.08 -14.66 15.71
N ALA A 484 -24.09 -13.37 16.07
CA ALA A 484 -25.07 -12.84 17.00
C ALA A 484 -26.34 -12.36 16.31
N THR A 485 -26.37 -12.35 14.98
CA THR A 485 -27.53 -11.89 14.24
C THR A 485 -28.36 -13.09 13.79
N THR A 486 -29.64 -13.08 14.15
CA THR A 486 -30.58 -14.11 13.71
C THR A 486 -31.83 -13.52 13.10
N GLN A 487 -31.93 -12.19 13.01
CA GLN A 487 -33.10 -11.50 12.48
C GLN A 487 -32.67 -10.63 11.31
N PHE A 488 -33.43 -10.67 10.23
CA PHE A 488 -33.18 -9.85 9.05
C PHE A 488 -34.44 -9.10 8.70
N SER A 489 -34.33 -7.78 8.56
CA SER A 489 -35.47 -6.91 8.34
C SER A 489 -35.45 -6.36 6.91
N VAL A 490 -36.63 -6.23 6.32
CA VAL A 490 -36.80 -5.78 4.95
C VAL A 490 -37.93 -4.76 4.91
N GLY A 491 -37.71 -3.67 4.19
CA GLY A 491 -38.68 -2.61 4.02
C GLY A 491 -38.44 -1.48 5.02
N ASN A 492 -38.84 -0.26 4.64
CA ASN A 492 -38.52 0.91 5.45
C ASN A 492 -39.74 1.62 6.00
N ASN A 493 -40.59 2.22 5.16
CA ASN A 493 -41.47 3.21 5.76
C ASN A 493 -42.74 2.63 6.39
N PRO A 494 -43.67 2.11 5.58
CA PRO A 494 -44.93 1.59 6.15
C PRO A 494 -44.82 0.17 6.69
N VAL A 495 -44.12 -0.69 5.97
CA VAL A 495 -44.15 -2.13 6.21
C VAL A 495 -42.71 -2.61 6.43
N ILE A 496 -42.52 -3.39 7.49
CA ILE A 496 -41.23 -4.00 7.78
C ILE A 496 -41.45 -5.47 8.09
N VAL A 497 -40.71 -6.34 7.40
CA VAL A 497 -40.83 -7.78 7.56
C VAL A 497 -39.52 -8.32 8.11
N THR A 498 -39.59 -9.02 9.24
CA THR A 498 -38.43 -9.56 9.92
C THR A 498 -38.50 -11.08 9.89
N LEU A 499 -37.47 -11.71 9.34
CA LEU A 499 -37.35 -13.15 9.26
C LEU A 499 -36.22 -13.62 10.16
N GLY A 500 -36.45 -14.68 10.92
CA GLY A 500 -35.36 -15.19 11.72
C GLY A 500 -35.79 -16.30 12.66
N GLN A 501 -34.83 -16.73 13.47
CA GLN A 501 -34.97 -17.79 14.44
C GLN A 501 -35.34 -17.23 15.81
N GLN A 502 -36.08 -18.02 16.59
CA GLN A 502 -36.48 -17.66 17.93
C GLN A 502 -37.04 -16.24 17.99
N GLN A 503 -38.01 -16.00 17.12
CA GLN A 503 -38.64 -14.68 17.05
C GLN A 503 -39.20 -14.31 18.42
N LYS A 504 -38.91 -13.09 18.86
CA LYS A 504 -39.47 -12.55 20.09
C LYS A 504 -40.57 -11.55 19.73
N PHE A 505 -41.75 -11.75 20.30
CA PHE A 505 -42.89 -10.90 20.01
C PHE A 505 -43.69 -10.72 21.28
N TYR A 506 -44.61 -9.75 21.25
CA TYR A 506 -45.41 -9.41 22.41
C TYR A 506 -46.68 -8.73 21.92
N PHE A 507 -47.80 -9.45 21.99
CA PHE A 507 -49.09 -8.82 21.69
C PHE A 507 -49.59 -8.05 22.90
N SER A 508 -49.76 -8.76 24.01
CA SER A 508 -50.08 -8.15 25.30
C SER A 508 -49.72 -9.16 26.37
N ASP A 509 -49.89 -8.76 27.63
CA ASP A 509 -49.86 -9.72 28.71
C ASP A 509 -51.11 -10.57 28.65
N TYR A 510 -50.96 -11.86 28.93
CA TYR A 510 -52.01 -12.87 28.86
C TYR A 510 -52.22 -13.45 27.46
N VAL A 511 -51.55 -12.95 26.41
CA VAL A 511 -51.77 -13.54 25.09
C VAL A 511 -50.47 -14.01 24.42
N PHE A 512 -49.59 -13.07 24.09
CA PHE A 512 -48.28 -13.35 23.48
C PHE A 512 -47.15 -12.67 24.23
N ASP A 513 -47.10 -12.82 25.54
CA ASP A 513 -45.88 -12.42 26.23
C ASP A 513 -44.78 -13.41 25.87
N ASN A 514 -44.38 -13.40 24.60
CA ASN A 514 -43.43 -14.36 24.06
C ASN A 514 -42.05 -13.76 23.82
N ASN A 515 -41.72 -12.68 24.52
CA ASN A 515 -40.37 -12.15 24.47
C ASN A 515 -39.57 -12.72 25.63
N TYR A 516 -38.32 -12.30 25.73
CA TYR A 516 -37.37 -12.80 26.72
C TYR A 516 -36.80 -14.17 26.37
N ASP A 517 -37.46 -14.91 25.47
CA ASP A 517 -36.83 -16.08 24.86
C ASP A 517 -37.14 -16.17 23.37
N GLY A 518 -38.36 -15.79 23.00
CA GLY A 518 -38.90 -16.11 21.70
C GLY A 518 -39.60 -17.46 21.68
N ARG A 519 -40.40 -17.67 20.65
CA ARG A 519 -41.18 -18.89 20.54
C ARG A 519 -40.63 -19.87 19.50
N GLY A 520 -40.16 -19.38 18.37
CA GLY A 520 -39.69 -20.27 17.32
C GLY A 520 -39.18 -19.52 16.13
N ASP A 521 -39.08 -20.23 15.02
CA ASP A 521 -38.49 -19.71 13.78
C ASP A 521 -39.60 -19.31 12.81
N GLY A 522 -39.48 -18.12 12.23
CA GLY A 522 -40.48 -17.66 11.29
C GLY A 522 -40.32 -16.21 10.88
N PHE A 523 -41.44 -15.48 10.80
CA PHE A 523 -41.41 -14.10 10.37
C PHE A 523 -42.48 -13.29 11.09
N THR A 524 -42.25 -11.98 11.13
CA THR A 524 -43.19 -11.01 11.69
C THR A 524 -43.27 -9.82 10.76
N VAL A 525 -44.47 -9.28 10.57
CA VAL A 525 -44.72 -8.14 9.71
C VAL A 525 -45.32 -7.02 10.56
N THR A 526 -44.78 -5.82 10.42
CA THR A 526 -45.31 -4.66 11.13
C THR A 526 -45.65 -3.57 10.12
N VAL A 527 -46.89 -3.11 10.15
CA VAL A 527 -47.40 -2.07 9.26
C VAL A 527 -47.76 -0.87 10.13
N ASP A 528 -47.18 0.28 9.83
CA ASP A 528 -47.39 1.51 10.57
C ASP A 528 -48.11 2.51 9.69
N GLY A 529 -49.32 2.90 10.08
CA GLY A 529 -50.11 3.83 9.31
C GLY A 529 -50.16 5.22 9.92
N SER A 530 -49.03 5.68 10.44
CA SER A 530 -48.95 6.99 11.08
C SER A 530 -48.79 8.13 10.07
N ASN A 531 -48.62 7.81 8.79
CA ASN A 531 -48.56 8.83 7.75
C ASN A 531 -49.71 8.75 6.75
N VAL A 532 -50.72 7.94 7.02
CA VAL A 532 -51.83 7.83 6.08
C VAL A 532 -52.58 9.15 6.03
N PRO A 533 -53.09 9.57 4.87
CA PRO A 533 -53.76 10.88 4.78
C PRO A 533 -54.97 11.00 5.70
N VAL A 534 -55.95 10.11 5.52
CA VAL A 534 -57.22 10.27 6.22
C VAL A 534 -57.08 9.98 7.71
N ILE A 535 -56.48 8.84 8.05
CA ILE A 535 -56.33 8.42 9.45
C ILE A 535 -54.85 8.09 9.65
N GLY A 536 -54.08 9.06 10.12
CA GLY A 536 -52.69 8.84 10.46
C GLY A 536 -52.34 9.50 11.78
N ALA A 537 -53.22 10.37 12.25
CA ALA A 537 -53.02 11.03 13.53
C ALA A 537 -53.32 10.11 14.71
N TRP A 538 -54.04 9.01 14.48
CA TRP A 538 -54.31 8.01 15.50
C TRP A 538 -53.22 6.95 15.57
N LYS A 539 -52.19 7.06 14.74
CA LYS A 539 -51.07 6.12 14.75
C LYS A 539 -51.55 4.66 14.68
N PRO A 540 -52.30 4.30 13.64
CA PRO A 540 -52.72 2.89 13.51
C PRO A 540 -51.54 1.99 13.22
N GLN A 541 -51.51 0.84 13.88
CA GLN A 541 -50.43 -0.12 13.73
C GLN A 541 -51.00 -1.53 13.68
N ILE A 542 -50.39 -2.37 12.85
CA ILE A 542 -50.77 -3.77 12.70
C ILE A 542 -49.52 -4.62 12.83
N LYS A 543 -49.60 -5.68 13.63
CA LYS A 543 -48.54 -6.66 13.78
C LYS A 543 -49.06 -8.04 13.38
N GLY A 544 -48.21 -8.82 12.73
CA GLY A 544 -48.57 -10.16 12.34
C GLY A 544 -47.40 -11.10 12.55
N VAL A 545 -47.67 -12.28 13.11
CA VAL A 545 -46.62 -13.23 13.46
C VAL A 545 -46.98 -14.58 12.85
N TYR A 546 -45.98 -15.23 12.26
CA TYR A 546 -46.08 -16.64 11.91
C TYR A 546 -44.79 -17.33 12.30
N GLY A 547 -44.89 -18.56 12.77
CA GLY A 547 -43.67 -19.29 13.09
C GLY A 547 -43.94 -20.73 13.45
N SER A 548 -42.85 -21.47 13.56
CA SER A 548 -42.84 -22.86 14.02
C SER A 548 -42.12 -22.91 15.37
N ARG A 549 -42.77 -23.50 16.37
CA ARG A 549 -42.21 -23.52 17.71
C ARG A 549 -40.88 -24.24 17.74
N SER A 550 -39.89 -23.59 18.36
CA SER A 550 -38.55 -24.15 18.54
C SER A 550 -37.91 -24.55 17.21
N GLY A 551 -38.41 -24.03 16.10
CA GLY A 551 -37.91 -24.47 14.82
C GLY A 551 -38.15 -25.96 14.64
N LEU A 552 -37.15 -26.66 14.11
CA LEU A 552 -37.23 -28.10 13.95
C LEU A 552 -36.58 -28.77 15.15
N ASP A 553 -37.32 -29.67 15.80
CA ASP A 553 -36.85 -30.34 16.99
C ASP A 553 -37.41 -31.76 17.02
N GLY A 554 -36.66 -32.66 17.65
CA GLY A 554 -37.02 -34.06 17.65
C GLY A 554 -38.31 -34.33 18.38
N THR A 555 -38.92 -35.46 18.03
CA THR A 555 -40.17 -35.86 18.65
C THR A 555 -40.01 -35.94 20.16
N ALA A 556 -41.14 -35.96 20.85
CA ALA A 556 -41.20 -35.91 22.31
C ALA A 556 -40.92 -34.51 22.85
N GLU A 557 -40.61 -33.56 21.98
CA GLU A 557 -40.44 -32.17 22.35
C GLU A 557 -41.76 -31.42 22.13
N ALA A 558 -42.02 -30.46 23.02
CA ALA A 558 -43.30 -29.76 22.98
C ALA A 558 -43.51 -28.99 21.68
N GLY A 559 -42.43 -28.68 20.96
CA GLY A 559 -42.55 -27.87 19.76
C GLY A 559 -42.41 -28.62 18.46
N TYR A 560 -42.72 -29.92 18.46
CA TYR A 560 -42.64 -30.73 17.26
C TYR A 560 -43.94 -30.63 16.48
N GLY A 561 -43.86 -30.19 15.23
CA GLY A 561 -45.04 -30.05 14.41
C GLY A 561 -46.06 -29.11 14.97
N VAL A 562 -45.62 -28.06 15.67
CA VAL A 562 -46.51 -27.08 16.27
C VAL A 562 -46.16 -25.71 15.70
N TYR A 563 -47.17 -25.01 15.21
CA TYR A 563 -46.99 -23.72 14.55
C TYR A 563 -47.94 -22.71 15.17
N TYR A 564 -47.49 -21.47 15.22
CA TYR A 564 -48.25 -20.38 15.80
C TYR A 564 -48.41 -19.24 14.79
N ARG A 565 -49.52 -18.54 14.93
CA ARG A 565 -49.86 -17.40 14.08
C ARG A 565 -50.58 -16.38 14.94
N GLY A 566 -50.57 -15.12 14.50
CA GLY A 566 -51.28 -14.10 15.25
C GLY A 566 -51.29 -12.79 14.51
N VAL A 567 -52.21 -11.92 14.92
CA VAL A 567 -52.34 -10.58 14.36
C VAL A 567 -52.96 -9.66 15.39
N ARG A 568 -52.34 -8.50 15.58
CA ARG A 568 -52.79 -7.48 16.51
C ARG A 568 -52.93 -6.16 15.78
N ALA A 569 -53.85 -5.32 16.25
CA ALA A 569 -54.07 -4.00 15.66
C ALA A 569 -54.37 -3.00 16.76
N GLN A 570 -53.69 -1.86 16.75
CA GLN A 570 -53.80 -0.88 17.82
C GLN A 570 -53.76 0.54 17.26
N ILE A 571 -54.31 1.48 18.04
CA ILE A 571 -54.22 2.91 17.74
C ILE A 571 -54.14 3.69 19.04
N THR A 572 -53.97 5.01 18.90
CA THR A 572 -53.91 5.95 20.02
C THR A 572 -54.86 7.11 19.73
N PRO A 573 -56.17 6.88 19.88
CA PRO A 573 -57.13 7.94 19.53
C PRO A 573 -56.95 9.23 20.32
N VAL A 574 -56.51 9.15 21.57
CA VAL A 574 -56.38 10.32 22.43
C VAL A 574 -54.93 10.44 22.87
N GLY A 575 -54.65 11.44 23.71
CA GLY A 575 -53.29 11.79 24.08
C GLY A 575 -52.31 10.63 24.18
N THR A 576 -52.59 9.67 25.05
CA THR A 576 -51.74 8.50 25.16
C THR A 576 -52.50 7.20 25.32
N LEU A 577 -53.83 7.22 25.29
CA LEU A 577 -54.61 5.99 25.43
C LEU A 577 -54.48 5.16 24.17
N THR A 578 -53.78 4.03 24.26
CA THR A 578 -53.68 3.10 23.15
C THR A 578 -54.67 1.97 23.35
N ALA A 579 -55.50 1.72 22.35
CA ALA A 579 -56.46 0.63 22.36
C ALA A 579 -56.10 -0.34 21.25
N GLY A 580 -56.15 -1.64 21.55
CA GLY A 580 -55.79 -2.65 20.60
C GLY A 580 -56.57 -3.94 20.79
N ILE A 581 -56.72 -4.67 19.68
CA ILE A 581 -57.28 -6.02 19.70
C ILE A 581 -56.23 -6.96 19.13
N HIS A 582 -56.37 -8.25 19.40
CA HIS A 582 -55.42 -9.23 18.91
C HIS A 582 -56.02 -10.62 18.91
N TYR A 583 -55.68 -11.36 17.85
CA TYR A 583 -55.96 -12.77 17.65
C TYR A 583 -54.65 -13.55 17.71
N ALA A 584 -54.67 -14.69 18.39
CA ALA A 584 -53.51 -15.55 18.50
C ALA A 584 -53.96 -16.99 18.41
N GLN A 585 -53.17 -17.83 17.74
CA GLN A 585 -53.50 -19.24 17.65
C GLN A 585 -52.21 -20.04 17.59
N GLU A 586 -52.25 -21.22 18.19
CA GLU A 586 -51.16 -22.19 18.09
C GLU A 586 -51.75 -23.57 17.95
N GLY A 587 -51.19 -24.38 17.06
CA GLY A 587 -51.77 -25.68 16.80
C GLY A 587 -50.78 -26.68 16.24
N ARG A 588 -51.20 -27.94 16.28
CA ARG A 588 -50.45 -29.05 15.71
C ARG A 588 -50.88 -29.27 14.27
N ASP A 589 -49.92 -29.61 13.41
CA ASP A 589 -50.22 -30.00 12.05
C ASP A 589 -50.42 -31.52 12.01
N MET A 590 -50.58 -32.10 10.82
CA MET A 590 -50.82 -33.53 10.73
C MET A 590 -49.63 -34.35 11.19
N PHE A 591 -48.41 -33.79 11.12
CA PHE A 591 -47.23 -34.45 11.64
C PHE A 591 -46.99 -34.16 13.11
N GLY A 592 -47.74 -33.23 13.69
CA GLY A 592 -47.64 -32.97 15.12
C GLY A 592 -48.77 -33.64 15.87
N ALA A 593 -49.93 -33.77 15.22
CA ALA A 593 -51.04 -34.49 15.82
C ALA A 593 -50.65 -35.94 16.11
N ALA A 594 -49.93 -36.55 15.18
CA ALA A 594 -49.35 -37.87 15.38
C ALA A 594 -47.86 -37.76 15.61
N GLN A 595 -47.32 -38.71 16.37
CA GLN A 595 -45.89 -38.80 16.65
C GLN A 595 -45.33 -37.50 17.20
N ASN A 596 -46.02 -36.93 18.18
CA ASN A 596 -45.48 -35.83 18.96
C ASN A 596 -45.39 -36.12 20.44
N THR A 597 -46.26 -36.96 20.98
CA THR A 597 -46.28 -37.25 22.42
C THR A 597 -46.52 -35.98 23.21
N THR A 598 -45.69 -35.74 24.23
CA THR A 598 -45.83 -34.57 25.09
C THR A 598 -47.28 -34.36 25.50
N SER A 599 -47.66 -33.10 25.76
CA SER A 599 -49.03 -32.78 26.11
C SER A 599 -49.50 -31.48 25.47
N THR A 600 -48.79 -30.97 24.47
CA THR A 600 -49.16 -29.70 23.87
C THR A 600 -50.60 -29.76 23.37
N PRO A 601 -51.43 -28.76 23.65
CA PRO A 601 -52.82 -28.82 23.22
C PRO A 601 -52.92 -28.95 21.71
N SER A 602 -53.94 -29.70 21.27
CA SER A 602 -54.17 -29.82 19.83
C SER A 602 -54.42 -28.47 19.19
N ASP A 603 -54.91 -27.49 19.96
CA ASP A 603 -55.17 -26.17 19.44
C ASP A 603 -55.44 -25.22 20.60
N VAL A 604 -54.95 -23.99 20.46
CA VAL A 604 -55.27 -22.89 21.37
C VAL A 604 -55.58 -21.66 20.51
N THR A 605 -56.68 -20.99 20.83
CA THR A 605 -57.15 -19.83 20.06
C THR A 605 -57.59 -18.75 21.04
N THR A 606 -56.76 -17.72 21.21
CA THR A 606 -57.00 -16.66 22.15
C THR A 606 -57.35 -15.36 21.43
N TYR A 607 -58.37 -14.67 21.93
CA TYR A 607 -58.73 -13.33 21.48
C TYR A 607 -58.56 -12.36 22.64
N GLY A 608 -58.28 -11.11 22.33
CA GLY A 608 -58.13 -10.16 23.42
C GLY A 608 -58.15 -8.72 22.96
N ALA A 609 -58.29 -7.84 23.95
CA ALA A 609 -58.27 -6.40 23.74
C ALA A 609 -57.65 -5.75 24.97
N ASP A 610 -57.00 -4.61 24.75
CA ASP A 610 -56.35 -3.88 25.83
C ASP A 610 -56.45 -2.39 25.59
N LEU A 611 -56.46 -1.62 26.69
CA LEU A 611 -56.73 -0.19 26.67
C LEU A 611 -55.76 0.57 27.56
N HIS A 612 -54.46 0.30 27.42
CA HIS A 612 -53.46 0.96 28.26
C HIS A 612 -53.15 2.37 27.75
N GLY A 613 -52.99 3.30 28.68
CA GLY A 613 -52.61 4.65 28.30
C GLY A 613 -52.98 5.66 29.37
N LYS A 614 -52.79 6.93 29.02
CA LYS A 614 -53.09 8.07 29.87
C LYS A 614 -53.70 9.17 29.01
N ALA A 615 -54.97 9.49 29.25
CA ALA A 615 -55.72 10.33 28.31
C ALA A 615 -56.10 11.69 28.88
N PHE A 616 -56.82 11.75 30.00
CA PHE A 616 -57.43 12.98 30.48
C PHE A 616 -57.05 13.26 31.92
N GLY A 617 -55.76 13.16 32.21
CA GLY A 617 -55.31 13.31 33.58
C GLY A 617 -55.44 12.06 34.42
N VAL A 618 -55.97 10.98 33.87
CA VAL A 618 -56.06 9.69 34.54
C VAL A 618 -55.41 8.65 33.64
N GLU A 619 -54.94 7.57 34.26
CA GLU A 619 -54.25 6.50 33.55
C GLU A 619 -55.08 5.22 33.66
N LEU A 620 -55.45 4.67 32.50
CA LEU A 620 -56.26 3.47 32.43
C LEU A 620 -55.43 2.31 31.89
N HIS A 621 -55.68 1.12 32.46
CA HIS A 621 -55.01 -0.10 32.02
C HIS A 621 -56.01 -1.23 32.09
N SER A 622 -56.50 -1.68 30.95
CA SER A 622 -57.50 -2.73 30.89
C SER A 622 -56.99 -3.87 30.03
N GLU A 623 -57.58 -5.06 30.24
CA GLU A 623 -57.18 -6.23 29.49
C GLU A 623 -58.28 -7.28 29.55
N TYR A 624 -58.58 -7.88 28.41
CA TYR A 624 -59.52 -8.99 28.31
C TYR A 624 -58.91 -10.09 27.45
N ALA A 625 -59.21 -11.33 27.79
CA ALA A 625 -58.67 -12.47 27.05
C ALA A 625 -59.62 -13.65 27.13
N THR A 626 -59.64 -14.45 26.07
CA THR A 626 -60.42 -15.67 25.99
C THR A 626 -59.54 -16.75 25.37
N SER A 627 -59.55 -17.95 25.96
CA SER A 627 -58.52 -18.95 25.65
C SER A 627 -58.97 -20.01 24.65
N ARG A 628 -60.03 -20.77 24.97
CA ARG A 628 -60.51 -21.83 24.09
C ARG A 628 -59.40 -22.84 23.76
N VAL A 629 -58.95 -23.55 24.78
CA VAL A 629 -57.90 -24.55 24.64
C VAL A 629 -58.51 -25.87 24.20
N ARG A 630 -57.84 -26.54 23.26
CA ARG A 630 -58.27 -27.84 22.74
C ARG A 630 -57.35 -28.89 23.32
N PRO A 631 -57.76 -29.67 24.32
CA PRO A 631 -56.81 -30.42 25.14
C PRO A 631 -56.45 -31.79 24.55
N ASN A 632 -56.01 -31.79 23.28
CA ASN A 632 -55.47 -32.99 22.66
C ASN A 632 -56.37 -34.21 22.85
N THR A 633 -55.78 -35.29 23.36
CA THR A 633 -56.50 -36.54 23.60
C THR A 633 -57.39 -36.92 22.42
N ALA A 634 -58.55 -37.50 22.69
CA ALA A 634 -59.49 -37.89 21.66
C ALA A 634 -60.82 -37.16 21.76
N ASN A 635 -61.42 -37.13 22.95
CA ASN A 635 -62.64 -36.37 23.18
C ASN A 635 -62.39 -34.88 23.33
N ALA A 636 -61.27 -34.50 23.92
CA ALA A 636 -60.91 -33.09 24.04
C ALA A 636 -61.83 -32.34 25.00
N ALA A 637 -63.06 -32.06 24.56
CA ALA A 637 -63.99 -31.27 25.37
C ALA A 637 -63.40 -29.88 25.67
N VAL A 638 -63.30 -29.10 24.58
CA VAL A 638 -62.65 -27.80 24.59
C VAL A 638 -63.02 -27.01 25.84
N GLN A 639 -62.02 -26.38 26.46
CA GLN A 639 -62.18 -25.67 27.71
C GLN A 639 -61.87 -24.20 27.51
N THR A 640 -62.74 -23.33 28.02
CA THR A 640 -62.60 -21.88 27.88
C THR A 640 -62.17 -21.27 29.20
N SER A 641 -61.35 -20.23 29.12
CA SER A 641 -60.84 -19.54 30.30
C SER A 641 -60.48 -18.11 29.93
N ASN A 642 -61.06 -17.16 30.66
CA ASN A 642 -60.86 -15.74 30.40
C ASN A 642 -59.99 -15.11 31.46
N ALA A 643 -59.55 -13.88 31.19
CA ALA A 643 -58.71 -13.13 32.12
C ALA A 643 -58.96 -11.65 31.85
N PHE A 644 -59.65 -10.98 32.76
CA PHE A 644 -60.02 -9.59 32.60
C PHE A 644 -59.57 -8.79 33.80
N TYR A 645 -59.01 -7.60 33.55
CA TYR A 645 -58.70 -6.67 34.62
C TYR A 645 -58.87 -5.25 34.11
N ALA A 646 -59.20 -4.35 35.04
CA ALA A 646 -59.38 -2.92 34.74
C ALA A 646 -58.80 -2.14 35.91
N ARG A 647 -57.75 -1.38 35.65
CA ARG A 647 -56.98 -0.71 36.69
C ARG A 647 -56.84 0.77 36.36
N VAL A 648 -56.97 1.60 37.39
CA VAL A 648 -56.63 3.02 37.27
C VAL A 648 -55.38 3.26 38.11
N ALA A 649 -54.21 3.11 37.49
CA ALA A 649 -52.94 3.21 38.20
C ALA A 649 -51.86 3.56 37.19
N THR A 650 -50.66 3.81 37.72
CA THR A 650 -49.52 4.23 36.91
C THR A 650 -48.60 3.05 36.66
N ARG A 651 -48.48 2.66 35.40
CA ARG A 651 -47.53 1.62 34.99
C ARG A 651 -46.21 2.25 34.60
N LYS A 652 -45.11 1.64 35.04
CA LYS A 652 -43.78 2.10 34.68
C LYS A 652 -43.47 1.73 33.23
N ASP A 653 -42.27 2.08 32.79
CA ASP A 653 -41.85 1.73 31.43
C ASP A 653 -41.54 0.25 31.29
N ASN A 654 -41.06 -0.40 32.35
CA ASN A 654 -40.85 -1.84 32.35
C ASN A 654 -42.14 -2.61 32.55
N LEU A 655 -43.28 -1.93 32.50
CA LEU A 655 -44.61 -2.52 32.58
C LEU A 655 -44.99 -2.95 33.99
N ALA A 656 -44.14 -2.64 34.98
CA ALA A 656 -44.50 -2.84 36.37
C ALA A 656 -45.30 -1.64 36.86
N PHE A 657 -46.32 -1.91 37.66
CA PHE A 657 -47.23 -0.87 38.12
C PHE A 657 -46.62 -0.14 39.31
N ASP A 658 -46.47 1.16 39.18
CA ASP A 658 -45.94 2.01 40.25
C ASP A 658 -47.12 2.54 41.06
N LEU A 659 -47.29 2.02 42.27
CA LEU A 659 -48.42 2.40 43.12
C LEU A 659 -48.09 3.56 44.05
N ASN A 660 -46.92 4.17 43.91
CA ASN A 660 -46.56 5.34 44.69
C ASN A 660 -46.88 6.64 43.97
N THR A 661 -47.16 6.60 42.67
CA THR A 661 -47.58 7.78 41.92
C THR A 661 -49.10 7.77 41.80
N PRO A 662 -49.79 8.84 42.20
CA PRO A 662 -51.25 8.79 42.28
C PRO A 662 -51.92 8.42 40.96
N ALA A 663 -51.72 9.22 39.92
CA ALA A 663 -52.42 9.10 38.64
C ALA A 663 -53.83 9.66 38.67
N ALA A 664 -54.28 10.22 39.80
CA ALA A 664 -55.56 10.91 39.86
C ALA A 664 -55.40 12.39 40.15
N LYS A 665 -54.75 12.76 41.25
CA LYS A 665 -54.44 14.15 41.57
C LYS A 665 -55.65 15.07 41.39
N PHE A 666 -56.64 14.86 42.26
CA PHE A 666 -57.88 15.64 42.25
C PHE A 666 -57.74 16.98 42.97
N GLY A 667 -56.53 17.48 43.18
CA GLY A 667 -56.36 18.75 43.86
C GLY A 667 -54.90 19.12 43.94
N ASN A 668 -54.64 20.20 44.69
CA ASN A 668 -53.30 20.72 44.92
C ASN A 668 -52.81 20.30 46.30
N ASP A 669 -51.67 20.84 46.71
CA ASP A 669 -51.06 20.45 47.99
C ASP A 669 -51.94 20.79 49.19
N THR A 670 -52.59 21.95 49.21
CA THR A 670 -53.45 22.31 50.34
C THR A 670 -54.63 21.36 50.48
N PHE A 671 -55.23 20.96 49.37
CA PHE A 671 -56.29 19.95 49.33
C PHE A 671 -55.96 19.03 48.17
N GLY A 672 -55.42 17.85 48.47
CA GLY A 672 -54.78 17.06 47.44
C GLY A 672 -55.21 15.60 47.37
N VAL A 673 -56.50 15.31 47.54
CA VAL A 673 -56.95 13.93 47.45
C VAL A 673 -56.36 13.28 46.21
N SER A 674 -55.67 12.16 46.42
CA SER A 674 -54.97 11.47 45.34
C SER A 674 -55.42 10.02 45.31
N LEU A 675 -55.90 9.57 44.16
CA LEU A 675 -56.16 8.16 43.96
C LEU A 675 -54.91 7.45 43.48
N TYR A 676 -54.53 6.39 44.19
CA TYR A 676 -53.32 5.64 43.86
C TYR A 676 -53.60 4.36 43.10
N ASP A 677 -54.70 3.68 43.40
CA ASP A 677 -55.06 2.47 42.67
C ASP A 677 -56.55 2.23 42.81
N LEU A 678 -57.15 1.71 41.74
CA LEU A 678 -58.55 1.31 41.76
C LEU A 678 -58.72 0.25 40.68
N ASN A 679 -58.79 -1.02 41.08
CA ASN A 679 -58.69 -2.11 40.14
C ASN A 679 -59.72 -3.19 40.44
N TYR A 680 -60.05 -3.95 39.40
CA TYR A 680 -60.88 -5.14 39.48
C TYR A 680 -60.17 -6.27 38.74
N ARG A 681 -60.42 -7.50 39.17
CA ARG A 681 -59.69 -8.66 38.67
C ARG A 681 -60.64 -9.84 38.54
N LYS A 682 -60.62 -10.50 37.39
CA LYS A 682 -61.45 -11.67 37.12
C LYS A 682 -60.67 -12.74 36.37
N ILE A 683 -59.44 -13.02 36.81
CA ILE A 683 -58.65 -14.08 36.20
C ILE A 683 -59.29 -15.42 36.51
N ASP A 684 -59.44 -16.26 35.48
CA ASP A 684 -60.06 -17.56 35.65
C ASP A 684 -59.06 -18.58 36.19
N ALA A 685 -59.60 -19.71 36.66
CA ALA A 685 -58.76 -20.72 37.31
C ALA A 685 -57.88 -21.46 36.30
N GLY A 686 -58.40 -21.72 35.11
CA GLY A 686 -57.67 -22.48 34.11
C GLY A 686 -56.76 -21.69 33.21
N TYR A 687 -56.58 -20.39 33.46
CA TYR A 687 -55.78 -19.52 32.60
C TYR A 687 -54.33 -19.58 33.05
N ASN A 688 -53.50 -20.28 32.28
CA ASN A 688 -52.07 -20.34 32.48
C ASN A 688 -51.37 -19.93 31.20
N ASN A 689 -50.05 -20.11 31.17
CA ASN A 689 -49.27 -19.73 29.99
C ASN A 689 -49.64 -20.54 28.76
N VAL A 690 -50.35 -21.65 28.92
CA VAL A 690 -50.85 -22.39 27.76
C VAL A 690 -52.14 -21.78 27.25
N ALA A 691 -53.04 -21.38 28.16
CA ALA A 691 -54.30 -20.76 27.75
C ALA A 691 -54.05 -19.56 26.85
N GLY A 692 -53.38 -18.54 27.37
CA GLY A 692 -52.84 -17.48 26.55
C GLY A 692 -51.43 -17.87 26.15
N ILE A 693 -51.16 -17.81 24.86
CA ILE A 693 -49.99 -18.50 24.31
C ILE A 693 -48.74 -17.71 24.64
N SER A 694 -48.14 -18.00 25.79
CA SER A 694 -46.99 -17.29 26.31
C SER A 694 -45.94 -18.31 26.76
N GLU A 695 -44.77 -17.81 27.16
CA GLU A 695 -43.71 -18.69 27.62
C GLU A 695 -43.94 -19.14 29.05
N TYR A 696 -44.04 -18.19 29.98
CA TYR A 696 -44.22 -18.48 31.39
C TYR A 696 -45.38 -17.69 31.95
N GLY A 697 -45.70 -17.97 33.21
CA GLY A 697 -46.29 -17.00 34.08
C GLY A 697 -47.76 -17.21 34.39
N TYR A 698 -48.38 -16.16 34.89
CA TYR A 698 -49.78 -16.12 35.30
C TYR A 698 -49.98 -16.97 36.56
N GLY A 699 -49.08 -16.77 37.51
CA GLY A 699 -49.16 -17.40 38.82
C GLY A 699 -48.42 -16.56 39.82
N SER A 700 -48.85 -16.66 41.08
CA SER A 700 -48.29 -15.83 42.13
C SER A 700 -46.76 -15.88 42.10
N TYR A 701 -46.14 -14.70 42.08
CA TYR A 701 -44.69 -14.64 42.02
C TYR A 701 -44.04 -15.11 43.32
N SER A 702 -44.66 -14.82 44.46
CA SER A 702 -44.10 -15.18 45.75
C SER A 702 -44.96 -16.15 46.54
N ARG A 703 -46.24 -15.85 46.73
CA ARG A 703 -47.12 -16.63 47.59
C ARG A 703 -46.84 -16.34 49.07
N THR A 704 -45.79 -15.57 49.34
CA THR A 704 -45.52 -15.04 50.68
C THR A 704 -45.46 -13.52 50.68
N SER A 705 -44.85 -12.92 49.65
CA SER A 705 -44.97 -11.49 49.42
C SER A 705 -46.31 -11.27 48.73
N ALA A 706 -46.54 -10.09 48.16
CA ALA A 706 -47.83 -9.84 47.52
C ALA A 706 -48.14 -10.97 46.57
N GLN A 707 -49.16 -11.78 46.90
CA GLN A 707 -49.41 -13.02 46.19
C GLN A 707 -50.54 -12.91 45.18
N ASN A 708 -51.17 -11.74 45.06
CA ASN A 708 -52.14 -11.50 44.01
C ASN A 708 -51.50 -10.97 42.74
N ILE A 709 -50.18 -10.78 42.74
CA ILE A 709 -49.46 -10.15 41.64
C ILE A 709 -48.65 -11.22 40.92
N ALA A 710 -48.85 -11.31 39.61
CA ALA A 710 -48.13 -12.28 38.78
C ALA A 710 -46.87 -11.71 38.16
N TYR A 711 -46.61 -10.41 38.32
CA TYR A 711 -45.44 -9.79 37.72
C TYR A 711 -44.17 -10.49 38.17
N ASN A 712 -43.44 -11.08 37.22
CA ASN A 712 -42.22 -11.83 37.51
C ASN A 712 -41.05 -11.25 36.72
N PRO A 713 -40.19 -10.44 37.34
CA PRO A 713 -39.04 -9.91 36.61
C PRO A 713 -38.06 -10.96 36.12
N ASP A 714 -38.02 -12.13 36.78
CA ASP A 714 -37.05 -13.15 36.39
C ASP A 714 -37.37 -13.73 35.03
N THR A 715 -38.62 -14.11 34.80
CA THR A 715 -39.04 -14.72 33.54
C THR A 715 -39.78 -13.75 32.64
N GLY A 716 -39.77 -12.45 32.96
CA GLY A 716 -40.42 -11.47 32.12
C GLY A 716 -41.93 -11.66 32.03
N VAL A 717 -42.56 -12.09 33.12
CA VAL A 717 -44.01 -12.28 33.14
C VAL A 717 -44.60 -10.94 33.57
N THR A 718 -44.86 -10.09 32.58
CA THR A 718 -45.47 -8.79 32.83
C THR A 718 -46.99 -8.97 32.87
N ALA A 719 -47.52 -9.20 34.06
CA ALA A 719 -48.95 -9.38 34.22
C ALA A 719 -49.36 -8.94 35.62
N PRO A 720 -50.26 -7.96 35.73
CA PRO A 720 -50.54 -7.40 37.07
C PRO A 720 -51.05 -8.40 38.08
N PHE A 721 -51.89 -9.35 37.66
CA PHE A 721 -52.60 -10.21 38.61
C PHE A 721 -52.41 -11.66 38.22
N ALA A 722 -52.39 -12.52 39.24
CA ALA A 722 -51.95 -13.90 39.11
C ALA A 722 -53.10 -14.88 39.31
N ASN A 723 -52.87 -16.10 38.85
CA ASN A 723 -53.77 -17.22 39.08
C ASN A 723 -53.44 -17.80 40.45
N LEU A 724 -54.27 -17.50 41.43
CA LEU A 724 -54.02 -17.98 42.78
C LEU A 724 -54.30 -19.49 42.86
N ASP A 725 -53.57 -20.14 43.77
CA ASP A 725 -53.74 -21.56 44.04
C ASP A 725 -53.97 -21.78 45.53
N ARG A 726 -54.70 -22.83 45.85
CA ARG A 726 -55.03 -23.19 47.24
C ARG A 726 -54.04 -24.23 47.73
N GLN A 727 -53.52 -24.02 48.93
CA GLN A 727 -52.50 -24.88 49.52
C GLN A 727 -53.08 -25.71 50.66
N ALA A 728 -52.57 -26.93 50.79
CA ALA A 728 -53.03 -27.84 51.83
C ALA A 728 -51.92 -28.86 52.13
N TYR A 729 -52.07 -29.52 53.26
CA TYR A 729 -51.10 -30.54 53.67
C TYR A 729 -51.10 -31.71 52.68
N THR A 730 -49.91 -32.26 52.45
CA THR A 730 -49.77 -33.30 51.43
C THR A 730 -50.16 -34.67 51.95
N ASP A 731 -49.42 -35.18 52.94
CA ASP A 731 -49.65 -36.52 53.48
C ASP A 731 -49.52 -37.56 52.37
N ALA A 732 -48.33 -37.65 51.80
CA ALA A 732 -48.11 -38.50 50.62
C ALA A 732 -47.99 -39.98 50.98
N ASN A 733 -46.98 -40.33 51.77
CA ASN A 733 -46.74 -41.73 52.10
C ASN A 733 -47.40 -42.11 53.43
N ASN A 734 -47.00 -41.44 54.51
CA ASN A 734 -47.58 -41.69 55.82
C ASN A 734 -49.03 -41.22 55.85
N ASP A 735 -49.78 -41.74 56.82
CA ASP A 735 -51.17 -41.36 57.01
C ASP A 735 -51.38 -40.98 58.47
N GLY A 736 -52.13 -39.91 58.68
CA GLY A 736 -52.41 -39.43 60.02
C GLY A 736 -51.62 -38.19 60.37
N THR A 737 -50.47 -38.02 59.73
CA THR A 737 -49.60 -36.88 59.96
C THR A 737 -49.25 -36.22 58.64
N SER A 738 -49.20 -34.89 58.65
CA SER A 738 -48.88 -34.14 57.43
C SER A 738 -47.41 -34.29 57.09
N ASP A 739 -47.12 -34.38 55.79
CA ASP A 739 -45.75 -34.57 55.34
C ASP A 739 -44.92 -33.32 55.59
N ARG A 740 -43.69 -33.52 56.06
CA ARG A 740 -42.77 -32.43 56.34
C ARG A 740 -41.45 -32.67 55.65
N ASN A 741 -40.69 -31.60 55.45
CA ASN A 741 -39.36 -31.70 54.89
C ASN A 741 -38.34 -32.00 56.01
N ALA A 742 -37.07 -32.15 55.63
CA ALA A 742 -36.05 -32.44 56.61
C ALA A 742 -35.90 -31.30 57.61
N ASP A 743 -35.95 -30.05 57.14
CA ASP A 743 -35.82 -28.91 58.03
C ASP A 743 -37.05 -28.71 58.91
N GLY A 744 -38.14 -29.43 58.63
CA GLY A 744 -39.37 -29.27 59.36
C GLY A 744 -40.44 -28.48 58.63
N THR A 745 -40.09 -27.86 57.50
CA THR A 745 -41.08 -27.12 56.72
C THR A 745 -42.13 -28.06 56.14
N VAL A 746 -43.34 -27.56 56.00
CA VAL A 746 -44.45 -28.36 55.51
C VAL A 746 -44.32 -28.56 54.01
N VAL A 747 -44.92 -29.64 53.52
CA VAL A 747 -45.04 -29.91 52.10
C VAL A 747 -46.49 -29.67 51.70
N ALA A 748 -46.71 -28.81 50.72
CA ALA A 748 -48.04 -28.36 50.36
C ALA A 748 -48.39 -28.80 48.94
N THR A 749 -49.68 -29.06 48.72
CA THR A 749 -50.22 -29.35 47.41
C THR A 749 -51.01 -28.14 46.93
N ASN A 750 -50.65 -27.64 45.75
CA ASN A 750 -51.19 -26.40 45.22
C ASN A 750 -52.21 -26.70 44.13
N THR A 751 -53.43 -26.21 44.31
CA THR A 751 -54.49 -26.34 43.31
C THR A 751 -54.87 -24.93 42.85
N LYS A 752 -54.82 -24.71 41.54
CA LYS A 752 -55.15 -23.39 41.00
C LYS A 752 -56.62 -23.07 41.24
N ILE A 753 -56.87 -21.88 41.79
CA ILE A 753 -58.23 -21.41 42.01
C ILE A 753 -58.56 -20.16 41.21
N GLY A 754 -57.57 -19.53 40.60
CA GLY A 754 -57.82 -18.30 39.87
C GLY A 754 -57.77 -17.07 40.78
N GLN A 755 -58.44 -16.00 40.38
CA GLN A 755 -58.47 -14.80 41.20
C GLN A 755 -59.62 -13.91 40.75
N MET A 756 -60.33 -13.35 41.72
CA MET A 756 -61.38 -12.38 41.46
C MET A 756 -61.48 -11.46 42.66
N GLY A 757 -61.44 -10.16 42.42
CA GLY A 757 -61.49 -9.22 43.54
C GLY A 757 -61.41 -7.81 43.05
N PHE A 758 -61.27 -6.89 44.00
CA PHE A 758 -61.16 -5.48 43.71
C PHE A 758 -60.26 -4.84 44.76
N GLY A 759 -59.76 -3.65 44.45
CA GLY A 759 -58.88 -2.97 45.38
C GLY A 759 -58.75 -1.48 45.13
N VAL A 760 -58.80 -0.68 46.19
CA VAL A 760 -58.67 0.77 46.09
C VAL A 760 -57.65 1.23 47.13
N LYS A 761 -56.70 2.05 46.68
CA LYS A 761 -55.74 2.72 47.54
C LYS A 761 -55.77 4.20 47.22
N ALA A 762 -56.02 5.03 48.24
CA ALA A 762 -56.16 6.47 48.03
C ALA A 762 -55.58 7.21 49.23
N ALA A 763 -55.31 8.49 49.03
CA ALA A 763 -54.76 9.34 50.09
C ALA A 763 -55.25 10.76 49.90
N ALA A 764 -55.64 11.39 51.01
CA ALA A 764 -56.11 12.77 51.01
C ALA A 764 -55.07 13.63 51.71
N ASN A 765 -54.56 14.62 51.00
CA ASN A 765 -53.51 15.49 51.53
C ASN A 765 -54.15 16.75 52.10
N LEU A 766 -54.20 16.84 53.41
CA LEU A 766 -54.62 18.03 54.13
C LEU A 766 -53.44 19.01 54.15
N GLY A 767 -53.45 19.96 55.06
CA GLY A 767 -52.37 20.91 55.18
C GLY A 767 -51.29 20.31 56.05
N PRO A 768 -51.19 20.77 57.30
CA PRO A 768 -50.23 20.13 58.22
C PRO A 768 -50.59 18.68 58.52
N VAL A 769 -51.63 18.16 57.87
CA VAL A 769 -52.12 16.81 58.09
C VAL A 769 -52.19 16.08 56.74
N ALA A 770 -52.20 14.75 56.83
CA ALA A 770 -52.36 13.89 55.67
C ALA A 770 -52.97 12.58 56.12
N ILE A 771 -53.82 12.00 55.29
CA ILE A 771 -54.44 10.71 55.61
C ILE A 771 -54.38 9.81 54.39
N GLY A 772 -54.46 8.51 54.63
CA GLY A 772 -54.45 7.56 53.53
C GLY A 772 -55.13 6.28 53.96
N GLY A 773 -55.60 5.53 52.97
CA GLY A 773 -56.30 4.28 53.23
C GLY A 773 -56.21 3.35 52.05
N TYR A 774 -56.42 2.07 52.33
CA TYR A 774 -56.40 1.05 51.30
C TYR A 774 -57.32 -0.09 51.71
N TYR A 775 -57.91 -0.72 50.69
CA TYR A 775 -58.79 -1.86 50.85
C TYR A 775 -58.56 -2.81 49.69
N ASP A 776 -58.64 -4.11 49.96
CA ASP A 776 -58.38 -5.10 48.94
C ASP A 776 -58.95 -6.44 49.38
N THR A 777 -59.85 -7.01 48.57
CA THR A 777 -60.40 -8.33 48.81
C THR A 777 -60.29 -9.14 47.54
N SER A 778 -59.69 -10.32 47.63
CA SER A 778 -59.56 -11.24 46.51
C SER A 778 -60.07 -12.61 46.93
N THR A 779 -60.94 -13.19 46.12
CA THR A 779 -61.43 -14.54 46.32
C THR A 779 -60.90 -15.41 45.19
N GLY A 780 -61.35 -16.66 45.15
CA GLY A 780 -61.12 -17.49 43.99
C GLY A 780 -61.99 -17.05 42.83
N ALA A 781 -61.71 -17.63 41.65
CA ALA A 781 -62.46 -17.27 40.47
C ALA A 781 -63.94 -17.58 40.63
N ASN A 782 -64.26 -18.69 41.28
CA ASN A 782 -65.67 -19.06 41.46
C ASN A 782 -66.38 -18.13 42.43
N GLY A 783 -65.65 -17.48 43.32
CA GLY A 783 -66.23 -16.55 44.27
C GLY A 783 -66.50 -17.13 45.64
N ASP A 784 -66.09 -18.37 45.90
CA ASP A 784 -66.35 -18.99 47.20
C ASP A 784 -65.49 -18.35 48.27
N ASN A 785 -66.12 -17.96 49.38
CA ASN A 785 -65.43 -17.27 50.47
C ASN A 785 -64.45 -18.15 51.21
N ALA A 786 -64.31 -19.41 50.82
CA ALA A 786 -63.31 -20.29 51.42
C ALA A 786 -61.89 -19.90 51.03
N ASN A 787 -61.72 -18.99 50.07
CA ASN A 787 -60.41 -18.56 49.61
C ASN A 787 -60.24 -17.04 49.72
N ARG A 788 -61.11 -16.36 50.47
CA ARG A 788 -61.04 -14.91 50.56
C ARG A 788 -59.83 -14.46 51.36
N MET A 789 -59.21 -13.37 50.93
CA MET A 789 -58.15 -12.71 51.69
C MET A 789 -58.36 -11.21 51.57
N THR A 790 -58.83 -10.58 52.64
CA THR A 790 -59.10 -9.16 52.67
C THR A 790 -58.03 -8.44 53.49
N GLU A 791 -57.47 -7.38 52.92
CA GLU A 791 -56.60 -6.47 53.65
C GLU A 791 -57.20 -5.07 53.59
N ALA A 792 -57.39 -4.45 54.74
CA ALA A 792 -57.82 -3.07 54.85
C ALA A 792 -56.89 -2.35 55.82
N GLY A 793 -56.82 -1.03 55.67
CA GLY A 793 -55.94 -0.28 56.56
C GLY A 793 -56.11 1.21 56.35
N GLY A 794 -55.29 1.95 57.07
CA GLY A 794 -55.32 3.39 57.01
C GLY A 794 -54.30 4.03 57.92
N SER A 795 -53.78 5.18 57.50
CA SER A 795 -52.76 5.87 58.29
C SER A 795 -53.06 7.36 58.27
N ALA A 796 -52.58 8.04 59.31
CA ALA A 796 -52.73 9.48 59.45
C ALA A 796 -51.44 10.07 59.96
N LYS A 797 -50.97 11.13 59.32
CA LYS A 797 -49.73 11.79 59.71
C LYS A 797 -49.99 13.27 59.93
N VAL A 798 -49.34 13.85 60.94
CA VAL A 798 -49.36 15.29 61.19
C VAL A 798 -47.93 15.72 61.39
N ALA A 799 -47.44 16.60 60.51
CA ALA A 799 -46.06 17.07 60.55
C ALA A 799 -46.05 18.59 60.58
N TYR A 800 -45.31 19.16 61.52
CA TYR A 800 -45.21 20.61 61.64
C TYR A 800 -43.87 20.96 62.24
N SER A 801 -43.24 22.01 61.70
CA SER A 801 -41.94 22.45 62.20
C SER A 801 -40.93 21.32 62.11
N ILE A 802 -40.47 20.83 63.25
CA ILE A 802 -39.50 19.74 63.35
C ILE A 802 -40.09 18.52 64.03
N PHE A 803 -41.42 18.43 64.12
CA PHE A 803 -42.09 17.30 64.75
C PHE A 803 -42.98 16.61 63.73
N SER A 804 -43.08 15.29 63.86
CA SER A 804 -43.97 14.49 63.03
C SER A 804 -44.57 13.40 63.89
N LEU A 805 -45.87 13.13 63.68
CA LEU A 805 -46.57 12.11 64.45
C LEU A 805 -47.43 11.31 63.49
N ARG A 806 -47.21 10.00 63.45
CA ARG A 806 -47.93 9.10 62.56
C ARG A 806 -48.69 8.06 63.36
N GLY A 807 -49.80 7.61 62.79
CA GLY A 807 -50.58 6.54 63.37
C GLY A 807 -51.16 5.66 62.27
N THR A 808 -50.87 4.36 62.32
CA THR A 808 -51.25 3.44 61.26
C THR A 808 -52.03 2.27 61.84
N TYR A 809 -53.04 1.83 61.11
CA TYR A 809 -53.83 0.66 61.45
C TYR A 809 -53.88 -0.25 60.24
N ASN A 810 -53.53 -1.52 60.43
CA ASN A 810 -53.47 -2.50 59.36
C ASN A 810 -54.21 -3.76 59.78
N THR A 811 -54.91 -4.36 58.84
CA THR A 811 -55.63 -5.60 59.08
C THR A 811 -55.36 -6.58 57.95
N LEU A 812 -55.50 -7.87 58.26
CA LEU A 812 -55.41 -8.92 57.25
C LEU A 812 -56.33 -10.04 57.70
N ASP A 813 -57.31 -10.39 56.87
CA ASP A 813 -58.27 -11.44 57.16
C ASP A 813 -58.24 -12.44 56.02
N SER A 814 -57.52 -13.54 56.20
CA SER A 814 -57.28 -14.51 55.13
C SER A 814 -57.94 -15.84 55.50
N ASN A 815 -59.13 -16.09 54.94
CA ASN A 815 -59.65 -17.44 54.92
C ASN A 815 -58.84 -18.34 54.00
N ARG A 816 -58.10 -17.76 53.07
CA ARG A 816 -57.19 -18.52 52.25
C ARG A 816 -56.09 -19.13 53.13
N PRO A 817 -55.72 -20.39 52.90
CA PRO A 817 -54.85 -21.10 53.85
C PRO A 817 -53.63 -20.32 54.35
N GLN A 818 -52.72 -19.92 53.47
CA GLN A 818 -51.53 -19.21 53.92
C GLN A 818 -50.61 -20.12 54.74
N ILE A 819 -49.33 -20.16 54.41
CA ILE A 819 -48.33 -20.94 55.13
C ILE A 819 -47.54 -20.01 56.04
N TYR A 820 -47.44 -20.35 57.32
CA TYR A 820 -46.72 -19.49 58.24
C TYR A 820 -46.45 -20.24 59.55
N ARG A 821 -45.54 -19.68 60.34
CA ARG A 821 -45.23 -20.27 61.63
C ARG A 821 -46.22 -19.81 62.69
N ASP A 822 -46.50 -20.69 63.64
CA ASP A 822 -47.39 -20.36 64.74
C ASP A 822 -46.56 -19.83 65.90
N ALA A 823 -47.20 -19.68 67.07
CA ALA A 823 -46.48 -19.18 68.25
C ALA A 823 -45.35 -20.11 68.65
N ALA A 824 -45.62 -21.42 68.63
CA ALA A 824 -44.59 -22.38 69.02
C ALA A 824 -43.39 -22.33 68.09
N GLY A 825 -43.63 -22.19 66.78
CA GLY A 825 -42.55 -22.07 65.83
C GLY A 825 -42.53 -23.16 64.78
N THR A 826 -43.66 -23.80 64.56
CA THR A 826 -43.80 -24.85 63.55
C THR A 826 -44.64 -24.35 62.39
N GLN A 827 -44.15 -24.54 61.17
CA GLN A 827 -44.89 -24.12 60.00
C GLN A 827 -46.23 -24.85 59.92
N ILE A 828 -47.28 -24.10 59.59
CA ILE A 828 -48.63 -24.63 59.46
C ILE A 828 -49.30 -23.94 58.29
N ILE A 829 -50.43 -24.52 57.87
CA ILE A 829 -51.26 -23.96 56.81
C ILE A 829 -52.65 -23.77 57.41
N GLY A 830 -53.15 -22.54 57.40
CA GLY A 830 -54.47 -22.27 57.93
C GLY A 830 -54.73 -20.79 57.94
N ASP A 831 -56.02 -20.46 57.92
CA ASP A 831 -56.46 -19.06 57.83
C ASP A 831 -55.78 -18.21 58.88
N ALA A 832 -55.72 -16.90 58.65
CA ALA A 832 -55.00 -16.00 59.54
C ALA A 832 -55.78 -14.70 59.73
N LYS A 833 -55.65 -14.11 60.90
CA LYS A 833 -56.17 -12.77 61.18
C LYS A 833 -55.07 -11.98 61.87
N VAL A 834 -54.68 -10.88 61.27
CA VAL A 834 -53.61 -10.03 61.79
C VAL A 834 -54.17 -8.62 61.97
N ARG A 835 -53.93 -8.04 63.13
CA ARG A 835 -54.34 -6.67 63.44
C ARG A 835 -53.14 -5.95 64.03
N ARG A 836 -52.67 -4.91 63.35
CA ARG A 836 -51.54 -4.13 63.81
C ARG A 836 -51.93 -2.67 63.90
N TYR A 837 -51.36 -1.97 64.88
CA TYR A 837 -51.52 -0.53 64.96
C TYR A 837 -50.28 0.07 65.61
N ALA A 838 -49.70 1.06 64.93
CA ALA A 838 -48.44 1.64 65.34
C ALA A 838 -48.55 3.16 65.40
N VAL A 839 -48.15 3.74 66.52
CA VAL A 839 -48.08 5.18 66.69
C VAL A 839 -46.63 5.53 66.95
N GLN A 840 -46.00 6.24 66.02
CA GLN A 840 -44.59 6.56 66.09
C GLN A 840 -44.38 8.05 65.85
N ALA A 841 -43.68 8.71 66.78
CA ALA A 841 -43.43 10.14 66.74
C ALA A 841 -41.94 10.38 66.55
N ASP A 842 -41.60 11.37 65.72
CA ASP A 842 -40.23 11.68 65.39
C ASP A 842 -39.99 13.17 65.50
N VAL A 843 -38.77 13.53 65.89
CA VAL A 843 -38.35 14.92 66.03
C VAL A 843 -36.99 15.08 65.38
N THR A 844 -36.84 16.09 64.53
CA THR A 844 -35.58 16.36 63.83
C THR A 844 -35.11 17.78 64.15
N PRO A 845 -34.21 17.96 65.12
CA PRO A 845 -33.77 19.32 65.46
C PRO A 845 -33.13 20.05 64.30
N GLY A 846 -32.60 19.34 63.32
CA GLY A 846 -32.03 19.95 62.13
C GLY A 846 -30.53 20.01 62.08
N LEU A 847 -29.84 19.66 63.17
CA LEU A 847 -28.39 19.69 63.22
C LEU A 847 -27.76 18.39 62.74
N GLY A 848 -28.49 17.63 61.92
CA GLY A 848 -28.08 16.30 61.53
C GLY A 848 -28.55 15.21 62.46
N LEU A 849 -29.05 15.57 63.64
CA LEU A 849 -29.53 14.61 64.62
C LEU A 849 -30.96 14.19 64.28
N PHE A 850 -31.42 13.16 64.98
CA PHE A 850 -32.80 12.70 64.86
C PHE A 850 -33.14 11.87 66.09
N VAL A 851 -34.40 11.95 66.51
CA VAL A 851 -34.91 11.14 67.60
C VAL A 851 -36.19 10.47 67.13
N GLY A 852 -36.45 9.28 67.67
CA GLY A 852 -37.65 8.56 67.28
C GLY A 852 -38.19 7.67 68.38
N ALA A 853 -39.46 7.83 68.70
CA ALA A 853 -40.16 6.97 69.65
C ALA A 853 -41.31 6.29 68.95
N TYR A 854 -41.54 5.03 69.29
CA TYR A 854 -42.57 4.25 68.62
C TYR A 854 -43.19 3.27 69.58
N TYR A 855 -44.44 2.91 69.29
CA TYR A 855 -45.16 1.85 70.00
C TYR A 855 -45.96 1.08 68.96
N ARG A 856 -45.52 -0.13 68.63
CA ARG A 856 -46.18 -0.96 67.63
C ARG A 856 -46.76 -2.20 68.32
N ASP A 857 -48.01 -2.53 67.98
CA ASP A 857 -48.73 -3.60 68.65
C ASP A 857 -49.33 -4.53 67.60
N VAL A 858 -48.80 -5.75 67.51
CA VAL A 858 -49.32 -6.75 66.59
C VAL A 858 -50.28 -7.66 67.35
N ASN A 859 -51.18 -8.30 66.61
CA ASN A 859 -52.19 -9.17 67.21
C ASN A 859 -52.56 -10.23 66.18
N VAL A 860 -51.99 -11.42 66.31
CA VAL A 860 -52.16 -12.50 65.33
C VAL A 860 -53.16 -13.50 65.89
N ASN A 861 -54.22 -13.76 65.14
CA ASN A 861 -55.22 -14.76 65.48
C ASN A 861 -55.87 -14.48 66.84
N GLY A 862 -55.89 -13.22 67.24
CA GLY A 862 -56.48 -12.82 68.50
C GLY A 862 -55.51 -12.71 69.66
N VAL A 863 -54.35 -13.35 69.56
CA VAL A 863 -53.34 -13.30 70.60
C VAL A 863 -52.33 -12.20 70.28
N ARG A 864 -51.63 -11.72 71.30
CA ARG A 864 -50.82 -10.52 71.14
C ARG A 864 -49.63 -10.73 70.20
N SER A 865 -49.18 -11.96 70.00
CA SER A 865 -48.28 -12.23 68.87
C SER A 865 -47.01 -11.38 68.91
N THR A 866 -46.10 -11.66 69.84
CA THR A 866 -44.85 -10.92 69.96
C THR A 866 -44.30 -10.47 68.61
N THR A 867 -44.29 -11.35 67.63
CA THR A 867 -43.87 -10.99 66.28
C THR A 867 -44.87 -11.52 65.27
N ASP A 868 -45.26 -10.67 64.33
CA ASP A 868 -46.06 -11.13 63.20
C ASP A 868 -45.22 -12.05 62.33
N ARG A 869 -45.88 -13.04 61.72
CA ARG A 869 -45.19 -14.11 61.01
C ARG A 869 -45.08 -13.83 59.53
N GLY A 870 -44.97 -12.55 59.14
CA GLY A 870 -44.90 -12.19 57.75
C GLY A 870 -46.22 -12.15 57.04
N LEU A 871 -47.34 -12.31 57.77
CA LEU A 871 -48.64 -12.36 57.13
C LEU A 871 -49.02 -11.01 56.54
N LEU A 872 -48.68 -9.91 57.22
CA LEU A 872 -49.07 -8.59 56.73
C LEU A 872 -48.48 -8.29 55.37
N GLY A 873 -47.44 -9.00 54.95
CA GLY A 873 -46.84 -8.84 53.65
C GLY A 873 -47.51 -9.59 52.53
N ARG A 874 -48.61 -10.30 52.81
CA ARG A 874 -49.31 -11.02 51.75
C ARG A 874 -50.06 -10.10 50.81
N GLY A 875 -50.35 -8.86 51.22
CA GLY A 875 -51.04 -7.93 50.35
C GLY A 875 -50.10 -6.97 49.65
N TYR A 876 -50.51 -6.48 48.49
CA TYR A 876 -49.66 -5.58 47.71
C TYR A 876 -49.92 -4.11 47.98
N LEU A 877 -50.93 -3.79 48.79
CA LEU A 877 -51.22 -2.41 49.19
C LEU A 877 -50.98 -2.32 50.69
N ALA A 878 -49.84 -1.76 51.08
CA ALA A 878 -49.50 -1.53 52.48
C ALA A 878 -49.52 -0.06 52.83
N SER A 879 -48.75 0.77 52.12
CA SER A 879 -48.96 2.20 52.06
C SER A 879 -48.92 2.84 53.46
N SER A 880 -47.72 2.84 54.03
CA SER A 880 -47.45 3.63 55.22
C SER A 880 -46.97 5.03 54.81
N PHE A 881 -46.94 5.93 55.79
CA PHE A 881 -46.45 7.28 55.57
C PHE A 881 -44.99 7.40 56.01
N GLU A 882 -44.40 8.56 55.75
CA GLU A 882 -43.00 8.76 56.06
C GLU A 882 -42.80 10.01 56.89
N PRO A 883 -41.84 10.02 57.81
CA PRO A 883 -41.64 11.19 58.67
C PRO A 883 -41.10 12.37 57.88
N GLY A 884 -41.34 13.55 58.44
CA GLY A 884 -40.84 14.77 57.85
C GLY A 884 -41.96 15.67 57.36
N VAL A 885 -41.70 16.98 57.39
CA VAL A 885 -42.66 17.96 56.90
C VAL A 885 -42.58 18.02 55.38
N GLY A 886 -43.73 18.16 54.74
CA GLY A 886 -43.76 18.18 53.29
C GLY A 886 -43.34 16.89 52.64
N ASN A 887 -43.67 15.76 53.25
CA ASN A 887 -43.36 14.42 52.74
C ASN A 887 -44.60 13.55 52.76
N ASN A 888 -45.71 14.10 52.26
CA ASN A 888 -47.00 13.42 52.30
C ASN A 888 -47.14 12.50 51.08
N ALA A 889 -46.28 11.49 51.05
CA ALA A 889 -46.33 10.45 50.03
C ALA A 889 -46.84 9.17 50.68
N TYR A 890 -47.83 8.54 50.05
CA TYR A 890 -48.43 7.31 50.57
C TYR A 890 -47.81 6.13 49.82
N ARG A 891 -46.62 5.75 50.27
CA ARG A 891 -45.83 4.75 49.58
C ARG A 891 -46.18 3.34 50.05
N THR A 892 -46.29 2.41 49.11
CA THR A 892 -46.66 1.05 49.44
C THR A 892 -45.59 0.38 50.28
N GLY A 893 -46.03 -0.44 51.23
CA GLY A 893 -45.12 -1.13 52.11
C GLY A 893 -45.13 -0.58 53.52
N LEU A 894 -45.44 -1.43 54.49
CA LEU A 894 -45.36 -1.05 55.89
C LEU A 894 -43.89 -0.98 56.29
N ARG A 895 -43.41 0.22 56.61
CA ARG A 895 -42.00 0.38 56.97
C ARG A 895 -41.76 -0.16 58.36
N CYS A 896 -41.74 -1.49 58.50
CA CYS A 896 -41.55 -2.14 59.78
C CYS A 896 -40.10 -2.08 60.26
N ALA A 897 -39.16 -1.78 59.38
CA ALA A 897 -37.75 -1.65 59.74
C ALA A 897 -37.40 -0.26 60.23
N ASP A 898 -38.39 0.53 60.63
CA ASP A 898 -38.18 1.90 61.05
C ASP A 898 -37.86 1.96 62.55
N ASN A 899 -36.77 2.65 62.88
CA ASN A 899 -36.43 2.94 64.27
C ASN A 899 -36.26 1.67 65.10
N ASN A 900 -35.91 0.56 64.46
CA ASN A 900 -35.71 -0.70 65.16
C ASN A 900 -34.33 -1.26 64.84
N PHE A 901 -34.01 -2.37 65.49
CA PHE A 901 -32.66 -2.92 65.52
C PHE A 901 -32.39 -3.79 64.30
N GLY A 902 -31.20 -4.37 64.27
CA GLY A 902 -30.83 -5.36 63.28
C GLY A 902 -30.60 -6.70 63.94
N THR A 903 -30.84 -7.77 63.19
CA THR A 903 -30.70 -9.12 63.73
C THR A 903 -29.76 -9.96 62.87
N GLY A 904 -28.71 -9.34 62.34
CA GLY A 904 -27.77 -10.07 61.51
C GLY A 904 -26.80 -10.89 62.34
N THR A 905 -26.46 -12.07 61.80
CA THR A 905 -25.51 -12.97 62.45
C THR A 905 -24.51 -13.54 61.47
N ARG A 906 -24.34 -12.91 60.31
CA ARG A 906 -23.41 -13.36 59.28
C ARG A 906 -22.57 -12.18 58.81
N ASP A 907 -21.38 -12.47 58.32
CA ASP A 907 -20.45 -11.42 57.93
C ASP A 907 -19.40 -11.97 56.98
N ILE A 908 -18.96 -11.11 56.05
CA ILE A 908 -17.97 -11.51 55.06
C ILE A 908 -16.60 -11.68 55.71
N ASP A 909 -16.21 -10.73 56.55
CA ASP A 909 -14.93 -10.79 57.24
C ASP A 909 -15.06 -11.62 58.51
N GLY A 910 -13.92 -11.93 59.12
CA GLY A 910 -13.95 -12.73 60.34
C GLY A 910 -14.70 -12.06 61.47
N VAL A 911 -14.49 -10.76 61.66
CA VAL A 911 -15.18 -9.99 62.69
C VAL A 911 -16.56 -9.61 62.15
N GLY A 912 -17.48 -9.26 63.05
CA GLY A 912 -18.86 -9.10 62.67
C GLY A 912 -19.16 -7.88 61.82
N GLY A 913 -18.51 -7.78 60.66
CA GLY A 913 -18.79 -6.72 59.72
C GLY A 913 -18.18 -5.38 60.06
N VAL A 914 -17.59 -5.23 61.26
CA VAL A 914 -17.01 -3.97 61.68
C VAL A 914 -15.73 -3.64 60.93
N LEU A 915 -15.23 -4.57 60.11
CA LEU A 915 -14.01 -4.38 59.35
C LEU A 915 -14.26 -4.44 57.85
N ASN A 916 -15.52 -4.32 57.43
CA ASN A 916 -15.91 -4.35 56.03
C ASN A 916 -16.27 -2.95 55.59
N PRO A 917 -15.52 -2.33 54.68
CA PRO A 917 -15.87 -0.97 54.24
C PRO A 917 -17.10 -0.89 53.35
N ALA A 918 -17.69 -2.02 52.97
CA ALA A 918 -18.89 -2.03 52.15
C ALA A 918 -20.16 -2.27 52.96
N VAL A 919 -20.06 -2.35 54.27
CA VAL A 919 -21.20 -2.62 55.14
C VAL A 919 -21.32 -1.45 56.13
N ASN A 920 -22.51 -0.87 56.19
CA ASN A 920 -22.81 0.19 57.15
C ASN A 920 -23.65 -0.43 58.26
N LEU A 921 -23.01 -0.74 59.38
CA LEU A 921 -23.69 -1.43 60.47
C LEU A 921 -24.73 -0.57 61.15
N ASP A 922 -24.61 0.75 61.07
CA ASP A 922 -25.59 1.65 61.66
C ASP A 922 -26.86 1.75 60.84
N GLN A 923 -26.90 1.17 59.64
CA GLN A 923 -28.07 1.18 58.78
C GLN A 923 -28.61 -0.24 58.58
N SER A 924 -28.42 -1.10 59.58
CA SER A 924 -28.88 -2.49 59.51
C SER A 924 -30.17 -2.62 60.29
N ARG A 925 -31.24 -3.01 59.60
CA ARG A 925 -32.55 -3.19 60.20
C ARG A 925 -32.96 -4.65 60.13
N THR A 926 -34.02 -5.00 60.87
CA THR A 926 -34.48 -6.37 60.91
C THR A 926 -35.60 -6.66 59.93
N ALA A 927 -36.40 -5.66 59.55
CA ALA A 927 -37.46 -5.84 58.56
C ALA A 927 -38.55 -6.77 59.06
N THR A 928 -38.67 -6.92 60.38
CA THR A 928 -39.70 -7.73 61.00
C THR A 928 -40.53 -6.83 61.90
N CYS A 929 -41.86 -6.94 61.80
CA CYS A 929 -42.75 -6.13 62.60
C CYS A 929 -43.00 -6.81 63.94
N PHE A 930 -42.62 -6.15 65.02
CA PHE A 930 -42.69 -6.68 66.37
C PHE A 930 -43.80 -6.00 67.16
N THR A 931 -44.22 -6.65 68.24
CA THR A 931 -45.06 -6.02 69.25
C THR A 931 -44.13 -5.46 70.31
N SER A 932 -43.73 -4.20 70.15
CA SER A 932 -42.73 -3.61 71.01
C SER A 932 -42.97 -2.12 71.12
N TYR A 933 -42.09 -1.45 71.85
CA TYR A 933 -42.09 0.00 71.95
C TYR A 933 -40.71 0.45 72.41
N GLY A 934 -40.28 1.61 71.92
CA GLY A 934 -38.96 2.07 72.30
C GLY A 934 -38.63 3.42 71.69
N VAL A 935 -37.36 3.78 71.84
CA VAL A 935 -36.83 5.06 71.36
C VAL A 935 -35.48 4.81 70.71
N GLU A 936 -35.06 5.75 69.87
CA GLU A 936 -33.79 5.63 69.16
C GLU A 936 -33.33 7.01 68.71
N ALA A 937 -32.20 7.46 69.25
CA ALA A 937 -31.55 8.68 68.79
C ALA A 937 -30.61 8.31 67.64
N GLY A 938 -29.86 9.29 67.14
CA GLY A 938 -28.93 9.02 66.07
C GLY A 938 -28.32 10.29 65.54
N HIS A 939 -27.59 10.13 64.43
CA HIS A 939 -26.90 11.24 63.79
C HIS A 939 -26.43 10.79 62.41
N ALA A 940 -26.63 11.64 61.42
CA ALA A 940 -26.26 11.35 60.04
C ALA A 940 -25.22 12.35 59.58
N GLY A 941 -24.13 11.85 59.01
CA GLY A 941 -23.06 12.70 58.53
C GLY A 941 -23.21 13.19 57.11
N ASP A 942 -24.05 12.55 56.31
CA ASP A 942 -24.29 13.04 54.95
C ASP A 942 -25.15 14.28 54.95
N ASN A 943 -26.03 14.43 55.94
CA ASN A 943 -26.85 15.63 56.04
C ASN A 943 -25.98 16.83 56.40
N ALA A 944 -26.16 17.93 55.66
CA ALA A 944 -25.36 19.11 55.88
C ALA A 944 -25.72 19.75 57.22
N ASN A 945 -24.82 20.62 57.70
CA ASN A 945 -24.99 21.29 58.98
C ASN A 945 -25.09 20.28 60.12
N ALA A 946 -24.27 19.24 60.06
CA ALA A 946 -24.21 18.21 61.09
C ALA A 946 -23.02 18.45 62.00
N LEU A 947 -23.16 18.05 63.26
CA LEU A 947 -22.09 18.23 64.24
C LEU A 947 -20.75 17.75 63.70
N VAL A 948 -20.67 16.47 63.36
CA VAL A 948 -19.47 15.87 62.76
C VAL A 948 -19.77 15.51 61.32
N LYS A 949 -18.82 15.79 60.44
CA LYS A 949 -19.08 15.66 59.00
C LYS A 949 -19.45 14.24 58.61
N ASP A 950 -18.51 13.30 58.69
CA ASP A 950 -18.76 11.90 58.37
C ASP A 950 -18.87 11.09 59.65
N LEU A 951 -19.99 11.24 60.35
CA LEU A 951 -20.23 10.50 61.58
C LEU A 951 -21.66 10.01 61.61
N PHE A 952 -21.83 8.72 61.88
CA PHE A 952 -23.14 8.09 62.01
C PHE A 952 -23.16 7.22 63.25
N PHE A 953 -24.14 7.42 64.11
CA PHE A 953 -24.38 6.53 65.23
C PHE A 953 -25.88 6.33 65.41
N ARG A 954 -26.25 5.20 65.99
CA ARG A 954 -27.64 4.76 66.03
C ARG A 954 -27.99 4.17 67.40
N VAL A 955 -27.59 4.85 68.47
CA VAL A 955 -27.94 4.37 69.81
C VAL A 955 -29.45 4.25 69.92
N GLY A 956 -29.92 3.18 70.56
CA GLY A 956 -31.35 2.95 70.67
C GLY A 956 -31.68 1.94 71.74
N TYR A 957 -32.90 2.04 72.27
CA TYR A 957 -33.42 1.13 73.29
C TYR A 957 -34.84 0.74 72.91
N SER A 958 -35.22 -0.49 73.25
CA SER A 958 -36.52 -1.01 72.87
C SER A 958 -36.92 -2.11 73.84
N ARG A 959 -38.24 -2.34 73.95
CA ARG A 959 -38.78 -3.40 74.77
C ARG A 959 -39.79 -4.17 73.94
N VAL A 960 -39.67 -5.50 73.95
CA VAL A 960 -40.43 -6.37 73.06
C VAL A 960 -41.37 -7.22 73.91
N TYR A 961 -42.60 -7.38 73.42
CA TYR A 961 -43.58 -8.22 74.09
C TYR A 961 -43.27 -9.69 73.85
N VAL A 962 -43.47 -10.50 74.88
CA VAL A 962 -43.32 -11.95 74.75
C VAL A 962 -44.42 -12.62 75.55
N PRO A 963 -45.10 -13.62 74.99
CA PRO A 963 -46.18 -14.30 75.73
C PRO A 963 -45.65 -14.94 77.00
N THR A 964 -46.58 -15.47 77.80
CA THR A 964 -46.18 -16.02 79.08
C THR A 964 -45.19 -17.17 78.93
N THR A 965 -45.64 -18.31 78.40
CA THR A 965 -44.69 -19.39 78.19
C THR A 965 -44.32 -19.59 76.72
N ALA A 966 -45.27 -20.07 75.92
CA ALA A 966 -45.03 -20.24 74.49
C ALA A 966 -46.22 -19.75 73.67
N THR A 967 -47.43 -20.00 74.18
CA THR A 967 -48.66 -19.73 73.45
C THR A 967 -49.74 -19.14 74.35
N ALA A 968 -49.39 -18.75 75.57
CA ALA A 968 -50.38 -18.18 76.47
C ALA A 968 -50.90 -16.86 75.94
N THR A 969 -52.19 -16.60 76.20
CA THR A 969 -52.75 -15.31 75.85
C THR A 969 -52.08 -14.19 76.63
N THR A 970 -51.82 -14.41 77.91
CA THR A 970 -51.20 -13.39 78.75
C THR A 970 -49.72 -13.24 78.43
N GLY A 971 -49.19 -12.07 78.72
CA GLY A 971 -47.79 -11.80 78.46
C GLY A 971 -47.39 -10.44 79.01
N ASP A 972 -46.16 -10.05 78.70
CA ASP A 972 -45.65 -8.78 79.16
C ASP A 972 -44.52 -8.34 78.24
N PHE A 973 -44.22 -7.04 78.28
CA PHE A 973 -43.12 -6.46 77.51
C PHE A 973 -41.80 -6.69 78.24
N SER A 974 -41.52 -7.96 78.52
CA SER A 974 -40.34 -8.33 79.28
C SER A 974 -39.05 -8.27 78.48
N GLY A 975 -39.10 -8.50 77.18
CA GLY A 975 -37.89 -8.43 76.38
C GLY A 975 -37.30 -7.03 76.38
N SER A 976 -35.99 -6.95 76.21
CA SER A 976 -35.30 -5.66 76.21
C SER A 976 -34.11 -5.72 75.28
N VAL A 977 -33.97 -4.71 74.42
CA VAL A 977 -32.89 -4.62 73.46
C VAL A 977 -32.25 -3.25 73.60
N THR A 978 -30.93 -3.21 73.79
CA THR A 978 -30.17 -1.97 73.82
C THR A 978 -29.05 -2.09 72.79
N TYR A 979 -29.11 -1.27 71.74
CA TYR A 979 -28.16 -1.39 70.66
C TYR A 979 -27.51 -0.05 70.37
N GLY A 980 -26.33 -0.12 69.74
CA GLY A 980 -25.59 1.07 69.38
C GLY A 980 -24.61 0.81 68.25
N ASP A 981 -24.46 1.77 67.34
CA ASP A 981 -23.56 1.65 66.22
C ASP A 981 -22.85 2.98 66.00
N ALA A 982 -21.66 2.92 65.39
CA ALA A 982 -20.93 4.12 65.08
C ALA A 982 -20.03 3.88 63.87
N ARG A 983 -19.81 4.93 63.10
CA ARG A 983 -19.01 4.86 61.88
C ARG A 983 -18.45 6.25 61.58
N TYR A 984 -17.13 6.33 61.43
CA TYR A 984 -16.47 7.63 61.27
C TYR A 984 -15.27 7.43 60.36
N ASP A 985 -15.30 8.02 59.16
CA ASP A 985 -14.22 7.81 58.20
C ASP A 985 -13.04 8.73 58.49
N ARG A 986 -13.23 10.03 58.31
CA ARG A 986 -12.16 11.01 58.58
C ARG A 986 -10.94 10.76 57.71
N LYS A 987 -10.07 11.76 57.60
CA LYS A 987 -8.76 11.64 56.95
C LYS A 987 -7.82 12.61 57.66
N VAL A 988 -7.07 12.11 58.63
CA VAL A 988 -6.31 12.98 59.53
C VAL A 988 -5.28 13.78 58.76
N GLY A 989 -4.28 13.10 58.21
CA GLY A 989 -3.28 13.76 57.40
C GLY A 989 -3.19 13.20 56.00
N VAL A 990 -2.10 12.52 55.70
CA VAL A 990 -2.00 11.72 54.48
C VAL A 990 -2.67 10.36 54.67
N ALA A 991 -2.85 9.92 55.90
CA ALA A 991 -3.53 8.67 56.19
C ALA A 991 -5.04 8.82 56.04
N ASN A 992 -5.71 7.69 55.88
CA ASN A 992 -7.17 7.64 55.71
C ASN A 992 -7.72 6.66 56.75
N VAL A 993 -8.13 7.19 57.90
CA VAL A 993 -8.63 6.35 58.96
C VAL A 993 -10.07 5.93 58.67
N ARG A 994 -10.55 4.92 59.41
CA ARG A 994 -11.94 4.50 59.30
C ARG A 994 -12.28 3.68 60.54
N LEU A 995 -13.20 4.18 61.36
CA LEU A 995 -13.62 3.51 62.58
C LEU A 995 -15.05 3.02 62.44
N ALA A 996 -15.31 1.80 62.92
CA ALA A 996 -16.65 1.26 62.96
C ALA A 996 -16.84 0.52 64.28
N GLY A 997 -18.07 0.51 64.77
CA GLY A 997 -18.36 -0.12 66.05
C GLY A 997 -19.82 -0.49 66.15
N SER A 998 -20.07 -1.55 66.93
CA SER A 998 -21.43 -2.07 67.09
C SER A 998 -21.56 -2.71 68.46
N PHE A 999 -22.77 -2.68 68.99
CA PHE A 999 -23.07 -3.21 70.31
C PHE A 999 -24.50 -3.71 70.33
N SER A 1000 -24.80 -4.61 71.26
CA SER A 1000 -26.14 -5.15 71.39
C SER A 1000 -26.24 -5.93 72.70
N THR A 1001 -27.35 -5.73 73.41
CA THR A 1001 -27.59 -6.37 74.70
C THR A 1001 -28.98 -6.99 74.73
N THR A 1002 -29.30 -7.76 73.68
CA THR A 1002 -30.61 -8.38 73.59
C THR A 1002 -30.85 -9.33 74.75
N ASN A 1003 -32.12 -9.48 75.13
CA ASN A 1003 -32.53 -10.39 76.20
C ASN A 1003 -33.21 -11.64 75.69
N THR A 1004 -33.77 -11.61 74.48
CA THR A 1004 -34.48 -12.75 73.91
C THR A 1004 -33.98 -13.00 72.49
N GLN A 1005 -34.36 -14.16 71.95
CA GLN A 1005 -33.97 -14.53 70.59
C GLN A 1005 -34.98 -13.92 69.62
N LEU A 1006 -34.55 -12.90 68.87
CA LEU A 1006 -35.50 -12.08 68.13
C LEU A 1006 -35.91 -12.72 66.81
N ASP A 1007 -34.96 -12.84 65.87
CA ASP A 1007 -35.22 -13.53 64.60
C ASP A 1007 -34.35 -14.76 64.46
N SER A 1008 -33.03 -14.58 64.46
CA SER A 1008 -32.07 -15.66 64.56
C SER A 1008 -30.95 -15.34 65.52
N ARG A 1009 -30.81 -14.08 65.93
CA ARG A 1009 -29.78 -13.70 66.88
C ARG A 1009 -30.11 -14.30 68.25
N PRO A 1010 -29.19 -15.02 68.88
CA PRO A 1010 -29.45 -15.52 70.23
C PRO A 1010 -29.57 -14.40 71.24
N ALA A 1011 -29.83 -14.73 72.50
CA ALA A 1011 -30.02 -13.75 73.56
C ALA A 1011 -28.70 -13.60 74.29
N GLY A 1012 -28.05 -12.46 74.13
CA GLY A 1012 -26.80 -12.21 74.81
C GLY A 1012 -26.16 -10.93 74.32
N THR A 1013 -25.08 -10.55 74.99
CA THR A 1013 -24.34 -9.35 74.62
C THR A 1013 -23.51 -9.62 73.38
N ARG A 1014 -23.34 -8.59 72.56
CA ARG A 1014 -22.65 -8.73 71.27
C ARG A 1014 -22.00 -7.40 70.94
N GLY A 1015 -20.67 -7.39 70.88
CA GLY A 1015 -19.94 -6.17 70.56
C GLY A 1015 -18.91 -6.36 69.47
N ALA A 1016 -18.49 -5.28 68.84
CA ALA A 1016 -17.50 -5.37 67.77
C ALA A 1016 -16.93 -3.99 67.49
N VAL A 1017 -15.64 -3.95 67.15
CA VAL A 1017 -14.98 -2.69 66.83
C VAL A 1017 -13.94 -2.96 65.75
N GLY A 1018 -13.73 -1.97 64.89
CA GLY A 1018 -12.80 -2.11 63.79
C GLY A 1018 -12.19 -0.82 63.30
N LEU A 1019 -10.90 -0.85 62.98
CA LEU A 1019 -10.14 0.30 62.55
C LEU A 1019 -9.34 -0.05 61.30
N ILE A 1020 -9.39 0.83 60.30
CA ILE A 1020 -8.67 0.63 59.04
C ILE A 1020 -7.93 1.92 58.71
N VAL A 1021 -6.62 1.81 58.50
CA VAL A 1021 -5.76 2.94 58.18
C VAL A 1021 -5.06 2.65 56.85
N ARG A 1022 -4.99 3.66 55.98
CA ARG A 1022 -4.36 3.51 54.67
C ARG A 1022 -3.64 4.81 54.34
N THR A 1023 -2.34 4.86 54.63
CA THR A 1023 -1.53 6.03 54.35
C THR A 1023 -1.14 6.07 52.88
N ASP A 1024 -1.20 7.27 52.30
CA ASP A 1024 -0.71 7.48 50.95
C ASP A 1024 0.81 7.64 50.96
N PRO A 1025 1.45 7.46 49.80
CA PRO A 1025 2.92 7.48 49.78
C PRO A 1025 3.47 8.76 50.39
N LEU A 1026 4.50 8.60 51.23
CA LEU A 1026 5.17 9.73 51.86
C LEU A 1026 6.31 10.19 50.97
N GLU A 1027 6.27 11.44 50.53
CA GLU A 1027 7.27 12.00 49.64
C GLU A 1027 8.33 12.81 50.39
N ASN A 1028 8.30 12.79 51.73
CA ASN A 1028 9.29 13.46 52.54
C ASN A 1028 10.31 12.47 53.09
N VAL A 1029 9.84 11.39 53.73
CA VAL A 1029 10.75 10.37 54.25
C VAL A 1029 11.32 9.58 53.07
N PRO A 1030 12.56 9.09 53.17
CA PRO A 1030 13.14 8.32 52.05
C PRO A 1030 12.40 7.01 51.84
N PHE A 1031 12.56 6.47 50.62
CA PHE A 1031 11.93 5.25 50.15
C PHE A 1031 10.47 5.44 49.78
N ARG A 1032 9.87 6.60 50.03
CA ARG A 1032 8.48 6.87 49.75
C ARG A 1032 7.58 5.76 50.32
N PRO A 1033 7.67 5.50 51.62
CA PRO A 1033 6.89 4.40 52.21
C PRO A 1033 5.40 4.70 52.15
N GLN A 1034 4.61 3.61 52.11
CA GLN A 1034 3.16 3.68 52.01
C GLN A 1034 2.60 2.59 52.90
N PHE A 1035 2.07 2.97 54.05
CA PHE A 1035 1.67 2.03 55.08
C PHE A 1035 0.21 1.65 54.95
N ASN A 1036 -0.15 0.56 55.63
CA ASN A 1036 -1.54 0.11 55.73
C ASN A 1036 -1.79 -0.28 57.18
N GLY A 1037 -2.93 -0.90 57.44
CA GLY A 1037 -3.27 -1.31 58.78
C GLY A 1037 -4.70 -1.80 58.87
N GLN A 1038 -4.97 -2.65 59.86
CA GLN A 1038 -6.30 -3.19 60.04
C GLN A 1038 -6.40 -3.89 61.38
N VAL A 1039 -7.41 -3.55 62.17
CA VAL A 1039 -7.64 -4.21 63.45
C VAL A 1039 -9.14 -4.42 63.62
N GLY A 1040 -9.51 -5.56 64.15
CA GLY A 1040 -10.91 -5.84 64.40
C GLY A 1040 -11.10 -6.82 65.53
N TYR A 1041 -11.94 -6.45 66.50
CA TYR A 1041 -12.28 -7.32 67.61
C TYR A 1041 -13.79 -7.57 67.61
N TYR A 1042 -14.17 -8.81 67.90
CA TYR A 1042 -15.57 -9.20 67.94
C TYR A 1042 -15.80 -10.08 69.15
N THR A 1043 -16.88 -9.79 69.89
CA THR A 1043 -17.25 -10.58 71.06
C THR A 1043 -18.74 -10.85 71.02
N ALA A 1044 -19.13 -12.00 71.56
CA ALA A 1044 -20.54 -12.39 71.60
C ALA A 1044 -20.73 -13.45 72.67
N ASP A 1045 -21.69 -13.22 73.56
CA ASP A 1045 -22.06 -14.16 74.62
C ASP A 1045 -23.40 -14.76 74.23
N ASN A 1046 -23.36 -15.84 73.45
CA ASN A 1046 -24.57 -16.47 72.96
C ASN A 1046 -25.15 -17.36 74.06
N ARG A 1047 -26.29 -16.94 74.61
CA ARG A 1047 -27.01 -17.70 75.63
C ARG A 1047 -28.15 -18.45 74.96
N VAL A 1048 -27.79 -19.58 74.35
CA VAL A 1048 -28.75 -20.40 73.64
C VAL A 1048 -29.25 -21.50 74.58
N ALA A 1049 -30.39 -22.09 74.26
CA ALA A 1049 -30.99 -23.10 75.13
C ALA A 1049 -30.09 -24.31 75.34
N ALA A 1050 -28.95 -24.38 74.66
CA ALA A 1050 -28.03 -25.51 74.80
C ALA A 1050 -26.67 -25.09 75.34
N GLY A 1051 -26.48 -23.82 75.67
CA GLY A 1051 -25.19 -23.38 76.20
C GLY A 1051 -25.20 -21.88 76.42
N ASN A 1052 -24.09 -21.42 76.99
CA ASN A 1052 -23.85 -20.00 77.27
C ASN A 1052 -22.48 -19.60 76.73
N TYR A 1053 -22.25 -19.91 75.46
CA TYR A 1053 -20.88 -19.92 74.95
C TYR A 1053 -20.48 -18.55 74.42
N ASN A 1054 -19.18 -18.27 74.54
CA ASN A 1054 -18.60 -17.03 74.04
C ASN A 1054 -17.91 -17.30 72.71
N ALA A 1055 -18.22 -16.46 71.71
CA ALA A 1055 -17.67 -16.58 70.37
C ALA A 1055 -17.03 -15.25 70.00
N ASN A 1056 -15.71 -15.17 70.07
CA ASN A 1056 -14.98 -13.94 69.78
C ASN A 1056 -13.99 -14.18 68.65
N ALA A 1057 -13.58 -13.09 68.02
CA ALA A 1057 -12.63 -13.14 66.92
C ALA A 1057 -11.75 -11.90 66.97
N THR A 1058 -10.54 -12.03 66.43
CA THR A 1058 -9.59 -10.93 66.37
C THR A 1058 -8.83 -11.01 65.07
N LYS A 1059 -8.98 -10.01 64.22
CA LYS A 1059 -8.28 -9.94 62.94
C LYS A 1059 -7.34 -8.75 62.95
N TYR A 1060 -6.16 -8.93 62.38
CA TYR A 1060 -5.18 -7.86 62.27
C TYR A 1060 -4.39 -8.01 60.99
N GLY A 1061 -3.85 -6.89 60.52
CA GLY A 1061 -3.03 -6.91 59.32
C GLY A 1061 -2.32 -5.59 59.09
N ALA A 1062 -1.01 -5.66 58.86
CA ALA A 1062 -0.19 -4.48 58.60
C ALA A 1062 0.68 -4.75 57.38
N GLY A 1063 1.09 -3.67 56.72
CA GLY A 1063 1.92 -3.80 55.54
C GLY A 1063 2.48 -2.48 55.07
N VAL A 1064 3.74 -2.47 54.66
CA VAL A 1064 4.43 -1.27 54.20
C VAL A 1064 4.98 -1.54 52.82
N VAL A 1065 4.82 -0.57 51.91
CA VAL A 1065 5.33 -0.65 50.55
C VAL A 1065 6.36 0.45 50.37
N LEU A 1066 7.56 0.06 49.95
CA LEU A 1066 8.62 1.01 49.62
C LEU A 1066 8.61 1.23 48.12
N ASN A 1067 8.21 2.41 47.68
CA ASN A 1067 8.07 2.69 46.25
C ASN A 1067 9.39 3.06 45.59
N ASP A 1068 10.42 3.39 46.37
CA ASP A 1068 11.74 3.73 45.85
C ASP A 1068 12.75 2.95 46.68
N PHE A 1069 13.30 1.88 46.10
CA PHE A 1069 14.19 0.97 46.83
C PHE A 1069 15.50 0.84 46.05
N LEU A 1070 16.53 1.57 46.50
CA LEU A 1070 17.87 1.43 45.94
C LEU A 1070 17.89 1.69 44.44
N LEU A 1071 17.88 0.62 43.64
CA LEU A 1071 17.98 0.77 42.21
C LEU A 1071 16.70 1.38 41.63
N PRO A 1072 16.79 2.04 40.48
CA PRO A 1072 15.60 2.69 39.90
C PRO A 1072 14.54 1.67 39.52
N GLN A 1073 13.28 2.07 39.68
CA GLN A 1073 12.13 1.23 39.35
C GLN A 1073 12.20 -0.11 40.11
N THR A 1074 12.59 -0.04 41.37
CA THR A 1074 12.67 -1.21 42.24
C THR A 1074 11.74 -0.99 43.42
N LYS A 1075 10.87 -1.97 43.69
CA LYS A 1075 9.86 -1.87 44.73
C LYS A 1075 9.93 -3.09 45.63
N ILE A 1076 9.62 -2.88 46.91
CA ILE A 1076 9.53 -3.94 47.89
C ILE A 1076 8.25 -3.75 48.68
N GLY A 1077 7.71 -4.86 49.17
CA GLY A 1077 6.47 -4.81 49.94
C GLY A 1077 6.28 -6.04 50.81
N VAL A 1078 5.80 -5.84 52.03
CA VAL A 1078 5.58 -6.94 52.97
C VAL A 1078 4.26 -6.70 53.68
N ARG A 1079 3.49 -7.77 53.87
CA ARG A 1079 2.21 -7.70 54.57
C ARG A 1079 2.06 -8.91 55.47
N TYR A 1080 1.78 -8.67 56.74
CA TYR A 1080 1.54 -9.73 57.71
C TYR A 1080 0.09 -9.68 58.15
N ASP A 1081 -0.59 -10.83 58.05
CA ASP A 1081 -2.01 -10.92 58.38
C ASP A 1081 -2.24 -12.02 59.40
N GLY A 1082 -3.26 -11.84 60.22
CA GLY A 1082 -3.61 -12.80 61.24
C GLY A 1082 -5.06 -12.76 61.63
N TYR A 1083 -5.61 -13.92 62.02
CA TYR A 1083 -7.01 -14.07 62.35
C TYR A 1083 -7.14 -15.18 63.38
N MET A 1084 -7.51 -14.81 64.60
CA MET A 1084 -7.79 -15.77 65.67
C MET A 1084 -9.28 -15.81 65.93
N ALA A 1085 -9.79 -16.99 66.25
CA ALA A 1085 -11.23 -17.15 66.43
C ALA A 1085 -11.52 -18.20 67.49
N GLN A 1086 -12.38 -17.85 68.44
CA GLN A 1086 -13.03 -18.79 69.33
C GLN A 1086 -14.20 -19.42 68.56
N ASN A 1087 -15.21 -19.90 69.25
CA ASN A 1087 -16.17 -20.83 68.64
C ASN A 1087 -16.92 -20.09 67.53
N ARG A 1088 -16.23 -19.93 66.40
CA ARG A 1088 -16.79 -19.39 65.18
C ARG A 1088 -16.49 -20.35 64.04
N GLN A 1089 -17.19 -20.16 62.92
CA GLN A 1089 -17.08 -21.06 61.78
C GLN A 1089 -17.35 -20.30 60.49
N TYR A 1090 -17.02 -20.93 59.37
CA TYR A 1090 -17.32 -20.40 58.05
C TYR A 1090 -18.21 -21.39 57.30
N THR A 1091 -19.30 -20.88 56.72
CA THR A 1091 -20.20 -21.68 55.92
C THR A 1091 -20.00 -21.33 54.45
N PRO A 1092 -19.49 -22.23 53.62
CA PRO A 1092 -19.21 -21.89 52.22
C PRO A 1092 -20.47 -21.61 51.41
N PHE A 1093 -20.28 -21.22 50.16
CA PHE A 1093 -21.40 -20.98 49.27
C PHE A 1093 -22.19 -22.26 49.04
N ASP A 1094 -23.50 -22.12 48.88
CA ASP A 1094 -24.39 -23.27 48.76
C ASP A 1094 -24.58 -23.74 47.32
N GLY A 1095 -23.86 -23.16 46.37
CA GLY A 1095 -24.05 -23.49 44.97
C GLY A 1095 -25.16 -22.71 44.30
N ASP A 1096 -25.99 -22.03 45.06
CA ASP A 1096 -27.01 -21.13 44.58
C ASP A 1096 -26.52 -19.70 44.74
N GLY A 1097 -27.40 -18.73 44.52
CA GLY A 1097 -27.00 -17.33 44.65
C GLY A 1097 -26.42 -16.98 46.00
N THR A 1098 -26.73 -17.76 47.04
CA THR A 1098 -26.26 -17.45 48.38
C THR A 1098 -24.76 -17.65 48.48
N GLN A 1099 -24.10 -16.75 49.22
CA GLN A 1099 -22.66 -16.79 49.42
C GLN A 1099 -22.34 -17.36 50.80
N GLY A 1100 -21.05 -17.61 51.04
CA GLY A 1100 -20.61 -18.07 52.33
C GLY A 1100 -20.49 -16.95 53.34
N TYR A 1101 -20.44 -17.31 54.61
CA TYR A 1101 -20.43 -16.30 55.66
C TYR A 1101 -19.79 -16.88 56.92
N PHE A 1102 -19.23 -16.00 57.74
CA PHE A 1102 -18.72 -16.38 59.04
C PHE A 1102 -19.83 -16.24 60.07
N SER A 1103 -19.97 -17.27 60.92
CA SER A 1103 -21.03 -17.31 61.91
C SER A 1103 -20.47 -17.85 63.22
N ASP A 1104 -21.31 -17.86 64.24
CA ASP A 1104 -20.96 -18.42 65.55
C ASP A 1104 -21.47 -19.85 65.64
N ALA A 1105 -20.59 -20.75 66.07
CA ALA A 1105 -20.94 -22.13 66.34
C ALA A 1105 -20.34 -22.51 67.69
N ASN A 1106 -20.91 -23.53 68.32
CA ASN A 1106 -20.45 -23.96 69.63
C ASN A 1106 -19.30 -24.94 69.55
N ASN A 1107 -18.72 -25.14 68.37
CA ASN A 1107 -17.55 -25.97 68.22
C ASN A 1107 -16.46 -25.50 69.18
N ASN A 1108 -16.07 -26.34 70.12
CA ASN A 1108 -15.05 -25.94 71.08
C ASN A 1108 -13.69 -25.94 70.40
N ARG A 1109 -13.48 -25.00 69.47
CA ARG A 1109 -12.26 -24.95 68.70
C ARG A 1109 -11.81 -23.52 68.49
N ARG A 1110 -10.50 -23.34 68.47
CA ARG A 1110 -9.85 -22.04 68.33
C ARG A 1110 -9.00 -22.09 67.07
N THR A 1111 -9.28 -21.21 66.11
CA THR A 1111 -8.53 -21.14 64.87
C THR A 1111 -7.52 -20.00 64.93
N ASN A 1112 -6.37 -20.21 64.30
CA ASN A 1112 -5.23 -19.29 64.42
C ASN A 1112 -4.59 -19.04 63.06
N LEU A 1113 -5.38 -18.67 62.06
CA LEU A 1113 -4.83 -18.44 60.73
C LEU A 1113 -3.82 -17.29 60.76
N ASN A 1114 -2.66 -17.50 60.16
CA ASN A 1114 -1.58 -16.51 60.15
C ASN A 1114 -0.87 -16.57 58.81
N GLY A 1115 -0.23 -15.48 58.44
CA GLY A 1115 0.57 -15.50 57.22
C GLY A 1115 1.39 -14.24 56.98
N VAL A 1116 2.45 -14.41 56.19
CA VAL A 1116 3.29 -13.30 55.76
C VAL A 1116 3.48 -13.40 54.25
N TYR A 1117 3.43 -12.24 53.59
CA TYR A 1117 3.43 -12.15 52.13
C TYR A 1117 4.39 -11.04 51.72
N VAL A 1118 5.49 -11.40 51.07
CA VAL A 1118 6.52 -10.46 50.66
C VAL A 1118 6.52 -10.37 49.15
N GLU A 1119 6.31 -9.18 48.61
CA GLU A 1119 6.30 -8.97 47.17
C GLU A 1119 7.31 -7.89 46.81
N GLY A 1120 8.38 -8.29 46.13
CA GLY A 1120 9.34 -7.34 45.61
C GLY A 1120 9.25 -7.25 44.11
N ALA A 1121 9.79 -6.18 43.53
CA ALA A 1121 9.74 -6.02 42.09
C ALA A 1121 10.97 -5.28 41.60
N TYR A 1122 11.65 -5.86 40.63
CA TYR A 1122 12.61 -5.15 39.81
C TYR A 1122 11.80 -4.40 38.74
N GLN A 1123 12.46 -3.89 37.70
CA GLN A 1123 11.79 -3.05 36.71
C GLN A 1123 10.35 -3.50 36.44
N ASP A 1124 10.18 -4.71 35.92
CA ASP A 1124 8.84 -5.26 35.72
C ASP A 1124 8.76 -6.74 36.07
N LEU A 1125 9.78 -7.29 36.72
CA LEU A 1125 9.78 -8.68 37.15
C LEU A 1125 9.37 -8.74 38.62
N ILE A 1126 8.33 -9.50 38.93
CA ILE A 1126 7.72 -9.49 40.25
C ILE A 1126 8.04 -10.79 40.95
N PHE A 1127 8.67 -10.70 42.12
CA PHE A 1127 8.93 -11.84 42.99
C PHE A 1127 7.92 -11.83 44.12
N SER A 1128 7.09 -12.87 44.19
CA SER A 1128 6.08 -13.00 45.23
C SER A 1128 6.38 -14.21 46.07
N TYR A 1129 6.40 -14.04 47.39
CA TYR A 1129 6.66 -15.12 48.32
C TYR A 1129 5.61 -15.08 49.41
N GLY A 1130 5.13 -16.24 49.83
CA GLY A 1130 4.10 -16.28 50.85
C GLY A 1130 4.15 -17.52 51.71
N THR A 1131 4.15 -17.34 53.03
CA THR A 1131 4.11 -18.45 53.97
C THR A 1131 2.97 -18.25 54.94
N TYR A 1132 2.08 -19.24 55.03
CA TYR A 1132 0.89 -19.16 55.86
C TYR A 1132 0.74 -20.44 56.66
N THR A 1133 0.08 -20.32 57.80
CA THR A 1133 -0.15 -21.45 58.70
C THR A 1133 -1.55 -21.37 59.30
N LEU A 1134 -2.25 -22.49 59.29
CA LEU A 1134 -3.59 -22.58 59.84
C LEU A 1134 -3.63 -23.70 60.88
N SER A 1135 -3.91 -23.33 62.13
CA SER A 1135 -3.98 -24.29 63.23
C SER A 1135 -5.32 -24.13 63.93
N GLN A 1136 -6.05 -25.24 64.07
CA GLN A 1136 -7.33 -25.27 64.76
C GLN A 1136 -7.21 -26.23 65.94
N LYS A 1137 -7.07 -25.67 67.13
CA LYS A 1137 -6.99 -26.47 68.34
C LYS A 1137 -8.36 -26.62 68.96
N ASP A 1138 -8.46 -27.54 69.93
CA ASP A 1138 -9.65 -27.64 70.75
C ASP A 1138 -9.33 -27.10 72.14
N LEU A 1139 -10.28 -27.23 73.07
CA LEU A 1139 -10.05 -26.72 74.42
C LEU A 1139 -8.83 -27.40 75.04
N ASN A 1140 -8.69 -28.70 74.84
CA ASN A 1140 -7.51 -29.40 75.36
C ASN A 1140 -6.23 -28.92 74.67
N GLY A 1141 -6.29 -28.68 73.37
CA GLY A 1141 -5.12 -28.29 72.62
C GLY A 1141 -4.61 -29.39 71.72
N VAL A 1142 -5.53 -30.11 71.06
CA VAL A 1142 -5.13 -31.26 70.26
C VAL A 1142 -4.59 -30.89 68.89
N GLU A 1143 -4.84 -29.68 68.41
CA GLU A 1143 -4.27 -29.20 67.15
C GLU A 1143 -4.67 -30.10 65.98
N TYR A 1144 -5.98 -30.07 65.69
CA TYR A 1144 -6.55 -30.91 64.64
C TYR A 1144 -6.14 -30.48 63.24
N GLY A 1145 -5.53 -29.32 63.06
CA GLY A 1145 -5.10 -28.92 61.74
C GLY A 1145 -4.16 -29.94 61.13
N SER A 1146 -4.15 -30.02 59.80
CA SER A 1146 -3.38 -31.05 59.12
C SER A 1146 -3.83 -32.44 59.59
N GLY A 1147 -5.06 -32.78 59.20
CA GLY A 1147 -5.85 -33.77 59.89
C GLY A 1147 -5.38 -35.21 59.79
N ILE A 1148 -4.08 -35.41 59.56
CA ILE A 1148 -3.51 -36.74 59.68
C ILE A 1148 -3.28 -37.05 61.16
N ASN A 1149 -3.66 -36.12 62.03
CA ASN A 1149 -3.65 -36.32 63.47
C ASN A 1149 -2.23 -36.55 63.99
N ASN A 1150 -1.34 -35.63 63.66
CA ASN A 1150 0.04 -35.65 64.14
C ASN A 1150 0.38 -34.40 64.94
N GLY A 1151 -0.62 -33.63 65.34
CA GLY A 1151 -0.37 -32.43 66.13
C GLY A 1151 0.41 -31.35 65.44
N GLN A 1152 0.21 -31.18 64.13
CA GLN A 1152 0.89 -30.15 63.36
C GLN A 1152 -0.11 -29.30 62.62
N PRO A 1153 0.10 -27.99 62.53
CA PRO A 1153 -0.80 -27.14 61.76
C PRO A 1153 -0.67 -27.40 60.27
N ALA A 1154 -1.71 -26.99 59.53
CA ALA A 1154 -1.60 -26.96 58.09
C ALA A 1154 -0.72 -25.80 57.67
N ARG A 1155 0.11 -26.02 56.65
CA ARG A 1155 1.06 -25.01 56.23
C ARG A 1155 1.02 -24.86 54.72
N GLY A 1156 1.24 -23.64 54.26
CA GLY A 1156 1.28 -23.36 52.84
C GLY A 1156 2.38 -22.39 52.49
N GLN A 1157 3.12 -22.67 51.42
CA GLN A 1157 4.20 -21.81 50.98
C GLN A 1157 4.15 -21.70 49.47
N THR A 1158 4.40 -20.50 48.97
CA THR A 1158 4.37 -20.26 47.53
C THR A 1158 5.47 -19.27 47.15
N PHE A 1159 6.06 -19.49 45.97
CA PHE A 1159 7.02 -18.57 45.39
C PHE A 1159 6.74 -18.45 43.90
N LYS A 1160 6.59 -17.23 43.42
CA LYS A 1160 6.29 -16.96 42.02
C LYS A 1160 7.22 -15.88 41.50
N ILE A 1161 7.61 -16.03 40.23
CA ILE A 1161 8.27 -14.98 39.47
C ILE A 1161 7.39 -14.69 38.26
N SER A 1162 6.90 -13.47 38.16
CA SER A 1162 5.96 -13.07 37.13
C SER A 1162 6.58 -12.01 36.24
N TYR A 1163 6.29 -12.11 34.94
CA TYR A 1163 6.86 -11.21 33.95
C TYR A 1163 5.88 -11.11 32.79
N LYS A 1164 5.23 -9.97 32.64
CA LYS A 1164 4.29 -9.73 31.56
C LYS A 1164 5.00 -9.10 30.38
N VAL A 1165 4.86 -9.70 29.21
CA VAL A 1165 5.51 -9.24 28.00
C VAL A 1165 4.49 -9.14 26.88
N ASN A 1166 4.67 -8.14 26.02
CA ASN A 1166 3.76 -7.89 24.90
C ASN A 1166 4.57 -7.78 23.61
N PHE A 1167 3.94 -8.17 22.51
CA PHE A 1167 4.57 -8.09 21.21
C PHE A 1167 4.35 -6.72 20.58
N VAL B 50 62.55 242.81 -106.92
CA VAL B 50 62.50 242.21 -108.27
C VAL B 50 61.30 241.26 -108.36
N SER B 51 61.26 240.25 -107.49
CA SER B 51 60.16 239.26 -107.51
C SER B 51 60.01 238.63 -106.11
N ARG B 52 58.98 239.03 -105.36
CA ARG B 52 58.72 238.42 -104.05
C ARG B 52 58.84 236.90 -104.15
N GLY B 53 58.67 236.36 -105.37
CA GLY B 53 58.76 234.90 -105.59
C GLY B 53 58.01 234.18 -104.47
N VAL B 54 58.74 233.61 -103.49
CA VAL B 54 58.12 232.91 -102.34
C VAL B 54 57.44 231.64 -102.84
N ILE B 55 58.01 230.47 -102.54
CA ILE B 55 57.45 229.19 -103.06
C ILE B 55 57.31 228.19 -101.90
N LEU B 56 58.38 228.01 -101.12
CA LEU B 56 58.31 227.10 -99.95
C LEU B 56 58.24 227.94 -98.67
N GLY B 57 57.48 227.47 -97.67
CA GLY B 57 57.29 228.28 -96.45
C GLY B 57 57.09 229.75 -96.87
N TYR B 58 56.61 229.97 -98.09
CA TYR B 58 56.42 231.34 -98.62
C TYR B 58 55.67 231.21 -99.96
N PRO B 59 54.88 232.21 -100.33
CA PRO B 59 54.07 232.09 -101.56
C PRO B 59 53.77 233.48 -102.14
N ASP B 60 53.32 233.53 -103.39
CA ASP B 60 53.00 234.83 -104.04
C ASP B 60 52.19 234.56 -105.32
N GLY B 61 51.67 235.61 -105.94
CA GLY B 61 50.90 235.46 -107.20
C GLY B 61 50.87 236.80 -107.93
N THR B 62 49.95 237.69 -107.55
CA THR B 62 49.85 239.03 -108.18
C THR B 62 48.92 239.92 -107.35
N PHE B 63 49.19 241.22 -107.30
CA PHE B 63 48.36 242.14 -106.49
C PHE B 63 48.49 243.58 -107.02
N ARG B 64 47.54 244.45 -106.68
CA ARG B 64 47.57 245.86 -107.14
C ARG B 64 46.49 246.66 -106.41
N GLY B 65 45.54 247.24 -107.16
CA GLY B 65 44.47 248.06 -106.55
C GLY B 65 43.87 247.33 -105.34
N THR B 66 43.70 248.03 -104.22
CA THR B 66 43.17 247.41 -102.99
C THR B 66 41.95 246.54 -103.32
N GLN B 67 40.83 247.16 -103.70
CA GLN B 67 39.59 246.40 -103.95
C GLN B 67 39.54 245.18 -103.02
N ASN B 68 39.65 243.97 -103.57
CA ASN B 68 39.55 242.75 -102.75
C ASN B 68 40.34 241.61 -103.40
N LEU B 69 39.96 240.35 -103.11
CA LEU B 69 40.68 239.18 -103.65
C LEU B 69 39.92 237.89 -103.31
N THR B 70 40.07 236.85 -104.14
CA THR B 70 39.39 235.57 -103.88
C THR B 70 39.82 235.03 -102.51
N ARG B 71 38.85 234.64 -101.68
CA ARG B 71 39.17 234.13 -100.32
C ARG B 71 40.32 234.96 -99.74
N TYR B 72 40.28 236.29 -99.94
CA TYR B 72 41.36 237.17 -99.46
C TYR B 72 40.83 238.59 -99.29
N GLU B 73 39.99 239.04 -100.22
CA GLU B 73 39.39 240.39 -100.12
C GLU B 73 40.46 241.44 -99.79
N ALA B 74 40.10 242.43 -98.96
CA ALA B 74 41.09 243.43 -98.52
C ALA B 74 41.62 243.03 -97.14
N ALA B 75 41.25 243.76 -96.08
CA ALA B 75 41.67 243.42 -94.71
C ALA B 75 43.19 243.36 -94.63
N ILE B 76 43.85 244.48 -94.31
CA ILE B 76 45.32 244.51 -94.19
C ILE B 76 45.85 243.10 -93.91
N ILE B 77 45.36 242.46 -92.84
CA ILE B 77 45.76 241.07 -92.49
C ILE B 77 46.74 240.54 -93.54
N ILE B 78 48.02 240.87 -93.42
CA ILE B 78 49.04 240.42 -94.39
C ILE B 78 49.04 238.89 -94.45
N ALA B 79 49.91 238.23 -93.68
CA ALA B 79 49.87 236.76 -93.62
C ALA B 79 48.54 236.38 -92.97
N ARG B 80 48.09 237.16 -91.99
CA ARG B 80 46.81 236.88 -91.30
C ARG B 80 45.73 236.55 -92.34
N LEU B 81 45.74 237.24 -93.48
CA LEU B 81 44.77 236.92 -94.56
C LEU B 81 44.57 235.41 -94.61
N LEU B 82 45.62 234.64 -94.34
CA LEU B 82 45.48 233.16 -94.27
C LEU B 82 45.90 232.73 -92.87
N ASP B 83 47.08 233.18 -92.42
CA ASP B 83 47.59 232.81 -91.08
C ASP B 83 46.45 232.72 -90.07
N GLN B 84 45.52 233.67 -90.09
CA GLN B 84 44.36 233.62 -89.18
C GLN B 84 43.61 232.30 -89.39
N MET B 85 42.80 232.22 -90.45
CA MET B 85 42.08 230.96 -90.76
C MET B 85 43.05 229.79 -90.56
N ARG B 86 44.32 229.98 -90.94
CA ARG B 86 45.32 228.91 -90.74
C ARG B 86 45.35 228.54 -89.25
N ASP B 87 45.99 229.36 -88.41
CA ASP B 87 46.01 229.10 -86.96
C ASP B 87 44.64 228.55 -86.53
N GLY B 88 43.57 229.25 -86.91
CA GLY B 88 42.20 228.77 -86.59
C GLY B 88 42.16 227.26 -86.87
N GLU B 89 42.35 226.87 -88.13
CA GLU B 89 42.37 225.44 -88.48
C GLU B 89 43.52 224.75 -87.73
N THR B 90 44.71 225.36 -87.72
CA THR B 90 45.88 224.75 -87.06
C THR B 90 45.51 224.25 -85.66
N PRO B 91 44.57 224.94 -85.01
CA PRO B 91 44.15 224.57 -83.64
C PRO B 91 43.51 223.18 -83.64
N ALA B 92 43.28 222.59 -84.82
CA ALA B 92 42.72 221.23 -84.90
C ALA B 92 43.49 220.31 -83.95
N GLY B 93 44.71 219.92 -84.34
CA GLY B 93 45.55 219.11 -83.43
C GLY B 93 45.39 219.64 -82.01
N MET B 94 45.67 220.94 -81.81
CA MET B 94 45.53 221.54 -80.47
C MET B 94 44.22 221.07 -79.82
N THR B 95 43.10 221.26 -80.50
CA THR B 95 41.79 220.82 -79.97
C THR B 95 41.90 219.39 -79.48
N ALA B 96 42.01 218.44 -80.41
CA ALA B 96 42.17 217.02 -80.02
C ALA B 96 43.15 216.94 -78.85
N GLU B 97 44.33 217.56 -79.00
CA GLU B 97 45.35 217.52 -77.94
C GLU B 97 44.70 217.82 -76.58
N ASP B 98 44.14 219.02 -76.39
CA ASP B 98 43.63 219.29 -75.05
C ASP B 98 42.75 218.17 -74.57
N MET B 99 41.89 217.65 -75.47
CA MET B 99 41.02 216.54 -75.09
C MET B 99 41.83 215.30 -74.75
N THR B 100 42.73 214.95 -75.67
CA THR B 100 43.61 213.79 -75.40
C THR B 100 44.14 214.00 -73.99
N ALA B 101 44.53 215.24 -73.68
CA ALA B 101 44.97 215.56 -72.32
C ALA B 101 43.74 215.45 -71.42
N LEU B 102 42.92 216.49 -71.39
CA LEU B 102 41.76 216.50 -70.47
C LEU B 102 42.28 215.98 -69.12
N GLN B 103 43.41 216.53 -68.66
CA GLN B 103 44.03 216.04 -67.41
C GLN B 103 44.08 214.51 -67.47
N ASN B 104 43.49 213.83 -66.49
CA ASN B 104 43.43 212.34 -66.49
C ASN B 104 44.83 211.75 -66.72
N ALA B 105 45.87 212.59 -66.67
CA ALA B 105 47.25 212.08 -66.82
C ALA B 105 47.36 210.78 -66.02
N ILE B 106 47.94 209.73 -66.62
CA ILE B 106 48.13 208.48 -65.86
C ILE B 106 46.78 207.79 -65.67
N GLN B 107 45.84 208.49 -65.01
CA GLN B 107 44.48 207.93 -64.79
C GLN B 107 43.97 207.35 -66.11
N GLU B 108 43.88 208.17 -67.15
CA GLU B 108 43.42 207.70 -68.48
C GLU B 108 44.14 206.39 -68.83
N LEU B 109 45.47 206.45 -68.94
CA LEU B 109 46.27 205.23 -69.24
C LEU B 109 45.78 204.08 -68.36
N ALA B 110 45.88 204.24 -67.04
CA ALA B 110 45.41 203.20 -66.10
C ALA B 110 44.04 202.69 -66.55
N ALA B 111 43.04 203.58 -66.56
CA ALA B 111 41.68 203.20 -67.01
C ALA B 111 41.78 202.34 -68.27
N ASP B 112 42.32 202.91 -69.36
CA ASP B 112 42.47 202.16 -70.62
C ASP B 112 43.04 200.77 -70.32
N LEU B 113 44.27 200.70 -69.81
CA LEU B 113 44.89 199.41 -69.47
C LEU B 113 43.87 198.54 -68.72
N ALA B 114 43.42 199.01 -67.55
CA ALA B 114 42.40 198.25 -66.76
C ALA B 114 41.32 197.74 -67.70
N ALA B 115 40.56 198.65 -68.32
CA ALA B 115 39.48 198.27 -69.27
C ALA B 115 39.98 197.12 -70.15
N LEU B 116 41.30 196.98 -70.31
CA LEU B 116 41.85 195.89 -71.11
C LEU B 116 41.52 194.53 -70.51
N GLY B 117 41.37 193.52 -71.38
CA GLY B 117 41.02 192.16 -70.90
C GLY B 117 41.37 191.14 -71.99
N VAL B 118 40.29 190.61 -72.42
CA VAL B 118 40.38 189.62 -73.43
C VAL B 118 38.92 189.84 -73.83
N ARG B 119 38.33 190.97 -73.40
CA ARG B 119 36.93 191.31 -73.71
C ARG B 119 36.57 190.91 -75.12
N VAL B 120 36.07 189.71 -75.37
CA VAL B 120 35.88 189.29 -76.77
C VAL B 120 35.81 187.80 -76.79
N SER B 121 36.26 187.20 -77.91
CA SER B 121 36.00 185.77 -77.79
C SER B 121 36.29 184.65 -78.76
N ASP B 122 37.52 184.31 -79.03
CA ASP B 122 37.70 182.94 -79.51
C ASP B 122 37.37 182.55 -78.15
N LEU B 123 37.87 183.41 -77.32
CA LEU B 123 37.41 183.65 -76.00
C LEU B 123 35.91 183.58 -76.02
N GLU B 124 35.36 183.17 -74.92
CA GLU B 124 33.96 182.76 -74.80
C GLU B 124 34.01 181.46 -75.47
N ALA B 125 33.91 181.79 -76.72
CA ALA B 125 34.21 180.74 -77.57
C ALA B 125 35.28 180.32 -76.69
N ASN B 126 35.90 181.43 -76.42
CA ASN B 126 36.79 180.58 -75.60
C ASN B 126 36.26 180.50 -74.16
N ALA B 127 36.15 181.66 -73.49
CA ALA B 127 35.62 181.67 -72.11
C ALA B 127 34.34 180.84 -72.04
N VAL B 128 33.29 181.28 -72.73
CA VAL B 128 32.01 180.52 -72.75
C VAL B 128 32.30 179.03 -72.90
N SER B 129 32.99 178.64 -73.97
CA SER B 129 33.35 177.22 -74.18
C SER B 129 33.93 176.65 -72.89
N LYS B 130 35.13 177.08 -72.50
CA LYS B 130 35.76 176.62 -71.25
C LYS B 130 34.68 176.49 -70.16
N ASP B 131 34.01 177.59 -69.83
CA ASP B 131 32.93 177.56 -68.82
C ASP B 131 32.00 176.38 -69.12
N ASP B 132 31.94 176.67 -70.40
CA ASP B 132 30.82 175.85 -70.73
C ASP B 132 30.76 174.54 -69.92
N PHE B 133 31.80 173.85 -69.53
CA PHE B 133 31.83 172.77 -68.50
C PHE B 133 30.63 172.14 -67.84
N ALA B 134 30.77 172.03 -66.52
CA ALA B 134 29.77 171.40 -65.68
C ALA B 134 30.43 171.10 -64.37
N ARG B 135 31.16 172.11 -63.82
CA ARG B 135 31.51 171.43 -62.55
C ARG B 135 32.34 170.19 -62.86
N LEU B 136 33.54 170.37 -63.42
CA LEU B 136 34.40 169.21 -63.79
C LEU B 136 33.56 168.17 -64.55
N GLU B 137 33.68 166.90 -64.19
CA GLU B 137 32.89 165.87 -64.82
C GLU B 137 31.50 165.75 -64.19
N ALA B 138 30.93 166.82 -63.77
CA ALA B 138 29.57 166.82 -63.16
C ALA B 138 28.97 165.42 -63.28
N ARG B 139 28.03 165.23 -64.23
CA ARG B 139 27.42 163.91 -64.44
C ARG B 139 28.51 162.83 -64.42
N ILE B 140 29.54 162.98 -65.26
CA ILE B 140 30.65 162.01 -65.29
C ILE B 140 31.10 161.71 -63.85
N GLU B 141 31.64 162.72 -63.16
CA GLU B 141 32.07 162.54 -61.76
C GLU B 141 31.01 161.73 -61.01
N GLU B 142 29.78 162.24 -60.92
CA GLU B 142 28.69 161.53 -60.24
C GLU B 142 28.69 160.07 -60.68
N VAL B 143 28.41 159.81 -61.96
CA VAL B 143 28.43 158.41 -62.49
C VAL B 143 29.62 157.67 -61.88
N ALA B 144 30.84 158.13 -62.15
CA ALA B 144 32.06 157.49 -61.60
C ALA B 144 31.84 157.19 -60.12
N ALA B 145 30.68 157.25 -59.26
CA ALA B 145 30.45 156.26 -58.02
C ALA B 145 29.16 155.90 -57.14
N ALA B 146 28.16 155.21 -57.66
CA ALA B 146 26.96 154.78 -56.93
C ALA B 146 27.09 153.31 -56.84
N GLY B 147 28.26 153.18 -56.44
CA GLY B 147 28.77 151.91 -56.58
C GLY B 147 30.18 152.27 -56.01
N GLY B 148 30.49 153.58 -55.69
CA GLY B 148 31.70 153.98 -54.91
C GLY B 148 30.99 153.34 -53.83
N GLU B 149 29.91 154.04 -53.46
CA GLU B 149 29.02 153.20 -52.68
C GLU B 149 28.66 152.04 -53.79
N GLN B 150 27.57 151.68 -54.67
CA GLN B 150 27.55 150.40 -55.56
C GLN B 150 28.95 149.51 -55.84
N GLY B 151 29.97 149.41 -56.92
CA GLY B 151 30.96 148.32 -56.95
C GLY B 151 31.41 148.03 -55.52
N ALA B 152 32.10 148.99 -54.88
CA ALA B 152 32.57 148.81 -53.50
C ALA B 152 31.50 148.08 -52.69
N THR B 153 30.31 148.68 -52.57
CA THR B 153 29.20 148.03 -51.85
C THR B 153 29.00 146.61 -52.38
N GLU B 154 28.42 146.49 -53.57
CA GLU B 154 28.20 145.15 -54.20
C GLU B 154 29.28 144.18 -53.71
N ALA B 155 30.56 144.50 -53.93
CA ALA B 155 31.66 143.63 -53.47
C ALA B 155 31.38 143.18 -52.03
N LEU B 156 30.94 141.94 -51.84
CA LEU B 156 30.63 141.42 -50.50
C LEU B 156 29.76 142.43 -49.74
N GLN B 157 28.75 142.99 -50.41
CA GLN B 157 27.84 143.98 -49.78
C GLN B 157 28.56 144.71 -48.65
N GLY B 158 28.13 144.49 -47.40
CA GLY B 158 28.74 145.19 -46.25
C GLY B 158 29.44 144.17 -45.33
N ARG B 166 33.85 137.04 -50.15
CA ARG B 166 35.06 136.42 -49.53
C ARG B 166 34.63 135.18 -48.73
N VAL B 167 33.50 134.57 -49.10
CA VAL B 167 33.01 133.36 -48.39
C VAL B 167 34.18 132.40 -48.15
N ASP B 168 34.27 131.84 -46.93
CA ASP B 168 35.36 130.89 -46.60
C ASP B 168 34.73 129.62 -46.01
N GLU B 169 34.56 128.57 -46.82
CA GLU B 169 33.88 127.36 -46.32
C GLU B 169 34.69 126.79 -45.15
N TYR B 170 34.01 126.35 -44.08
CA TYR B 170 34.70 125.82 -42.88
C TYR B 170 34.61 124.28 -42.86
N ASP B 171 33.82 123.70 -43.76
CA ASP B 171 33.72 122.22 -43.87
C ASP B 171 33.20 121.63 -42.56
N ALA B 172 33.33 120.31 -42.40
CA ALA B 172 32.83 119.63 -41.18
C ALA B 172 33.61 118.34 -40.96
N LEU B 173 32.93 117.19 -40.98
CA LEU B 173 33.61 115.90 -40.72
C LEU B 173 32.74 114.74 -41.23
N ARG B 174 33.33 113.56 -41.42
CA ARG B 174 32.58 112.37 -41.86
C ARG B 174 31.63 111.95 -40.74
N ALA B 175 30.59 112.76 -40.50
CA ALA B 175 29.63 112.48 -39.41
C ALA B 175 29.43 110.97 -39.24
N ASP B 176 29.25 110.24 -40.34
CA ASP B 176 28.94 108.78 -40.24
C ASP B 176 30.01 108.05 -39.42
N VAL B 177 29.68 107.62 -38.21
CA VAL B 177 30.63 106.82 -37.39
C VAL B 177 30.47 105.36 -37.82
N ASP B 178 29.31 104.75 -37.53
CA ASP B 178 29.00 103.36 -38.01
C ASP B 178 29.73 102.30 -37.18
N ASP B 179 29.20 101.07 -37.21
CA ASP B 179 29.82 99.92 -36.47
C ASP B 179 29.04 98.66 -36.89
N ASN B 180 27.93 98.86 -37.61
CA ASN B 180 27.07 97.73 -38.06
C ASN B 180 27.77 96.38 -37.90
N ALA B 181 28.84 96.13 -38.66
CA ALA B 181 29.53 94.82 -38.61
C ALA B 181 29.33 94.18 -37.24
N SER B 182 30.02 94.69 -36.21
CA SER B 182 29.89 94.15 -34.83
C SER B 182 29.32 92.74 -34.85
N SER B 183 30.04 91.79 -35.46
CA SER B 183 29.58 90.38 -35.54
C SER B 183 28.05 90.34 -35.49
N ILE B 184 27.39 91.12 -36.34
CA ILE B 184 25.90 91.19 -36.35
C ILE B 184 25.35 89.82 -35.94
N ALA B 185 24.52 89.75 -34.89
CA ALA B 185 24.00 88.45 -34.40
C ALA B 185 23.66 87.51 -35.55
N ALA B 186 23.40 88.04 -36.75
CA ALA B 186 23.11 87.21 -37.94
C ALA B 186 24.28 86.28 -38.24
N LEU B 187 24.99 85.53 -37.30
CA LEU B 187 26.01 84.49 -37.57
C LEU B 187 25.79 83.30 -36.62
N ASN B 188 25.70 83.57 -35.31
CA ASN B 188 25.54 82.49 -34.31
C ASN B 188 24.07 82.37 -33.92
N ASP B 189 23.16 82.82 -34.78
CA ASP B 189 21.70 82.70 -34.51
C ASP B 189 21.23 81.32 -34.98
N LEU B 190 22.07 80.61 -35.71
CA LEU B 190 21.71 79.25 -36.23
C LEU B 190 22.69 78.23 -35.67
N THR B 191 23.50 78.62 -34.69
CA THR B 191 24.54 77.73 -34.09
C THR B 191 24.09 76.26 -34.15
N VAL B 192 23.06 75.91 -33.37
CA VAL B 192 22.53 74.52 -33.37
C VAL B 192 21.01 74.58 -33.44
N LEU B 193 20.47 75.28 -34.44
CA LEU B 193 18.99 75.34 -34.62
C LEU B 193 18.44 73.94 -34.37
N LEU B 194 19.04 72.92 -35.00
CA LEU B 194 18.65 71.52 -34.71
C LEU B 194 19.54 71.03 -33.56
N ASN B 195 18.94 70.74 -32.40
CA ASN B 195 19.73 70.32 -31.23
C ASN B 195 20.29 68.91 -31.46
N GLN B 196 20.29 68.44 -32.72
CA GLN B 196 20.73 67.05 -33.03
C GLN B 196 19.76 66.05 -32.39
N ASP B 197 19.60 66.09 -31.07
CA ASP B 197 18.62 65.21 -30.39
C ASP B 197 17.23 65.86 -30.45
N ILE B 198 16.75 66.14 -31.67
CA ILE B 198 15.43 66.82 -31.84
C ILE B 198 14.41 66.18 -30.90
N LEU B 199 14.27 64.85 -30.92
CA LEU B 199 13.30 64.12 -30.07
C LEU B 199 13.53 62.62 -30.30
N ASP B 200 14.77 62.23 -30.51
CA ASP B 200 15.06 60.80 -30.86
C ASP B 200 15.06 59.96 -29.57
N LEU B 201 14.37 60.47 -28.54
CA LEU B 201 14.32 59.76 -27.24
C LEU B 201 12.86 59.64 -26.81
N GLN B 202 12.02 60.57 -27.27
CA GLN B 202 10.57 60.50 -26.94
C GLN B 202 10.07 59.11 -27.38
N ASP B 203 10.66 58.57 -28.44
CA ASP B 203 10.30 57.22 -28.93
C ASP B 203 10.94 56.18 -27.99
N ARG B 204 12.21 56.39 -27.63
CA ARG B 204 12.93 55.40 -26.77
C ARG B 204 12.32 55.29 -25.38
N VAL B 205 11.51 56.26 -24.94
CA VAL B 205 10.82 56.11 -23.64
C VAL B 205 9.73 55.05 -23.80
N SER B 206 8.69 55.35 -24.59
CA SER B 206 7.58 54.39 -24.81
C SER B 206 8.15 53.07 -25.33
N ALA B 207 9.37 53.10 -25.88
CA ALA B 207 9.98 51.88 -26.47
C ALA B 207 10.06 50.78 -25.42
N VAL B 208 10.72 51.05 -24.29
CA VAL B 208 10.91 50.02 -23.23
C VAL B 208 9.61 49.90 -22.43
N GLU B 209 8.82 50.99 -22.37
CA GLU B 209 7.56 50.99 -21.59
C GLU B 209 6.61 49.93 -22.13
N ALA B 210 6.60 49.73 -23.45
CA ALA B 210 5.74 48.71 -24.07
C ALA B 210 6.11 47.31 -23.52
N ALA B 211 7.40 47.01 -23.45
CA ALA B 211 7.86 45.69 -22.95
C ALA B 211 7.54 45.56 -21.46
N GLN B 212 7.62 46.67 -20.73
CA GLN B 212 7.34 46.65 -19.27
C GLN B 212 5.88 46.28 -19.04
N ALA B 213 4.98 46.73 -19.93
CA ALA B 213 3.54 46.46 -19.76
C ALA B 213 3.29 44.96 -19.67
N ASP B 214 4.24 44.15 -20.15
CA ASP B 214 4.11 42.67 -20.06
C ASP B 214 4.98 42.14 -18.92
N PHE B 215 6.03 41.38 -19.26
CA PHE B 215 6.96 40.82 -18.24
C PHE B 215 6.19 40.03 -17.17
N VAL B 216 6.51 40.26 -15.89
CA VAL B 216 5.86 39.52 -14.77
C VAL B 216 5.58 40.51 -13.62
N GLN B 217 5.46 40.00 -12.39
CA GLN B 217 5.22 40.87 -11.22
C GLN B 217 5.81 40.18 -9.98
N ARG B 218 6.41 40.95 -9.06
CA ARG B 218 7.01 40.38 -7.83
C ARG B 218 5.97 39.53 -7.09
N SER B 219 4.92 40.15 -6.57
CA SER B 219 3.83 39.40 -5.89
C SER B 219 3.36 38.19 -6.71
N ASP B 220 3.06 38.38 -8.00
CA ASP B 220 2.58 37.28 -8.87
C ASP B 220 3.54 36.09 -8.78
N PHE B 221 4.82 36.33 -9.04
CA PHE B 221 5.85 35.25 -8.99
C PHE B 221 5.90 34.69 -7.56
N ASP B 222 5.92 35.55 -6.55
CA ASP B 222 6.01 35.10 -5.14
C ASP B 222 4.86 34.13 -4.83
N ALA B 223 3.66 34.41 -5.33
CA ALA B 223 2.48 33.55 -5.04
C ALA B 223 2.69 32.18 -5.68
N LEU B 224 3.14 32.06 -6.39
CA LEU B 224 3.51 30.85 -7.12
C LEU B 224 4.61 30.09 -6.39
N GLY B 225 5.62 30.81 -5.88
CA GLY B 225 6.66 30.17 -5.11
C GLY B 225 6.12 29.54 -3.83
N GLY B 226 5.19 30.22 -3.17
CA GLY B 226 4.56 29.64 -2.00
C GLY B 226 3.81 28.36 -2.32
N ARG B 227 3.07 28.37 -3.44
CA ARG B 227 2.36 27.16 -3.86
C ARG B 227 3.34 26.04 -4.18
N VAL B 228 4.47 26.37 -4.82
CA VAL B 228 5.47 25.37 -5.13
C VAL B 228 6.02 24.75 -3.85
N THR B 229 6.29 25.59 -2.84
CA THR B 229 6.78 25.07 -1.56
C THR B 229 5.73 24.17 -0.91
N THR B 230 4.46 24.59 -0.95
CA THR B 230 3.40 23.77 -0.37
C THR B 230 3.31 22.42 -1.05
N VAL B 231 3.39 22.40 -2.39
CA VAL B 231 3.34 21.11 -3.10
C VAL B 231 4.58 20.29 -2.81
N GLU B 232 5.74 20.94 -2.65
CA GLU B 232 6.96 20.21 -2.32
C GLU B 232 6.81 19.48 -0.99
N THR B 233 6.21 20.16 0.01
CA THR B 233 5.99 19.51 1.29
C THR B 233 4.89 18.47 1.21
N ARG B 234 3.86 18.73 0.40
CA ARG B 234 2.73 17.80 0.29
C ARG B 234 3.15 16.49 -0.34
N VAL B 235 4.03 16.53 -1.34
CA VAL B 235 4.50 15.30 -1.97
C VAL B 235 5.19 14.41 -0.93
N GLU B 236 6.08 15.02 -0.13
CA GLU B 236 6.77 14.27 0.90
C GLU B 236 5.79 13.73 1.95
N THR B 237 4.81 14.54 2.34
CA THR B 237 3.83 14.06 3.32
C THR B 237 3.06 12.86 2.80
N VAL B 238 2.61 12.93 1.54
CA VAL B 238 1.88 11.81 0.96
C VAL B 238 2.77 10.58 0.90
N ASN B 239 4.01 10.76 0.43
CA ASN B 239 4.92 9.63 0.33
C ASN B 239 5.15 8.98 1.69
N ASN B 240 5.36 9.78 2.72
CA ASN B 240 5.65 9.24 4.05
C ASN B 240 4.43 8.54 4.63
N SER B 241 3.25 9.14 4.52
CA SER B 241 2.06 8.50 5.06
C SER B 241 1.79 7.17 4.36
N LEU B 242 1.88 7.14 3.03
CA LEU B 242 1.61 5.91 2.30
C LEU B 242 2.68 4.87 2.57
N THR B 243 3.95 5.28 2.71
CA THR B 243 4.99 4.33 3.05
C THR B 243 4.77 3.74 4.44
N GLY B 244 4.33 4.56 5.38
CA GLY B 244 4.02 4.04 6.71
C GLY B 244 2.89 3.03 6.69
N ARG B 245 1.81 3.34 5.97
CA ARG B 245 0.72 2.38 5.87
C ARG B 245 1.13 1.11 5.15
N ILE B 246 1.95 1.21 4.11
CA ILE B 246 2.42 0.03 3.40
C ILE B 246 3.32 -0.81 4.31
N ALA B 247 4.15 -0.15 5.12
CA ALA B 247 4.99 -0.88 6.07
C ALA B 247 4.14 -1.61 7.10
N ALA B 248 3.09 -0.94 7.60
CA ALA B 248 2.19 -1.62 8.54
C ALA B 248 1.52 -2.81 7.89
N LEU B 249 1.12 -2.69 6.63
CA LEU B 249 0.54 -3.83 5.91
C LEU B 249 1.56 -4.96 5.76
N GLU B 250 2.81 -4.61 5.45
CA GLU B 250 3.83 -5.63 5.22
C GLU B 250 4.28 -6.30 6.52
N ARG B 251 4.15 -5.61 7.66
CA ARG B 251 4.62 -6.19 8.91
C ARG B 251 3.89 -7.48 9.24
N ASN B 252 2.58 -7.53 9.03
CA ASN B 252 1.81 -8.71 9.38
C ASN B 252 1.14 -9.31 8.15
N ALA B 253 1.90 -9.42 7.07
CA ALA B 253 1.43 -10.03 5.84
C ALA B 253 2.12 -11.36 5.60
N PHE B 254 1.44 -12.25 4.88
CA PHE B 254 1.99 -13.56 4.55
C PHE B 254 2.71 -13.53 3.23
N SER B 255 3.85 -14.20 3.17
CA SER B 255 4.54 -14.48 1.92
C SER B 255 4.14 -15.90 1.51
N VAL B 256 3.44 -16.00 0.38
CA VAL B 256 2.96 -17.29 -0.12
C VAL B 256 4.08 -17.94 -0.94
N LYS B 257 4.54 -19.10 -0.50
CA LYS B 257 5.63 -19.81 -1.17
C LYS B 257 5.12 -21.16 -1.66
N PRO B 258 4.77 -21.28 -2.95
CA PRO B 258 4.43 -22.59 -3.50
C PRO B 258 5.64 -23.27 -4.11
N SER B 259 5.60 -24.60 -4.07
CA SER B 259 6.69 -25.43 -4.58
C SER B 259 6.10 -26.52 -5.45
N LEU B 260 6.77 -26.79 -6.58
CA LEU B 260 6.39 -27.84 -7.50
C LEU B 260 7.62 -28.66 -7.85
N THR B 261 7.50 -29.97 -7.72
CA THR B 261 8.57 -30.90 -8.11
C THR B 261 8.06 -31.78 -9.23
N ILE B 262 8.84 -31.86 -10.30
CA ILE B 262 8.54 -32.69 -11.47
C ILE B 262 9.70 -33.64 -11.72
N GLY B 263 9.40 -34.92 -11.89
CA GLY B 263 10.47 -35.82 -12.28
C GLY B 263 10.05 -37.24 -12.62
N TYR B 264 10.73 -37.85 -13.59
CA TYR B 264 10.47 -39.23 -13.97
C TYR B 264 11.59 -40.12 -13.47
N SER B 265 11.24 -41.31 -12.99
CA SER B 265 12.26 -42.20 -12.45
C SER B 265 11.89 -43.67 -12.68
N VAL B 266 12.86 -44.46 -13.10
CA VAL B 266 12.73 -45.91 -13.17
C VAL B 266 14.07 -46.52 -12.76
N SER B 267 14.01 -47.64 -12.05
CA SER B 267 15.22 -48.29 -11.57
C SER B 267 14.96 -49.78 -11.35
N ARG B 268 15.84 -50.61 -11.88
CA ARG B 268 15.71 -52.06 -11.77
C ARG B 268 17.04 -52.65 -11.31
N THR B 269 17.00 -53.41 -10.23
CA THR B 269 18.19 -54.09 -9.71
C THR B 269 17.81 -55.49 -9.25
N SER B 270 18.82 -56.35 -9.16
CA SER B 270 18.64 -57.69 -8.65
C SER B 270 19.35 -57.96 -7.34
N ARG B 271 20.32 -57.13 -6.93
CA ARG B 271 21.02 -57.30 -5.67
C ARG B 271 21.17 -56.03 -4.85
N ASN B 272 21.05 -54.85 -5.44
CA ASN B 272 21.17 -53.58 -4.71
C ASN B 272 22.55 -53.42 -4.07
N PHE B 273 23.55 -53.33 -4.93
CA PHE B 273 24.89 -53.00 -4.50
C PHE B 273 25.08 -51.48 -4.48
N ASP B 274 26.32 -51.03 -4.25
CA ASP B 274 26.64 -49.62 -4.16
C ASP B 274 27.59 -49.22 -5.28
N VAL B 275 27.38 -48.02 -5.83
CA VAL B 275 28.22 -47.52 -6.91
C VAL B 275 28.97 -46.25 -6.53
N ASP B 276 28.68 -45.64 -5.39
CA ASP B 276 29.38 -44.41 -5.00
C ASP B 276 30.85 -44.64 -4.69
N ARG B 277 31.28 -45.89 -4.56
CA ARG B 277 32.68 -46.20 -4.34
C ARG B 277 33.50 -46.18 -5.61
N LEU B 278 32.86 -45.99 -6.77
CA LEU B 278 33.56 -45.90 -8.04
C LEU B 278 33.89 -44.46 -8.43
N PHE B 279 33.14 -43.50 -7.92
CA PHE B 279 33.23 -42.12 -8.36
C PHE B 279 34.45 -41.43 -7.75
N PRO B 280 34.97 -40.41 -8.44
CA PRO B 280 36.17 -39.73 -7.94
C PRO B 280 35.93 -39.03 -6.61
N LEU B 281 36.98 -38.96 -5.81
CA LEU B 281 36.94 -38.26 -4.54
C LEU B 281 37.50 -36.85 -4.70
N ASN B 282 36.75 -35.87 -4.19
CA ASN B 282 37.14 -34.48 -4.33
C ASN B 282 38.28 -34.14 -3.38
N ALA B 283 38.89 -32.98 -3.60
CA ALA B 283 40.03 -32.57 -2.79
C ALA B 283 39.69 -32.48 -1.30
N ASP B 284 38.42 -32.31 -0.96
CA ASP B 284 37.97 -32.32 0.42
C ASP B 284 37.55 -33.71 0.88
N GLY B 285 37.76 -34.73 0.06
CA GLY B 285 37.47 -36.10 0.42
C GLY B 285 36.07 -36.56 0.10
N THR B 286 35.17 -35.66 -0.26
CA THR B 286 33.82 -36.05 -0.65
C THR B 286 33.84 -36.73 -2.01
N VAL B 287 32.87 -37.61 -2.23
CA VAL B 287 32.77 -38.31 -3.50
C VAL B 287 32.00 -37.44 -4.49
N ALA B 288 32.33 -37.60 -5.77
CA ALA B 288 31.70 -36.79 -6.81
C ALA B 288 30.20 -37.00 -6.84
N ASN B 289 29.47 -35.93 -7.10
CA ASN B 289 28.02 -36.00 -7.15
C ASN B 289 27.55 -36.82 -8.34
N ASN B 290 26.46 -37.56 -8.14
CA ASN B 290 25.85 -38.35 -9.20
C ASN B 290 24.35 -38.43 -8.95
N ALA B 291 23.63 -38.87 -9.98
CA ALA B 291 22.18 -38.91 -9.95
C ALA B 291 21.63 -40.24 -9.43
N PHE B 292 22.50 -41.15 -9.00
CA PHE B 292 22.08 -42.47 -8.55
C PHE B 292 22.28 -42.71 -7.07
N THR B 293 22.99 -41.84 -6.38
CA THR B 293 23.29 -42.07 -4.97
C THR B 293 22.00 -42.10 -4.14
N SER B 294 21.99 -42.99 -3.15
CA SER B 294 20.90 -43.06 -2.18
C SER B 294 21.05 -42.04 -1.06
N GLY B 295 22.21 -41.40 -0.95
CA GLY B 295 22.48 -40.51 0.17
C GLY B 295 23.00 -41.28 1.37
N GLY B 296 22.57 -40.88 2.56
CA GLY B 296 22.91 -41.60 3.76
C GLY B 296 24.10 -41.09 4.53
N ILE B 297 24.63 -39.91 4.19
CA ILE B 297 25.79 -39.37 4.89
C ILE B 297 25.36 -38.95 6.29
N ASP B 298 25.84 -39.66 7.30
CA ASP B 298 25.57 -39.33 8.70
C ASP B 298 26.89 -39.27 9.46
N THR B 299 27.19 -38.10 10.02
CA THR B 299 28.42 -37.93 10.79
C THR B 299 28.33 -38.56 12.17
N ASP B 300 27.14 -38.60 12.76
CA ASP B 300 26.99 -39.20 14.09
C ASP B 300 27.34 -40.67 14.07
N THR B 301 26.86 -41.41 13.08
CA THR B 301 27.08 -42.85 12.98
C THR B 301 28.18 -43.22 11.99
N GLY B 302 28.82 -42.24 11.36
CA GLY B 302 29.86 -42.54 10.40
C GLY B 302 29.37 -43.08 9.08
N ALA B 303 28.06 -43.03 8.83
CA ALA B 303 27.52 -43.50 7.57
C ALA B 303 27.92 -42.58 6.42
N GLN B 304 28.12 -43.18 5.25
CA GLN B 304 28.51 -42.45 4.06
C GLN B 304 27.69 -42.93 2.88
N ARG B 305 27.84 -42.25 1.75
CA ARG B 305 27.13 -42.64 0.54
C ARG B 305 27.58 -44.00 0.02
N ARG B 306 28.73 -44.48 0.47
CA ARG B 306 29.28 -45.75 0.03
C ARG B 306 28.84 -46.93 0.90
N ASP B 307 27.99 -46.70 1.88
CA ASP B 307 27.52 -47.75 2.77
C ASP B 307 26.13 -48.25 2.42
N PHE B 308 25.52 -47.76 1.35
CA PHE B 308 24.13 -48.06 1.03
C PHE B 308 24.00 -48.33 -0.46
N GLY B 309 22.97 -49.10 -0.81
CA GLY B 309 22.69 -49.37 -2.21
C GLY B 309 22.06 -48.17 -2.90
N ASP B 310 22.10 -48.19 -4.24
CA ASP B 310 21.73 -47.04 -5.04
C ASP B 310 20.67 -47.35 -6.09
N PHE B 311 19.98 -48.48 -5.99
CA PHE B 311 19.05 -48.91 -7.02
C PHE B 311 17.70 -49.23 -6.42
N GLY B 312 16.66 -49.10 -7.24
CA GLY B 312 15.30 -49.16 -6.73
C GLY B 312 14.99 -47.93 -5.91
N ASN B 313 13.93 -48.04 -5.11
CA ASN B 313 13.67 -47.05 -4.07
C ASN B 313 14.32 -47.43 -2.75
N ALA B 314 15.03 -48.54 -2.71
CA ALA B 314 15.64 -49.05 -1.50
C ALA B 314 17.05 -48.54 -1.35
N SER B 315 17.44 -48.24 -0.11
CA SER B 315 18.79 -47.83 0.23
C SER B 315 19.44 -48.88 1.14
N ASP B 316 19.28 -50.14 0.78
CA ASP B 316 19.72 -51.23 1.62
C ASP B 316 21.22 -51.13 1.89
N PRO B 317 21.65 -51.07 3.15
CA PRO B 317 23.08 -50.99 3.43
C PRO B 317 23.82 -52.24 3.02
N VAL B 318 25.09 -52.07 2.65
CA VAL B 318 25.93 -53.21 2.30
C VAL B 318 26.23 -54.01 3.55
N VAL B 319 26.38 -55.32 3.37
CA VAL B 319 26.57 -56.25 4.49
C VAL B 319 27.98 -56.83 4.41
N ALA B 320 28.68 -56.80 5.54
CA ALA B 320 30.02 -57.36 5.61
C ALA B 320 29.95 -58.89 5.63
N GLY B 321 31.07 -59.51 5.29
CA GLY B 321 31.13 -60.95 5.26
C GLY B 321 30.60 -61.52 3.95
N ALA B 322 30.41 -62.84 3.95
CA ALA B 322 29.98 -63.54 2.76
C ALA B 322 28.51 -63.30 2.43
N ALA B 323 27.67 -62.99 3.42
CA ALA B 323 26.26 -62.74 3.15
C ALA B 323 26.10 -61.63 2.12
N GLY B 324 26.70 -60.48 2.38
CA GLY B 324 26.96 -59.52 1.32
C GLY B 324 28.17 -59.95 0.54
N LEU B 325 28.43 -59.24 -0.56
CA LEU B 325 29.57 -59.59 -1.41
C LEU B 325 30.85 -59.06 -0.76
N TYR B 326 31.05 -59.46 0.49
CA TYR B 326 32.14 -58.97 1.34
C TYR B 326 32.11 -57.45 1.44
N GLY B 327 30.94 -56.94 1.83
CA GLY B 327 30.73 -55.52 1.98
C GLY B 327 30.41 -54.77 0.71
N PHE B 328 30.10 -55.48 -0.37
CA PHE B 328 29.84 -54.85 -1.66
C PHE B 328 28.37 -54.81 -2.04
N ALA B 329 27.51 -55.60 -1.40
CA ALA B 329 26.11 -55.67 -1.79
C ALA B 329 25.26 -55.95 -0.56
N ASP B 330 23.99 -56.26 -0.79
CA ASP B 330 23.02 -56.50 0.26
C ASP B 330 23.10 -57.94 0.75
N GLY B 331 22.59 -58.17 1.96
CA GLY B 331 22.67 -59.47 2.58
C GLY B 331 21.63 -60.45 2.06
N VAL B 332 21.86 -61.73 2.35
CA VAL B 332 20.95 -62.78 1.88
C VAL B 332 19.69 -62.84 2.73
N SER B 333 19.84 -62.97 4.05
CA SER B 333 18.75 -62.74 5.00
C SER B 333 17.56 -63.66 4.73
N TYR B 334 17.78 -64.95 4.94
CA TYR B 334 16.66 -65.89 4.94
C TYR B 334 15.62 -65.50 5.98
N THR B 335 14.40 -66.04 5.82
CA THR B 335 13.33 -65.86 6.78
C THR B 335 12.96 -67.20 7.39
N VAL B 336 12.79 -67.22 8.71
CA VAL B 336 12.53 -68.45 9.46
C VAL B 336 11.10 -68.38 10.00
N TYR B 337 10.34 -69.44 9.76
CA TYR B 337 8.96 -69.54 10.23
C TYR B 337 8.89 -70.36 11.50
N PHE B 338 7.88 -70.08 12.32
CA PHE B 338 7.74 -70.69 13.62
C PHE B 338 6.43 -71.47 13.71
N THR B 339 6.27 -72.20 14.81
CA THR B 339 5.06 -73.00 15.00
C THR B 339 3.86 -72.14 15.32
N ASP B 340 4.03 -71.14 16.19
CA ASP B 340 2.94 -70.26 16.60
C ASP B 340 2.61 -69.21 15.55
N GLY B 341 3.14 -69.34 14.34
CA GLY B 341 2.90 -68.37 13.29
C GLY B 341 3.84 -67.19 13.29
N SER B 342 4.68 -67.04 14.32
CA SER B 342 5.65 -65.96 14.34
C SER B 342 6.81 -66.28 13.38
N THR B 343 7.49 -65.22 12.95
CA THR B 343 8.59 -65.34 12.02
C THR B 343 9.77 -64.49 12.51
N ALA B 344 10.96 -64.90 12.09
CA ALA B 344 12.18 -64.15 12.38
C ALA B 344 12.99 -64.04 11.09
N THR B 345 14.03 -63.21 11.13
CA THR B 345 14.92 -63.01 9.99
C THR B 345 16.33 -63.46 10.38
N PHE B 346 16.87 -64.40 9.61
CA PHE B 346 18.23 -64.86 9.81
C PHE B 346 19.14 -64.22 8.77
N ASP B 347 20.18 -63.54 9.23
CA ASP B 347 21.10 -62.82 8.35
C ASP B 347 22.33 -63.70 8.12
N GLY B 348 22.28 -64.52 7.09
CA GLY B 348 23.40 -65.37 6.76
C GLY B 348 23.15 -66.12 5.47
N LEU B 349 24.24 -66.63 4.90
CA LEU B 349 24.19 -67.35 3.64
C LEU B 349 23.85 -68.83 3.83
N ASN B 350 23.71 -69.30 5.07
CA ASN B 350 23.38 -70.69 5.34
C ASN B 350 22.39 -70.73 6.50
N PRO B 351 21.11 -71.00 6.22
CA PRO B 351 20.11 -71.02 7.30
C PRO B 351 20.36 -72.08 8.34
N ALA B 352 21.11 -73.14 8.02
CA ALA B 352 21.38 -74.19 8.99
C ALA B 352 22.09 -73.64 10.21
N ASP B 353 22.86 -72.56 10.06
CA ASP B 353 23.59 -71.94 11.15
C ASP B 353 22.72 -71.03 12.00
N TYR B 354 21.40 -71.12 11.87
CA TYR B 354 20.48 -70.32 12.67
C TYR B 354 20.45 -70.90 14.09
N LYS B 355 21.51 -70.60 14.84
CA LYS B 355 21.69 -71.12 16.18
C LYS B 355 20.87 -70.36 17.23
N VAL B 356 19.90 -69.56 16.81
CA VAL B 356 19.16 -68.72 17.75
C VAL B 356 17.66 -68.89 17.56
N PRO B 357 17.11 -70.09 17.77
CA PRO B 357 15.65 -70.21 17.93
C PRO B 357 15.27 -69.84 19.36
N THR B 358 14.26 -69.00 19.50
CA THR B 358 13.90 -68.52 20.82
C THR B 358 13.43 -69.68 21.70
N GLY B 359 13.11 -69.37 22.95
CA GLY B 359 12.86 -70.39 23.95
C GLY B 359 11.87 -71.47 23.57
N LYS B 360 10.73 -71.07 22.99
CA LYS B 360 9.65 -72.00 22.71
C LYS B 360 9.30 -72.13 21.24
N VAL B 361 9.99 -71.42 20.35
CA VAL B 361 9.64 -71.45 18.94
C VAL B 361 10.29 -72.64 18.27
N ILE B 362 9.55 -73.26 17.35
CA ILE B 362 10.02 -74.39 16.55
C ILE B 362 9.80 -74.05 15.09
N ASP B 363 10.81 -74.35 14.26
CA ASP B 363 10.74 -74.03 12.84
C ASP B 363 9.66 -74.88 12.17
N THR B 364 8.57 -74.25 11.78
CA THR B 364 7.53 -74.93 11.01
C THR B 364 7.93 -74.97 9.54
N THR B 365 7.73 -76.14 8.92
CA THR B 365 8.12 -76.34 7.53
C THR B 365 7.10 -75.66 6.62
N LYS B 366 7.11 -74.32 6.64
CA LYS B 366 6.24 -73.50 5.81
C LYS B 366 6.89 -73.09 4.50
N GLY B 367 8.16 -72.68 4.53
CA GLY B 367 8.87 -72.36 3.32
C GLY B 367 9.53 -73.59 2.73
N ARG B 368 10.77 -73.47 2.29
CA ARG B 368 11.51 -74.62 1.79
C ARG B 368 11.55 -75.72 2.85
N ASN B 369 12.19 -75.42 3.98
CA ASN B 369 12.22 -76.30 5.14
C ASN B 369 12.04 -75.50 6.41
N GLY B 370 11.10 -74.55 6.39
CA GLY B 370 10.95 -73.60 7.47
C GLY B 370 11.74 -72.32 7.30
N PHE B 371 12.63 -72.27 6.31
CA PHE B 371 13.40 -71.07 6.00
C PHE B 371 12.98 -70.56 4.63
N GLY B 372 12.55 -69.31 4.58
CA GLY B 372 12.20 -68.67 3.33
C GLY B 372 13.42 -68.11 2.63
N PHE B 373 13.20 -67.05 1.86
CA PHE B 373 14.29 -66.33 1.22
C PHE B 373 13.77 -64.97 0.83
N ASN B 374 14.30 -63.92 1.44
CA ASN B 374 13.90 -62.56 1.10
C ASN B 374 14.45 -62.20 -0.27
N ASN B 375 13.53 -61.89 -1.19
CA ASN B 375 13.94 -61.57 -2.55
C ASN B 375 14.92 -60.41 -2.54
N LEU B 376 16.01 -60.55 -3.29
CA LEU B 376 17.07 -59.56 -3.33
C LEU B 376 16.88 -58.52 -4.42
N ALA B 377 15.79 -58.61 -5.19
CA ALA B 377 15.56 -57.69 -6.30
C ALA B 377 14.69 -56.52 -5.85
N ARG B 378 15.09 -55.32 -6.25
CA ARG B 378 14.36 -54.10 -5.99
C ARG B 378 13.93 -53.46 -7.30
N TYR B 379 12.71 -52.95 -7.33
CA TYR B 379 12.15 -52.37 -8.55
C TYR B 379 11.51 -51.02 -8.24
N LYS B 380 11.79 -50.06 -9.10
CA LYS B 380 11.10 -48.76 -9.10
C LYS B 380 10.37 -48.66 -10.43
N GLU B 381 9.09 -48.96 -10.44
CA GLU B 381 8.33 -48.89 -11.68
C GLU B 381 8.33 -47.48 -12.22
N GLY B 382 8.62 -47.34 -13.51
CA GLY B 382 8.75 -46.03 -14.10
C GLY B 382 7.51 -45.18 -13.95
N SER B 383 7.68 -43.98 -13.41
CA SER B 383 6.57 -43.04 -13.31
C SER B 383 7.10 -41.62 -13.25
N THR B 384 6.23 -40.68 -13.59
CA THR B 384 6.50 -39.26 -13.47
C THR B 384 5.70 -38.71 -12.31
N ASP B 385 6.39 -38.09 -11.37
CA ASP B 385 5.81 -37.57 -10.14
C ASP B 385 5.77 -36.06 -10.18
N ILE B 386 4.60 -35.50 -9.84
CA ILE B 386 4.43 -34.08 -9.57
C ILE B 386 4.07 -33.92 -8.10
N GLY B 387 4.82 -33.08 -7.40
CA GLY B 387 4.53 -32.79 -6.01
C GLY B 387 4.30 -31.32 -5.77
N ILE B 388 3.15 -30.97 -5.22
CA ILE B 388 2.77 -29.58 -4.97
C ILE B 388 2.77 -29.35 -3.46
N SER B 389 3.36 -28.24 -3.04
CA SER B 389 3.36 -27.85 -1.63
C SER B 389 3.14 -26.35 -1.54
N LEU B 390 2.67 -25.91 -0.39
CA LEU B 390 2.44 -24.49 -0.14
C LEU B 390 2.80 -24.15 1.30
N GLY B 391 3.49 -23.04 1.48
CA GLY B 391 3.77 -22.53 2.80
C GLY B 391 3.47 -21.05 2.88
N PHE B 392 3.25 -20.57 4.09
CA PHE B 392 2.98 -19.15 4.35
C PHE B 392 4.00 -18.67 5.38
N ASP B 393 4.95 -17.86 4.93
CA ASP B 393 5.93 -17.28 5.83
C ASP B 393 5.46 -15.93 6.35
N THR B 394 5.98 -15.55 7.51
CA THR B 394 5.67 -14.26 8.10
C THR B 394 6.80 -13.27 7.82
N SER B 395 6.50 -11.99 8.07
CA SER B 395 7.49 -10.95 7.81
C SER B 395 8.73 -11.09 8.67
N GLY B 396 8.64 -11.83 9.78
CA GLY B 396 9.78 -11.96 10.66
C GLY B 396 10.06 -10.73 11.49
N GLN B 397 9.09 -9.84 11.63
CA GLN B 397 9.25 -8.61 12.38
C GLN B 397 8.83 -8.74 13.84
N PHE B 398 8.41 -9.93 14.26
CA PHE B 398 8.00 -10.17 15.64
C PHE B 398 9.15 -10.79 16.44
N SER B 399 10.23 -10.01 16.59
CA SER B 399 11.42 -10.44 17.29
C SER B 399 11.67 -9.67 18.58
N GLN B 400 10.67 -8.96 19.10
CA GLN B 400 10.82 -8.16 20.31
C GLN B 400 9.59 -8.30 21.18
N VAL B 401 9.79 -8.16 22.49
CA VAL B 401 8.69 -8.09 23.45
C VAL B 401 9.00 -6.99 24.45
N THR B 402 7.97 -6.27 24.86
CA THR B 402 8.09 -5.23 25.87
C THR B 402 7.29 -5.63 27.10
N SER B 403 7.88 -5.45 28.27
CA SER B 403 7.25 -5.87 29.51
C SER B 403 6.04 -5.00 29.84
N GLY B 404 5.11 -5.57 30.58
CA GLY B 404 3.93 -4.86 31.00
C GLY B 404 3.86 -4.68 32.51
N THR B 405 3.03 -3.75 32.97
CA THR B 405 2.93 -3.48 34.38
C THR B 405 2.42 -4.70 35.14
N GLY B 406 2.90 -4.87 36.36
CA GLY B 406 2.51 -6.00 37.18
C GLY B 406 2.68 -5.70 38.64
N GLY B 407 2.28 -6.66 39.47
CA GLY B 407 2.36 -6.51 40.91
C GLY B 407 1.00 -6.44 41.57
N SER B 408 0.93 -6.86 42.82
CA SER B 408 -0.31 -6.83 43.59
C SER B 408 -0.26 -5.84 44.74
N LEU B 409 0.79 -5.89 45.56
CA LEU B 409 0.97 -4.88 46.59
C LEU B 409 1.27 -3.51 46.00
N PHE B 410 1.69 -3.46 44.74
CA PHE B 410 2.01 -2.21 44.06
C PHE B 410 1.69 -2.41 42.59
N SER B 411 2.21 -1.51 41.75
CA SER B 411 2.03 -1.63 40.30
C SER B 411 3.25 -1.05 39.61
N THR B 412 3.97 -1.89 38.89
CA THR B 412 5.16 -1.43 38.17
C THR B 412 4.76 -0.56 36.99
N ALA B 413 5.71 0.28 36.54
CA ALA B 413 5.41 1.23 35.49
C ALA B 413 5.04 0.55 34.19
N GLY B 414 5.78 -0.48 33.79
CA GLY B 414 5.57 -1.13 32.52
C GLY B 414 6.35 -0.48 31.39
N ARG B 415 6.51 -1.25 30.30
CA ARG B 415 7.28 -0.78 29.15
C ARG B 415 8.69 -0.41 29.55
N LEU B 416 9.26 -1.17 30.50
CA LEU B 416 10.57 -0.85 31.06
C LEU B 416 11.71 -1.64 30.44
N GLN B 417 11.47 -2.85 29.96
CA GLN B 417 12.53 -3.68 29.41
C GLN B 417 12.07 -4.26 28.08
N VAL B 418 12.97 -4.26 27.09
CA VAL B 418 12.72 -4.83 25.78
C VAL B 418 13.58 -6.07 25.64
N ASN B 419 12.94 -7.21 25.40
CA ASN B 419 13.61 -8.50 25.28
C ASN B 419 13.56 -8.97 23.84
N GLN B 420 14.70 -9.42 23.33
CA GLN B 420 14.80 -9.98 21.99
C GLN B 420 14.54 -11.48 22.06
N ILE B 421 13.52 -11.94 21.35
CA ILE B 421 13.17 -13.35 21.34
C ILE B 421 13.56 -13.95 19.99
N ASP B 422 13.50 -15.27 19.92
CA ASP B 422 13.96 -16.03 18.75
C ASP B 422 12.87 -16.99 18.28
N LEU B 423 11.66 -16.48 18.14
CA LEU B 423 10.51 -17.28 17.72
C LEU B 423 10.40 -17.25 16.21
N ASN B 424 10.42 -18.43 15.59
CA ASN B 424 10.29 -18.58 14.14
C ASN B 424 9.01 -19.36 13.87
N PHE B 425 8.04 -18.71 13.24
CA PHE B 425 6.74 -19.34 13.05
C PHE B 425 6.20 -19.05 11.65
N GLY B 426 5.29 -19.91 11.23
CA GLY B 426 4.64 -19.77 9.94
C GLY B 426 3.49 -20.74 9.83
N LEU B 427 2.93 -20.83 8.62
CA LEU B 427 1.82 -21.73 8.35
C LEU B 427 2.26 -22.78 7.34
N VAL B 428 2.01 -24.05 7.66
CA VAL B 428 2.35 -25.15 6.78
C VAL B 428 1.08 -25.87 6.38
N THR B 429 1.13 -26.55 5.23
CA THR B 429 0.01 -27.34 4.71
C THR B 429 0.52 -28.76 4.53
N GLY B 430 0.41 -29.56 5.59
CA GLY B 430 0.95 -30.90 5.60
C GLY B 430 2.01 -31.08 6.66
N LEU B 431 2.18 -32.31 7.14
CA LEU B 431 3.11 -32.58 8.22
C LEU B 431 4.34 -33.31 7.72
N PRO B 432 5.49 -33.12 8.38
CA PRO B 432 6.70 -33.84 7.98
C PRO B 432 6.60 -35.33 8.29
N SER B 433 7.61 -36.06 7.86
CA SER B 433 7.63 -37.51 8.09
C SER B 433 7.95 -37.85 9.53
N ASP B 434 8.75 -37.03 10.20
CA ASP B 434 9.20 -37.33 11.56
C ASP B 434 8.33 -36.72 12.65
N ALA B 435 7.23 -36.06 12.28
CA ALA B 435 6.33 -35.49 13.28
C ALA B 435 5.64 -36.60 14.07
N TYR B 436 5.34 -36.29 15.33
CA TYR B 436 4.70 -37.26 16.21
C TYR B 436 3.95 -36.50 17.30
N VAL B 437 3.03 -37.19 17.97
CA VAL B 437 2.25 -36.62 19.06
C VAL B 437 2.90 -37.05 20.37
N ASP B 438 3.52 -36.10 21.07
CA ASP B 438 4.20 -36.37 22.33
C ASP B 438 3.18 -36.36 23.45
N THR B 439 2.76 -37.55 23.89
CA THR B 439 1.73 -37.70 24.90
C THR B 439 2.28 -37.77 26.31
N ASN B 440 3.60 -37.76 26.48
CA ASN B 440 4.20 -37.86 27.81
C ASN B 440 4.92 -36.60 28.25
N GLY B 441 5.40 -35.78 27.32
CA GLY B 441 6.14 -34.58 27.65
C GLY B 441 7.64 -34.71 27.62
N ASN B 442 8.16 -35.91 27.36
CA ASN B 442 9.60 -36.10 27.31
C ASN B 442 10.25 -35.37 26.15
N GLY B 443 9.48 -34.97 25.14
CA GLY B 443 10.04 -34.33 23.98
C GLY B 443 10.68 -35.26 22.98
N LYS B 444 10.52 -36.57 23.14
CA LYS B 444 11.10 -37.55 22.24
C LYS B 444 10.04 -38.55 21.84
N LYS B 445 10.27 -39.19 20.69
CA LYS B 445 9.33 -40.18 20.16
C LYS B 445 9.55 -41.51 20.88
N ASP B 446 8.61 -41.88 21.74
CA ASP B 446 8.66 -43.16 22.43
C ASP B 446 8.22 -44.26 21.47
N ASP B 447 7.92 -45.44 22.00
CA ASP B 447 7.53 -46.55 21.15
C ASP B 447 6.21 -46.24 20.45
N GLY B 448 6.29 -45.96 19.14
CA GLY B 448 5.10 -45.70 18.36
C GLY B 448 4.16 -44.70 19.00
N GLU B 449 4.56 -43.44 19.10
CA GLU B 449 3.75 -42.47 19.83
C GLU B 449 2.49 -42.11 19.05
N ALA B 450 2.64 -41.41 17.93
CA ALA B 450 1.47 -41.09 17.11
C ALA B 450 1.69 -41.21 15.61
N THR B 451 2.89 -40.97 15.08
CA THR B 451 3.09 -40.85 13.64
C THR B 451 2.14 -39.79 13.07
N GLY B 452 2.41 -38.55 13.47
CA GLY B 452 1.52 -37.43 13.22
C GLY B 452 0.85 -37.40 11.87
N ARG B 453 1.51 -37.91 10.84
CA ARG B 453 0.85 -38.07 9.55
C ARG B 453 -0.29 -39.07 9.63
N GLY B 454 -0.23 -40.01 10.58
CA GLY B 454 -1.32 -40.93 10.79
C GLY B 454 -2.44 -40.37 11.65
N THR B 455 -2.15 -39.38 12.49
CA THR B 455 -3.20 -38.73 13.27
C THR B 455 -4.06 -37.83 12.40
N TYR B 456 -3.44 -37.05 11.52
CA TYR B 456 -4.14 -36.14 10.62
C TYR B 456 -4.04 -36.71 9.21
N LEU B 457 -5.05 -37.48 8.82
CA LEU B 457 -5.03 -38.10 7.51
C LEU B 457 -5.13 -37.05 6.41
N GLY B 458 -4.33 -37.23 5.36
CA GLY B 458 -4.23 -36.24 4.31
C GLY B 458 -3.16 -35.19 4.52
N SER B 459 -2.46 -35.23 5.65
CA SER B 459 -1.38 -34.27 5.90
C SER B 459 -0.23 -34.48 4.92
N GLY B 460 0.18 -35.72 4.73
CA GLY B 460 1.28 -36.04 3.83
C GLY B 460 1.30 -37.52 3.54
N GLY B 461 2.25 -37.92 2.70
CA GLY B 461 2.40 -39.29 2.32
C GLY B 461 1.41 -39.72 1.27
N THR B 462 1.43 -41.03 0.98
CA THR B 462 0.53 -41.62 0.00
C THR B 462 -0.50 -42.57 0.61
N ALA B 463 -0.35 -42.91 1.90
CA ALA B 463 -1.30 -43.82 2.53
C ALA B 463 -2.69 -43.23 2.57
N ALA B 464 -2.80 -41.93 2.84
CA ALA B 464 -4.08 -41.24 2.91
C ALA B 464 -4.01 -39.95 2.11
N ILE B 465 -5.07 -39.65 1.38
CA ILE B 465 -5.18 -38.42 0.61
C ILE B 465 -6.64 -37.98 0.67
N LEU B 466 -6.90 -36.83 1.28
CA LEU B 466 -8.25 -36.28 1.36
C LEU B 466 -8.58 -35.64 0.02
N ARG B 467 -9.48 -36.26 -0.73
CA ARG B 467 -9.74 -35.91 -2.12
C ARG B 467 -11.17 -35.43 -2.30
N ASP B 468 -11.53 -35.21 -3.57
CA ASP B 468 -12.81 -34.73 -4.02
C ASP B 468 -13.02 -35.32 -5.41
N PRO B 469 -14.22 -35.78 -5.74
CA PRO B 469 -14.44 -36.33 -7.09
C PRO B 469 -14.10 -35.34 -8.19
N ALA B 470 -14.28 -34.04 -7.95
CA ALA B 470 -13.92 -33.03 -8.94
C ALA B 470 -12.41 -32.92 -9.15
N GLY B 471 -11.61 -33.54 -8.29
CA GLY B 471 -10.17 -33.48 -8.39
C GLY B 471 -9.49 -32.59 -7.38
N ASN B 472 -10.24 -31.88 -6.55
CA ASN B 472 -9.64 -31.05 -5.51
C ASN B 472 -8.96 -31.92 -4.46
N VAL B 473 -7.86 -31.40 -3.92
CA VAL B 473 -7.12 -32.06 -2.85
C VAL B 473 -7.08 -31.11 -1.66
N TYR B 474 -7.41 -31.63 -0.49
CA TYR B 474 -7.47 -30.85 0.74
C TYR B 474 -6.38 -31.31 1.69
N ARG B 475 -5.68 -30.35 2.30
CA ARG B 475 -4.62 -30.64 3.25
C ARG B 475 -4.79 -29.74 4.46
N PRO B 476 -4.77 -30.29 5.68
CA PRO B 476 -4.95 -29.45 6.86
C PRO B 476 -3.85 -28.40 6.97
N VAL B 477 -4.21 -27.24 7.51
CA VAL B 477 -3.27 -26.15 7.73
C VAL B 477 -2.86 -26.15 9.18
N PHE B 478 -1.56 -26.11 9.43
CA PHE B 478 -0.99 -26.11 10.78
C PHE B 478 -0.18 -24.84 11.00
N PHE B 479 -0.17 -24.39 12.25
CA PHE B 479 0.67 -23.27 12.65
C PHE B 479 1.94 -23.84 13.24
N ARG B 480 3.03 -23.78 12.49
CA ARG B 480 4.32 -24.30 12.94
C ARG B 480 5.09 -23.18 13.61
N PHE B 481 5.76 -23.50 14.71
CA PHE B 481 6.59 -22.53 15.39
C PHE B 481 7.70 -23.23 16.14
N LYS B 482 8.83 -22.53 16.28
CA LYS B 482 9.95 -22.99 17.09
C LYS B 482 10.45 -21.82 17.91
N ASN B 483 10.54 -22.01 19.22
CA ASN B 483 11.02 -21.00 20.16
C ASN B 483 12.39 -21.39 20.66
N ALA B 484 13.41 -20.63 20.28
CA ALA B 484 14.76 -20.86 20.75
C ALA B 484 15.12 -20.04 21.98
N THR B 485 14.24 -19.15 22.42
CA THR B 485 14.50 -18.30 23.58
C THR B 485 13.84 -18.91 24.81
N THR B 486 14.63 -19.09 25.87
CA THR B 486 14.12 -19.59 27.14
C THR B 486 14.58 -18.74 28.31
N GLN B 487 15.37 -17.70 28.07
CA GLN B 487 15.90 -16.84 29.13
C GLN B 487 15.47 -15.41 28.87
N PHE B 488 15.04 -14.71 29.91
CA PHE B 488 14.63 -13.32 29.83
C PHE B 488 15.38 -12.52 30.89
N SER B 489 16.01 -11.44 30.48
CA SER B 489 16.85 -10.63 31.35
C SER B 489 16.23 -9.26 31.57
N VAL B 490 16.35 -8.76 32.80
CA VAL B 490 15.83 -7.44 33.17
C VAL B 490 16.90 -6.71 33.98
N GLY B 491 17.02 -5.41 33.75
CA GLY B 491 17.98 -4.55 34.41
C GLY B 491 19.21 -4.35 33.56
N ASN B 492 19.82 -3.16 33.70
CA ASN B 492 20.93 -2.79 32.81
C ASN B 492 22.26 -2.62 33.52
N ASN B 493 22.41 -1.62 34.40
CA ASN B 493 23.78 -1.27 34.74
C ASN B 493 24.38 -2.13 35.84
N PRO B 494 23.92 -2.01 37.09
CA PRO B 494 24.52 -2.79 38.18
C PRO B 494 24.00 -4.22 38.28
N VAL B 495 22.68 -4.39 38.11
CA VAL B 495 21.99 -5.63 38.44
C VAL B 495 21.25 -6.13 37.22
N ILE B 496 21.41 -7.42 36.90
CA ILE B 496 20.68 -8.06 35.83
C ILE B 496 20.11 -9.37 36.35
N VAL B 497 18.81 -9.57 36.16
CA VAL B 497 18.11 -10.77 36.62
C VAL B 497 17.61 -11.53 35.41
N THR B 498 17.98 -12.81 35.32
CA THR B 498 17.62 -13.66 34.20
C THR B 498 16.74 -14.80 34.70
N LEU B 499 15.56 -14.92 34.12
CA LEU B 499 14.60 -15.97 34.46
C LEU B 499 14.43 -16.89 33.28
N GLY B 500 14.42 -18.21 33.53
CA GLY B 500 14.17 -19.13 32.44
C GLY B 500 14.36 -20.57 32.84
N GLN B 501 14.25 -21.43 31.83
CA GLN B 501 14.35 -22.87 31.96
C GLN B 501 15.77 -23.34 31.67
N GLN B 502 16.14 -24.45 32.29
CA GLN B 502 17.46 -25.06 32.11
C GLN B 502 18.56 -24.02 32.24
N GLN B 503 18.50 -23.28 33.35
CA GLN B 503 19.48 -22.22 33.58
C GLN B 503 20.88 -22.80 33.54
N LYS B 504 21.77 -22.14 32.80
CA LYS B 504 23.15 -22.54 32.68
C LYS B 504 24.01 -21.58 33.48
N PHE B 505 24.78 -22.11 34.42
CA PHE B 505 25.61 -21.29 35.29
C PHE B 505 26.92 -22.00 35.54
N TYR B 506 27.87 -21.25 36.11
CA TYR B 506 29.20 -21.78 36.37
C TYR B 506 29.82 -20.94 37.49
N PHE B 507 29.92 -21.52 38.68
CA PHE B 507 30.65 -20.84 39.75
C PHE B 507 32.14 -21.06 39.61
N SER B 508 32.56 -22.31 39.65
CA SER B 508 33.94 -22.70 39.36
C SER B 508 33.92 -24.17 38.99
N ASP B 509 35.08 -24.68 38.61
CA ASP B 509 35.24 -26.11 38.48
C ASP B 509 35.26 -26.74 39.88
N TYR B 510 34.60 -27.89 40.01
CA TYR B 510 34.42 -28.61 41.27
C TYR B 510 33.25 -28.09 42.11
N VAL B 511 32.53 -27.04 41.70
CA VAL B 511 31.37 -26.60 42.49
C VAL B 511 30.09 -26.53 41.65
N PHE B 512 30.06 -25.63 40.67
CA PHE B 512 28.92 -25.44 39.76
C PHE B 512 29.37 -25.40 38.31
N ASP B 513 30.10 -26.42 37.88
CA ASP B 513 30.28 -26.57 36.44
C ASP B 513 28.98 -27.07 35.83
N ASN B 514 27.95 -26.23 35.88
CA ASN B 514 26.59 -26.59 35.45
C ASN B 514 26.22 -25.96 34.11
N ASN B 515 27.19 -25.66 33.27
CA ASN B 515 26.89 -25.23 31.91
C ASN B 515 26.96 -26.43 30.98
N TYR B 516 26.75 -26.17 29.69
CA TYR B 516 26.68 -27.21 28.66
C TYR B 516 25.37 -27.99 28.67
N ASP B 517 24.63 -27.94 29.76
CA ASP B 517 23.25 -28.40 29.76
C ASP B 517 22.31 -27.50 30.54
N GLY B 518 22.77 -26.95 31.65
CA GLY B 518 21.90 -26.33 32.64
C GLY B 518 21.39 -27.34 33.65
N ARG B 519 20.95 -26.83 34.80
CA ARG B 519 20.49 -27.68 35.87
C ARG B 519 18.97 -27.74 35.99
N GLY B 520 18.28 -26.62 35.81
CA GLY B 520 16.84 -26.62 35.96
C GLY B 520 16.26 -25.26 35.68
N ASP B 521 15.04 -25.07 36.16
CA ASP B 521 14.27 -23.86 35.88
C ASP B 521 14.30 -22.92 37.08
N GLY B 522 14.57 -21.65 36.82
CA GLY B 522 14.66 -20.68 37.91
C GLY B 522 15.17 -19.32 37.47
N PHE B 523 16.02 -18.72 38.30
CA PHE B 523 16.53 -17.39 38.03
C PHE B 523 17.96 -17.26 38.53
N THR B 524 18.67 -16.29 37.94
CA THR B 524 20.03 -15.94 38.32
C THR B 524 20.16 -14.42 38.33
N VAL B 525 20.81 -13.90 39.36
CA VAL B 525 21.04 -12.46 39.51
C VAL B 525 22.52 -12.20 39.45
N THR B 526 22.92 -11.18 38.69
CA THR B 526 24.32 -10.77 38.60
C THR B 526 24.41 -9.28 38.94
N VAL B 527 25.24 -8.97 39.93
CA VAL B 527 25.47 -7.59 40.38
C VAL B 527 26.92 -7.25 40.10
N ASP B 528 27.13 -6.20 39.31
CA ASP B 528 28.48 -5.78 38.91
C ASP B 528 28.77 -4.44 39.56
N GLY B 529 29.81 -4.40 40.39
CA GLY B 529 30.17 -3.19 41.09
C GLY B 529 31.43 -2.55 40.56
N SER B 530 31.59 -2.54 39.24
CA SER B 530 32.76 -1.97 38.60
C SER B 530 32.69 -0.46 38.46
N ASN B 531 31.55 0.15 38.81
CA ASN B 531 31.41 1.60 38.78
C ASN B 531 31.15 2.19 40.16
N VAL B 532 31.31 1.42 41.23
CA VAL B 532 31.08 1.96 42.57
C VAL B 532 32.16 3.01 42.88
N PRO B 533 31.84 4.09 43.58
CA PRO B 533 32.86 5.13 43.83
C PRO B 533 34.07 4.61 44.59
N VAL B 534 33.84 4.08 45.79
CA VAL B 534 34.96 3.74 46.67
C VAL B 534 35.74 2.54 46.14
N ILE B 535 35.02 1.46 45.80
CA ILE B 535 35.64 0.22 45.34
C ILE B 535 34.95 -0.18 44.05
N GLY B 536 35.50 0.28 42.92
CA GLY B 536 35.03 -0.14 41.62
C GLY B 536 36.19 -0.51 40.71
N ALA B 537 37.40 -0.15 41.14
CA ALA B 537 38.61 -0.50 40.39
C ALA B 537 38.96 -1.97 40.53
N TRP B 538 38.49 -2.62 41.59
CA TRP B 538 38.71 -4.04 41.78
C TRP B 538 37.68 -4.89 41.06
N LYS B 539 36.72 -4.26 40.38
CA LYS B 539 35.70 -4.97 39.62
C LYS B 539 34.99 -6.03 40.47
N PRO B 540 34.38 -5.64 41.58
CA PRO B 540 33.63 -6.61 42.38
C PRO B 540 32.40 -7.11 41.63
N GLN B 541 32.10 -8.39 41.82
CA GLN B 541 30.97 -9.02 41.14
C GLN B 541 30.35 -10.05 42.07
N ILE B 542 29.03 -10.16 42.01
CA ILE B 542 28.26 -11.10 42.82
C ILE B 542 27.31 -11.84 41.89
N LYS B 543 27.24 -13.16 42.03
CA LYS B 543 26.31 -13.99 41.28
C LYS B 543 25.46 -14.78 42.26
N GLY B 544 24.18 -14.91 41.94
CA GLY B 544 23.27 -15.70 42.75
C GLY B 544 22.38 -16.55 41.87
N VAL B 545 22.17 -17.80 42.26
CA VAL B 545 21.41 -18.75 41.47
C VAL B 545 20.35 -19.39 42.36
N TYR B 546 19.13 -19.49 41.85
CA TYR B 546 18.11 -20.33 42.45
C TYR B 546 17.40 -21.10 41.35
N GLY B 547 17.03 -22.34 41.65
CA GLY B 547 16.28 -23.10 40.66
C GLY B 547 15.78 -24.42 41.19
N SER B 548 14.93 -25.04 40.38
CA SER B 548 14.41 -26.38 40.61
C SER B 548 14.98 -27.30 39.56
N ARG B 549 15.61 -28.40 39.99
CA ARG B 549 16.29 -29.29 39.07
C ARG B 549 15.32 -29.86 38.04
N SER B 550 15.70 -29.80 36.77
CA SER B 550 14.93 -30.34 35.67
C SER B 550 13.51 -29.78 35.63
N GLY B 551 13.26 -28.66 36.29
CA GLY B 551 11.90 -28.16 36.37
C GLY B 551 11.01 -29.18 37.06
N LEU B 552 9.79 -29.34 36.55
CA LEU B 552 8.88 -30.32 37.08
C LEU B 552 9.02 -31.62 36.28
N ASP B 553 9.23 -32.72 36.99
CA ASP B 553 9.44 -34.01 36.35
C ASP B 553 8.85 -35.10 37.23
N GLY B 554 8.42 -36.18 36.60
CA GLY B 554 7.74 -37.24 37.31
C GLY B 554 8.64 -37.92 38.34
N THR B 555 7.99 -38.53 39.33
CA THR B 555 8.72 -39.21 40.38
C THR B 555 9.63 -40.29 39.78
N ALA B 556 10.58 -40.74 40.58
CA ALA B 556 11.63 -41.67 40.16
C ALA B 556 12.70 -40.98 39.33
N GLU B 557 12.52 -39.70 39.02
CA GLU B 557 13.54 -38.90 38.36
C GLU B 557 14.40 -38.20 39.39
N ALA B 558 15.68 -38.05 39.08
CA ALA B 558 16.62 -37.49 40.04
C ALA B 558 16.30 -36.05 40.42
N GLY B 559 15.53 -35.34 39.60
CA GLY B 559 15.25 -33.94 39.83
C GLY B 559 13.87 -33.65 40.38
N TYR B 560 13.26 -34.64 41.04
CA TYR B 560 11.93 -34.46 41.63
C TYR B 560 12.06 -33.88 43.03
N GLY B 561 11.45 -32.72 43.25
CA GLY B 561 11.51 -32.09 44.56
C GLY B 561 12.90 -31.71 45.01
N VAL B 562 13.80 -31.47 44.07
CA VAL B 562 15.17 -31.05 44.38
C VAL B 562 15.36 -29.63 43.89
N TYR B 563 15.83 -28.77 44.78
CA TYR B 563 16.05 -27.36 44.47
C TYR B 563 17.48 -27.00 44.83
N TYR B 564 18.07 -26.11 44.04
CA TYR B 564 19.44 -25.68 44.24
C TYR B 564 19.50 -24.16 44.38
N ARG B 565 20.48 -23.72 45.16
CA ARG B 565 20.73 -22.31 45.41
C ARG B 565 22.24 -22.11 45.50
N GLY B 566 22.68 -20.88 45.28
CA GLY B 566 24.09 -20.60 45.37
C GLY B 566 24.39 -19.13 45.23
N VAL B 567 25.57 -18.75 45.70
CA VAL B 567 26.03 -17.36 45.60
C VAL B 567 27.55 -17.35 45.58
N ARG B 568 28.11 -16.60 44.63
CA ARG B 568 29.54 -16.43 44.46
C ARG B 568 29.88 -14.95 44.44
N ALA B 569 31.09 -14.62 44.87
CA ALA B 569 31.56 -13.24 44.88
C ALA B 569 33.03 -13.21 44.49
N GLN B 570 33.39 -12.31 43.57
CA GLN B 570 34.74 -12.28 43.01
C GLN B 570 35.20 -10.85 42.77
N ILE B 571 36.52 -10.66 42.78
CA ILE B 571 37.14 -9.39 42.39
C ILE B 571 38.45 -9.66 41.66
N THR B 572 39.07 -8.58 41.20
CA THR B 572 40.36 -8.61 40.50
C THR B 572 41.26 -7.55 41.13
N PRO B 573 41.80 -7.82 42.32
CA PRO B 573 42.60 -6.79 43.00
C PRO B 573 43.81 -6.33 42.20
N VAL B 574 44.43 -7.21 41.42
CA VAL B 574 45.65 -6.88 40.68
C VAL B 574 45.39 -7.09 39.20
N GLY B 575 46.42 -6.90 38.38
CA GLY B 575 46.29 -6.87 36.94
C GLY B 575 45.25 -7.80 36.36
N THR B 576 45.39 -9.10 36.61
CA THR B 576 44.39 -10.06 36.14
C THR B 576 44.06 -11.14 37.14
N LEU B 577 44.63 -11.11 38.35
CA LEU B 577 44.34 -12.12 39.36
C LEU B 577 42.92 -11.91 39.88
N THR B 578 42.03 -12.83 39.56
CA THR B 578 40.67 -12.81 40.08
C THR B 578 40.56 -13.79 41.24
N ALA B 579 40.11 -13.30 42.39
CA ALA B 579 39.89 -14.13 43.56
C ALA B 579 38.40 -14.15 43.87
N GLY B 580 37.87 -15.32 44.17
CA GLY B 580 36.45 -15.46 44.42
C GLY B 580 36.16 -16.54 45.44
N ILE B 581 35.06 -16.35 46.16
CA ILE B 581 34.50 -17.38 47.04
C ILE B 581 33.12 -17.74 46.51
N HIS B 582 32.61 -18.88 46.94
CA HIS B 582 31.29 -19.31 46.51
C HIS B 582 30.72 -20.37 47.44
N TYR B 583 29.41 -20.27 47.67
CA TYR B 583 28.63 -21.23 48.43
C TYR B 583 27.58 -21.82 47.50
N ALA B 584 27.39 -23.13 47.56
CA ALA B 584 26.43 -23.82 46.72
C ALA B 584 25.71 -24.86 47.56
N GLN B 585 24.41 -25.04 47.30
CA GLN B 585 23.65 -26.05 48.01
C GLN B 585 22.58 -26.61 47.11
N GLU B 586 22.31 -27.91 47.25
CA GLU B 586 21.19 -28.54 46.57
C GLU B 586 20.55 -29.54 47.52
N GLY B 587 19.22 -29.51 47.60
CA GLY B 587 18.54 -30.34 48.57
C GLY B 587 17.16 -30.75 48.13
N ARG B 588 16.53 -31.57 48.97
CA ARG B 588 15.19 -32.07 48.77
C ARG B 588 14.22 -31.30 49.66
N ASP B 589 13.02 -31.04 49.14
CA ASP B 589 11.97 -30.44 49.96
C ASP B 589 11.18 -31.57 50.62
N MET B 590 10.05 -31.23 51.25
CA MET B 590 9.26 -32.27 51.90
C MET B 590 8.59 -33.20 50.90
N PHE B 591 8.36 -32.75 49.67
CA PHE B 591 7.83 -33.59 48.61
C PHE B 591 8.92 -34.33 47.84
N GLY B 592 10.18 -34.02 48.09
CA GLY B 592 11.27 -34.74 47.48
C GLY B 592 11.87 -35.74 48.45
N ALA B 593 11.84 -35.41 49.74
CA ALA B 593 12.30 -36.36 50.75
C ALA B 593 11.48 -37.63 50.72
N ALA B 594 10.17 -37.50 50.55
CA ALA B 594 9.28 -38.62 50.35
C ALA B 594 8.70 -38.56 48.93
N GLN B 595 8.56 -39.73 48.32
CA GLN B 595 8.03 -39.82 46.96
C GLN B 595 9.02 -39.25 45.94
N ASN B 596 10.28 -39.64 46.08
CA ASN B 596 11.28 -39.36 45.04
C ASN B 596 12.07 -40.58 44.59
N THR B 597 12.26 -41.58 45.44
CA THR B 597 13.07 -42.74 45.08
C THR B 597 14.48 -42.32 44.67
N THR B 598 14.96 -42.81 43.54
CA THR B 598 16.30 -42.52 43.06
C THR B 598 17.32 -42.62 44.17
N SER B 599 18.42 -41.85 44.07
CA SER B 599 19.43 -41.83 45.11
C SER B 599 19.99 -40.44 45.34
N THR B 600 19.31 -39.40 44.88
CA THR B 600 19.83 -38.05 45.04
C THR B 600 20.08 -37.76 46.52
N PRO B 601 21.21 -37.18 46.88
CA PRO B 601 21.49 -36.93 48.30
C PRO B 601 20.41 -36.05 48.92
N SER B 602 20.10 -36.33 50.18
CA SER B 602 19.13 -35.49 50.90
C SER B 602 19.60 -34.05 50.96
N ASP B 603 20.90 -33.81 50.86
CA ASP B 603 21.43 -32.46 50.90
C ASP B 603 22.91 -32.48 50.53
N VAL B 604 23.34 -31.47 49.78
CA VAL B 604 24.75 -31.25 49.47
C VAL B 604 25.03 -29.76 49.67
N THR B 605 26.13 -29.46 50.36
CA THR B 605 26.48 -28.07 50.70
C THR B 605 27.99 -27.90 50.50
N THR B 606 28.37 -27.23 49.42
CA THR B 606 29.76 -27.05 49.04
C THR B 606 30.17 -25.59 49.24
N TYR B 607 31.39 -25.39 49.74
CA TYR B 607 32.01 -24.07 49.78
C TYR B 607 33.33 -24.13 49.01
N GLY B 608 33.75 -22.99 48.49
CA GLY B 608 35.00 -22.99 47.76
C GLY B 608 35.53 -21.60 47.52
N ALA B 609 36.79 -21.55 47.09
CA ALA B 609 37.47 -20.32 46.72
C ALA B 609 38.42 -20.64 45.56
N ASP B 610 38.68 -19.63 44.74
CA ASP B 610 39.55 -19.79 43.59
C ASP B 610 40.32 -18.51 43.33
N LEU B 611 41.52 -18.66 42.76
CA LEU B 611 42.47 -17.56 42.61
C LEU B 611 43.11 -17.58 41.23
N HIS B 612 42.31 -17.69 40.17
CA HIS B 612 42.83 -17.74 38.82
C HIS B 612 43.20 -16.36 38.31
N GLY B 613 44.29 -16.27 37.55
CA GLY B 613 44.66 -15.05 36.89
C GLY B 613 46.16 -14.93 36.71
N LYS B 614 46.57 -13.79 36.15
CA LYS B 614 47.97 -13.45 35.93
C LYS B 614 48.25 -12.10 36.58
N ALA B 615 49.23 -12.07 37.49
CA ALA B 615 49.41 -10.90 38.35
C ALA B 615 50.73 -10.16 38.09
N PHE B 616 51.86 -10.83 38.22
CA PHE B 616 53.16 -10.15 38.24
C PHE B 616 54.16 -10.86 37.33
N GLY B 617 53.72 -11.17 36.11
CA GLY B 617 54.54 -11.96 35.22
C GLY B 617 54.44 -13.46 35.43
N VAL B 618 53.67 -13.90 36.42
CA VAL B 618 53.41 -15.31 36.65
C VAL B 618 51.89 -15.51 36.65
N GLU B 619 51.48 -16.73 36.35
CA GLU B 619 50.07 -17.08 36.26
C GLU B 619 49.74 -18.11 37.33
N LEU B 620 48.84 -17.77 38.23
CA LEU B 620 48.41 -18.64 39.31
C LEU B 620 47.01 -19.18 39.03
N HIS B 621 46.79 -20.44 39.42
CA HIS B 621 45.48 -21.06 39.27
C HIS B 621 45.27 -21.98 40.46
N SER B 622 44.44 -21.56 41.41
CA SER B 622 44.21 -22.32 42.62
C SER B 622 42.72 -22.58 42.81
N GLU B 623 42.41 -23.62 43.58
CA GLU B 623 41.03 -24.01 43.80
C GLU B 623 40.92 -24.84 45.06
N TYR B 624 39.89 -24.56 45.86
CA TYR B 624 39.57 -25.31 47.06
C TYR B 624 38.07 -25.58 47.10
N ALA B 625 37.69 -26.73 47.65
CA ALA B 625 36.29 -27.10 47.72
C ALA B 625 36.06 -28.05 48.89
N THR B 626 34.85 -27.97 49.45
CA THR B 626 34.42 -28.84 50.54
C THR B 626 32.98 -29.25 50.25
N SER B 627 32.66 -30.54 50.41
CA SER B 627 31.43 -31.10 49.86
C SER B 627 30.30 -31.24 50.89
N ARG B 628 30.51 -32.02 51.95
CA ARG B 628 29.49 -32.22 52.98
C ARG B 628 28.19 -32.76 52.36
N VAL B 629 28.27 -33.97 51.84
CA VAL B 629 27.14 -34.64 51.23
C VAL B 629 26.35 -35.38 52.30
N ARG B 630 25.02 -35.30 52.22
CA ARG B 630 24.09 -35.96 53.13
C ARG B 630 23.42 -37.09 52.38
N PRO B 631 23.79 -38.35 52.63
CA PRO B 631 23.46 -39.43 51.69
C PRO B 631 22.10 -40.09 51.97
N ASN B 632 21.06 -39.26 52.03
CA ASN B 632 19.67 -39.74 52.08
C ASN B 632 19.55 -40.80 53.17
N THR B 633 19.00 -41.98 52.88
CA THR B 633 18.81 -43.04 53.87
C THR B 633 18.17 -42.51 55.15
N ALA B 634 18.56 -43.07 56.29
CA ALA B 634 18.03 -42.66 57.58
C ALA B 634 19.10 -42.09 58.49
N ASN B 635 20.24 -42.78 58.64
CA ASN B 635 21.37 -42.26 59.38
C ASN B 635 22.30 -41.40 58.54
N ALA B 636 22.45 -41.72 57.26
CA ALA B 636 23.24 -40.89 56.36
C ALA B 636 24.71 -40.89 56.73
N ALA B 637 25.05 -40.33 57.91
CA ALA B 637 26.44 -40.20 58.32
C ALA B 637 27.22 -39.33 57.32
N VAL B 638 26.86 -38.05 57.31
CA VAL B 638 27.39 -37.08 56.35
C VAL B 638 28.89 -37.27 56.17
N GLN B 639 29.32 -37.32 54.91
CA GLN B 639 30.73 -37.47 54.57
C GLN B 639 31.24 -36.22 53.88
N THR B 640 32.44 -35.81 54.26
CA THR B 640 33.08 -34.62 53.72
C THR B 640 34.17 -35.00 52.73
N SER B 641 34.25 -34.25 51.63
CA SER B 641 35.23 -34.51 50.60
C SER B 641 35.70 -33.19 50.01
N ASN B 642 37.00 -32.96 50.03
CA ASN B 642 37.60 -31.72 49.55
C ASN B 642 38.33 -31.95 48.23
N ALA B 643 38.67 -30.84 47.58
CA ALA B 643 39.37 -30.89 46.30
C ALA B 643 40.19 -29.60 46.19
N PHE B 644 41.50 -29.72 46.33
CA PHE B 644 42.38 -28.55 46.32
C PHE B 644 43.48 -28.75 45.29
N TYR B 645 43.78 -27.69 44.54
CA TYR B 645 44.92 -27.70 43.63
C TYR B 645 45.47 -26.29 43.51
N ALA B 646 46.74 -26.22 43.11
CA ALA B 646 47.42 -24.94 42.96
C ALA B 646 48.51 -25.10 41.91
N ARG B 647 48.30 -24.52 40.73
CA ARG B 647 49.24 -24.59 39.63
C ARG B 647 49.81 -23.21 39.32
N VAL B 648 51.06 -23.19 38.87
CA VAL B 648 51.61 -22.02 38.20
C VAL B 648 51.79 -22.39 36.74
N ALA B 649 50.76 -22.14 35.92
CA ALA B 649 50.76 -22.57 34.53
C ALA B 649 49.80 -21.69 33.74
N THR B 650 49.90 -21.78 32.43
CA THR B 650 49.12 -20.97 31.51
C THR B 650 47.83 -21.68 31.16
N ARG B 651 46.70 -21.01 31.40
CA ARG B 651 45.39 -21.54 31.09
C ARG B 651 44.85 -20.87 29.82
N LYS B 652 44.23 -21.66 28.95
CA LYS B 652 43.66 -21.12 27.73
C LYS B 652 42.32 -20.46 28.03
N ASP B 653 41.69 -19.94 26.98
CA ASP B 653 40.38 -19.31 27.15
C ASP B 653 39.28 -20.34 27.32
N ASN B 654 39.42 -21.51 26.72
CA ASN B 654 38.48 -22.61 26.95
C ASN B 654 38.72 -23.30 28.27
N LEU B 655 39.59 -22.76 29.11
CA LEU B 655 39.86 -23.25 30.45
C LEU B 655 40.76 -24.49 30.46
N ALA B 656 41.20 -24.95 29.31
CA ALA B 656 42.23 -25.97 29.24
C ALA B 656 43.57 -25.34 29.55
N PHE B 657 44.49 -26.14 30.07
CA PHE B 657 45.80 -25.66 30.49
C PHE B 657 46.79 -25.88 29.36
N ASP B 658 47.38 -24.79 28.88
CA ASP B 658 48.40 -24.85 27.83
C ASP B 658 49.77 -24.99 28.49
N LEU B 659 50.35 -26.18 28.40
CA LEU B 659 51.62 -26.48 29.04
C LEU B 659 52.81 -26.20 28.12
N ASN B 660 52.57 -25.67 26.93
CA ASN B 660 53.64 -25.29 26.02
C ASN B 660 54.07 -23.85 26.18
N THR B 661 53.28 -23.02 26.87
CA THR B 661 53.65 -21.64 27.16
C THR B 661 54.21 -21.56 28.57
N PRO B 662 55.40 -20.99 28.77
CA PRO B 662 56.05 -21.08 30.08
C PRO B 662 55.22 -20.52 31.22
N ALA B 663 54.87 -19.24 31.15
CA ALA B 663 54.20 -18.52 32.23
C ALA B 663 55.15 -18.09 33.35
N ALA B 664 56.44 -18.41 33.24
CA ALA B 664 57.43 -17.92 34.19
C ALA B 664 58.45 -17.00 33.53
N LYS B 665 59.15 -17.45 32.50
CA LYS B 665 60.02 -16.60 31.69
C LYS B 665 60.99 -15.79 32.57
N PHE B 666 61.91 -16.52 33.20
CA PHE B 666 62.89 -15.92 34.11
C PHE B 666 64.13 -15.39 33.38
N GLY B 667 64.04 -15.11 32.10
CA GLY B 667 65.19 -14.60 31.38
C GLY B 667 64.87 -14.36 29.92
N ASN B 668 65.91 -14.04 29.15
CA ASN B 668 65.81 -13.80 27.73
C ASN B 668 66.30 -15.02 26.95
N ASP B 669 66.43 -14.87 25.63
CA ASP B 669 66.80 -16.00 24.77
C ASP B 669 68.19 -16.55 25.07
N THR B 670 69.17 -15.69 25.34
CA THR B 670 70.52 -16.17 25.64
C THR B 670 70.56 -16.98 26.92
N PHE B 671 69.79 -16.58 27.94
CA PHE B 671 69.64 -17.33 29.18
C PHE B 671 68.16 -17.23 29.54
N GLY B 672 67.40 -18.29 29.27
CA GLY B 672 65.96 -18.18 29.29
C GLY B 672 65.23 -19.23 30.09
N VAL B 673 65.75 -19.60 31.27
CA VAL B 673 65.06 -20.58 32.10
C VAL B 673 63.58 -20.26 32.15
N SER B 674 62.75 -21.24 31.78
CA SER B 674 61.31 -21.05 31.68
C SER B 674 60.62 -22.14 32.48
N LEU B 675 59.82 -21.73 33.46
CA LEU B 675 58.96 -22.68 34.15
C LEU B 675 57.68 -22.89 33.35
N TYR B 676 57.36 -24.15 33.07
CA TYR B 676 56.16 -24.49 32.31
C TYR B 676 55.02 -24.95 33.17
N ASP B 677 55.29 -25.67 34.26
CA ASP B 677 54.23 -26.08 35.17
C ASP B 677 54.83 -26.37 36.54
N LEU B 678 54.07 -26.04 37.59
CA LEU B 678 54.45 -26.34 38.96
C LEU B 678 53.15 -26.43 39.75
N ASN B 679 52.70 -27.65 40.04
CA ASN B 679 51.37 -27.85 40.58
C ASN B 679 51.39 -28.85 41.73
N TYR B 680 50.39 -28.72 42.60
CA TYR B 680 50.08 -29.67 43.64
C TYR B 680 48.59 -29.94 43.59
N ARG B 681 48.19 -31.15 44.00
CA ARG B 681 46.79 -31.54 43.92
C ARG B 681 46.46 -32.53 45.02
N LYS B 682 45.29 -32.33 45.64
CA LYS B 682 44.85 -33.15 46.77
C LYS B 682 43.37 -33.47 46.63
N ILE B 683 42.95 -33.90 45.44
CA ILE B 683 41.56 -34.31 45.23
C ILE B 683 41.26 -35.52 46.09
N ASP B 684 40.10 -35.52 46.75
CA ASP B 684 39.72 -36.61 47.61
C ASP B 684 39.04 -37.72 46.82
N ALA B 685 38.93 -38.90 47.46
CA ALA B 685 38.40 -40.07 46.78
C ALA B 685 36.89 -39.98 46.56
N GLY B 686 36.16 -39.35 47.48
CA GLY B 686 34.73 -39.26 47.38
C GLY B 686 34.18 -38.09 46.61
N TYR B 687 35.04 -37.30 45.95
CA TYR B 687 34.62 -36.09 45.26
C TYR B 687 34.26 -36.43 43.82
N ASN B 688 32.97 -36.39 43.52
CA ASN B 688 32.45 -36.56 42.17
C ASN B 688 31.52 -35.39 41.85
N ASN B 689 30.79 -35.50 40.74
CA ASN B 689 29.86 -34.44 40.34
C ASN B 689 28.72 -34.28 41.33
N VAL B 690 28.51 -35.23 42.24
CA VAL B 690 27.52 -35.04 43.28
C VAL B 690 28.09 -34.24 44.44
N ALA B 691 29.32 -34.54 44.84
CA ALA B 691 29.96 -33.81 45.92
C ALA B 691 29.97 -32.31 45.63
N GLY B 692 30.65 -31.92 44.54
CA GLY B 692 30.51 -30.57 44.01
C GLY B 692 29.40 -30.61 42.98
N ILE B 693 28.43 -29.72 43.14
CA ILE B 693 27.14 -29.88 42.47
C ILE B 693 27.29 -29.50 41.01
N SER B 694 27.63 -30.48 40.18
CA SER B 694 27.91 -30.27 38.77
C SER B 694 27.17 -31.34 37.96
N GLU B 695 27.30 -31.26 36.64
CA GLU B 695 26.62 -32.22 35.78
C GLU B 695 27.43 -33.50 35.61
N TYR B 696 28.69 -33.37 35.20
CA TYR B 696 29.54 -34.52 34.96
C TYR B 696 30.90 -34.30 35.61
N GLY B 697 31.75 -35.32 35.48
CA GLY B 697 33.18 -35.14 35.51
C GLY B 697 33.83 -35.54 36.82
N TYR B 698 35.06 -35.06 36.99
CA TYR B 698 35.89 -35.32 38.16
C TYR B 698 36.37 -36.76 38.16
N GLY B 699 36.80 -37.20 36.99
CA GLY B 699 37.35 -38.53 36.79
C GLY B 699 38.17 -38.55 35.53
N SER B 700 39.16 -39.44 35.50
CA SER B 700 40.09 -39.50 34.39
C SER B 700 39.35 -39.50 33.06
N TYR B 701 39.71 -38.55 32.19
CA TYR B 701 39.05 -38.44 30.89
C TYR B 701 39.37 -39.63 30.00
N SER B 702 40.61 -40.13 30.05
CA SER B 702 41.05 -41.21 29.18
C SER B 702 41.41 -42.48 29.94
N ARG B 703 42.25 -42.37 30.97
CA ARG B 703 42.70 -43.54 31.74
C ARG B 703 43.74 -44.34 30.97
N THR B 704 43.97 -43.99 29.72
CA THR B 704 45.10 -44.51 28.93
C THR B 704 46.02 -43.41 28.44
N SER B 705 45.47 -42.29 27.99
CA SER B 705 46.25 -41.08 27.78
C SER B 705 46.47 -40.44 29.14
N ALA B 706 46.89 -39.18 29.19
CA ALA B 706 47.12 -38.54 30.47
C ALA B 706 45.93 -38.81 31.39
N GLN B 707 46.13 -39.57 32.45
CA GLN B 707 45.04 -40.06 33.26
C GLN B 707 44.89 -39.32 34.59
N ASN B 708 45.79 -38.39 34.89
CA ASN B 708 45.61 -37.52 36.04
C ASN B 708 44.77 -36.29 35.71
N ILE B 709 44.38 -36.14 34.45
CA ILE B 709 43.68 -34.95 33.97
C ILE B 709 42.21 -35.28 33.81
N ALA B 710 41.35 -34.50 34.46
CA ALA B 710 39.91 -34.68 34.38
C ALA B 710 39.26 -33.84 33.29
N TYR B 711 40.03 -33.01 32.59
CA TYR B 711 39.48 -32.14 31.56
C TYR B 711 38.81 -32.97 30.47
N ASN B 712 37.49 -32.78 30.30
CA ASN B 712 36.71 -33.53 29.31
C ASN B 712 36.02 -32.56 28.36
N PRO B 713 36.54 -32.36 27.15
CA PRO B 713 35.87 -31.46 26.20
C PRO B 713 34.49 -31.94 25.78
N ASP B 714 34.22 -33.25 25.87
CA ASP B 714 32.94 -33.77 25.40
C ASP B 714 31.79 -33.29 26.29
N THR B 715 31.95 -33.43 27.61
CA THR B 715 30.92 -33.07 28.57
C THR B 715 31.19 -31.73 29.25
N GLY B 716 32.17 -30.97 28.76
CA GLY B 716 32.47 -29.69 29.37
C GLY B 716 32.95 -29.78 30.79
N VAL B 717 33.71 -30.82 31.13
CA VAL B 717 34.24 -31.00 32.48
C VAL B 717 35.57 -30.26 32.50
N THR B 718 35.50 -28.96 32.80
CA THR B 718 36.70 -28.13 32.91
C THR B 718 37.27 -28.29 34.31
N ALA B 719 38.20 -29.24 34.47
CA ALA B 719 38.82 -29.47 35.76
C ALA B 719 40.20 -30.09 35.53
N PRO B 720 41.27 -29.47 36.04
CA PRO B 720 42.61 -29.95 35.69
C PRO B 720 42.90 -31.36 36.13
N PHE B 721 42.50 -31.75 37.34
CA PHE B 721 42.94 -33.00 37.94
C PHE B 721 41.75 -33.88 38.27
N ALA B 722 41.94 -35.18 38.12
CA ALA B 722 40.87 -36.16 38.14
C ALA B 722 40.89 -36.99 39.41
N ASN B 723 39.73 -37.57 39.71
CA ASN B 723 39.59 -38.54 40.79
C ASN B 723 39.98 -39.90 40.24
N LEU B 724 41.20 -40.32 40.52
CA LEU B 724 41.71 -41.57 39.97
C LEU B 724 41.01 -42.76 40.63
N ASP B 725 40.91 -43.85 39.86
CA ASP B 725 40.34 -45.10 40.33
C ASP B 725 41.33 -46.22 40.11
N ARG B 726 41.23 -47.25 40.96
CA ARG B 726 42.11 -48.41 40.90
C ARG B 726 41.41 -49.54 40.15
N GLN B 727 42.13 -50.17 39.24
CA GLN B 727 41.58 -51.21 38.39
C GLN B 727 42.12 -52.59 38.77
N ALA B 728 41.26 -53.60 38.62
CA ALA B 728 41.62 -54.96 38.97
C ALA B 728 40.76 -55.92 38.17
N TYR B 729 41.19 -57.18 38.13
CA TYR B 729 40.46 -58.22 37.42
C TYR B 729 39.10 -58.45 38.07
N THR B 730 38.09 -58.72 37.23
CA THR B 730 36.73 -58.84 37.73
C THR B 730 36.44 -60.22 38.29
N ASP B 731 36.51 -61.25 37.46
CA ASP B 731 36.18 -62.62 37.86
C ASP B 731 34.75 -62.68 38.42
N ALA B 732 33.80 -62.38 37.54
CA ALA B 732 32.41 -62.25 37.96
C ALA B 732 31.72 -63.60 38.16
N ASN B 733 31.61 -64.39 37.09
CA ASN B 733 30.91 -65.67 37.17
C ASN B 733 31.87 -66.82 37.44
N ASN B 734 32.84 -67.02 36.55
CA ASN B 734 33.82 -68.08 36.72
C ASN B 734 34.76 -67.73 37.88
N ASP B 735 35.43 -68.76 38.39
CA ASP B 735 36.38 -68.60 39.48
C ASP B 735 37.69 -69.26 39.08
N GLY B 736 38.81 -68.58 39.36
CA GLY B 736 40.11 -69.10 39.03
C GLY B 736 40.73 -68.40 37.83
N THR B 737 39.88 -67.83 36.98
CA THR B 737 40.33 -67.13 35.79
C THR B 737 39.64 -65.77 35.71
N SER B 738 40.39 -64.77 35.26
CA SER B 738 39.87 -63.42 35.16
C SER B 738 38.95 -63.29 33.96
N ASP B 739 37.92 -62.47 34.10
CA ASP B 739 36.95 -62.29 33.03
C ASP B 739 37.56 -61.57 31.84
N ARG B 740 37.20 -62.01 30.64
CA ARG B 740 37.65 -61.39 29.40
C ARG B 740 36.44 -61.14 28.50
N ASN B 741 36.59 -60.17 27.60
CA ASN B 741 35.56 -59.90 26.62
C ASN B 741 35.70 -60.85 25.43
N ALA B 742 34.81 -60.70 24.45
CA ALA B 742 34.87 -61.56 23.27
C ALA B 742 36.18 -61.36 22.51
N ASP B 743 36.61 -60.10 22.37
CA ASP B 743 37.85 -59.81 21.67
C ASP B 743 39.09 -60.23 22.45
N GLY B 744 38.93 -60.62 23.71
CA GLY B 744 40.05 -60.98 24.56
C GLY B 744 40.46 -59.93 25.55
N THR B 745 39.91 -58.72 25.45
CA THR B 745 40.24 -57.65 26.39
C THR B 745 39.75 -57.99 27.78
N VAL B 746 40.45 -57.49 28.79
CA VAL B 746 40.13 -57.79 30.18
C VAL B 746 38.92 -56.95 30.60
N VAL B 747 38.19 -57.47 31.58
CA VAL B 747 37.11 -56.74 32.24
C VAL B 747 37.61 -56.31 33.61
N ALA B 748 37.58 -55.00 33.87
CA ALA B 748 38.17 -54.44 35.07
C ALA B 748 37.11 -53.81 35.95
N THR B 749 37.35 -53.85 37.26
CA THR B 749 36.51 -53.19 38.26
C THR B 749 37.25 -51.95 38.75
N ASN B 750 36.59 -50.81 38.70
CA ASN B 750 37.21 -49.52 38.99
C ASN B 750 36.82 -49.06 40.38
N THR B 751 37.83 -48.79 41.21
CA THR B 751 37.64 -48.32 42.58
C THR B 751 38.22 -46.92 42.69
N LYS B 752 37.38 -45.95 43.04
CA LYS B 752 37.86 -44.58 43.16
C LYS B 752 38.84 -44.47 44.31
N ILE B 753 40.02 -43.92 44.02
CA ILE B 753 41.04 -43.71 45.03
C ILE B 753 41.37 -42.24 45.24
N GLY B 754 40.93 -41.34 44.36
CA GLY B 754 41.26 -39.95 44.50
C GLY B 754 42.55 -39.58 43.81
N GLN B 755 43.22 -38.53 44.28
CA GLN B 755 44.50 -38.15 43.71
C GLN B 755 45.24 -37.16 44.61
N MET B 756 46.52 -37.40 44.85
CA MET B 756 47.36 -36.47 45.59
C MET B 756 48.75 -36.55 45.00
N GLY B 757 49.31 -35.40 44.62
CA GLY B 757 50.64 -35.42 44.07
C GLY B 757 51.04 -34.05 43.56
N PHE B 758 52.30 -33.95 43.17
CA PHE B 758 52.87 -32.70 42.68
C PHE B 758 53.52 -32.96 41.33
N GLY B 759 53.85 -31.87 40.64
CA GLY B 759 54.49 -31.98 39.34
C GLY B 759 55.13 -30.71 38.86
N VAL B 760 56.34 -30.81 38.30
CA VAL B 760 57.08 -29.65 37.81
C VAL B 760 57.62 -29.97 36.43
N LYS B 761 57.40 -29.07 35.48
CA LYS B 761 57.99 -29.12 34.15
C LYS B 761 58.66 -27.79 33.86
N ALA B 762 59.94 -27.83 33.51
CA ALA B 762 60.70 -26.61 33.30
C ALA B 762 61.72 -26.84 32.18
N ALA B 763 62.25 -25.74 31.66
CA ALA B 763 63.23 -25.78 30.59
C ALA B 763 64.16 -24.59 30.71
N ALA B 764 65.45 -24.84 30.48
CA ALA B 764 66.49 -23.82 30.53
C ALA B 764 67.00 -23.60 29.12
N ASN B 765 66.94 -22.34 28.67
CA ASN B 765 67.37 -21.98 27.32
C ASN B 765 68.79 -21.46 27.38
N LEU B 766 69.71 -22.23 26.83
CA LEU B 766 71.10 -21.83 26.63
C LEU B 766 71.19 -21.09 25.29
N GLY B 767 72.39 -21.00 24.72
CA GLY B 767 72.56 -20.36 23.44
C GLY B 767 72.31 -21.40 22.37
N PRO B 768 73.37 -21.90 21.73
CA PRO B 768 73.18 -23.01 20.79
C PRO B 768 72.69 -24.30 21.46
N VAL B 769 72.39 -24.27 22.75
CA VAL B 769 71.96 -25.43 23.51
C VAL B 769 70.64 -25.10 24.21
N ALA B 770 69.90 -26.15 24.55
CA ALA B 770 68.67 -26.03 25.31
C ALA B 770 68.46 -27.32 26.09
N ILE B 771 67.92 -27.21 27.30
CA ILE B 771 67.65 -28.38 28.12
C ILE B 771 66.25 -28.26 28.71
N GLY B 772 65.68 -29.39 29.07
CA GLY B 772 64.37 -29.40 29.68
C GLY B 772 64.19 -30.64 30.53
N GLY B 773 63.28 -30.55 31.48
CA GLY B 773 63.02 -31.66 32.38
C GLY B 773 61.63 -31.59 32.94
N TYR B 774 61.17 -32.75 33.41
CA TYR B 774 59.84 -32.85 34.00
C TYR B 774 59.84 -33.98 35.03
N TYR B 775 59.03 -33.78 36.06
CA TYR B 775 58.83 -34.76 37.12
C TYR B 775 57.38 -34.69 37.56
N ASP B 776 56.81 -35.85 37.87
CA ASP B 776 55.40 -35.91 38.25
C ASP B 776 55.14 -37.19 39.01
N THR B 777 54.73 -37.06 40.27
CA THR B 777 54.35 -38.21 41.10
C THR B 777 52.94 -37.98 41.61
N SER B 778 52.08 -38.98 41.44
CA SER B 778 50.72 -38.94 41.95
C SER B 778 50.44 -40.24 42.68
N THR B 779 49.68 -40.17 43.75
CA THR B 779 49.25 -41.34 44.50
C THR B 779 47.74 -41.25 44.70
N GLY B 780 47.19 -42.14 45.51
CA GLY B 780 45.82 -41.99 45.93
C GLY B 780 45.68 -40.89 46.96
N ALA B 781 44.43 -40.54 47.27
CA ALA B 781 44.18 -39.48 48.23
C ALA B 781 44.74 -39.84 49.60
N ASN B 782 44.64 -41.11 49.99
CA ASN B 782 45.17 -41.53 51.28
C ASN B 782 46.68 -41.37 51.34
N GLY B 783 47.37 -41.67 50.23
CA GLY B 783 48.81 -41.58 50.17
C GLY B 783 49.53 -42.91 50.12
N ASP B 784 48.80 -44.02 50.05
CA ASP B 784 49.43 -45.33 50.00
C ASP B 784 50.19 -45.51 48.70
N ASN B 785 51.43 -45.97 48.80
CA ASN B 785 52.29 -46.13 47.63
C ASN B 785 51.86 -47.27 46.71
N ALA B 786 50.80 -48.00 47.07
CA ALA B 786 50.29 -49.05 46.21
C ALA B 786 49.64 -48.49 44.95
N ASN B 787 49.42 -47.18 44.88
CA ASN B 787 48.81 -46.55 43.72
C ASN B 787 49.70 -45.47 43.12
N ARG B 788 50.98 -45.42 43.50
CA ARG B 788 51.87 -44.39 43.01
C ARG B 788 52.21 -44.60 41.54
N MET B 789 52.28 -43.49 40.81
CA MET B 789 52.68 -43.51 39.40
C MET B 789 53.56 -42.30 39.15
N THR B 790 54.87 -42.52 39.04
CA THR B 790 55.84 -41.45 38.88
C THR B 790 56.37 -41.45 37.45
N GLU B 791 56.38 -40.27 36.84
CA GLU B 791 57.05 -40.05 35.56
C GLU B 791 58.08 -38.95 35.73
N ALA B 792 59.31 -39.23 35.31
CA ALA B 792 60.39 -38.27 35.31
C ALA B 792 61.14 -38.39 33.98
N GLY B 793 61.79 -37.32 33.58
CA GLY B 793 62.53 -37.36 32.34
C GLY B 793 63.23 -36.03 32.08
N GLY B 794 63.83 -35.96 30.90
CA GLY B 794 64.55 -34.78 30.49
C GLY B 794 65.14 -34.92 29.10
N SER B 795 65.31 -33.79 28.42
CA SER B 795 65.85 -33.79 27.07
C SER B 795 66.85 -32.66 26.93
N ALA B 796 67.76 -32.83 25.97
CA ALA B 796 68.78 -31.84 25.67
C ALA B 796 68.92 -31.74 24.16
N LYS B 797 68.93 -30.51 23.65
CA LYS B 797 69.07 -30.26 22.22
C LYS B 797 70.21 -29.28 21.97
N VAL B 798 70.94 -29.51 20.88
CA VAL B 798 71.96 -28.59 20.41
C VAL B 798 71.74 -28.38 18.92
N ALA B 799 71.46 -27.14 18.53
CA ALA B 799 71.17 -26.82 17.14
C ALA B 799 72.08 -25.68 16.69
N TYR B 800 72.79 -25.90 15.59
CA TYR B 800 73.68 -24.88 15.04
C TYR B 800 73.69 -25.01 13.53
N SER B 801 73.64 -23.87 12.85
CA SER B 801 73.66 -23.87 11.39
C SER B 801 72.49 -24.67 10.83
N ILE B 802 72.79 -25.78 10.16
CA ILE B 802 71.79 -26.66 9.59
C ILE B 802 71.85 -28.04 10.24
N PHE B 803 72.40 -28.14 11.43
CA PHE B 803 72.53 -29.38 12.16
C PHE B 803 71.80 -29.28 13.49
N SER B 804 71.15 -30.37 13.88
CA SER B 804 70.45 -30.44 15.16
C SER B 804 70.65 -31.81 15.76
N LEU B 805 70.92 -31.86 17.06
CA LEU B 805 71.15 -33.12 17.76
C LEU B 805 70.36 -33.11 19.05
N ARG B 806 69.49 -34.09 19.23
CA ARG B 806 68.62 -34.18 20.39
C ARG B 806 68.87 -35.50 21.13
N GLY B 807 68.69 -35.44 22.44
CA GLY B 807 68.78 -36.62 23.27
C GLY B 807 67.77 -36.56 24.40
N THR B 808 66.91 -37.57 24.49
CA THR B 808 65.80 -37.57 25.43
C THR B 808 65.83 -38.83 26.27
N TYR B 809 65.50 -38.69 27.54
CA TYR B 809 65.38 -39.80 28.48
C TYR B 809 64.04 -39.70 29.18
N ASN B 810 63.27 -40.77 29.14
CA ASN B 810 61.93 -40.81 29.72
C ASN B 810 61.80 -42.03 30.62
N THR B 811 61.12 -41.85 31.75
CA THR B 811 60.86 -42.94 32.67
C THR B 811 59.40 -42.94 33.08
N LEU B 812 58.93 -44.11 33.50
CA LEU B 812 57.57 -44.25 34.03
C LEU B 812 57.61 -45.39 35.03
N ASP B 813 57.23 -45.11 36.27
CA ASP B 813 57.24 -46.10 37.35
C ASP B 813 55.86 -46.11 37.99
N SER B 814 55.01 -47.04 37.55
CA SER B 814 53.62 -47.06 37.98
C SER B 814 53.36 -48.31 38.81
N ASN B 815 53.34 -48.15 40.13
CA ASN B 815 52.75 -49.16 40.99
C ASN B 815 51.25 -49.24 40.83
N ARG B 816 50.64 -48.21 40.26
CA ARG B 816 49.23 -48.25 39.93
C ARG B 816 48.99 -49.30 38.84
N PRO B 817 47.91 -50.08 38.95
CA PRO B 817 47.75 -51.24 38.05
C PRO B 817 48.03 -50.99 36.57
N GLN B 818 47.29 -50.09 35.92
CA GLN B 818 47.50 -49.86 34.50
C GLN B 818 47.13 -51.08 33.66
N ILE B 819 46.33 -50.89 32.62
CA ILE B 819 45.92 -51.95 31.71
C ILE B 819 46.74 -51.84 30.44
N TYR B 820 47.39 -52.94 30.04
CA TYR B 820 48.22 -52.90 28.85
C TYR B 820 48.54 -54.31 28.40
N ARG B 821 49.01 -54.42 27.16
CA ARG B 821 49.42 -55.70 26.61
C ARG B 821 50.82 -56.06 27.06
N ASP B 822 51.06 -57.36 27.25
CA ASP B 822 52.39 -57.84 27.60
C ASP B 822 53.14 -58.19 26.31
N ALA B 823 54.31 -58.84 26.47
CA ALA B 823 55.09 -59.22 25.29
C ALA B 823 54.32 -60.20 24.41
N ALA B 824 53.65 -61.18 25.02
CA ALA B 824 52.92 -62.16 24.24
C ALA B 824 51.80 -61.51 23.44
N GLY B 825 51.09 -60.57 24.05
CA GLY B 825 50.05 -59.86 23.33
C GLY B 825 48.67 -59.97 23.98
N THR B 826 48.64 -60.31 25.27
CA THR B 826 47.40 -60.43 26.01
C THR B 826 47.28 -59.28 27.01
N GLN B 827 46.11 -58.64 27.02
CA GLN B 827 45.89 -57.55 27.96
C GLN B 827 45.98 -58.04 29.39
N ILE B 828 46.65 -57.26 30.24
CA ILE B 828 46.83 -57.57 31.64
C ILE B 828 46.73 -56.28 32.43
N ILE B 829 46.60 -56.42 33.75
CA ILE B 829 46.55 -55.31 34.69
C ILE B 829 47.65 -55.55 35.71
N GLY B 830 48.62 -54.64 35.77
CA GLY B 830 49.71 -54.77 36.72
C GLY B 830 50.71 -53.66 36.55
N ASP B 831 51.45 -53.40 37.62
CA ASP B 831 52.40 -52.29 37.65
C ASP B 831 53.34 -52.34 36.45
N ALA B 832 53.92 -51.20 36.09
CA ALA B 832 54.77 -51.10 34.91
C ALA B 832 55.98 -50.24 35.19
N LYS B 833 57.09 -50.57 34.53
CA LYS B 833 58.29 -49.74 34.54
C LYS B 833 58.75 -49.60 33.10
N VAL B 834 58.83 -48.37 32.62
CA VAL B 834 59.24 -48.08 31.25
C VAL B 834 60.42 -47.13 31.30
N ARG B 835 61.46 -47.44 30.53
CA ARG B 835 62.63 -46.56 30.40
C ARG B 835 62.94 -46.45 28.92
N ARG B 836 62.92 -45.22 28.40
CA ARG B 836 63.21 -44.96 27.00
C ARG B 836 64.30 -43.91 26.90
N TYR B 837 65.15 -44.04 25.89
CA TYR B 837 66.12 -43.00 25.59
C TYR B 837 66.37 -42.97 24.09
N ALA B 838 66.29 -41.78 23.51
CA ALA B 838 66.37 -41.61 22.07
C ALA B 838 67.34 -40.50 21.72
N VAL B 839 68.19 -40.76 20.73
CA VAL B 839 69.10 -39.75 20.19
C VAL B 839 68.74 -39.56 18.73
N GLN B 840 68.47 -38.32 18.34
CA GLN B 840 68.04 -38.00 16.98
C GLN B 840 68.92 -36.91 16.40
N ALA B 841 69.45 -37.15 15.21
CA ALA B 841 70.29 -36.19 14.50
C ALA B 841 69.59 -35.80 13.21
N ASP B 842 69.46 -34.49 12.97
CA ASP B 842 68.76 -33.96 11.81
C ASP B 842 69.64 -32.95 11.10
N VAL B 843 69.62 -33.00 9.77
CA VAL B 843 70.36 -32.06 8.94
C VAL B 843 69.41 -31.51 7.87
N THR B 844 69.36 -30.19 7.75
CA THR B 844 68.49 -29.53 6.78
C THR B 844 69.31 -28.65 5.85
N PRO B 845 69.70 -29.15 4.68
CA PRO B 845 70.55 -28.34 3.79
C PRO B 845 69.92 -27.02 3.37
N GLY B 846 68.59 -26.92 3.42
CA GLY B 846 67.89 -25.69 3.11
C GLY B 846 67.26 -25.63 1.74
N LEU B 847 67.52 -26.61 0.87
CA LEU B 847 66.96 -26.64 -0.46
C LEU B 847 65.59 -27.31 -0.50
N GLY B 848 64.88 -27.33 0.62
CA GLY B 848 63.66 -28.08 0.75
C GLY B 848 63.84 -29.51 1.20
N LEU B 849 65.08 -30.01 1.17
CA LEU B 849 65.38 -31.37 1.57
C LEU B 849 65.49 -31.48 3.09
N PHE B 850 65.55 -32.71 3.57
CA PHE B 850 65.76 -32.96 4.98
C PHE B 850 66.24 -34.39 5.15
N VAL B 851 67.14 -34.60 6.12
CA VAL B 851 67.62 -35.92 6.48
C VAL B 851 67.45 -36.10 7.98
N GLY B 852 67.29 -37.35 8.38
CA GLY B 852 67.13 -37.65 9.79
C GLY B 852 67.55 -39.05 10.17
N ALA B 853 68.41 -39.16 11.17
CA ALA B 853 68.82 -40.44 11.72
C ALA B 853 68.43 -40.49 13.19
N TYR B 854 68.03 -41.68 13.64
CA TYR B 854 67.56 -41.82 15.01
C TYR B 854 67.90 -43.20 15.54
N TYR B 855 68.03 -43.28 16.87
CA TYR B 855 68.19 -44.54 17.58
C TYR B 855 67.37 -44.43 18.86
N ARG B 856 66.24 -45.13 18.90
CA ARG B 856 65.34 -45.11 20.05
C ARG B 856 65.35 -46.48 20.71
N ASP B 857 65.46 -46.50 22.03
CA ASP B 857 65.61 -47.75 22.79
C ASP B 857 64.61 -47.77 23.94
N VAL B 858 63.58 -48.59 23.82
CA VAL B 858 62.60 -48.75 24.88
C VAL B 858 62.99 -49.93 25.77
N ASN B 859 62.47 -49.95 26.98
CA ASN B 859 62.80 -51.00 27.95
C ASN B 859 61.64 -51.11 28.93
N VAL B 860 60.79 -52.10 28.73
CA VAL B 860 59.57 -52.29 29.51
C VAL B 860 59.79 -53.41 30.50
N ASN B 861 59.62 -53.11 31.79
CA ASN B 861 59.70 -54.10 32.86
C ASN B 861 61.05 -54.79 32.90
N GLY B 862 62.10 -54.11 32.42
CA GLY B 862 63.45 -54.62 32.43
C GLY B 862 63.87 -55.29 31.13
N VAL B 863 62.92 -55.69 30.30
CA VAL B 863 63.21 -56.32 29.02
C VAL B 863 63.18 -55.25 27.93
N ARG B 864 63.91 -55.49 26.84
CA ARG B 864 64.13 -54.42 25.86
C ARG B 864 62.87 -54.03 25.12
N SER B 865 61.82 -54.87 25.12
CA SER B 865 60.50 -54.34 24.79
C SER B 865 60.43 -53.70 23.42
N THR B 866 60.46 -54.49 22.34
CA THR B 866 60.44 -53.97 20.99
C THR B 866 59.55 -52.75 20.82
N THR B 867 58.43 -52.70 21.55
CA THR B 867 57.60 -51.51 21.56
C THR B 867 56.96 -51.37 22.93
N ASP B 868 56.88 -50.13 23.41
CA ASP B 868 56.10 -49.90 24.62
C ASP B 868 54.62 -50.07 24.31
N ARG B 869 53.83 -50.29 25.36
CA ARG B 869 52.43 -50.64 25.20
C ARG B 869 51.53 -49.44 25.51
N GLY B 870 51.98 -48.26 25.09
CA GLY B 870 51.27 -47.04 25.39
C GLY B 870 51.45 -46.54 26.81
N LEU B 871 52.36 -47.15 27.57
CA LEU B 871 52.54 -46.76 28.97
C LEU B 871 53.11 -45.36 29.09
N LEU B 872 54.06 -45.00 28.23
CA LEU B 872 54.68 -43.69 28.34
C LEU B 872 53.68 -42.57 28.16
N GLY B 873 52.52 -42.85 27.57
CA GLY B 873 51.48 -41.88 27.39
C GLY B 873 50.54 -41.71 28.57
N ARG B 874 50.79 -42.40 29.69
CA ARG B 874 49.94 -42.25 30.85
C ARG B 874 50.15 -40.93 31.58
N GLY B 875 51.28 -40.26 31.36
CA GLY B 875 51.53 -38.99 32.01
C GLY B 875 51.22 -37.81 31.11
N TYR B 876 50.93 -36.66 31.72
CA TYR B 876 50.57 -35.47 30.95
C TYR B 876 51.74 -34.55 30.68
N LEU B 877 52.92 -34.85 31.22
CA LEU B 877 54.13 -34.08 30.95
C LEU B 877 55.11 -35.01 30.24
N ALA B 878 55.22 -34.85 28.92
CA ALA B 878 56.19 -35.59 28.12
C ALA B 878 57.31 -34.71 27.59
N SER B 879 56.96 -33.64 26.88
CA SER B 879 57.86 -32.51 26.69
C SER B 879 59.17 -32.94 26.02
N SER B 880 59.06 -33.33 24.77
CA SER B 880 60.23 -33.47 23.92
C SER B 880 60.56 -32.15 23.23
N PHE B 881 61.72 -32.10 22.60
CA PHE B 881 62.16 -30.93 21.86
C PHE B 881 61.90 -31.12 20.36
N GLU B 882 62.14 -30.07 19.59
CA GLU B 882 61.86 -30.11 18.17
C GLU B 882 63.12 -29.77 17.37
N PRO B 883 63.30 -30.39 16.21
CA PRO B 883 64.48 -30.09 15.39
C PRO B 883 64.42 -28.69 14.82
N GLY B 884 65.61 -28.15 14.55
CA GLY B 884 65.70 -26.83 13.96
C GLY B 884 66.39 -25.81 14.84
N VAL B 885 67.14 -24.90 14.23
CA VAL B 885 67.83 -23.85 14.96
C VAL B 885 66.83 -22.76 15.31
N GLY B 886 66.83 -22.32 16.56
CA GLY B 886 65.90 -21.30 16.99
C GLY B 886 64.50 -21.80 17.25
N ASN B 887 64.32 -23.12 17.29
CA ASN B 887 63.04 -23.75 17.59
C ASN B 887 63.13 -24.52 18.89
N ASN B 888 63.77 -23.92 19.89
CA ASN B 888 64.02 -24.58 21.17
C ASN B 888 62.87 -24.30 22.15
N ALA B 889 61.74 -24.92 21.83
CA ALA B 889 60.56 -24.89 22.68
C ALA B 889 60.31 -26.28 23.26
N TYR B 890 59.85 -26.33 24.51
CA TYR B 890 59.68 -27.58 25.24
C TYR B 890 58.20 -27.94 25.23
N ARG B 891 57.80 -28.68 24.18
CA ARG B 891 56.40 -28.98 23.95
C ARG B 891 56.02 -30.34 24.52
N THR B 892 54.86 -30.40 25.16
CA THR B 892 54.41 -31.63 25.80
C THR B 892 54.13 -32.71 24.76
N GLY B 893 54.45 -33.94 25.13
CA GLY B 893 54.22 -35.07 24.26
C GLY B 893 55.49 -35.57 23.60
N LEU B 894 55.85 -36.81 23.87
CA LEU B 894 57.00 -37.43 23.21
C LEU B 894 56.65 -37.66 21.74
N ARG B 895 57.34 -36.95 20.85
CA ARG B 895 57.04 -37.08 19.44
C ARG B 895 57.57 -38.42 18.92
N CYS B 896 56.87 -39.49 19.26
CA CYS B 896 57.28 -40.84 18.87
C CYS B 896 57.07 -41.12 17.39
N ALA B 897 56.36 -40.24 16.68
CA ALA B 897 56.08 -40.41 15.27
C ALA B 897 57.12 -39.72 14.37
N ASP B 898 58.19 -39.20 14.95
CA ASP B 898 59.21 -38.50 14.17
C ASP B 898 60.06 -39.51 13.40
N ASN B 899 60.24 -39.25 12.11
CA ASN B 899 61.18 -39.98 11.27
C ASN B 899 60.87 -41.47 11.21
N ASN B 900 59.63 -41.88 11.42
CA ASN B 900 59.27 -43.29 11.32
C ASN B 900 58.21 -43.48 10.25
N PHE B 901 57.81 -44.74 10.08
CA PHE B 901 56.94 -45.18 9.02
C PHE B 901 55.47 -45.09 9.43
N GLY B 902 54.58 -45.51 8.53
CA GLY B 902 53.17 -45.62 8.81
C GLY B 902 52.75 -47.08 8.79
N THR B 903 51.68 -47.39 9.52
CA THR B 903 51.18 -48.76 9.63
C THR B 903 49.69 -48.81 9.31
N GLY B 904 49.26 -47.98 8.35
CA GLY B 904 47.86 -47.97 7.99
C GLY B 904 47.49 -49.14 7.10
N THR B 905 46.28 -49.67 7.31
CA THR B 905 45.78 -50.78 6.52
C THR B 905 44.33 -50.55 6.09
N ARG B 906 43.86 -49.31 6.14
CA ARG B 906 42.49 -48.96 5.77
C ARG B 906 42.53 -47.78 4.82
N ASP B 907 41.50 -47.66 3.98
CA ASP B 907 41.47 -46.63 2.96
C ASP B 907 40.05 -46.41 2.46
N ILE B 908 39.73 -45.16 2.14
CA ILE B 908 38.40 -44.82 1.67
C ILE B 908 38.15 -45.36 0.28
N ASP B 909 39.12 -45.19 -0.62
CA ASP B 909 39.01 -45.69 -1.98
C ASP B 909 39.45 -47.15 -2.05
N GLY B 910 39.18 -47.80 -3.17
CA GLY B 910 39.54 -49.19 -3.32
C GLY B 910 41.03 -49.43 -3.20
N VAL B 911 41.83 -48.58 -3.84
CA VAL B 911 43.28 -48.68 -3.77
C VAL B 911 43.75 -48.03 -2.48
N GLY B 912 45.00 -48.32 -2.08
CA GLY B 912 45.45 -47.94 -0.76
C GLY B 912 45.67 -46.46 -0.54
N GLY B 913 44.64 -45.66 -0.78
CA GLY B 913 44.70 -44.24 -0.50
C GLY B 913 45.40 -43.41 -1.55
N VAL B 914 45.86 -44.02 -2.65
CA VAL B 914 46.62 -43.30 -3.67
C VAL B 914 45.72 -42.55 -4.63
N LEU B 915 44.41 -42.82 -4.63
CA LEU B 915 43.46 -42.06 -5.42
C LEU B 915 42.63 -41.11 -4.55
N ASN B 916 43.08 -40.84 -3.33
CA ASN B 916 42.38 -39.95 -2.42
C ASN B 916 43.11 -38.62 -2.36
N PRO B 917 42.58 -37.55 -2.94
CA PRO B 917 43.25 -36.25 -2.86
C PRO B 917 43.20 -35.60 -1.48
N ALA B 918 42.48 -36.20 -0.53
CA ALA B 918 42.43 -35.70 0.83
C ALA B 918 43.38 -36.42 1.78
N VAL B 919 44.18 -37.35 1.26
CA VAL B 919 45.11 -38.15 2.05
C VAL B 919 46.51 -37.91 1.51
N ASN B 920 47.42 -37.52 2.38
CA ASN B 920 48.84 -37.36 2.04
C ASN B 920 49.56 -38.57 2.60
N LEU B 921 49.81 -39.55 1.75
CA LEU B 921 50.43 -40.80 2.21
C LEU B 921 51.84 -40.57 2.72
N ASP B 922 52.54 -39.58 2.18
CA ASP B 922 53.90 -39.26 2.60
C ASP B 922 53.95 -38.62 3.99
N GLN B 923 52.81 -38.24 4.55
CA GLN B 923 52.75 -37.66 5.89
C GLN B 923 52.01 -38.59 6.85
N SER B 924 52.13 -39.90 6.65
CA SER B 924 51.49 -40.89 7.51
C SER B 924 52.54 -41.49 8.44
N ARG B 925 52.34 -41.32 9.74
CA ARG B 925 53.19 -41.90 10.76
C ARG B 925 52.45 -42.99 11.52
N THR B 926 53.19 -43.67 12.40
CA THR B 926 52.65 -44.77 13.18
C THR B 926 52.22 -44.36 14.57
N ALA B 927 52.82 -43.32 15.16
CA ALA B 927 52.45 -42.83 16.48
C ALA B 927 52.76 -43.85 17.58
N THR B 928 53.64 -44.80 17.29
CA THR B 928 54.08 -45.79 18.25
C THR B 928 55.59 -45.71 18.38
N CYS B 929 56.10 -45.75 19.61
CA CYS B 929 57.53 -45.67 19.84
C CYS B 929 58.12 -47.07 19.92
N PHE B 930 59.05 -47.36 19.02
CA PHE B 930 59.66 -48.67 18.89
C PHE B 930 61.08 -48.65 19.46
N THR B 931 61.60 -49.84 19.71
CA THR B 931 63.03 -50.02 20.00
C THR B 931 63.71 -50.29 18.66
N SER B 932 64.09 -49.21 17.98
CA SER B 932 64.60 -49.33 16.62
C SER B 932 65.66 -48.26 16.38
N TYR B 933 66.17 -48.24 15.15
CA TYR B 933 67.09 -47.22 14.70
C TYR B 933 67.08 -47.18 13.19
N GLY B 934 67.25 -45.99 12.63
CA GLY B 934 67.20 -45.88 11.19
C GLY B 934 67.46 -44.48 10.70
N VAL B 935 67.24 -44.30 9.41
CA VAL B 935 67.46 -43.03 8.72
C VAL B 935 66.30 -42.77 7.78
N GLU B 936 66.13 -41.50 7.41
CA GLU B 936 65.02 -41.10 6.55
C GLU B 936 65.36 -39.79 5.86
N ALA B 937 65.44 -39.83 4.53
CA ALA B 937 65.57 -38.61 3.74
C ALA B 937 64.18 -38.14 3.34
N GLY B 938 64.10 -37.09 2.53
CA GLY B 938 62.81 -36.59 2.11
C GLY B 938 62.94 -35.26 1.38
N HIS B 939 61.77 -34.66 1.13
CA HIS B 939 61.69 -33.40 0.42
C HIS B 939 60.28 -32.85 0.57
N ALA B 940 60.18 -31.54 0.85
CA ALA B 940 58.90 -30.88 1.03
C ALA B 940 58.74 -29.79 -0.02
N GLY B 941 57.59 -29.80 -0.70
CA GLY B 941 57.32 -28.83 -1.74
C GLY B 941 56.70 -27.53 -1.30
N ASP B 942 56.10 -27.50 -0.11
CA ASP B 942 55.58 -26.24 0.40
C ASP B 942 56.69 -25.29 0.81
N ASN B 943 57.83 -25.82 1.23
CA ASN B 943 58.96 -24.98 1.59
C ASN B 943 59.53 -24.30 0.35
N ALA B 944 59.75 -23.00 0.45
CA ALA B 944 60.27 -22.24 -0.67
C ALA B 944 61.73 -22.63 -0.96
N ASN B 945 62.18 -22.31 -2.17
CA ASN B 945 63.54 -22.66 -2.60
C ASN B 945 63.75 -24.17 -2.58
N ALA B 946 62.74 -24.91 -3.02
CA ALA B 946 62.81 -26.36 -3.12
C ALA B 946 63.07 -26.78 -4.56
N LEU B 947 63.73 -27.93 -4.72
CA LEU B 947 64.06 -28.44 -6.04
C LEU B 947 62.83 -28.44 -6.95
N VAL B 948 61.79 -29.18 -6.55
CA VAL B 948 60.54 -29.23 -7.28
C VAL B 948 59.48 -28.54 -6.43
N LYS B 949 58.63 -27.74 -7.09
CA LYS B 949 57.71 -26.89 -6.35
C LYS B 949 56.75 -27.69 -5.46
N ASP B 950 55.83 -28.42 -6.07
CA ASP B 950 54.88 -29.24 -5.32
C ASP B 950 55.27 -30.70 -5.40
N LEU B 951 56.33 -31.06 -4.67
CA LEU B 951 56.80 -32.45 -4.65
C LEU B 951 57.16 -32.84 -3.24
N PHE B 952 56.69 -34.02 -2.82
CA PHE B 952 57.00 -34.57 -1.51
C PHE B 952 57.34 -36.05 -1.66
N PHE B 953 58.46 -36.46 -1.06
CA PHE B 953 58.78 -37.87 -0.96
C PHE B 953 59.44 -38.14 0.39
N ARG B 954 59.33 -39.38 0.85
CA ARG B 954 59.69 -39.74 2.22
C ARG B 954 60.43 -41.07 2.26
N VAL B 955 61.41 -41.25 1.36
CA VAL B 955 62.21 -42.47 1.39
C VAL B 955 62.82 -42.64 2.77
N GLY B 956 62.82 -43.88 3.27
CA GLY B 956 63.33 -44.13 4.61
C GLY B 956 63.62 -45.59 4.84
N TYR B 957 64.57 -45.86 5.73
CA TYR B 957 64.96 -47.21 6.12
C TYR B 957 65.07 -47.27 7.64
N SER B 958 64.74 -48.42 8.21
CA SER B 958 64.72 -48.57 9.66
C SER B 958 64.92 -50.03 10.01
N ARG B 959 65.37 -50.26 11.24
CA ARG B 959 65.55 -51.61 11.76
C ARG B 959 64.98 -51.66 13.17
N VAL B 960 64.13 -52.65 13.43
CA VAL B 960 63.35 -52.74 14.66
C VAL B 960 63.83 -53.94 15.47
N TYR B 961 63.92 -53.74 16.78
CA TYR B 961 64.33 -54.82 17.67
C TYR B 961 63.16 -55.76 17.93
N VAL B 962 63.45 -57.05 17.95
CA VAL B 962 62.44 -58.06 18.28
C VAL B 962 63.07 -59.10 19.19
N PRO B 963 62.43 -59.48 20.28
CA PRO B 963 63.01 -60.47 21.19
C PRO B 963 63.25 -61.80 20.47
N THR B 964 63.87 -62.73 21.20
CA THR B 964 64.23 -64.00 20.58
C THR B 964 62.99 -64.75 20.09
N THR B 965 62.15 -65.26 21.00
CA THR B 965 60.96 -65.94 20.53
C THR B 965 59.68 -65.13 20.73
N ALA B 966 59.27 -64.94 21.99
CA ALA B 966 58.11 -64.11 22.28
C ALA B 966 58.37 -63.19 23.47
N THR B 967 59.08 -63.72 24.47
CA THR B 967 59.29 -63.01 25.72
C THR B 967 60.72 -63.17 26.23
N ALA B 968 61.63 -63.69 25.42
CA ALA B 968 62.99 -63.87 25.85
C ALA B 968 63.65 -62.52 26.13
N THR B 969 64.52 -62.50 27.14
CA THR B 969 65.29 -61.29 27.41
C THR B 969 66.20 -60.95 26.25
N THR B 970 66.83 -61.96 25.65
CA THR B 970 67.74 -61.74 24.53
C THR B 970 66.95 -61.41 23.26
N GLY B 971 67.62 -60.72 22.36
CA GLY B 971 67.01 -60.34 21.10
C GLY B 971 68.02 -59.70 20.18
N ASP B 972 67.52 -59.21 19.04
CA ASP B 972 68.37 -58.56 18.07
C ASP B 972 67.52 -57.65 17.20
N PHE B 973 68.19 -56.68 16.57
CA PHE B 973 67.53 -55.74 15.66
C PHE B 973 67.33 -56.39 14.29
N SER B 974 66.66 -57.54 14.31
CA SER B 974 66.46 -58.32 13.08
C SER B 974 65.39 -57.74 12.17
N GLY B 975 64.37 -57.09 12.72
CA GLY B 975 63.34 -56.50 11.89
C GLY B 975 63.91 -55.42 10.98
N SER B 976 63.29 -55.27 9.82
CA SER B 976 63.75 -54.30 8.83
C SER B 976 62.57 -53.73 8.08
N VAL B 977 62.55 -52.41 7.91
CA VAL B 977 61.48 -51.71 7.20
C VAL B 977 62.12 -50.77 6.18
N THR B 978 61.68 -50.86 4.94
CA THR B 978 62.12 -49.95 3.89
C THR B 978 60.86 -49.37 3.24
N TYR B 979 60.68 -48.06 3.34
CA TYR B 979 59.46 -47.43 2.84
C TYR B 979 59.79 -46.22 2.00
N GLY B 980 58.82 -45.81 1.19
CA GLY B 980 58.98 -44.66 0.34
C GLY B 980 57.65 -44.16 -0.19
N ASP B 981 57.43 -42.86 -0.16
CA ASP B 981 56.20 -42.25 -0.62
C ASP B 981 56.53 -41.07 -1.54
N ALA B 982 55.60 -40.75 -2.43
CA ALA B 982 55.79 -39.64 -3.34
C ALA B 982 54.44 -39.03 -3.70
N ARG B 983 54.45 -37.72 -3.93
CA ARG B 983 53.24 -36.98 -4.26
C ARG B 983 53.61 -35.74 -5.05
N TYR B 984 53.00 -35.57 -6.23
CA TYR B 984 53.37 -34.49 -7.13
C TYR B 984 52.13 -34.05 -7.89
N ASP B 985 51.66 -32.82 -7.63
CA ASP B 985 50.42 -32.36 -8.26
C ASP B 985 50.67 -31.85 -9.68
N ARG B 986 51.40 -30.74 -9.80
CA ARG B 986 51.71 -30.17 -11.12
C ARG B 986 50.43 -29.77 -11.86
N LYS B 987 50.58 -28.94 -12.89
CA LYS B 987 49.49 -28.57 -13.79
C LYS B 987 50.13 -28.31 -15.15
N VAL B 988 50.15 -29.34 -16.01
CA VAL B 988 50.95 -29.30 -17.23
C VAL B 988 50.45 -28.19 -18.14
N GLY B 989 49.24 -28.33 -18.66
CA GLY B 989 48.65 -27.31 -19.49
C GLY B 989 47.33 -26.83 -18.93
N VAL B 990 46.24 -27.09 -19.67
CA VAL B 990 44.90 -26.93 -19.12
C VAL B 990 44.53 -28.09 -18.21
N ALA B 991 45.22 -29.22 -18.33
CA ALA B 991 44.98 -30.36 -17.46
C ALA B 991 45.58 -30.13 -16.08
N ASN B 992 45.12 -30.91 -15.11
CA ASN B 992 45.56 -30.83 -13.73
C ASN B 992 45.93 -32.24 -13.27
N VAL B 993 47.21 -32.59 -13.43
CA VAL B 993 47.66 -33.93 -13.07
C VAL B 993 47.83 -34.05 -11.56
N ARG B 994 47.94 -35.29 -11.10
CA ARG B 994 48.20 -35.55 -9.68
C ARG B 994 48.70 -36.98 -9.55
N LEU B 995 49.95 -37.14 -9.11
CA LEU B 995 50.57 -38.45 -8.95
C LEU B 995 50.80 -38.73 -7.47
N ALA B 996 50.51 -39.96 -7.06
CA ALA B 996 50.81 -40.41 -5.70
C ALA B 996 51.34 -41.82 -5.77
N GLY B 997 52.22 -42.15 -4.82
CA GLY B 997 52.82 -43.47 -4.79
C GLY B 997 53.31 -43.82 -3.40
N SER B 998 53.33 -45.12 -3.12
CA SER B 998 53.72 -45.62 -1.82
C SER B 998 54.32 -47.01 -1.97
N PHE B 999 55.24 -47.32 -1.06
CA PHE B 999 55.96 -48.59 -1.06
C PHE B 999 56.27 -48.98 0.37
N SER B 1000 56.49 -50.27 0.59
CA SER B 1000 56.82 -50.77 1.92
C SER B 1000 57.29 -52.21 1.81
N THR B 1001 58.35 -52.53 2.55
CA THR B 1001 58.96 -53.86 2.53
C THR B 1001 59.21 -54.33 3.96
N THR B 1002 58.19 -54.23 4.81
CA THR B 1002 58.34 -54.62 6.20
C THR B 1002 58.68 -56.10 6.32
N ASN B 1003 59.41 -56.42 7.40
CA ASN B 1003 59.78 -57.80 7.70
C ASN B 1003 58.93 -58.42 8.79
N THR B 1004 58.35 -57.63 9.68
CA THR B 1004 57.57 -58.13 10.80
C THR B 1004 56.25 -57.37 10.88
N GLN B 1005 55.35 -57.90 11.70
CA GLN B 1005 54.03 -57.29 11.91
C GLN B 1005 54.18 -56.20 12.97
N LEU B 1006 54.12 -54.94 12.53
CA LEU B 1006 54.53 -53.84 13.40
C LEU B 1006 53.43 -53.43 14.38
N ASP B 1007 52.32 -52.91 13.86
CA ASP B 1007 51.16 -52.59 14.70
C ASP B 1007 49.95 -53.42 14.30
N SER B 1008 49.49 -53.29 13.05
CA SER B 1008 48.50 -54.16 12.46
C SER B 1008 48.87 -54.55 11.04
N ARG B 1009 49.84 -53.88 10.43
CA ARG B 1009 50.27 -54.23 9.09
C ARG B 1009 50.98 -55.57 9.12
N PRO B 1010 50.59 -56.53 8.29
CA PRO B 1010 51.33 -57.80 8.24
C PRO B 1010 52.73 -57.62 7.69
N ALA B 1011 53.50 -58.69 7.63
CA ALA B 1011 54.88 -58.66 7.15
C ALA B 1011 54.89 -59.02 5.68
N GLY B 1012 55.20 -58.06 4.83
CA GLY B 1012 55.28 -58.31 3.41
C GLY B 1012 55.43 -57.03 2.64
N THR B 1013 55.60 -57.18 1.33
CA THR B 1013 55.73 -56.03 0.45
C THR B 1013 54.37 -55.41 0.19
N ARG B 1014 54.34 -54.09 0.00
CA ARG B 1014 53.09 -53.36 -0.16
C ARG B 1014 53.37 -52.14 -1.02
N GLY B 1015 52.76 -52.09 -2.20
CA GLY B 1015 52.96 -50.97 -3.10
C GLY B 1015 51.66 -50.39 -3.62
N ALA B 1016 51.69 -49.15 -4.09
CA ALA B 1016 50.49 -48.52 -4.61
C ALA B 1016 50.88 -47.31 -5.44
N VAL B 1017 50.13 -47.05 -6.51
CA VAL B 1017 50.37 -45.90 -7.37
C VAL B 1017 49.03 -45.40 -7.89
N GLY B 1018 48.94 -44.10 -8.09
CA GLY B 1018 47.70 -43.48 -8.51
C GLY B 1018 47.87 -42.18 -9.27
N LEU B 1019 47.09 -42.02 -10.33
CA LEU B 1019 47.16 -40.85 -11.20
C LEU B 1019 45.75 -40.30 -11.40
N ILE B 1020 45.62 -38.98 -11.31
CA ILE B 1020 44.35 -38.28 -11.47
C ILE B 1020 44.57 -37.11 -12.42
N VAL B 1021 43.79 -37.06 -13.50
CA VAL B 1021 43.89 -36.02 -14.50
C VAL B 1021 42.52 -35.36 -14.67
N ARG B 1022 42.50 -34.03 -14.76
CA ARG B 1022 41.26 -33.28 -14.87
C ARG B 1022 41.52 -32.02 -15.68
N THR B 1023 41.20 -32.06 -16.97
CA THR B 1023 41.38 -30.90 -17.81
C THR B 1023 40.18 -29.97 -17.74
N ASP B 1024 40.43 -28.69 -17.95
CA ASP B 1024 39.40 -27.68 -18.03
C ASP B 1024 38.83 -27.61 -19.43
N PRO B 1025 37.66 -27.01 -19.60
CA PRO B 1025 37.03 -26.99 -20.93
C PRO B 1025 37.97 -26.42 -21.98
N LEU B 1026 38.01 -27.08 -23.14
CA LEU B 1026 38.85 -26.65 -24.24
C LEU B 1026 38.04 -25.75 -25.16
N GLU B 1027 38.49 -24.50 -25.33
CA GLU B 1027 37.80 -23.52 -26.14
C GLU B 1027 38.33 -23.47 -27.58
N ASN B 1028 39.31 -24.32 -27.91
CA ASN B 1028 39.84 -24.40 -29.26
C ASN B 1028 39.17 -25.52 -30.05
N VAL B 1029 39.12 -26.72 -29.51
CA VAL B 1029 38.45 -27.84 -30.19
C VAL B 1029 36.95 -27.66 -30.10
N PRO B 1030 36.18 -28.08 -31.10
CA PRO B 1030 34.72 -27.93 -31.04
C PRO B 1030 34.11 -28.77 -29.93
N PHE B 1031 32.92 -28.36 -29.50
CA PHE B 1031 32.14 -28.95 -28.43
C PHE B 1031 32.66 -28.58 -27.04
N ARG B 1032 33.78 -27.88 -26.94
CA ARG B 1032 34.39 -27.54 -25.67
C ARG B 1032 34.48 -28.77 -24.74
N PRO B 1033 35.13 -29.84 -25.19
CA PRO B 1033 35.17 -31.05 -24.36
C PRO B 1033 35.97 -30.84 -23.09
N GLN B 1034 35.58 -31.56 -22.06
CA GLN B 1034 36.21 -31.48 -20.74
C GLN B 1034 36.44 -32.90 -20.25
N PHE B 1035 37.70 -33.31 -20.19
CA PHE B 1035 38.05 -34.70 -19.92
C PHE B 1035 38.39 -34.90 -18.44
N ASN B 1036 38.37 -36.17 -18.05
CA ASN B 1036 38.74 -36.60 -16.71
C ASN B 1036 39.61 -37.84 -16.83
N GLY B 1037 39.91 -38.46 -15.70
CA GLY B 1037 40.73 -39.64 -15.69
C GLY B 1037 41.10 -40.06 -14.29
N GLN B 1038 41.34 -41.35 -14.09
CA GLN B 1038 41.70 -41.86 -12.79
C GLN B 1038 42.24 -43.27 -12.96
N VAL B 1039 43.43 -43.51 -12.45
CA VAL B 1039 44.03 -44.85 -12.48
C VAL B 1039 44.65 -45.11 -11.11
N GLY B 1040 44.49 -46.33 -10.62
CA GLY B 1040 45.08 -46.69 -9.35
C GLY B 1040 45.36 -48.18 -9.27
N TYR B 1041 46.59 -48.53 -8.91
CA TYR B 1041 46.99 -49.91 -8.72
C TYR B 1041 47.50 -50.10 -7.29
N TYR B 1042 47.12 -51.21 -6.68
CA TYR B 1042 47.52 -51.54 -5.32
C TYR B 1042 47.93 -53.01 -5.27
N THR B 1043 49.07 -53.27 -4.65
CA THR B 1043 49.57 -54.64 -4.48
C THR B 1043 50.01 -54.83 -3.04
N ALA B 1044 49.82 -56.03 -2.51
CA ALA B 1044 50.21 -56.34 -1.14
C ALA B 1044 50.41 -57.84 -1.01
N ASP B 1045 51.58 -58.24 -0.51
CA ASP B 1045 51.91 -59.63 -0.25
C ASP B 1045 51.89 -59.84 1.26
N ASN B 1046 50.71 -60.16 1.79
CA ASN B 1046 50.56 -60.32 3.23
C ASN B 1046 51.02 -61.71 3.63
N ARG B 1047 52.14 -61.77 4.36
CA ARG B 1047 52.67 -63.01 4.90
C ARG B 1047 52.26 -63.14 6.37
N VAL B 1048 51.02 -63.57 6.56
CA VAL B 1048 50.46 -63.71 7.90
C VAL B 1048 50.63 -65.15 8.36
N ALA B 1049 50.54 -65.39 9.67
CA ALA B 1049 50.78 -66.72 10.22
C ALA B 1049 49.84 -67.78 9.66
N ALA B 1050 48.82 -67.38 8.88
CA ALA B 1050 47.87 -68.33 8.31
C ALA B 1050 47.90 -68.36 6.79
N GLY B 1051 48.82 -67.63 6.16
CA GLY B 1051 48.89 -67.64 4.71
C GLY B 1051 49.94 -66.67 4.21
N ASN B 1052 50.11 -66.69 2.90
CA ASN B 1052 51.04 -65.81 2.19
C ASN B 1052 50.33 -65.16 1.01
N TYR B 1053 49.18 -64.55 1.30
CA TYR B 1053 48.25 -64.22 0.22
C TYR B 1053 48.53 -62.85 -0.37
N ASN B 1054 48.19 -62.71 -1.65
CA ASN B 1054 48.35 -61.47 -2.38
C ASN B 1054 46.99 -60.78 -2.50
N ALA B 1055 46.94 -59.51 -2.12
CA ALA B 1055 45.73 -58.71 -2.16
C ALA B 1055 46.01 -57.45 -2.99
N ASN B 1056 45.48 -57.41 -4.20
CA ASN B 1056 45.70 -56.29 -5.11
C ASN B 1056 44.36 -55.75 -5.60
N ALA B 1057 44.40 -54.49 -6.05
CA ALA B 1057 43.22 -53.82 -6.55
C ALA B 1057 43.61 -52.93 -7.72
N THR B 1058 42.66 -52.69 -8.62
CA THR B 1058 42.87 -51.84 -9.78
C THR B 1058 41.59 -51.05 -10.03
N LYS B 1059 41.68 -49.74 -9.87
CA LYS B 1059 40.56 -48.84 -10.11
C LYS B 1059 40.85 -47.93 -11.29
N TYR B 1060 39.84 -47.68 -12.10
CA TYR B 1060 39.98 -46.80 -13.25
C TYR B 1060 38.67 -46.09 -13.52
N GLY B 1061 38.76 -44.97 -14.23
CA GLY B 1061 37.57 -44.22 -14.60
C GLY B 1061 37.89 -43.05 -15.49
N ALA B 1062 37.13 -42.92 -16.58
CA ALA B 1062 37.30 -41.85 -17.55
C ALA B 1062 35.94 -41.24 -17.85
N GLY B 1063 35.95 -39.97 -18.27
CA GLY B 1063 34.72 -39.29 -18.58
C GLY B 1063 34.94 -37.99 -19.34
N VAL B 1064 34.11 -37.74 -20.35
CA VAL B 1064 34.22 -36.54 -21.17
C VAL B 1064 32.87 -35.83 -21.16
N VAL B 1065 32.91 -34.51 -20.98
CA VAL B 1065 31.71 -33.68 -20.97
C VAL B 1065 31.81 -32.72 -22.15
N LEU B 1066 30.80 -32.76 -23.02
CA LEU B 1066 30.69 -31.83 -24.14
C LEU B 1066 29.79 -30.68 -23.70
N ASN B 1067 30.37 -29.49 -23.54
CA ASN B 1067 29.61 -28.35 -23.03
C ASN B 1067 28.83 -27.63 -24.11
N ASP B 1068 29.10 -27.91 -25.39
CA ASP B 1068 28.38 -27.31 -26.51
C ASP B 1068 28.04 -28.44 -27.48
N PHE B 1069 26.80 -28.88 -27.47
CA PHE B 1069 26.36 -30.03 -28.27
C PHE B 1069 25.18 -29.61 -29.15
N LEU B 1070 25.48 -29.37 -30.43
CA LEU B 1070 24.44 -29.10 -31.43
C LEU B 1070 23.56 -27.92 -31.02
N LEU B 1071 22.40 -28.20 -30.46
CA LEU B 1071 21.46 -27.14 -30.13
C LEU B 1071 21.99 -26.32 -28.96
N PRO B 1072 21.56 -25.07 -28.84
CA PRO B 1072 22.07 -24.21 -27.76
C PRO B 1072 21.64 -24.71 -26.39
N GLN B 1073 22.50 -24.50 -25.41
CA GLN B 1073 22.26 -24.90 -24.03
C GLN B 1073 22.00 -26.40 -23.93
N THR B 1074 22.71 -27.18 -24.72
CA THR B 1074 22.60 -28.64 -24.72
C THR B 1074 23.94 -29.23 -24.33
N LYS B 1075 23.92 -30.16 -23.39
CA LYS B 1075 25.13 -30.77 -22.85
C LYS B 1075 24.99 -32.29 -22.87
N ILE B 1076 26.13 -32.96 -23.04
CA ILE B 1076 26.20 -34.41 -22.98
C ILE B 1076 27.39 -34.79 -22.11
N GLY B 1077 27.31 -35.96 -21.50
CA GLY B 1077 28.37 -36.44 -20.65
C GLY B 1077 28.31 -37.93 -20.41
N VAL B 1078 29.47 -38.60 -20.46
CA VAL B 1078 29.56 -40.03 -20.25
C VAL B 1078 30.77 -40.32 -19.37
N ARG B 1079 30.59 -41.24 -18.42
CA ARG B 1079 31.66 -41.63 -17.52
C ARG B 1079 31.63 -43.14 -17.34
N TYR B 1080 32.77 -43.79 -17.54
CA TYR B 1080 32.92 -45.22 -17.32
C TYR B 1080 33.84 -45.45 -16.13
N ASP B 1081 33.39 -46.26 -15.18
CA ASP B 1081 34.16 -46.55 -13.98
C ASP B 1081 34.31 -48.06 -13.80
N GLY B 1082 35.42 -48.45 -13.19
CA GLY B 1082 35.68 -49.85 -12.94
C GLY B 1082 36.59 -50.08 -11.75
N TYR B 1083 36.41 -51.20 -11.06
CA TYR B 1083 37.16 -51.53 -9.87
C TYR B 1083 37.25 -53.05 -9.77
N MET B 1084 38.45 -53.60 -9.95
CA MET B 1084 38.72 -55.01 -9.76
C MET B 1084 39.52 -55.20 -8.48
N ALA B 1085 39.23 -56.27 -7.76
CA ALA B 1085 39.90 -56.51 -6.48
C ALA B 1085 40.08 -58.00 -6.25
N GLN B 1086 41.32 -58.40 -5.98
CA GLN B 1086 41.62 -59.72 -5.45
C GLN B 1086 41.32 -59.65 -3.95
N ASN B 1087 41.94 -60.49 -3.13
CA ASN B 1087 41.37 -60.75 -1.82
C ASN B 1087 41.37 -59.48 -0.97
N ARG B 1088 40.42 -58.60 -1.25
CA ARG B 1088 40.15 -57.41 -0.46
C ARG B 1088 38.68 -57.42 -0.06
N GLN B 1089 38.32 -56.49 0.83
CA GLN B 1089 36.97 -56.45 1.36
C GLN B 1089 36.66 -55.03 1.80
N TYR B 1090 35.37 -54.77 2.03
CA TYR B 1090 34.91 -53.50 2.58
C TYR B 1090 34.20 -53.77 3.91
N THR B 1091 34.57 -53.00 4.93
CA THR B 1091 33.94 -53.07 6.24
C THR B 1091 33.07 -51.85 6.42
N PRO B 1092 31.74 -52.00 6.50
CA PRO B 1092 30.87 -50.82 6.61
C PRO B 1092 31.02 -50.08 7.92
N PHE B 1093 30.33 -48.95 8.05
CA PHE B 1093 30.39 -48.18 9.29
C PHE B 1093 29.81 -48.99 10.44
N ASP B 1094 30.35 -48.78 11.63
CA ASP B 1094 29.98 -49.56 12.81
C ASP B 1094 28.78 -48.97 13.55
N GLY B 1095 28.18 -47.90 13.05
CA GLY B 1095 27.10 -47.23 13.75
C GLY B 1095 27.56 -46.21 14.76
N ASP B 1096 28.84 -46.21 15.08
CA ASP B 1096 29.47 -45.21 15.93
C ASP B 1096 30.23 -44.22 15.03
N GLY B 1097 31.03 -43.35 15.64
CA GLY B 1097 31.77 -42.38 14.86
C GLY B 1097 32.64 -43.00 13.78
N THR B 1098 33.00 -44.26 13.93
CA THR B 1098 33.90 -44.91 12.96
C THR B 1098 33.20 -45.11 11.63
N GLN B 1099 33.96 -44.96 10.54
CA GLN B 1099 33.47 -45.12 9.20
C GLN B 1099 33.92 -46.45 8.61
N GLY B 1100 33.39 -46.80 7.45
CA GLY B 1100 33.80 -47.99 6.75
C GLY B 1100 35.10 -47.80 6.01
N TYR B 1101 35.71 -48.91 5.61
CA TYR B 1101 37.02 -48.84 4.98
C TYR B 1101 37.28 -50.10 4.17
N PHE B 1102 38.15 -49.97 3.18
CA PHE B 1102 38.59 -51.12 2.40
C PHE B 1102 39.86 -51.70 3.01
N SER B 1103 39.86 -53.01 3.21
CA SER B 1103 40.97 -53.70 3.85
C SER B 1103 41.31 -54.95 3.06
N ASP B 1104 42.37 -55.63 3.48
CA ASP B 1104 42.77 -56.90 2.89
C ASP B 1104 42.22 -58.05 3.72
N ALA B 1105 41.59 -59.00 3.05
CA ALA B 1105 41.10 -60.22 3.67
C ALA B 1105 41.50 -61.40 2.79
N ASN B 1106 41.62 -62.58 3.39
CA ASN B 1106 42.04 -63.77 2.68
C ASN B 1106 40.89 -64.46 1.96
N ASN B 1107 39.75 -63.80 1.85
CA ASN B 1107 38.62 -64.34 1.09
C ASN B 1107 39.09 -64.60 -0.33
N ASN B 1108 39.07 -65.86 -0.75
CA ASN B 1108 39.52 -66.20 -2.10
C ASN B 1108 38.49 -65.76 -3.12
N ARG B 1109 38.34 -64.45 -3.31
CA ARG B 1109 37.31 -63.90 -4.18
C ARG B 1109 37.82 -62.68 -4.91
N ARG B 1110 37.35 -62.52 -6.15
CA ARG B 1110 37.70 -61.41 -7.01
C ARG B 1110 36.41 -60.65 -7.31
N THR B 1111 36.39 -59.36 -6.96
CA THR B 1111 35.27 -58.49 -7.27
C THR B 1111 35.57 -57.68 -8.54
N ASN B 1112 34.53 -57.44 -9.33
CA ASN B 1112 34.68 -56.82 -10.64
C ASN B 1112 33.63 -55.74 -10.87
N LEU B 1113 33.51 -54.81 -9.92
CA LEU B 1113 32.51 -53.74 -10.05
C LEU B 1113 32.78 -52.91 -11.30
N ASN B 1114 31.75 -52.68 -12.10
CA ASN B 1114 31.88 -51.96 -13.37
C ASN B 1114 30.63 -51.11 -13.58
N GLY B 1115 30.77 -50.05 -14.37
CA GLY B 1115 29.59 -49.28 -14.70
C GLY B 1115 29.77 -48.15 -15.69
N VAL B 1116 28.69 -47.76 -16.34
CA VAL B 1116 28.67 -46.65 -17.28
C VAL B 1116 27.53 -45.71 -16.91
N TYR B 1117 27.77 -44.41 -17.04
CA TYR B 1117 26.85 -43.38 -16.58
C TYR B 1117 26.81 -42.28 -17.63
N VAL B 1118 25.67 -42.14 -18.32
CA VAL B 1118 25.50 -41.16 -19.38
C VAL B 1118 24.50 -40.12 -18.91
N GLU B 1119 24.94 -38.86 -18.87
CA GLU B 1119 24.08 -37.76 -18.45
C GLU B 1119 24.05 -36.72 -19.55
N GLY B 1120 22.88 -36.57 -20.17
CA GLY B 1120 22.68 -35.52 -21.14
C GLY B 1120 21.76 -34.44 -20.59
N ALA B 1121 21.75 -33.27 -21.19
CA ALA B 1121 20.91 -32.19 -20.71
C ALA B 1121 20.49 -31.31 -21.86
N TYR B 1122 19.18 -31.13 -22.00
CA TYR B 1122 18.64 -30.04 -22.80
C TYR B 1122 18.68 -28.80 -21.92
N GLN B 1123 17.97 -27.74 -22.28
CA GLN B 1123 18.12 -26.47 -21.58
C GLN B 1123 18.30 -26.66 -20.07
N ASP B 1124 17.28 -27.19 -19.41
CA ASP B 1124 17.40 -27.52 -17.98
C ASP B 1124 16.78 -28.86 -17.64
N LEU B 1125 16.41 -29.67 -18.63
CA LEU B 1125 15.88 -31.01 -18.42
C LEU B 1125 17.03 -32.00 -18.51
N ILE B 1126 17.28 -32.74 -17.43
CA ILE B 1126 18.46 -33.59 -17.32
C ILE B 1126 18.03 -35.04 -17.46
N PHE B 1127 18.62 -35.73 -18.44
CA PHE B 1127 18.43 -37.16 -18.64
C PHE B 1127 19.63 -37.89 -18.08
N SER B 1128 19.41 -38.75 -17.08
CA SER B 1128 20.48 -39.50 -16.45
C SER B 1128 20.21 -40.99 -16.65
N TYR B 1129 21.22 -41.72 -17.13
CA TYR B 1129 21.11 -43.14 -17.36
C TYR B 1129 22.34 -43.83 -16.78
N GLY B 1130 22.12 -44.95 -16.11
CA GLY B 1130 23.23 -45.65 -15.50
C GLY B 1130 23.07 -47.15 -15.50
N THR B 1131 24.11 -47.87 -15.93
CA THR B 1131 24.09 -49.33 -15.96
C THR B 1131 25.36 -49.85 -15.31
N TYR B 1132 25.20 -50.65 -14.25
CA TYR B 1132 26.32 -51.15 -13.46
C TYR B 1132 26.19 -52.64 -13.22
N THR B 1133 27.34 -53.29 -13.06
CA THR B 1133 27.41 -54.73 -12.86
C THR B 1133 28.41 -55.04 -11.76
N LEU B 1134 28.03 -55.89 -10.82
CA LEU B 1134 28.90 -56.33 -9.74
C LEU B 1134 28.98 -57.85 -9.76
N SER B 1135 30.18 -58.38 -9.97
CA SER B 1135 30.40 -59.82 -10.01
C SER B 1135 31.55 -60.17 -9.07
N GLN B 1136 31.28 -61.08 -8.14
CA GLN B 1136 32.28 -61.56 -7.19
C GLN B 1136 32.44 -63.06 -7.41
N LYS B 1137 33.55 -63.43 -8.05
CA LYS B 1137 33.86 -64.84 -8.28
C LYS B 1137 34.81 -65.35 -7.22
N ASP B 1138 34.95 -66.67 -7.15
CA ASP B 1138 35.97 -67.29 -6.35
C ASP B 1138 37.10 -67.77 -7.27
N LEU B 1139 38.07 -68.49 -6.72
CA LEU B 1139 39.16 -68.99 -7.54
C LEU B 1139 38.64 -69.91 -8.64
N ASN B 1140 37.69 -70.78 -8.31
CA ASN B 1140 37.11 -71.67 -9.31
C ASN B 1140 36.36 -70.87 -10.37
N GLY B 1141 35.64 -69.83 -9.97
CA GLY B 1141 34.85 -69.05 -10.89
C GLY B 1141 33.36 -69.28 -10.72
N VAL B 1142 32.91 -69.40 -9.48
CA VAL B 1142 31.51 -69.75 -9.23
C VAL B 1142 30.58 -68.56 -9.41
N GLU B 1143 31.10 -67.32 -9.38
CA GLU B 1143 30.28 -66.13 -9.64
C GLU B 1143 29.13 -66.02 -8.63
N TYR B 1144 29.52 -65.82 -7.37
CA TYR B 1144 28.57 -65.76 -6.27
C TYR B 1144 27.68 -64.52 -6.30
N GLY B 1145 27.99 -63.52 -7.11
CA GLY B 1145 27.13 -62.35 -7.18
C GLY B 1145 25.71 -62.71 -7.56
N SER B 1146 24.75 -61.91 -7.09
CA SER B 1146 23.35 -62.23 -7.28
C SER B 1146 23.03 -63.58 -6.64
N GLY B 1147 23.10 -63.59 -5.31
CA GLY B 1147 23.31 -64.80 -4.54
C GLY B 1147 22.17 -65.80 -4.53
N ILE B 1148 21.34 -65.80 -5.58
CA ILE B 1148 20.37 -66.86 -5.76
C ILE B 1148 21.08 -68.07 -6.36
N ASN B 1149 22.39 -67.95 -6.54
CA ASN B 1149 23.25 -69.07 -6.95
C ASN B 1149 22.88 -69.59 -8.33
N ASN B 1150 22.84 -68.68 -9.30
CA ASN B 1150 22.60 -69.04 -10.69
C ASN B 1150 23.73 -68.59 -11.60
N GLY B 1151 24.88 -68.26 -11.04
CA GLY B 1151 26.02 -67.87 -11.85
C GLY B 1151 25.85 -66.60 -12.64
N GLN B 1152 25.14 -65.62 -12.09
CA GLN B 1152 24.92 -64.35 -12.76
C GLN B 1152 25.32 -63.19 -11.86
N PRO B 1153 25.97 -62.17 -12.40
CA PRO B 1153 26.33 -61.01 -11.59
C PRO B 1153 25.09 -60.23 -11.16
N ALA B 1154 25.26 -59.46 -10.08
CA ALA B 1154 24.26 -58.48 -9.71
C ALA B 1154 24.30 -57.33 -10.72
N ARG B 1155 23.12 -56.83 -11.09
CA ARG B 1155 23.02 -55.79 -12.09
C ARG B 1155 22.09 -54.69 -11.62
N GLY B 1156 22.43 -53.46 -11.98
CA GLY B 1156 21.61 -52.32 -11.64
C GLY B 1156 21.47 -51.36 -12.79
N GLN B 1157 20.26 -50.87 -13.03
CA GLN B 1157 20.02 -49.93 -14.10
C GLN B 1157 19.07 -48.85 -13.59
N THR B 1158 19.33 -47.61 -13.99
CA THR B 1158 18.51 -46.49 -13.57
C THR B 1158 18.36 -45.50 -14.73
N PHE B 1159 17.18 -44.90 -14.83
CA PHE B 1159 16.92 -43.82 -15.77
C PHE B 1159 16.08 -42.76 -15.07
N LYS B 1160 16.53 -41.52 -15.14
CA LYS B 1160 15.86 -40.40 -14.50
C LYS B 1160 15.74 -39.24 -15.48
N ILE B 1161 14.62 -38.52 -15.37
CA ILE B 1161 14.44 -37.22 -16.01
C ILE B 1161 14.17 -36.22 -14.90
N SER B 1162 15.05 -35.23 -14.76
CA SER B 1162 14.98 -34.25 -13.68
C SER B 1162 14.73 -32.87 -14.25
N TYR B 1163 13.92 -32.09 -13.54
CA TYR B 1163 13.55 -30.75 -13.98
C TYR B 1163 13.24 -29.92 -12.74
N LYS B 1164 14.11 -28.95 -12.46
CA LYS B 1164 13.93 -28.05 -11.32
C LYS B 1164 13.18 -26.80 -11.78
N VAL B 1165 12.08 -26.50 -11.10
CA VAL B 1165 11.24 -25.35 -11.44
C VAL B 1165 10.96 -24.55 -10.18
N ASN B 1166 10.93 -23.23 -10.32
CA ASN B 1166 10.70 -22.32 -9.21
C ASN B 1166 9.55 -21.38 -9.55
N PHE B 1167 8.79 -21.00 -8.54
CA PHE B 1167 7.69 -20.07 -8.72
C PHE B 1167 8.16 -18.64 -8.73
N VAL C 50 44.19 253.24 -90.63
CA VAL C 50 42.94 253.68 -89.97
C VAL C 50 42.82 253.02 -88.60
N SER C 51 42.83 251.69 -88.56
CA SER C 51 42.71 250.95 -87.28
C SER C 51 43.35 249.57 -87.41
N ARG C 52 44.54 249.38 -86.84
CA ARG C 52 45.19 248.05 -86.86
C ARG C 52 44.15 246.97 -86.50
N GLY C 53 43.09 247.37 -85.80
CA GLY C 53 42.03 246.40 -85.40
C GLY C 53 42.69 245.12 -84.89
N VAL C 54 42.70 244.06 -85.70
CA VAL C 54 43.34 242.78 -85.31
C VAL C 54 42.54 242.15 -84.17
N ILE C 55 41.80 241.07 -84.46
CA ILE C 55 40.94 240.44 -83.42
C ILE C 55 41.18 238.93 -83.39
N LEU C 56 41.16 238.28 -84.55
CA LEU C 56 41.44 236.83 -84.61
C LEU C 56 42.84 236.62 -85.19
N GLY C 57 43.58 235.61 -84.71
CA GLY C 57 44.97 235.42 -85.16
C GLY C 57 45.63 236.80 -85.26
N TYR C 58 45.14 237.76 -84.48
CA TYR C 58 45.67 239.14 -84.53
C TYR C 58 45.01 239.92 -83.39
N PRO C 59 45.69 240.92 -82.83
CA PRO C 59 45.13 241.65 -81.68
C PRO C 59 45.69 243.08 -81.61
N ASP C 60 45.05 243.94 -80.81
CA ASP C 60 45.52 245.35 -80.68
C ASP C 60 44.83 245.98 -79.46
N GLY C 61 45.26 247.18 -79.08
CA GLY C 61 44.65 247.89 -77.94
C GLY C 61 44.96 249.39 -78.05
N THR C 62 46.15 249.81 -77.60
CA THR C 62 46.55 251.23 -77.69
C THR C 62 48.04 251.35 -77.36
N PHE C 63 48.72 252.31 -78.00
CA PHE C 63 50.18 252.47 -77.78
C PHE C 63 50.62 253.90 -78.13
N ARG C 64 51.78 254.33 -77.63
CA ARG C 64 52.28 255.70 -77.90
C ARG C 64 53.72 255.83 -77.39
N GLY C 65 53.97 256.76 -76.46
CA GLY C 65 55.32 256.98 -75.92
C GLY C 65 55.97 255.63 -75.57
N THR C 66 57.22 255.43 -75.97
CA THR C 66 57.93 254.15 -75.72
C THR C 66 57.71 253.71 -74.26
N GLN C 67 58.29 254.43 -73.29
CA GLN C 67 58.20 254.02 -71.88
C GLN C 67 58.14 252.49 -71.80
N ASN C 68 57.00 251.94 -71.38
CA ASN C 68 56.88 250.47 -71.20
C ASN C 68 55.42 250.04 -71.38
N LEU C 69 55.04 248.91 -70.77
CA LEU C 69 53.67 248.38 -70.90
C LEU C 69 53.46 247.19 -69.97
N THR C 70 52.22 246.95 -69.55
CA THR C 70 51.92 245.80 -68.66
C THR C 70 52.35 244.51 -69.34
N ARG C 71 53.11 243.67 -68.62
CA ARG C 71 53.59 242.39 -69.21
C ARG C 71 53.98 242.64 -70.66
N TYR C 72 54.65 243.76 -70.93
CA TYR C 72 55.04 244.10 -72.32
C TYR C 72 56.22 245.07 -72.29
N GLU C 73 56.22 246.03 -71.37
CA GLU C 73 57.35 246.98 -71.23
C GLU C 73 57.73 247.53 -72.61
N ALA C 74 59.02 247.75 -72.84
CA ALA C 74 59.50 248.22 -74.16
C ALA C 74 59.97 247.01 -74.97
N ALA C 75 61.29 246.87 -75.18
CA ALA C 75 61.84 245.70 -75.91
C ALA C 75 61.20 245.60 -77.30
N ILE C 76 61.80 246.24 -78.30
CA ILE C 76 61.27 246.18 -79.68
C ILE C 76 60.39 244.93 -79.84
N ILE C 77 60.96 243.75 -79.58
CA ILE C 77 60.20 242.46 -79.65
C ILE C 77 58.76 242.76 -80.04
N ILE C 78 58.48 242.92 -81.33
CA ILE C 78 57.10 243.22 -81.82
C ILE C 78 56.17 242.10 -81.35
N ALA C 79 55.92 241.11 -82.21
CA ALA C 79 55.11 239.95 -81.77
C ALA C 79 55.89 239.24 -80.67
N ARG C 80 57.22 239.19 -80.80
CA ARG C 80 58.08 238.54 -79.80
C ARG C 80 57.64 238.96 -78.40
N LEU C 81 57.26 240.23 -78.22
CA LEU C 81 56.75 240.71 -76.91
C LEU C 81 55.91 239.59 -76.28
N LEU C 82 55.18 238.83 -77.10
CA LEU C 82 54.42 237.68 -76.59
C LEU C 82 54.94 236.43 -77.29
N ASP C 83 55.01 236.47 -78.63
CA ASP C 83 55.48 235.32 -79.43
C ASP C 83 56.60 234.58 -78.69
N GLN C 84 57.55 235.32 -78.12
CA GLN C 84 58.64 234.67 -77.35
C GLN C 84 58.04 233.82 -76.23
N MET C 85 57.62 234.46 -75.13
CA MET C 85 56.97 233.72 -74.03
C MET C 85 56.00 232.71 -74.64
N ARG C 86 55.29 233.09 -75.70
CA ARG C 86 54.38 232.16 -76.39
C ARG C 86 55.16 230.90 -76.78
N ASP C 87 55.93 230.96 -77.86
CA ASP C 87 56.76 229.81 -78.27
C ASP C 87 57.32 229.12 -77.03
N GLY C 88 57.94 229.89 -76.13
CA GLY C 88 58.46 229.32 -74.87
C GLY C 88 57.39 228.36 -74.31
N GLU C 89 56.22 228.90 -73.98
CA GLU C 89 55.12 228.06 -73.47
C GLU C 89 54.74 227.04 -74.55
N THR C 90 54.59 227.48 -75.80
CA THR C 90 54.16 226.59 -76.90
C THR C 90 54.99 225.30 -76.87
N PRO C 91 56.25 225.40 -76.43
CA PRO C 91 57.13 224.21 -76.40
C PRO C 91 56.59 223.16 -75.42
N ALA C 92 55.54 223.50 -74.67
CA ALA C 92 54.91 222.53 -73.74
C ALA C 92 54.68 221.20 -74.49
N GLY C 93 53.67 221.17 -75.36
CA GLY C 93 53.44 219.97 -76.18
C GLY C 93 54.80 219.43 -76.64
N MET C 94 55.58 220.27 -77.32
CA MET C 94 56.92 219.85 -77.80
C MET C 94 57.64 219.07 -76.70
N THR C 95 57.76 219.66 -75.51
CA THR C 95 58.44 218.99 -74.39
C THR C 95 57.87 217.57 -74.24
N ALA C 96 56.63 217.47 -73.77
CA ALA C 96 55.98 216.14 -73.64
C ALA C 96 56.31 215.31 -74.88
N GLU C 97 56.07 215.88 -76.06
CA GLU C 97 56.32 215.16 -77.32
C GLU C 97 57.71 214.49 -77.26
N ASP C 98 58.79 215.27 -77.15
CA ASP C 98 60.08 214.59 -77.21
C ASP C 98 60.13 213.43 -76.25
N MET C 99 59.58 213.63 -75.04
CA MET C 99 59.55 212.55 -74.05
C MET C 99 58.70 211.39 -74.55
N THR C 100 57.48 211.73 -74.97
CA THR C 100 56.59 210.69 -75.52
C THR C 100 57.45 209.91 -76.52
N ALA C 101 58.22 210.65 -77.31
CA ALA C 101 59.15 209.98 -78.25
C ALA C 101 60.24 209.31 -77.40
N LEU C 102 61.22 210.08 -76.95
CA LEU C 102 62.35 209.48 -76.21
C LEU C 102 62.74 208.20 -76.97
N GLN C 103 62.90 208.31 -78.30
CA GLN C 103 63.19 207.12 -79.11
C GLN C 103 62.22 206.01 -78.71
N ASN C 104 62.74 204.85 -78.30
CA ASN C 104 61.88 203.73 -77.83
C ASN C 104 60.77 203.43 -78.85
N ALA C 105 60.85 204.03 -80.05
CA ALA C 105 59.86 203.75 -81.10
C ALA C 105 59.58 202.25 -81.08
N ILE C 106 58.30 201.84 -81.13
CA ILE C 106 58.00 200.39 -81.18
C ILE C 106 58.31 199.76 -79.83
N GLN C 107 59.57 199.85 -79.39
CA GLN C 107 59.97 199.29 -78.08
C GLN C 107 58.95 199.72 -77.02
N GLU C 108 58.76 201.02 -76.84
CA GLU C 108 57.77 201.54 -75.86
C GLU C 108 56.46 200.79 -76.03
N LEU C 109 55.84 200.89 -77.21
CA LEU C 109 54.58 200.18 -77.49
C LEU C 109 54.70 198.72 -77.01
N ALA C 110 55.65 197.98 -77.57
CA ALA C 110 55.86 196.58 -77.16
C ALA C 110 55.86 196.49 -75.63
N ALA C 111 56.81 197.18 -74.97
CA ALA C 111 56.86 197.18 -73.49
C ALA C 111 55.46 197.36 -72.92
N ASP C 112 54.81 198.51 -73.23
CA ASP C 112 53.44 198.77 -72.74
C ASP C 112 52.58 197.53 -72.95
N LEU C 113 52.37 197.14 -74.21
CA LEU C 113 51.56 195.93 -74.52
C LEU C 113 51.99 194.79 -73.60
N ALA C 114 53.26 194.38 -73.69
CA ALA C 114 53.79 193.29 -72.83
C ALA C 114 53.32 193.52 -71.39
N ALA C 115 53.75 194.62 -70.77
CA ALA C 115 53.34 194.95 -69.38
C ALA C 115 51.85 194.66 -69.22
N LEU C 116 51.08 194.66 -70.32
CA LEU C 116 49.65 194.36 -70.25
C LEU C 116 49.41 192.95 -69.75
N GLY C 117 48.29 192.75 -69.06
CA GLY C 117 47.95 191.42 -68.51
C GLY C 117 46.45 191.36 -68.18
N VAL C 118 46.32 191.24 -66.92
CA VAL C 118 45.01 191.15 -66.39
C VAL C 118 45.49 191.59 -65.00
N ARG C 119 46.70 192.16 -64.93
CA ARG C 119 47.30 192.62 -63.66
C ARG C 119 46.25 193.25 -62.78
N VAL C 120 45.59 192.51 -61.90
CA VAL C 120 44.47 193.12 -61.15
C VAL C 120 43.60 192.00 -60.67
N SER C 121 42.29 192.28 -60.53
CA SER C 121 41.64 191.12 -59.94
C SER C 121 40.18 190.91 -59.57
N ASP C 122 39.27 190.84 -60.50
CA ASP C 122 38.05 190.12 -60.10
C ASP C 122 38.89 188.93 -60.14
N LEU C 123 39.76 189.04 -61.11
CA LEU C 123 40.99 188.36 -61.18
C LEU C 123 41.58 188.32 -59.80
N GLU C 124 42.33 187.27 -59.55
CA GLU C 124 42.76 186.90 -58.21
C GLU C 124 41.52 186.36 -57.67
N ALA C 125 40.91 187.42 -57.27
CA ALA C 125 39.57 187.19 -56.97
C ALA C 125 39.46 186.29 -58.10
N ASN C 126 40.05 186.95 -59.06
CA ASN C 126 39.71 185.78 -59.89
C ASN C 126 40.86 184.78 -59.85
N ALA C 127 42.05 185.20 -60.30
CA ALA C 127 43.24 184.32 -60.27
C ALA C 127 43.34 183.63 -58.91
N VAL C 128 43.59 184.42 -57.85
CA VAL C 128 43.67 183.86 -56.48
C VAL C 128 42.56 182.84 -56.27
N SER C 129 41.30 183.25 -56.44
CA SER C 129 40.15 182.31 -56.29
C SER C 129 40.46 181.03 -57.07
N LYS C 130 40.46 181.11 -58.40
CA LYS C 130 40.77 179.92 -59.24
C LYS C 130 41.89 179.12 -58.58
N ASP C 131 43.06 179.74 -58.41
CA ASP C 131 44.19 179.06 -57.74
C ASP C 131 43.69 178.36 -56.48
N ASP C 132 43.02 179.41 -56.08
CA ASP C 132 42.78 179.02 -54.74
C ASP C 132 42.58 177.49 -54.58
N PHE C 133 42.00 176.72 -55.45
CA PHE C 133 42.04 175.22 -55.49
C PHE C 133 42.64 174.33 -54.44
N ALA C 134 43.42 173.38 -54.97
CA ALA C 134 44.04 172.34 -54.16
C ALA C 134 44.46 171.26 -55.09
N ARG C 135 45.13 171.65 -56.22
CA ARG C 135 45.44 170.32 -56.76
C ARG C 135 44.14 169.57 -57.06
N LEU C 136 43.34 170.08 -58.01
CA LEU C 136 42.04 169.46 -58.33
C LEU C 136 41.28 169.17 -57.04
N GLU C 137 40.71 167.96 -56.91
CA GLU C 137 40.00 167.61 -55.68
C GLU C 137 40.97 167.11 -54.62
N ALA C 138 42.14 167.64 -54.53
CA ALA C 138 43.13 167.24 -53.50
C ALA C 138 42.47 166.26 -52.52
N ARG C 139 42.13 166.75 -51.32
CA ARG C 139 41.45 165.88 -50.31
C ARG C 139 40.37 165.06 -51.00
N ILE C 140 39.44 165.72 -51.70
CA ILE C 140 38.36 165.00 -52.42
C ILE C 140 38.97 163.83 -53.20
N GLU C 141 39.81 164.13 -54.21
CA GLU C 141 40.47 163.08 -55.00
C GLU C 141 40.96 161.97 -54.05
N GLU C 142 41.85 162.32 -53.12
CA GLU C 142 42.36 161.33 -52.15
C GLU C 142 41.19 160.51 -51.59
N VAL C 143 40.29 161.15 -50.85
CA VAL C 143 39.11 160.46 -50.31
C VAL C 143 38.56 159.49 -51.36
N ALA C 144 38.12 160.03 -52.51
CA ALA C 144 37.60 159.17 -53.61
C ALA C 144 38.53 157.97 -53.80
N ALA C 145 39.63 157.46 -53.05
CA ALA C 145 39.99 155.90 -52.96
C ALA C 145 40.93 155.06 -51.98
N ALA C 146 40.59 154.87 -50.72
CA ALA C 146 41.36 154.07 -49.75
C ALA C 146 40.49 152.89 -49.49
N GLY C 147 40.19 152.54 -50.63
CA GLY C 147 39.12 151.67 -50.68
C GLY C 147 39.11 151.57 -52.24
N GLY C 148 39.99 152.34 -52.99
CA GLY C 148 40.23 152.13 -54.45
C GLY C 148 40.88 150.94 -53.99
N GLU C 149 42.02 151.23 -53.32
CA GLU C 149 42.43 150.09 -52.54
C GLU C 149 41.15 149.94 -51.52
N GLN C 150 40.80 150.24 -50.15
CA GLN C 150 39.43 149.86 -49.49
C GLN C 150 38.12 149.39 -50.41
N GLY C 151 36.89 150.02 -50.95
CA GLY C 151 35.80 149.21 -51.53
C GLY C 151 36.40 148.05 -52.33
N ALA C 152 37.11 148.35 -53.42
CA ALA C 152 37.75 147.30 -54.23
C ALA C 152 38.33 146.22 -53.32
N THR C 153 39.28 146.60 -52.46
CA THR C 153 39.87 145.64 -51.50
C THR C 153 38.74 144.93 -50.75
N GLU C 154 38.10 145.61 -49.80
CA GLU C 154 36.98 145.02 -49.04
C GLU C 154 36.27 143.95 -49.88
N ALA C 155 35.76 144.35 -51.05
CA ALA C 155 35.09 143.39 -51.96
C ALA C 155 35.93 142.10 -52.04
N LEU C 156 35.50 141.05 -51.35
CA LEU C 156 36.24 139.76 -51.36
C LEU C 156 37.73 140.02 -51.11
N GLN C 157 38.04 140.89 -50.14
CA GLN C 157 39.44 141.22 -49.80
C GLN C 157 40.34 141.03 -51.03
N GLY C 158 41.25 140.05 -50.97
CA GLY C 158 42.18 139.81 -52.10
C GLY C 158 41.90 138.45 -52.73
N ARG C 166 32.50 136.23 -53.14
CA ARG C 166 32.04 135.35 -54.25
C ARG C 166 32.03 133.90 -53.78
N VAL C 167 31.89 133.68 -52.46
CA VAL C 167 31.87 132.30 -51.90
C VAL C 167 30.98 131.42 -52.78
N ASP C 168 31.43 130.20 -53.09
CA ASP C 168 30.62 129.27 -53.90
C ASP C 168 30.55 127.92 -53.18
N GLU C 169 29.44 127.66 -52.47
CA GLU C 169 29.35 126.41 -51.67
C GLU C 169 29.47 125.21 -52.61
N TYR C 170 30.23 124.18 -52.22
CA TYR C 170 30.43 122.99 -53.08
C TYR C 170 29.58 121.83 -52.58
N ASP C 171 28.96 121.99 -51.40
CA ASP C 171 28.05 120.94 -50.86
C ASP C 171 28.81 119.63 -50.64
N ALA C 172 28.09 118.53 -50.44
CA ALA C 172 28.73 117.21 -50.18
C ALA C 172 27.78 116.09 -50.60
N LEU C 173 27.37 115.24 -49.65
CA LEU C 173 26.50 114.10 -49.98
C LEU C 173 25.84 113.56 -48.71
N ARG C 174 24.75 112.79 -48.85
CA ARG C 174 24.07 112.19 -47.68
C ARG C 174 24.99 111.14 -47.07
N ALA C 175 26.08 111.59 -46.44
CA ALA C 175 27.08 110.66 -45.85
C ALA C 175 26.38 109.41 -45.29
N ASP C 176 25.27 109.59 -44.57
CA ASP C 176 24.62 108.43 -43.91
C ASP C 176 24.27 107.34 -44.93
N VAL C 177 25.00 106.22 -44.91
CA VAL C 177 24.66 105.07 -45.80
C VAL C 177 23.58 104.25 -45.11
N ASP C 178 23.91 103.61 -43.98
CA ASP C 178 22.90 102.87 -43.16
C ASP C 178 22.51 101.52 -43.78
N ASP C 179 21.98 100.61 -42.95
CA ASP C 179 21.54 99.26 -43.41
C ASP C 179 20.86 98.59 -42.22
N ASN C 180 20.96 99.20 -41.03
CA ASN C 180 20.35 98.65 -39.79
C ASN C 180 19.36 97.53 -40.10
N ALA C 181 18.23 97.84 -40.75
CA ALA C 181 17.19 96.83 -41.01
C ALA C 181 17.83 95.44 -41.09
N SER C 182 18.54 95.15 -42.19
CA SER C 182 19.22 93.84 -42.37
C SER C 182 18.60 92.78 -41.45
N SER C 183 17.32 92.47 -41.64
CA SER C 183 16.62 91.46 -40.79
C SER C 183 17.30 91.40 -39.42
N ILE C 184 17.47 92.55 -38.77
CA ILE C 184 18.15 92.61 -37.44
C ILE C 184 17.84 91.31 -36.69
N ALA C 185 18.87 90.57 -36.27
CA ALA C 185 18.67 89.26 -35.58
C ALA C 185 17.47 89.30 -34.63
N ALA C 186 17.07 90.50 -34.17
CA ALA C 186 15.91 90.66 -33.29
C ALA C 186 14.64 90.14 -33.98
N LEU C 187 14.53 88.97 -34.71
CA LEU C 187 13.28 88.35 -35.24
C LEU C 187 13.33 86.84 -35.03
N ASN C 188 14.42 86.19 -35.44
CA ASN C 188 14.53 84.71 -35.32
C ASN C 188 15.35 84.35 -34.08
N ASP C 189 15.43 85.27 -33.10
CA ASP C 189 16.18 85.00 -31.84
C ASP C 189 15.24 84.26 -30.87
N LEU C 190 13.95 84.20 -31.19
CA LEU C 190 12.95 83.53 -30.31
C LEU C 190 12.30 82.39 -31.10
N THR C 191 12.86 82.04 -32.25
CA THR C 191 12.29 80.97 -33.13
C THR C 191 11.58 79.90 -32.29
N VAL C 192 12.34 79.13 -31.52
CA VAL C 192 11.74 78.07 -30.64
C VAL C 192 12.38 78.18 -29.25
N LEU C 193 12.35 79.37 -28.65
CA LEU C 193 12.89 79.52 -27.28
C LEU C 193 12.47 78.30 -26.46
N LEU C 194 11.18 77.95 -26.51
CA LEU C 194 10.72 76.70 -25.86
C LEU C 194 10.83 75.58 -26.89
N ASN C 195 11.70 74.61 -26.64
CA ASN C 195 11.91 73.50 -27.62
C ASN C 195 10.69 72.61 -27.65
N GLN C 196 9.55 73.07 -27.12
CA GLN C 196 8.32 72.23 -27.02
C GLN C 196 8.58 71.06 -26.06
N ASP C 197 9.57 70.22 -26.35
CA ASP C 197 9.93 69.10 -25.44
C ASP C 197 10.88 69.64 -24.35
N ILE C 198 10.42 70.65 -23.60
CA ILE C 198 11.27 71.29 -22.55
C ILE C 198 11.98 70.17 -21.75
N LEU C 199 11.22 69.20 -21.24
CA LEU C 199 11.80 68.08 -20.43
C LEU C 199 10.66 67.11 -20.13
N ASP C 200 9.73 66.94 -21.09
CA ASP C 200 8.54 66.09 -20.82
C ASP C 200 8.92 64.62 -21.00
N LEU C 201 10.21 64.32 -20.86
CA LEU C 201 10.70 62.92 -21.03
C LEU C 201 11.55 62.56 -19.82
N GLN C 202 12.16 63.56 -19.17
CA GLN C 202 12.95 63.30 -17.94
C GLN C 202 12.05 62.54 -16.97
N ASP C 203 10.75 62.82 -17.01
CA ASP C 203 9.78 62.12 -16.14
C ASP C 203 9.52 60.74 -16.72
N ARG C 204 9.34 60.64 -18.04
CA ARG C 204 9.03 59.35 -18.70
C ARG C 204 10.18 58.34 -18.55
N VAL C 205 11.40 58.79 -18.25
CA VAL C 205 12.50 57.82 -18.00
C VAL C 205 12.23 57.12 -16.67
N SER C 206 12.32 57.88 -15.56
CA SER C 206 12.07 57.30 -14.22
C SER C 206 10.69 56.64 -14.19
N ALA C 207 9.81 57.02 -15.11
CA ALA C 207 8.42 56.50 -15.13
C ALA C 207 8.45 54.97 -15.23
N VAL C 208 9.09 54.44 -16.28
CA VAL C 208 9.13 52.97 -16.49
C VAL C 208 10.16 52.34 -15.54
N GLU C 209 11.18 53.13 -15.16
CA GLU C 209 12.26 52.61 -14.28
C GLU C 209 11.67 52.16 -12.94
N ALA C 210 10.66 52.89 -12.45
CA ALA C 210 10.00 52.52 -11.18
C ALA C 210 9.39 51.12 -11.29
N ALA C 211 8.70 50.84 -12.41
CA ALA C 211 8.06 49.52 -12.60
C ALA C 211 9.14 48.44 -12.76
N GLN C 212 10.26 48.80 -13.39
CA GLN C 212 11.36 47.83 -13.60
C GLN C 212 11.93 47.40 -12.25
N ALA C 213 11.98 48.32 -11.28
CA ALA C 213 12.56 48.01 -9.96
C ALA C 213 11.82 46.81 -9.33
N ASP C 214 10.61 46.51 -9.81
CA ASP C 214 9.85 45.34 -9.30
C ASP C 214 9.94 44.20 -10.30
N PHE C 215 8.82 43.84 -10.92
CA PHE C 215 8.77 42.75 -11.93
C PHE C 215 9.36 41.45 -11.37
N VAL C 216 10.23 40.79 -12.13
CA VAL C 216 10.84 39.48 -11.70
C VAL C 216 12.32 39.48 -12.09
N GLN C 217 12.91 38.29 -12.24
CA GLN C 217 14.33 38.17 -12.66
C GLN C 217 14.51 36.84 -13.39
N ARG C 218 15.33 36.82 -14.45
CA ARG C 218 15.58 35.58 -15.23
C ARG C 218 16.01 34.45 -14.28
N SER C 219 17.20 34.57 -13.68
CA SER C 219 17.68 33.57 -12.70
C SER C 219 16.61 33.20 -11.68
N ASP C 220 15.98 34.19 -11.04
CA ASP C 220 14.94 33.92 -10.01
C ASP C 220 13.88 32.98 -10.58
N PHE C 221 13.29 33.32 -11.72
CA PHE C 221 12.26 32.47 -12.35
C PHE C 221 12.86 31.11 -12.70
N ASP C 222 14.06 31.10 -13.29
CA ASP C 222 14.71 29.83 -13.70
C ASP C 222 14.84 28.90 -12.49
N ALA C 223 15.17 29.44 -11.32
CA ALA C 223 15.38 28.61 -10.11
C ALA C 223 14.04 27.98 -9.70
N LEU C 224 13.26 28.39 -9.82
CA LEU C 224 11.90 27.95 -9.58
C LEU C 224 11.47 26.91 -10.60
N GLY C 225 11.83 27.11 -11.87
CA GLY C 225 11.53 26.12 -12.88
C GLY C 225 12.26 24.80 -12.63
N GLY C 226 13.52 24.89 -12.20
CA GLY C 226 14.24 23.68 -11.84
C GLY C 226 13.58 22.93 -10.69
N ARG C 227 13.14 23.66 -9.66
CA ARG C 227 12.44 23.03 -8.55
C ARG C 227 11.14 22.40 -9.00
N VAL C 228 10.42 23.07 -9.92
CA VAL C 228 9.18 22.51 -10.44
C VAL C 228 9.46 21.21 -11.18
N THR C 229 10.52 21.18 -11.99
CA THR C 229 10.86 19.95 -12.69
C THR C 229 11.24 18.84 -11.71
N THR C 230 11.99 19.18 -10.66
CA THR C 230 12.36 18.18 -9.67
C THR C 230 11.13 17.60 -8.99
N VAL C 231 10.17 18.46 -8.61
CA VAL C 231 8.95 17.96 -7.99
C VAL C 231 8.13 17.16 -8.99
N GLU C 232 8.14 17.55 -10.26
CA GLU C 232 7.42 16.81 -11.29
C GLU C 232 7.94 15.39 -11.38
N THR C 233 9.27 15.22 -11.34
CA THR C 233 9.82 13.87 -11.38
C THR C 233 9.64 13.15 -10.05
N ARG C 234 9.67 13.87 -8.93
CA ARG C 234 9.52 13.25 -7.62
C ARG C 234 8.13 12.66 -7.43
N VAL C 235 7.10 13.36 -7.91
CA VAL C 235 5.75 12.82 -7.81
C VAL C 235 5.64 11.50 -8.53
N GLU C 236 6.18 11.43 -9.75
CA GLU C 236 6.15 10.18 -10.51
C GLU C 236 6.94 9.09 -9.82
N THR C 237 8.12 9.41 -9.28
CA THR C 237 8.92 8.38 -8.62
C THR C 237 8.22 7.85 -7.37
N VAL C 238 7.61 8.73 -6.59
CA VAL C 238 6.87 8.29 -5.40
C VAL C 238 5.70 7.40 -5.81
N ASN C 239 4.95 7.83 -6.83
CA ASN C 239 3.82 7.04 -7.28
C ASN C 239 4.26 5.66 -7.74
N ASN C 240 5.36 5.60 -8.51
CA ASN C 240 5.82 4.32 -9.03
C ASN C 240 6.32 3.41 -7.92
N SER C 241 7.11 3.93 -6.98
CA SER C 241 7.59 3.10 -5.89
C SER C 241 6.43 2.56 -5.04
N LEU C 242 5.48 3.43 -4.68
CA LEU C 242 4.38 2.98 -3.85
C LEU C 242 3.48 2.00 -4.61
N THR C 243 3.27 2.23 -5.91
CA THR C 243 2.48 1.28 -6.69
C THR C 243 3.17 -0.06 -6.78
N GLY C 244 4.49 -0.07 -6.94
CA GLY C 244 5.20 -1.34 -6.96
C GLY C 244 5.09 -2.09 -5.65
N ARG C 245 5.25 -1.39 -4.53
CA ARG C 245 5.11 -2.06 -3.24
C ARG C 245 3.67 -2.53 -3.00
N ILE C 246 2.67 -1.76 -3.43
CA ILE C 246 1.29 -2.19 -3.29
C ILE C 246 1.02 -3.41 -4.15
N ALA C 247 1.61 -3.46 -5.35
CA ALA C 247 1.45 -4.63 -6.20
C ALA C 247 2.09 -5.85 -5.58
N ALA C 248 3.26 -5.68 -4.97
CA ALA C 248 3.90 -6.80 -4.27
C ALA C 248 3.03 -7.28 -3.11
N LEU C 249 2.42 -6.35 -2.37
CA LEU C 249 1.51 -6.75 -1.30
C LEU C 249 0.30 -7.50 -1.84
N GLU C 250 -0.25 -7.03 -2.97
CA GLU C 250 -1.45 -7.65 -3.53
C GLU C 250 -1.16 -8.99 -4.18
N ARG C 251 0.07 -9.24 -4.62
CA ARG C 251 0.39 -10.49 -5.30
C ARG C 251 0.14 -11.69 -4.39
N ASN C 252 0.54 -11.59 -3.12
CA ASN C 252 0.41 -12.73 -2.22
C ASN C 252 -0.50 -12.39 -1.05
N ALA C 253 -1.64 -11.77 -1.34
CA ALA C 253 -2.62 -11.42 -0.34
C ALA C 253 -3.87 -12.26 -0.51
N PHE C 254 -4.56 -12.53 0.59
CA PHE C 254 -5.80 -13.29 0.58
C PHE C 254 -6.99 -12.36 0.35
N SER C 255 -7.92 -12.80 -0.48
CA SER C 255 -9.23 -12.18 -0.57
C SER C 255 -10.19 -12.98 0.32
N VAL C 256 -10.73 -12.31 1.33
CA VAL C 256 -11.62 -12.95 2.29
C VAL C 256 -13.04 -12.90 1.72
N LYS C 257 -13.62 -14.08 1.51
CA LYS C 257 -14.97 -14.18 0.95
C LYS C 257 -15.89 -14.87 1.94
N PRO C 258 -16.69 -14.12 2.69
CA PRO C 258 -17.70 -14.73 3.56
C PRO C 258 -19.04 -14.86 2.87
N SER C 259 -19.76 -15.90 3.24
CA SER C 259 -21.06 -16.20 2.65
C SER C 259 -22.06 -16.45 3.77
N LEU C 260 -23.27 -15.91 3.60
CA LEU C 260 -24.35 -16.10 4.54
C LEU C 260 -25.61 -16.47 3.76
N THR C 261 -26.28 -17.53 4.19
CA THR C 261 -27.55 -17.95 3.61
C THR C 261 -28.61 -17.95 4.68
N ILE C 262 -29.72 -17.25 4.43
CA ILE C 262 -30.83 -17.16 5.37
C ILE C 262 -32.09 -17.64 4.66
N GLY C 263 -32.83 -18.54 5.29
CA GLY C 263 -34.08 -18.97 4.68
C GLY C 263 -34.98 -19.83 5.55
N TYR C 264 -36.29 -19.64 5.41
CA TYR C 264 -37.26 -20.43 6.17
C TYR C 264 -37.93 -21.43 5.25
N SER C 265 -38.14 -22.65 5.75
CA SER C 265 -38.77 -23.67 4.90
C SER C 265 -39.62 -24.62 5.74
N VAL C 266 -40.81 -24.93 5.24
CA VAL C 266 -41.66 -25.98 5.79
C VAL C 266 -42.31 -26.72 4.63
N SER C 267 -42.44 -28.03 4.76
CA SER C 267 -43.03 -28.84 3.71
C SER C 267 -43.66 -30.09 4.29
N ARG C 268 -44.89 -30.39 3.90
CA ARG C 268 -45.62 -31.55 4.38
C ARG C 268 -46.24 -32.29 3.21
N THR C 269 -45.92 -33.58 3.10
CA THR C 269 -46.50 -34.42 2.05
C THR C 269 -46.85 -35.77 2.64
N SER C 270 -47.74 -36.48 1.94
CA SER C 270 -48.12 -37.83 2.32
C SER C 270 -47.66 -38.89 1.32
N ARG C 271 -47.33 -38.52 0.09
CA ARG C 271 -46.86 -39.51 -0.89
C ARG C 271 -45.61 -39.08 -1.65
N ASN C 272 -45.27 -37.80 -1.72
CA ASN C 272 -44.07 -37.31 -2.42
C ASN C 272 -44.13 -37.64 -3.91
N PHE C 273 -45.09 -37.02 -4.58
CA PHE C 273 -45.18 -37.05 -6.03
C PHE C 273 -44.34 -35.92 -6.63
N ASP C 274 -44.44 -35.74 -7.94
CA ASP C 274 -43.68 -34.73 -8.66
C ASP C 274 -44.61 -33.70 -9.28
N VAL C 275 -44.21 -32.44 -9.22
CA VAL C 275 -45.01 -31.34 -9.77
C VAL C 275 -44.33 -30.63 -10.92
N ASP C 276 -43.06 -30.91 -11.22
CA ASP C 276 -42.38 -30.24 -12.31
C ASP C 276 -42.94 -30.61 -13.67
N ARG C 277 -43.76 -31.65 -13.76
CA ARG C 277 -44.40 -32.03 -15.01
C ARG C 277 -45.62 -31.17 -15.33
N LEU C 278 -46.01 -30.27 -14.42
CA LEU C 278 -47.12 -29.36 -14.67
C LEU C 278 -46.68 -28.02 -15.22
N PHE C 279 -45.43 -27.64 -15.00
CA PHE C 279 -44.97 -26.31 -15.34
C PHE C 279 -44.67 -26.18 -16.83
N PRO C 280 -44.78 -24.96 -17.36
CA PRO C 280 -44.55 -24.77 -18.80
C PRO C 280 -43.12 -25.10 -19.20
N LEU C 281 -42.98 -25.57 -20.44
CA LEU C 281 -41.69 -25.88 -21.02
C LEU C 281 -41.18 -24.72 -21.85
N ASN C 282 -39.95 -24.32 -21.61
CA ASN C 282 -39.36 -23.19 -22.31
C ASN C 282 -39.01 -23.56 -23.76
N ALA C 283 -38.74 -22.54 -24.56
CA ALA C 283 -38.43 -22.76 -25.97
C ALA C 283 -37.22 -23.66 -26.16
N ASP C 284 -36.34 -23.76 -25.17
CA ASP C 284 -35.21 -24.66 -25.22
C ASP C 284 -35.53 -26.02 -24.61
N GLY C 285 -36.80 -26.27 -24.28
CA GLY C 285 -37.23 -27.54 -23.76
C GLY C 285 -37.14 -27.69 -22.25
N THR C 286 -36.46 -26.77 -21.56
CA THR C 286 -36.36 -26.82 -20.12
C THR C 286 -37.69 -26.43 -19.50
N VAL C 287 -37.94 -26.93 -18.29
CA VAL C 287 -39.18 -26.62 -17.58
C VAL C 287 -38.99 -25.32 -16.81
N ALA C 288 -40.10 -24.60 -16.61
CA ALA C 288 -40.05 -23.31 -15.94
C ALA C 288 -39.57 -23.48 -14.50
N ASN C 289 -38.81 -22.49 -14.04
CA ASN C 289 -38.27 -22.53 -12.69
C ASN C 289 -39.36 -22.34 -11.66
N ASN C 290 -39.25 -23.06 -10.54
CA ASN C 290 -40.15 -22.92 -9.41
C ASN C 290 -39.37 -23.13 -8.13
N ALA C 291 -39.99 -22.76 -7.01
CA ALA C 291 -39.36 -22.83 -5.70
C ALA C 291 -39.57 -24.17 -5.02
N PHE C 292 -40.23 -25.12 -5.67
CA PHE C 292 -40.53 -26.40 -5.07
C PHE C 292 -39.73 -27.55 -5.66
N THR C 293 -39.10 -27.37 -6.82
CA THR C 293 -38.37 -28.45 -7.44
C THR C 293 -37.23 -28.93 -6.55
N SER C 294 -37.02 -30.24 -6.54
CA SER C 294 -35.90 -30.84 -5.83
C SER C 294 -34.67 -31.00 -6.70
N GLY C 295 -34.73 -30.57 -7.96
CA GLY C 295 -33.60 -30.68 -8.86
C GLY C 295 -33.48 -32.06 -9.47
N GLY C 296 -32.25 -32.53 -9.64
CA GLY C 296 -32.01 -33.88 -10.12
C GLY C 296 -31.70 -34.01 -11.59
N ILE C 297 -31.36 -32.92 -12.28
CA ILE C 297 -31.08 -32.97 -13.71
C ILE C 297 -29.68 -33.56 -13.88
N ASP C 298 -29.60 -34.73 -14.52
CA ASP C 298 -28.34 -35.39 -14.82
C ASP C 298 -28.37 -35.87 -16.26
N THR C 299 -27.46 -35.33 -17.08
CA THR C 299 -27.41 -35.72 -18.48
C THR C 299 -26.67 -37.05 -18.69
N ASP C 300 -25.94 -37.53 -17.70
CA ASP C 300 -25.28 -38.81 -17.84
C ASP C 300 -26.28 -39.96 -17.72
N THR C 301 -27.21 -39.86 -16.77
CA THR C 301 -28.21 -40.89 -16.55
C THR C 301 -29.58 -40.51 -17.10
N GLY C 302 -29.70 -39.36 -17.76
CA GLY C 302 -30.98 -38.95 -18.29
C GLY C 302 -31.99 -38.50 -17.26
N ALA C 303 -31.56 -38.29 -16.02
CA ALA C 303 -32.47 -37.83 -14.98
C ALA C 303 -32.85 -36.38 -15.22
N GLN C 304 -34.09 -36.04 -14.90
CA GLN C 304 -34.62 -34.70 -15.07
C GLN C 304 -35.35 -34.30 -13.80
N ARG C 305 -35.79 -33.04 -13.77
CA ARG C 305 -36.53 -32.55 -12.61
C ARG C 305 -37.87 -33.23 -12.45
N ARG C 306 -38.35 -33.92 -13.48
CA ARG C 306 -39.65 -34.58 -13.48
C ARG C 306 -39.58 -36.03 -13.03
N ASP C 307 -38.40 -36.51 -12.64
CA ASP C 307 -38.23 -37.89 -12.20
C ASP C 307 -38.17 -38.03 -10.69
N PHE C 308 -38.33 -36.94 -9.93
CA PHE C 308 -38.13 -36.97 -8.50
C PHE C 308 -39.25 -36.18 -7.82
N GLY C 309 -39.51 -36.51 -6.56
CA GLY C 309 -40.50 -35.79 -5.80
C GLY C 309 -40.01 -34.42 -5.37
N ASP C 310 -40.96 -33.58 -4.95
CA ASP C 310 -40.70 -32.17 -4.70
C ASP C 310 -41.16 -31.71 -3.32
N PHE C 311 -41.40 -32.63 -2.39
CA PHE C 311 -41.98 -32.28 -1.10
C PHE C 311 -41.18 -32.91 0.02
N GLY C 312 -41.23 -32.28 1.20
CA GLY C 312 -40.34 -32.65 2.27
C GLY C 312 -38.92 -32.24 1.93
N ASN C 313 -37.97 -32.86 2.63
CA ASN C 313 -36.56 -32.76 2.25
C ASN C 313 -36.13 -33.95 1.39
N ALA C 314 -37.07 -34.82 1.03
CA ALA C 314 -36.78 -36.01 0.27
C ALA C 314 -37.00 -35.74 -1.22
N SER C 315 -36.14 -36.34 -2.04
CA SER C 315 -36.23 -36.27 -3.49
C SER C 315 -36.52 -37.64 -4.07
N ASP C 316 -37.46 -38.35 -3.45
CA ASP C 316 -37.74 -39.73 -3.82
C ASP C 316 -38.14 -39.82 -5.29
N PRO C 317 -37.43 -40.61 -6.10
CA PRO C 317 -37.80 -40.73 -7.51
C PRO C 317 -39.15 -41.41 -7.69
N VAL C 318 -39.84 -41.04 -8.77
CA VAL C 318 -41.10 -41.67 -9.09
C VAL C 318 -40.86 -43.10 -9.54
N VAL C 319 -41.82 -43.98 -9.26
CA VAL C 319 -41.70 -45.41 -9.52
C VAL C 319 -42.69 -45.79 -10.60
N ALA C 320 -42.22 -46.51 -11.61
CA ALA C 320 -43.08 -47.00 -12.67
C ALA C 320 -43.93 -48.16 -12.18
N GLY C 321 -45.01 -48.41 -12.90
CA GLY C 321 -45.93 -49.46 -12.52
C GLY C 321 -46.91 -49.02 -11.46
N ALA C 322 -47.62 -50.00 -10.91
CA ALA C 322 -48.66 -49.74 -9.92
C ALA C 322 -48.11 -49.36 -8.56
N ALA C 323 -46.89 -49.78 -8.22
CA ALA C 323 -46.32 -49.40 -6.93
C ALA C 323 -46.26 -47.89 -6.79
N GLY C 324 -45.66 -47.21 -7.75
CA GLY C 324 -45.91 -45.80 -7.94
C GLY C 324 -47.24 -45.60 -8.63
N LEU C 325 -47.68 -44.35 -8.69
CA LEU C 325 -48.96 -44.05 -9.35
C LEU C 325 -48.78 -44.07 -10.86
N TYR C 326 -48.24 -45.19 -11.34
CA TYR C 326 -47.86 -45.37 -12.74
C TYR C 326 -46.88 -44.29 -13.17
N GLY C 327 -45.80 -44.17 -12.41
CA GLY C 327 -44.77 -43.19 -12.68
C GLY C 327 -45.07 -41.79 -12.19
N PHE C 328 -46.10 -41.62 -11.36
CA PHE C 328 -46.51 -40.30 -10.91
C PHE C 328 -46.13 -40.01 -9.45
N ALA C 329 -45.78 -41.02 -8.67
CA ALA C 329 -45.50 -40.81 -7.25
C ALA C 329 -44.44 -41.81 -6.80
N ASP C 330 -44.30 -41.94 -5.49
CA ASP C 330 -43.30 -42.79 -4.87
C ASP C 330 -43.82 -44.21 -4.70
N GLY C 331 -42.89 -45.16 -4.55
CA GLY C 331 -43.25 -46.55 -4.45
C GLY C 331 -43.73 -46.95 -3.07
N VAL C 332 -44.39 -48.11 -3.02
CA VAL C 332 -44.95 -48.60 -1.75
C VAL C 332 -43.85 -49.20 -0.88
N SER C 333 -43.09 -50.15 -1.42
CA SER C 333 -41.83 -50.60 -0.81
C SER C 333 -42.05 -51.13 0.62
N TYR C 334 -42.76 -52.26 0.70
CA TYR C 334 -42.86 -52.96 1.97
C TYR C 334 -41.47 -53.35 2.48
N THR C 335 -41.39 -53.65 3.78
CA THR C 335 -40.17 -54.14 4.40
C THR C 335 -40.38 -55.55 4.91
N VAL C 336 -39.44 -56.44 4.62
CA VAL C 336 -39.55 -57.85 4.95
C VAL C 336 -38.54 -58.17 6.06
N TYR C 337 -39.03 -58.80 7.11
CA TYR C 337 -38.20 -59.17 8.26
C TYR C 337 -37.76 -60.62 8.15
N PHE C 338 -36.62 -60.91 8.76
CA PHE C 338 -36.00 -62.23 8.67
C PHE C 338 -35.85 -62.83 10.06
N THR C 339 -35.51 -64.13 10.09
CA THR C 339 -35.34 -64.82 11.35
C THR C 339 -34.04 -64.43 12.04
N ASP C 340 -32.96 -64.29 11.26
CA ASP C 340 -31.66 -63.92 11.82
C ASP C 340 -31.57 -62.44 12.19
N GLY C 341 -32.68 -61.72 12.15
CA GLY C 341 -32.68 -60.30 12.45
C GLY C 341 -32.41 -59.40 11.28
N SER C 342 -32.00 -59.95 10.13
CA SER C 342 -31.78 -59.15 8.95
C SER C 342 -33.12 -58.76 8.33
N THR C 343 -33.08 -57.70 7.52
CA THR C 343 -34.27 -57.19 6.85
C THR C 343 -33.94 -56.88 5.39
N ALA C 344 -34.97 -56.91 4.55
CA ALA C 344 -34.86 -56.55 3.15
C ALA C 344 -36.01 -55.62 2.79
N THR C 345 -35.93 -55.04 1.61
CA THR C 345 -36.96 -54.12 1.12
C THR C 345 -37.58 -54.70 -0.14
N PHE C 346 -38.89 -54.92 -0.11
CA PHE C 346 -39.62 -55.39 -1.27
C PHE C 346 -40.29 -54.21 -1.96
N ASP C 347 -40.05 -54.05 -3.25
CA ASP C 347 -40.58 -52.92 -4.02
C ASP C 347 -41.80 -53.41 -4.80
N GLY C 348 -42.95 -53.37 -4.16
CA GLY C 348 -44.17 -53.79 -4.82
C GLY C 348 -45.38 -53.49 -3.96
N LEU C 349 -46.54 -53.49 -4.61
CA LEU C 349 -47.80 -53.20 -3.94
C LEU C 349 -48.42 -54.42 -3.28
N ASN C 350 -47.80 -55.59 -3.40
CA ASN C 350 -48.31 -56.82 -2.79
C ASN C 350 -47.13 -57.63 -2.26
N PRO C 351 -46.92 -57.63 -0.95
CA PRO C 351 -45.76 -58.35 -0.39
C PRO C 351 -45.79 -59.85 -0.64
N ALA C 352 -46.98 -60.43 -0.88
CA ALA C 352 -47.06 -61.86 -1.15
C ALA C 352 -46.24 -62.27 -2.37
N ASP C 353 -45.99 -61.35 -3.30
CA ASP C 353 -45.21 -61.64 -4.48
C ASP C 353 -43.71 -61.49 -4.25
N TYR C 354 -43.27 -61.48 -2.98
CA TYR C 354 -41.85 -61.40 -2.66
C TYR C 354 -41.21 -62.74 -2.94
N LYS C 355 -40.98 -63.02 -4.22
CA LYS C 355 -40.45 -64.29 -4.67
C LYS C 355 -38.94 -64.40 -4.49
N VAL C 356 -38.33 -63.52 -3.70
CA VAL C 356 -36.87 -63.52 -3.57
C VAL C 356 -36.47 -63.54 -2.10
N PRO C 357 -36.81 -64.57 -1.34
CA PRO C 357 -36.16 -64.77 -0.04
C PRO C 357 -34.81 -65.43 -0.25
N THR C 358 -33.77 -64.86 0.35
CA THR C 358 -32.42 -65.36 0.10
C THR C 358 -32.29 -66.80 0.60
N GLY C 359 -31.12 -67.39 0.35
CA GLY C 359 -30.88 -68.80 0.59
C GLY C 359 -31.42 -69.35 1.90
N LYS C 360 -31.09 -68.71 3.01
CA LYS C 360 -31.41 -69.23 4.34
C LYS C 360 -32.36 -68.36 5.13
N VAL C 361 -32.80 -67.24 4.61
CA VAL C 361 -33.62 -66.31 5.37
C VAL C 361 -35.07 -66.77 5.36
N ILE C 362 -35.73 -66.63 6.51
CA ILE C 362 -37.14 -66.95 6.67
C ILE C 362 -37.85 -65.73 7.25
N ASP C 363 -39.03 -65.45 6.73
CA ASP C 363 -39.78 -64.26 7.15
C ASP C 363 -40.30 -64.47 8.57
N THR C 364 -39.78 -63.69 9.51
CA THR C 364 -40.27 -63.69 10.88
C THR C 364 -41.49 -62.79 10.99
N THR C 365 -42.52 -63.29 11.68
CA THR C 365 -43.76 -62.53 11.84
C THR C 365 -43.54 -61.41 12.86
N LYS C 366 -42.75 -60.43 12.44
CA LYS C 366 -42.43 -59.27 13.27
C LYS C 366 -43.30 -58.06 12.96
N GLY C 367 -43.55 -57.79 11.68
CA GLY C 367 -44.46 -56.72 11.30
C GLY C 367 -45.87 -57.23 11.27
N ARG C 368 -46.65 -56.83 10.26
CA ARG C 368 -48.00 -57.36 10.11
C ARG C 368 -47.97 -58.88 10.05
N ASN C 369 -47.33 -59.43 9.02
CA ASN C 369 -47.11 -60.88 8.90
C ASN C 369 -45.70 -61.14 8.43
N GLY C 370 -44.73 -60.43 9.01
CA GLY C 370 -43.36 -60.46 8.54
C GLY C 370 -43.01 -59.37 7.55
N PHE C 371 -44.00 -58.67 7.01
CA PHE C 371 -43.80 -57.56 6.10
C PHE C 371 -44.26 -56.29 6.77
N GLY C 372 -43.39 -55.29 6.82
CA GLY C 372 -43.73 -53.99 7.34
C GLY C 372 -44.36 -53.11 6.29
N PHE C 373 -44.20 -51.80 6.46
CA PHE C 373 -44.68 -50.84 5.46
C PHE C 373 -43.91 -49.55 5.69
N ASN C 374 -43.09 -49.16 4.72
CA ASN C 374 -42.34 -47.93 4.82
C ASN C 374 -43.28 -46.74 4.67
N ASN C 375 -43.26 -45.84 5.65
CA ASN C 375 -44.16 -44.70 5.63
C ASN C 375 -43.91 -43.87 4.37
N LEU C 376 -44.99 -43.50 3.70
CA LEU C 376 -44.90 -42.72 2.47
C LEU C 376 -44.97 -41.22 2.71
N ALA C 377 -45.04 -40.78 3.97
CA ALA C 377 -45.18 -39.37 4.29
C ALA C 377 -43.83 -38.77 4.64
N ARG C 378 -43.51 -37.64 4.02
CA ARG C 378 -42.29 -36.90 4.28
C ARG C 378 -42.62 -35.56 4.92
N TYR C 379 -41.80 -35.15 5.88
CA TYR C 379 -42.04 -33.92 6.62
C TYR C 379 -40.77 -33.10 6.69
N LYS C 380 -40.90 -31.80 6.49
CA LYS C 380 -39.84 -30.84 6.75
C LYS C 380 -40.36 -29.87 7.80
N GLU C 381 -40.01 -30.10 9.05
CA GLU C 381 -40.50 -29.23 10.12
C GLU C 381 -40.03 -27.81 9.88
N GLY C 382 -40.95 -26.85 9.97
CA GLY C 382 -40.62 -25.48 9.66
C GLY C 382 -39.49 -24.93 10.50
N SER C 383 -38.48 -24.38 9.83
CA SER C 383 -37.37 -23.76 10.55
C SER C 383 -36.74 -22.71 9.64
N THR C 384 -36.06 -21.76 10.29
CA THR C 384 -35.24 -20.77 9.61
C THR C 384 -33.78 -21.14 9.79
N ASP C 385 -33.06 -21.28 8.68
CA ASP C 385 -31.68 -21.73 8.67
C ASP C 385 -30.78 -20.57 8.28
N ILE C 386 -29.74 -20.33 9.09
CA ILE C 386 -28.65 -19.42 8.77
C ILE C 386 -27.40 -20.27 8.61
N GLY C 387 -26.80 -20.23 7.43
CA GLY C 387 -25.56 -20.91 7.14
C GLY C 387 -24.46 -19.88 6.90
N ILE C 388 -23.30 -20.12 7.50
CA ILE C 388 -22.17 -19.19 7.42
C ILE C 388 -20.96 -19.94 6.90
N SER C 389 -20.25 -19.32 5.97
CA SER C 389 -19.06 -19.94 5.40
C SER C 389 -18.02 -18.86 5.13
N LEU C 390 -16.76 -19.28 5.05
CA LEU C 390 -15.67 -18.36 4.76
C LEU C 390 -14.64 -19.06 3.88
N GLY C 391 -14.13 -18.33 2.89
CA GLY C 391 -13.05 -18.83 2.07
C GLY C 391 -12.00 -17.76 1.89
N PHE C 392 -10.78 -18.20 1.56
CA PHE C 392 -9.65 -17.31 1.33
C PHE C 392 -9.11 -17.59 -0.06
N ASP C 393 -9.34 -16.68 -0.99
CA ASP C 393 -8.83 -16.83 -2.34
C ASP C 393 -7.45 -16.18 -2.46
N THR C 394 -6.68 -16.65 -3.43
CA THR C 394 -5.38 -16.08 -3.72
C THR C 394 -5.47 -15.16 -4.93
N SER C 395 -4.43 -14.34 -5.10
CA SER C 395 -4.41 -13.38 -6.18
C SER C 395 -4.42 -14.05 -7.55
N GLY C 396 -4.07 -15.34 -7.62
CA GLY C 396 -4.03 -16.02 -8.90
C GLY C 396 -2.85 -15.64 -9.76
N GLN C 397 -1.81 -15.06 -9.18
CA GLN C 397 -0.64 -14.64 -9.91
C GLN C 397 0.45 -15.70 -9.94
N PHE C 398 0.21 -16.87 -9.36
CA PHE C 398 1.19 -17.96 -9.38
C PHE C 398 0.85 -18.95 -10.49
N SER C 399 0.96 -18.47 -11.73
CA SER C 399 0.67 -19.26 -12.92
C SER C 399 1.89 -19.49 -13.79
N GLN C 400 3.09 -19.34 -13.25
CA GLN C 400 4.33 -19.49 -14.01
C GLN C 400 5.37 -20.18 -13.15
N VAL C 401 6.27 -20.91 -13.81
CA VAL C 401 7.43 -21.51 -13.17
C VAL C 401 8.63 -21.32 -14.08
N THR C 402 9.80 -21.08 -13.48
CA THR C 402 11.04 -20.95 -14.22
C THR C 402 11.99 -22.07 -13.81
N SER C 403 12.60 -22.70 -14.80
CA SER C 403 13.48 -23.83 -14.53
C SER C 403 14.74 -23.39 -13.79
N GLY C 404 15.27 -24.30 -12.97
CA GLY C 404 16.48 -24.02 -12.24
C GLY C 404 17.65 -24.88 -12.70
N THR C 405 18.87 -24.47 -12.34
CA THR C 405 20.05 -25.20 -12.77
C THR C 405 20.06 -26.60 -12.19
N GLY C 406 20.61 -27.53 -12.97
CA GLY C 406 20.69 -28.91 -12.54
C GLY C 406 21.76 -29.66 -13.29
N GLY C 407 21.98 -30.90 -12.89
CA GLY C 407 23.01 -31.73 -13.49
C GLY C 407 24.08 -32.13 -12.51
N SER C 408 24.71 -33.28 -12.74
CA SER C 408 25.78 -33.79 -11.89
C SER C 408 27.13 -33.78 -12.59
N LEU C 409 27.20 -34.37 -13.78
CA LEU C 409 28.44 -34.29 -14.57
C LEU C 409 28.72 -32.87 -15.03
N PHE C 410 27.71 -32.00 -15.02
CA PHE C 410 27.85 -30.62 -15.44
C PHE C 410 26.86 -29.80 -14.63
N SER C 411 26.59 -28.57 -15.09
CA SER C 411 25.61 -27.71 -14.43
C SER C 411 24.96 -26.83 -15.48
N THR C 412 23.64 -26.98 -15.64
CA THR C 412 22.91 -26.16 -16.59
C THR C 412 22.81 -24.72 -16.09
N ALA C 413 22.61 -23.80 -17.03
CA ALA C 413 22.61 -22.38 -16.68
C ALA C 413 21.47 -22.04 -15.74
N GLY C 414 20.27 -22.54 -16.01
CA GLY C 414 19.10 -22.21 -15.22
C GLY C 414 18.37 -20.99 -15.75
N ARG C 415 17.12 -20.85 -15.33
CA ARG C 415 16.27 -19.75 -15.79
C ARG C 415 16.14 -19.75 -17.31
N LEU C 416 16.11 -20.95 -17.90
CA LEU C 416 16.14 -21.10 -19.35
C LEU C 416 14.76 -21.28 -19.98
N GLN C 417 13.79 -21.80 -19.24
CA GLN C 417 12.47 -22.07 -19.80
C GLN C 417 11.42 -21.64 -18.80
N VAL C 418 10.35 -21.02 -19.30
CA VAL C 418 9.22 -20.59 -18.48
C VAL C 418 8.02 -21.45 -18.86
N ASN C 419 7.44 -22.12 -17.88
CA ASN C 419 6.32 -23.02 -18.06
C ASN C 419 5.07 -22.43 -17.41
N GLN C 420 3.97 -22.45 -18.15
CA GLN C 420 2.68 -21.98 -17.66
C GLN C 420 1.95 -23.15 -17.04
N ILE C 421 1.60 -23.04 -15.77
CA ILE C 421 0.91 -24.10 -15.05
C ILE C 421 -0.54 -23.68 -14.81
N ASP C 422 -1.35 -24.64 -14.38
CA ASP C 422 -2.78 -24.46 -14.18
C ASP C 422 -3.18 -24.86 -12.77
N LEU C 423 -2.43 -24.37 -11.78
CA LEU C 423 -2.70 -24.66 -10.38
C LEU C 423 -3.69 -23.64 -9.83
N ASN C 424 -4.78 -24.13 -9.25
CA ASN C 424 -5.79 -23.28 -8.64
C ASN C 424 -5.93 -23.68 -7.19
N PHE C 425 -5.52 -22.80 -6.28
CA PHE C 425 -5.47 -23.15 -4.86
C PHE C 425 -6.01 -22.01 -4.00
N GLY C 426 -6.41 -22.37 -2.79
CA GLY C 426 -6.92 -21.42 -1.83
C GLY C 426 -7.08 -22.08 -0.48
N LEU C 427 -7.65 -21.33 0.45
CA LEU C 427 -7.92 -21.82 1.80
C LEU C 427 -9.41 -21.98 2.00
N VAL C 428 -9.83 -23.15 2.47
CA VAL C 428 -11.23 -23.47 2.64
C VAL C 428 -11.49 -23.76 4.10
N THR C 429 -12.71 -23.48 4.54
CA THR C 429 -13.15 -23.73 5.93
C THR C 429 -14.27 -24.75 5.86
N GLY C 430 -13.97 -25.98 6.25
CA GLY C 430 -14.91 -27.07 6.14
C GLY C 430 -14.73 -27.85 4.84
N LEU C 431 -15.21 -29.09 4.86
CA LEU C 431 -15.01 -29.99 3.73
C LEU C 431 -16.32 -30.23 2.99
N PRO C 432 -16.25 -30.47 1.68
CA PRO C 432 -17.46 -30.81 0.93
C PRO C 432 -18.01 -32.16 1.34
N SER C 433 -19.28 -32.38 0.99
CA SER C 433 -19.93 -33.63 1.35
C SER C 433 -19.36 -34.81 0.58
N ASP C 434 -18.76 -34.57 -0.59
CA ASP C 434 -18.25 -35.65 -1.43
C ASP C 434 -16.77 -35.93 -1.20
N ALA C 435 -16.12 -35.25 -0.27
CA ALA C 435 -14.72 -35.50 0.01
C ALA C 435 -14.53 -36.86 0.69
N TYR C 436 -13.37 -37.47 0.46
CA TYR C 436 -13.06 -38.76 1.02
C TYR C 436 -11.54 -38.90 1.15
N VAL C 437 -11.11 -39.84 1.97
CA VAL C 437 -9.69 -40.12 2.16
C VAL C 437 -9.33 -41.32 1.28
N ASP C 438 -8.57 -41.06 0.22
CA ASP C 438 -8.17 -42.10 -0.72
C ASP C 438 -6.96 -42.83 -0.17
N THR C 439 -7.17 -44.00 0.41
CA THR C 439 -6.11 -44.76 1.05
C THR C 439 -5.42 -45.76 0.12
N ASN C 440 -5.87 -45.85 -1.14
CA ASN C 440 -5.29 -46.79 -2.08
C ASN C 440 -4.57 -46.14 -3.25
N GLY C 441 -4.90 -44.90 -3.59
CA GLY C 441 -4.29 -44.21 -4.71
C GLY C 441 -5.06 -44.33 -6.01
N ASN C 442 -6.16 -45.07 -6.04
CA ASN C 442 -6.93 -45.22 -7.27
C ASN C 442 -7.54 -43.90 -7.71
N GLY C 443 -7.69 -42.95 -6.79
CA GLY C 443 -8.34 -41.70 -7.11
C GLY C 443 -9.84 -41.74 -7.10
N LYS C 444 -10.44 -42.82 -6.60
CA LYS C 444 -11.88 -42.97 -6.57
C LYS C 444 -12.30 -43.43 -5.18
N LYS C 445 -13.56 -43.16 -4.84
CA LYS C 445 -14.10 -43.54 -3.54
C LYS C 445 -14.50 -45.01 -3.58
N ASP C 446 -13.72 -45.85 -2.90
CA ASP C 446 -14.01 -47.27 -2.82
C ASP C 446 -15.12 -47.49 -1.79
N ASP C 447 -15.32 -48.72 -1.36
CA ASP C 447 -16.38 -49.02 -0.41
C ASP C 447 -16.12 -48.32 0.92
N GLY C 448 -16.87 -47.26 1.21
CA GLY C 448 -16.74 -46.53 2.46
C GLY C 448 -15.31 -46.20 2.81
N GLU C 449 -14.67 -45.32 2.04
CA GLU C 449 -13.25 -45.07 2.26
C GLU C 449 -13.01 -44.28 3.55
N ALA C 450 -13.43 -43.00 3.58
CA ALA C 450 -13.30 -42.23 4.81
C ALA C 450 -14.49 -41.33 5.13
N THR C 451 -15.22 -40.81 4.14
CA THR C 451 -16.21 -39.77 4.38
C THR C 451 -15.57 -38.58 5.12
N GLY C 452 -14.66 -37.92 4.40
CA GLY C 452 -13.79 -36.91 4.97
C GLY C 452 -14.41 -36.00 6.00
N ARG C 453 -15.71 -35.71 5.87
CA ARG C 453 -16.40 -34.99 6.93
C ARG C 453 -16.44 -35.79 8.22
N GLY C 454 -16.39 -37.13 8.11
CA GLY C 454 -16.31 -37.96 9.29
C GLY C 454 -14.93 -38.10 9.88
N THR C 455 -13.89 -37.90 9.05
CA THR C 455 -12.52 -37.92 9.56
C THR C 455 -12.21 -36.66 10.36
N TYR C 456 -12.65 -35.50 9.86
CA TYR C 456 -12.42 -34.22 10.51
C TYR C 456 -13.75 -33.71 11.04
N LEU C 457 -14.07 -34.06 12.28
CA LEU C 457 -15.33 -33.65 12.88
C LEU C 457 -15.38 -32.14 13.04
N GLY C 458 -16.53 -31.55 12.75
CA GLY C 458 -16.68 -30.11 12.73
C GLY C 458 -16.40 -29.46 11.40
N SER C 459 -15.99 -30.24 10.38
CA SER C 459 -15.74 -29.68 9.07
C SER C 459 -17.03 -29.21 8.41
N GLY C 460 -18.07 -30.03 8.44
CA GLY C 460 -19.33 -29.68 7.84
C GLY C 460 -20.41 -30.62 8.32
N GLY C 461 -21.63 -30.35 7.86
CA GLY C 461 -22.78 -31.16 8.25
C GLY C 461 -23.29 -30.79 9.63
N THR C 462 -24.30 -31.54 10.06
CA THR C 462 -24.90 -31.37 11.37
C THR C 462 -24.59 -32.49 12.34
N ALA C 463 -23.98 -33.58 11.86
CA ALA C 463 -23.68 -34.71 12.75
C ALA C 463 -22.71 -34.31 13.85
N ALA C 464 -21.70 -33.52 13.50
CA ALA C 464 -20.70 -33.04 14.46
C ALA C 464 -20.46 -31.56 14.25
N ILE C 465 -20.44 -30.82 15.36
CA ILE C 465 -20.11 -29.40 15.35
C ILE C 465 -19.14 -29.13 16.48
N LEU C 466 -17.97 -28.57 16.16
CA LEU C 466 -16.98 -28.21 17.16
C LEU C 466 -17.37 -26.86 17.74
N ARG C 467 -17.91 -26.86 18.96
CA ARG C 467 -18.60 -25.72 19.51
C ARG C 467 -17.96 -25.31 20.83
N ASP C 468 -18.40 -24.15 21.33
CA ASP C 468 -17.95 -23.57 22.58
C ASP C 468 -19.17 -23.10 23.38
N PRO C 469 -19.12 -23.23 24.72
CA PRO C 469 -20.24 -22.71 25.51
C PRO C 469 -20.52 -21.23 25.28
N ALA C 470 -19.49 -20.44 24.98
CA ALA C 470 -19.69 -19.03 24.71
C ALA C 470 -20.42 -18.78 23.40
N GLY C 471 -20.59 -19.82 22.58
CA GLY C 471 -21.21 -19.68 21.28
C GLY C 471 -20.24 -19.71 20.12
N ASN C 472 -18.94 -19.72 20.37
CA ASN C 472 -17.98 -19.80 19.29
C ASN C 472 -18.09 -21.14 18.57
N VAL C 473 -17.88 -21.10 17.26
CA VAL C 473 -17.85 -22.29 16.43
C VAL C 473 -16.48 -22.36 15.75
N TYR C 474 -15.85 -23.53 15.83
CA TYR C 474 -14.52 -23.75 15.28
C TYR C 474 -14.61 -24.72 14.11
N ARG C 475 -13.93 -24.39 13.01
CA ARG C 475 -13.92 -25.22 11.82
C ARG C 475 -12.49 -25.34 11.32
N PRO C 476 -12.01 -26.55 11.07
CA PRO C 476 -10.62 -26.70 10.58
C PRO C 476 -10.43 -25.99 9.25
N VAL C 477 -9.23 -25.45 9.06
CA VAL C 477 -8.85 -24.77 7.83
C VAL C 477 -8.03 -25.74 6.99
N PHE C 478 -8.40 -25.87 5.71
CA PHE C 478 -7.72 -26.76 4.78
C PHE C 478 -7.15 -25.96 3.63
N PHE C 479 -6.06 -26.47 3.06
CA PHE C 479 -5.46 -25.90 1.86
C PHE C 479 -5.97 -26.71 0.67
N ARG C 480 -6.91 -26.15 -0.08
CA ARG C 480 -7.46 -26.81 -1.24
C ARG C 480 -6.68 -26.41 -2.48
N PHE C 481 -6.42 -27.37 -3.36
CA PHE C 481 -5.73 -27.07 -4.60
C PHE C 481 -6.12 -28.10 -5.66
N LYS C 482 -6.12 -27.66 -6.91
CA LYS C 482 -6.33 -28.52 -8.06
C LYS C 482 -5.28 -28.18 -9.10
N ASN C 483 -4.53 -29.20 -9.53
CA ASN C 483 -3.47 -29.05 -10.52
C ASN C 483 -3.94 -29.69 -11.82
N ALA C 484 -4.19 -28.87 -12.83
CA ALA C 484 -4.59 -29.37 -14.13
C ALA C 484 -3.42 -29.56 -15.08
N THR C 485 -2.21 -29.20 -14.66
CA THR C 485 -1.03 -29.33 -15.51
C THR C 485 -0.25 -30.59 -15.14
N THR C 486 0.01 -31.42 -16.14
CA THR C 486 0.81 -32.63 -15.95
C THR C 486 1.91 -32.76 -16.99
N GLN C 487 1.97 -31.85 -17.96
CA GLN C 487 2.97 -31.88 -19.02
C GLN C 487 3.82 -30.62 -18.95
N PHE C 488 5.13 -30.78 -19.06
CA PHE C 488 6.07 -29.68 -19.04
C PHE C 488 6.96 -29.77 -20.28
N SER C 489 7.04 -28.68 -21.04
CA SER C 489 7.75 -28.65 -22.31
C SER C 489 8.99 -27.77 -22.19
N VAL C 490 10.10 -28.23 -22.77
CA VAL C 490 11.35 -27.49 -22.77
C VAL C 490 11.89 -27.47 -24.20
N GLY C 491 12.45 -26.34 -24.59
CA GLY C 491 12.97 -26.16 -25.93
C GLY C 491 11.96 -25.47 -26.82
N ASN C 492 12.46 -24.63 -27.73
CA ASN C 492 11.58 -23.79 -28.53
C ASN C 492 11.65 -24.05 -30.03
N ASN C 493 12.80 -23.84 -30.68
CA ASN C 493 12.68 -23.71 -32.13
C ASN C 493 12.64 -25.06 -32.86
N PRO C 494 13.74 -25.82 -32.89
CA PRO C 494 13.73 -27.11 -33.60
C PRO C 494 13.18 -28.26 -32.78
N VAL C 495 13.51 -28.31 -31.50
CA VAL C 495 13.28 -29.47 -30.65
C VAL C 495 12.45 -29.05 -29.44
N ILE C 496 11.40 -29.80 -29.16
CA ILE C 496 10.61 -29.63 -27.93
C ILE C 496 10.50 -30.98 -27.24
N VAL C 497 10.82 -31.01 -25.95
CA VAL C 497 10.75 -32.22 -25.14
C VAL C 497 9.70 -32.01 -24.06
N THR C 498 8.73 -32.91 -23.99
CA THR C 498 7.61 -32.81 -23.06
C THR C 498 7.66 -33.99 -22.10
N LEU C 499 7.76 -33.69 -20.82
CA LEU C 499 7.76 -34.69 -19.75
C LEU C 499 6.44 -34.63 -19.01
N GLY C 500 5.83 -35.78 -18.76
CA GLY C 500 4.55 -35.74 -18.08
C GLY C 500 4.01 -37.10 -17.72
N GLN C 501 2.79 -37.08 -17.21
CA GLN C 501 2.02 -38.26 -16.86
C GLN C 501 0.89 -38.46 -17.87
N GLN C 502 0.54 -39.72 -18.10
CA GLN C 502 -0.51 -40.08 -19.04
C GLN C 502 -0.30 -39.37 -20.37
N GLN C 503 0.92 -39.48 -20.89
CA GLN C 503 1.27 -38.81 -22.13
C GLN C 503 0.31 -39.23 -23.23
N LYS C 504 -0.19 -38.25 -23.97
CA LYS C 504 -1.11 -38.48 -25.08
C LYS C 504 -0.33 -38.28 -26.38
N PHE C 505 -0.29 -39.31 -27.22
CA PHE C 505 0.44 -39.25 -28.47
C PHE C 505 -0.37 -39.96 -29.55
N TYR C 506 0.07 -39.79 -30.79
CA TYR C 506 -0.63 -40.35 -31.94
C TYR C 506 0.36 -40.45 -33.09
N PHE C 507 0.70 -41.68 -33.47
CA PHE C 507 1.52 -41.86 -34.67
C PHE C 507 0.64 -41.93 -35.91
N SER C 508 -0.27 -42.89 -35.92
CA SER C 508 -1.29 -43.00 -36.96
C SER C 508 -2.41 -43.87 -36.40
N ASP C 509 -3.48 -43.99 -37.17
CA ASP C 509 -4.47 -45.01 -36.85
C ASP C 509 -3.87 -46.38 -37.15
N TYR C 510 -4.18 -47.35 -36.28
CA TYR C 510 -3.66 -48.71 -36.32
C TYR C 510 -2.30 -48.87 -35.65
N VAL C 511 -1.65 -47.80 -35.17
CA VAL C 511 -0.35 -47.98 -34.51
C VAL C 511 -0.31 -47.38 -33.11
N PHE C 512 -0.42 -46.06 -33.00
CA PHE C 512 -0.43 -45.32 -31.74
C PHE C 512 -1.59 -44.34 -31.66
N ASP C 513 -2.80 -44.80 -31.95
CA ASP C 513 -3.98 -43.99 -31.62
C ASP C 513 -4.13 -44.00 -30.10
N ASN C 514 -3.16 -43.38 -29.44
CA ASN C 514 -3.05 -43.40 -27.98
C ASN C 514 -3.41 -42.06 -27.35
N ASN C 515 -4.19 -41.24 -28.05
CA ASN C 515 -4.71 -40.03 -27.45
C ASN C 515 -6.09 -40.32 -26.87
N TYR C 516 -6.72 -39.28 -26.34
CA TYR C 516 -8.01 -39.37 -25.67
C TYR C 516 -7.94 -39.97 -24.28
N ASP C 517 -6.85 -40.66 -23.94
CA ASP C 517 -6.56 -40.97 -22.55
C ASP C 517 -5.09 -40.79 -22.22
N GLY C 518 -4.23 -41.14 -23.18
CA GLY C 518 -2.82 -41.32 -22.91
C GLY C 518 -2.51 -42.74 -22.48
N ARG C 519 -1.23 -43.12 -22.62
CA ARG C 519 -0.81 -44.47 -22.28
C ARG C 519 -0.12 -44.57 -20.93
N GLY C 520 0.72 -43.61 -20.57
CA GLY C 520 1.44 -43.71 -19.33
C GLY C 520 2.32 -42.50 -19.10
N ASP C 521 3.27 -42.66 -18.19
CA ASP C 521 4.13 -41.57 -17.75
C ASP C 521 5.48 -41.65 -18.45
N GLY C 522 5.94 -40.53 -18.98
CA GLY C 522 7.23 -40.51 -19.66
C GLY C 522 7.55 -39.21 -20.35
N PHE C 523 8.11 -39.30 -21.56
CA PHE C 523 8.48 -38.11 -22.31
C PHE C 523 8.28 -38.33 -23.80
N THR C 524 8.12 -37.21 -24.51
CA THR C 524 7.99 -37.19 -25.96
C THR C 524 8.86 -36.06 -26.51
N VAL C 525 9.63 -36.36 -27.55
CA VAL C 525 10.51 -35.40 -28.19
C VAL C 525 10.05 -35.19 -29.62
N THR C 526 9.82 -33.93 -30.00
CA THR C 526 9.42 -33.60 -31.36
C THR C 526 10.45 -32.65 -31.97
N VAL C 527 10.95 -33.03 -33.14
CA VAL C 527 11.97 -32.27 -33.86
C VAL C 527 11.37 -31.82 -35.19
N ASP C 528 11.39 -30.52 -35.44
CA ASP C 528 10.83 -29.95 -36.65
C ASP C 528 11.95 -29.38 -37.50
N GLY C 529 12.11 -29.91 -38.71
CA GLY C 529 13.15 -29.46 -39.61
C GLY C 529 12.63 -28.61 -40.75
N SER C 530 11.68 -27.73 -40.46
CA SER C 530 11.05 -26.90 -41.48
C SER C 530 11.86 -25.63 -41.77
N ASN C 531 12.97 -25.41 -41.06
CA ASN C 531 13.83 -24.27 -41.33
C ASN C 531 15.23 -24.70 -41.74
N VAL C 532 15.45 -25.98 -42.02
CA VAL C 532 16.78 -26.45 -42.42
C VAL C 532 17.12 -25.84 -43.78
N PRO C 533 18.38 -25.51 -44.05
CA PRO C 533 18.71 -24.87 -45.33
C PRO C 533 18.43 -25.74 -46.54
N VAL C 534 19.00 -26.95 -46.56
CA VAL C 534 18.95 -27.77 -47.77
C VAL C 534 17.55 -28.34 -47.97
N ILE C 535 17.01 -29.00 -46.95
CA ILE C 535 15.69 -29.65 -47.03
C ILE C 535 14.87 -29.13 -45.86
N GLY C 536 14.12 -28.06 -46.09
CA GLY C 536 13.21 -27.54 -45.09
C GLY C 536 11.86 -27.22 -45.70
N ALA C 537 11.79 -27.23 -47.02
CA ALA C 537 10.54 -26.98 -47.74
C ALA C 537 9.63 -28.20 -47.76
N TRP C 538 10.16 -29.38 -47.48
CA TRP C 538 9.36 -30.59 -47.38
C TRP C 538 8.76 -30.77 -46.00
N LYS C 539 9.02 -29.86 -45.08
CA LYS C 539 8.43 -29.85 -43.75
C LYS C 539 8.78 -31.14 -42.99
N PRO C 540 10.07 -31.51 -42.93
CA PRO C 540 10.44 -32.75 -42.24
C PRO C 540 10.13 -32.65 -40.75
N GLN C 541 9.74 -33.78 -40.17
CA GLN C 541 9.37 -33.84 -38.77
C GLN C 541 9.68 -35.23 -38.21
N ILE C 542 10.10 -35.26 -36.96
CA ILE C 542 10.40 -36.49 -36.24
C ILE C 542 9.72 -36.44 -34.88
N LYS C 543 9.10 -37.54 -34.49
CA LYS C 543 8.48 -37.70 -33.18
C LYS C 543 9.06 -38.92 -32.50
N GLY C 544 9.27 -38.83 -31.18
CA GLY C 544 9.77 -39.94 -30.42
C GLY C 544 9.08 -40.00 -29.07
N VAL C 545 8.70 -41.21 -28.65
CA VAL C 545 7.93 -41.40 -27.43
C VAL C 545 8.62 -42.47 -26.59
N TYR C 546 8.73 -42.21 -25.29
CA TYR C 546 9.09 -43.23 -24.32
C TYR C 546 8.18 -43.09 -23.12
N GLY C 547 7.82 -44.21 -22.51
CA GLY C 547 7.03 -44.13 -21.28
C GLY C 547 6.80 -45.48 -20.65
N SER C 548 6.22 -45.42 -19.45
CA SER C 548 5.81 -46.58 -18.69
C SER C 548 4.28 -46.59 -18.61
N ARG C 549 3.67 -47.71 -19.00
CA ARG C 549 2.21 -47.78 -19.04
C ARG C 549 1.62 -47.55 -17.65
N SER C 550 0.66 -46.63 -17.58
CA SER C 550 -0.06 -46.31 -16.35
C SER C 550 0.84 -45.83 -15.23
N GLY C 551 2.10 -45.56 -15.52
CA GLY C 551 3.02 -45.16 -14.46
C GLY C 551 3.13 -46.26 -13.42
N LEU C 552 2.93 -45.89 -12.16
CA LEU C 552 2.96 -46.85 -11.06
C LEU C 552 1.61 -47.53 -10.96
N ASP C 553 1.60 -48.86 -11.08
CA ASP C 553 0.37 -49.63 -10.94
C ASP C 553 0.71 -50.97 -10.30
N GLY C 554 -0.13 -51.37 -9.34
CA GLY C 554 0.11 -52.60 -8.63
C GLY C 554 -0.06 -53.82 -9.52
N THR C 555 0.54 -54.92 -9.07
CA THR C 555 0.50 -56.16 -9.84
C THR C 555 -0.94 -56.53 -10.14
N ALA C 556 -1.10 -57.41 -11.14
CA ALA C 556 -2.40 -57.81 -11.67
C ALA C 556 -3.00 -56.74 -12.57
N GLU C 557 -2.35 -55.60 -12.70
CA GLU C 557 -2.74 -54.55 -13.64
C GLU C 557 -1.97 -54.71 -14.94
N ALA C 558 -2.64 -54.41 -16.05
CA ALA C 558 -2.04 -54.62 -17.36
C ALA C 558 -0.78 -53.78 -17.59
N GLY C 559 -0.59 -52.70 -16.83
CA GLY C 559 0.52 -51.82 -17.06
C GLY C 559 1.68 -51.97 -16.09
N TYR C 560 1.75 -53.12 -15.41
CA TYR C 560 2.82 -53.34 -14.44
C TYR C 560 4.08 -53.82 -15.16
N GLY C 561 5.17 -53.08 -14.98
CA GLY C 561 6.42 -53.45 -15.62
C GLY C 561 6.36 -53.49 -17.12
N VAL C 562 5.53 -52.64 -17.73
CA VAL C 562 5.36 -52.60 -19.17
C VAL C 562 5.72 -51.20 -19.64
N TYR C 563 6.61 -51.13 -20.63
CA TYR C 563 7.14 -49.87 -21.13
C TYR C 563 6.98 -49.83 -22.64
N TYR C 564 6.69 -48.64 -23.15
CA TYR C 564 6.49 -48.44 -24.58
C TYR C 564 7.44 -47.38 -25.10
N ARG C 565 7.76 -47.50 -26.38
CA ARG C 565 8.63 -46.55 -27.07
C ARG C 565 8.25 -46.54 -28.53
N GLY C 566 8.66 -45.49 -29.22
CA GLY C 566 8.35 -45.40 -30.64
C GLY C 566 8.98 -44.17 -31.25
N VAL C 567 9.03 -44.18 -32.59
CA VAL C 567 9.59 -43.07 -33.35
C VAL C 567 8.91 -43.03 -34.72
N ARG C 568 8.46 -41.85 -35.10
CA ARG C 568 7.80 -41.60 -36.38
C ARG C 568 8.52 -40.48 -37.10
N ALA C 569 8.45 -40.49 -38.43
CA ALA C 569 9.10 -39.48 -39.26
C ALA C 569 8.24 -39.20 -40.47
N GLN C 570 8.03 -37.92 -40.78
CA GLN C 570 7.12 -37.53 -41.84
C GLN C 570 7.62 -36.31 -42.59
N ILE C 571 7.15 -36.16 -43.84
CA ILE C 571 7.37 -34.95 -44.64
C ILE C 571 6.12 -34.66 -45.48
N THR C 572 6.17 -33.54 -46.19
CA THR C 572 5.13 -33.11 -47.11
C THR C 572 5.78 -32.72 -48.43
N PRO C 573 6.21 -33.71 -49.24
CA PRO C 573 6.93 -33.38 -50.47
C PRO C 573 6.12 -32.52 -51.44
N VAL C 574 4.81 -32.68 -51.47
CA VAL C 574 3.95 -32.00 -52.44
C VAL C 574 2.94 -31.15 -51.68
N GLY C 575 2.02 -30.52 -52.42
CA GLY C 575 1.09 -29.58 -51.85
C GLY C 575 0.60 -29.89 -50.45
N THR C 576 -0.04 -31.04 -50.27
CA THR C 576 -0.50 -31.44 -48.96
C THR C 576 -0.26 -32.90 -48.63
N LEU C 577 0.29 -33.70 -49.52
CA LEU C 577 0.55 -35.10 -49.23
C LEU C 577 1.65 -35.21 -48.18
N THR C 578 1.27 -35.62 -46.97
CA THR C 578 2.24 -35.97 -45.95
C THR C 578 2.48 -37.47 -45.97
N ALA C 579 3.74 -37.86 -46.14
CA ALA C 579 4.14 -39.25 -46.11
C ALA C 579 4.99 -39.50 -44.88
N GLY C 580 4.71 -40.58 -44.17
CA GLY C 580 5.41 -40.86 -42.92
C GLY C 580 5.57 -42.34 -42.70
N ILE C 581 6.61 -42.68 -41.94
CA ILE C 581 6.84 -44.03 -41.45
C ILE C 581 6.92 -43.96 -39.94
N HIS C 582 6.77 -45.11 -39.29
CA HIS C 582 6.80 -45.15 -37.84
C HIS C 582 7.06 -46.56 -37.33
N TYR C 583 7.81 -46.62 -36.24
CA TYR C 583 8.10 -47.85 -35.50
C TYR C 583 7.58 -47.69 -34.08
N ALA C 584 6.90 -48.70 -33.58
CA ALA C 584 6.34 -48.68 -32.24
C ALA C 584 6.62 -50.02 -31.56
N GLN C 585 6.88 -49.97 -30.26
CA GLN C 585 7.11 -51.20 -29.51
C GLN C 585 6.61 -51.03 -28.08
N GLU C 586 6.08 -52.11 -27.53
CA GLU C 586 5.73 -52.17 -26.12
C GLU C 586 6.15 -53.52 -25.58
N GLY C 587 6.67 -53.55 -24.36
CA GLY C 587 7.19 -54.80 -23.83
C GLY C 587 7.22 -54.83 -22.32
N ARG C 588 7.45 -56.04 -21.81
CA ARG C 588 7.62 -56.26 -20.38
C ARG C 588 9.10 -56.28 -20.04
N ASP C 589 9.45 -55.73 -18.88
CA ASP C 589 10.80 -55.81 -18.37
C ASP C 589 10.93 -57.08 -17.53
N MET C 590 12.06 -57.25 -16.83
CA MET C 590 12.23 -58.45 -16.02
C MET C 590 11.30 -58.47 -14.82
N PHE C 591 10.83 -57.31 -14.38
CA PHE C 591 9.85 -57.24 -13.29
C PHE C 591 8.41 -57.29 -13.80
N GLY C 592 8.20 -57.23 -15.11
CA GLY C 592 6.89 -57.37 -15.68
C GLY C 592 6.70 -58.76 -16.26
N ALA C 593 7.79 -59.36 -16.72
CA ALA C 593 7.73 -60.73 -17.19
C ALA C 593 7.29 -61.67 -16.08
N ALA C 594 7.81 -61.45 -14.87
CA ALA C 594 7.36 -62.15 -13.68
C ALA C 594 6.51 -61.23 -12.83
N GLN C 595 5.54 -61.83 -12.13
CA GLN C 595 4.65 -61.12 -11.21
C GLN C 595 3.95 -59.94 -11.89
N ASN C 596 3.36 -60.21 -13.05
CA ASN C 596 2.45 -59.24 -13.66
C ASN C 596 1.08 -59.85 -13.85
N THR C 597 1.01 -61.17 -14.01
CA THR C 597 -0.25 -61.84 -14.28
C THR C 597 -0.88 -61.27 -15.55
N THR C 598 -2.16 -60.91 -15.48
CA THR C 598 -2.89 -60.36 -16.61
C THR C 598 -2.63 -61.16 -17.88
N SER C 599 -2.71 -60.50 -19.04
CA SER C 599 -2.43 -61.16 -20.31
C SER C 599 -1.67 -60.26 -21.27
N THR C 600 -1.05 -59.18 -20.79
CA THR C 600 -0.34 -58.28 -21.68
C THR C 600 0.72 -59.04 -22.45
N PRO C 601 0.82 -58.87 -23.77
CA PRO C 601 1.80 -59.62 -24.54
C PRO C 601 3.21 -59.36 -24.04
N SER C 602 4.04 -60.40 -24.09
CA SER C 602 5.43 -60.24 -23.70
C SER C 602 6.13 -59.18 -24.55
N ASP C 603 5.63 -58.94 -25.76
CA ASP C 603 6.23 -57.92 -26.62
C ASP C 603 5.32 -57.71 -27.83
N VAL C 604 5.21 -56.46 -28.26
CA VAL C 604 4.53 -56.08 -29.49
C VAL C 604 5.42 -55.11 -30.24
N THR C 605 5.61 -55.33 -31.54
CA THR C 605 6.50 -54.51 -32.36
C THR C 605 5.80 -54.26 -33.69
N THR C 606 5.34 -53.03 -33.90
CA THR C 606 4.58 -52.65 -35.09
C THR C 606 5.39 -51.67 -35.94
N TYR C 607 5.35 -51.87 -37.25
CA TYR C 607 5.90 -50.91 -38.20
C TYR C 607 4.78 -50.44 -39.12
N GLY C 608 4.91 -49.23 -39.64
CA GLY C 608 3.87 -48.74 -40.52
C GLY C 608 4.30 -47.54 -41.33
N ALA C 609 3.48 -47.23 -42.33
CA ALA C 609 3.66 -46.07 -43.19
C ALA C 609 2.30 -45.56 -43.62
N ASP C 610 2.21 -44.25 -43.83
CA ASP C 610 0.95 -43.62 -44.21
C ASP C 610 1.22 -42.50 -45.20
N LEU C 611 0.23 -42.24 -46.05
CA LEU C 611 0.37 -41.31 -47.18
C LEU C 611 -0.86 -40.42 -47.31
N HIS C 612 -1.29 -39.80 -46.22
CA HIS C 612 -2.48 -38.96 -46.25
C HIS C 612 -2.15 -37.56 -46.78
N GLY C 613 -3.06 -37.02 -47.58
CA GLY C 613 -2.91 -35.67 -48.07
C GLY C 613 -3.69 -35.43 -49.34
N LYS C 614 -3.48 -34.23 -49.89
CA LYS C 614 -4.10 -33.79 -51.13
C LYS C 614 -3.06 -33.07 -51.97
N ALA C 615 -2.74 -33.63 -53.15
CA ALA C 615 -1.61 -33.16 -53.93
C ALA C 615 -1.99 -32.52 -55.26
N PHE C 616 -2.71 -33.22 -56.12
CA PHE C 616 -2.88 -32.82 -57.51
C PHE C 616 -4.35 -32.80 -57.91
N GLY C 617 -5.19 -32.20 -57.07
CA GLY C 617 -6.61 -32.24 -57.30
C GLY C 617 -7.29 -33.52 -56.85
N VAL C 618 -6.53 -34.46 -56.29
CA VAL C 618 -7.08 -35.68 -55.73
C VAL C 618 -6.56 -35.81 -54.31
N GLU C 619 -7.32 -36.53 -53.48
CA GLU C 619 -6.99 -36.72 -52.08
C GLU C 619 -6.73 -38.20 -51.83
N LEU C 620 -5.50 -38.53 -51.45
CA LEU C 620 -5.09 -39.90 -51.17
C LEU C 620 -5.01 -40.12 -49.67
N HIS C 621 -5.35 -41.34 -49.24
CA HIS C 621 -5.27 -41.72 -47.83
C HIS C 621 -4.91 -43.19 -47.77
N SER C 622 -3.65 -43.49 -47.44
CA SER C 622 -3.17 -44.85 -47.39
C SER C 622 -2.59 -45.15 -46.01
N GLU C 623 -2.55 -46.44 -45.67
CA GLU C 623 -2.04 -46.86 -44.38
C GLU C 623 -1.63 -48.32 -44.46
N TYR C 624 -0.45 -48.63 -43.89
CA TYR C 624 0.05 -49.98 -43.79
C TYR C 624 0.57 -50.21 -42.37
N ALA C 625 0.40 -51.42 -41.86
CA ALA C 625 0.85 -51.75 -40.53
C ALA C 625 1.15 -53.24 -40.43
N THR C 626 2.11 -53.58 -39.56
CA THR C 626 2.49 -54.95 -39.27
C THR C 626 2.59 -55.11 -37.77
N SER C 627 2.02 -56.19 -37.23
CA SER C 627 1.79 -56.28 -35.79
C SER C 627 2.95 -56.97 -35.05
N ARG C 628 3.20 -58.24 -35.37
CA ARG C 628 4.30 -59.00 -34.75
C ARG C 628 4.14 -59.03 -33.22
N VAL C 629 3.06 -59.68 -32.80
CA VAL C 629 2.72 -59.78 -31.38
C VAL C 629 3.31 -61.07 -30.82
N ARG C 630 3.92 -60.97 -29.63
CA ARG C 630 4.49 -62.10 -28.91
C ARG C 630 3.60 -62.42 -27.72
N PRO C 631 2.82 -63.51 -27.75
CA PRO C 631 1.70 -63.69 -26.82
C PRO C 631 2.09 -64.34 -25.48
N ASN C 632 3.07 -63.76 -24.81
CA ASN C 632 3.43 -64.15 -23.43
C ASN C 632 3.62 -65.66 -23.38
N THR C 633 2.95 -66.38 -22.46
CA THR C 633 3.09 -67.81 -22.29
C THR C 633 4.55 -68.25 -22.30
N ALA C 634 4.81 -69.47 -22.77
CA ALA C 634 6.17 -70.01 -22.84
C ALA C 634 6.60 -70.32 -24.25
N ASN C 635 5.77 -71.02 -25.03
CA ASN C 635 6.07 -71.30 -26.42
C ASN C 635 5.88 -70.08 -27.31
N ALA C 636 4.92 -69.20 -26.98
CA ALA C 636 4.73 -67.95 -27.70
C ALA C 636 4.20 -68.20 -29.10
N ALA C 637 5.06 -68.61 -30.03
CA ALA C 637 4.68 -68.74 -31.43
C ALA C 637 4.19 -67.39 -31.98
N VAL C 638 5.14 -66.46 -32.05
CA VAL C 638 4.85 -65.08 -32.43
C VAL C 638 3.86 -65.06 -33.59
N GLN C 639 2.87 -64.19 -33.49
CA GLN C 639 1.78 -64.09 -34.44
C GLN C 639 1.78 -62.72 -35.11
N THR C 640 1.67 -62.72 -36.43
CA THR C 640 1.76 -61.51 -37.23
C THR C 640 0.40 -61.18 -37.83
N SER C 641 0.11 -59.87 -37.92
CA SER C 641 -1.14 -59.40 -38.46
C SER C 641 -0.95 -58.00 -39.02
N ASN C 642 -1.38 -57.80 -40.26
CA ASN C 642 -1.21 -56.54 -40.96
C ASN C 642 -2.56 -55.86 -41.16
N ALA C 643 -2.52 -54.58 -41.49
CA ALA C 643 -3.72 -53.79 -41.74
C ALA C 643 -3.38 -52.74 -42.79
N PHE C 644 -3.88 -52.92 -44.00
CA PHE C 644 -3.58 -52.04 -45.12
C PHE C 644 -4.86 -51.51 -45.73
N TYR C 645 -4.87 -50.22 -46.04
CA TYR C 645 -5.98 -49.65 -46.79
C TYR C 645 -5.45 -48.51 -47.66
N ALA C 646 -6.13 -48.27 -48.78
CA ALA C 646 -5.77 -47.23 -49.73
C ALA C 646 -7.05 -46.67 -50.31
N ARG C 647 -7.43 -45.48 -49.86
CA ARG C 647 -8.70 -44.86 -50.21
C ARG C 647 -8.46 -43.52 -50.89
N VAL C 648 -9.30 -43.21 -51.87
CA VAL C 648 -9.29 -41.90 -52.51
C VAL C 648 -10.59 -41.19 -52.14
N ALA C 649 -10.56 -40.42 -51.05
CA ALA C 649 -11.77 -39.77 -50.54
C ALA C 649 -11.34 -38.58 -49.69
N THR C 650 -12.32 -37.77 -49.30
CA THR C 650 -12.10 -36.56 -48.52
C THR C 650 -12.18 -36.87 -47.04
N ARG C 651 -11.15 -36.47 -46.29
CA ARG C 651 -11.08 -36.68 -44.86
C ARG C 651 -11.28 -35.36 -44.14
N LYS C 652 -12.18 -35.36 -43.16
CA LYS C 652 -12.44 -34.16 -42.39
C LYS C 652 -11.27 -33.86 -41.46
N ASP C 653 -11.37 -32.75 -40.73
CA ASP C 653 -10.33 -32.39 -39.77
C ASP C 653 -10.36 -33.30 -38.55
N ASN C 654 -11.53 -33.77 -38.15
CA ASN C 654 -11.65 -34.75 -37.08
C ASN C 654 -11.28 -36.15 -37.53
N LEU C 655 -10.73 -36.29 -38.74
CA LEU C 655 -10.21 -37.54 -39.27
C LEU C 655 -11.31 -38.49 -39.72
N ALA C 656 -12.57 -38.07 -39.65
CA ALA C 656 -13.66 -38.82 -40.26
C ALA C 656 -13.69 -38.56 -41.75
N PHE C 657 -14.08 -39.56 -42.51
CA PHE C 657 -14.09 -39.46 -43.97
C PHE C 657 -15.43 -38.89 -44.43
N ASP C 658 -15.38 -37.73 -45.09
CA ASP C 658 -16.57 -37.10 -45.63
C ASP C 658 -16.79 -37.62 -47.05
N LEU C 659 -17.80 -38.46 -47.22
CA LEU C 659 -18.07 -39.09 -48.50
C LEU C 659 -19.07 -38.30 -49.34
N ASN C 660 -19.47 -37.12 -48.88
CA ASN C 660 -20.35 -36.25 -49.66
C ASN C 660 -19.58 -35.26 -50.53
N THR C 661 -18.28 -35.11 -50.31
CA THR C 661 -17.43 -34.25 -51.14
C THR C 661 -16.64 -35.11 -52.12
N PRO C 662 -16.70 -34.80 -53.41
CA PRO C 662 -16.13 -35.71 -54.41
C PRO C 662 -14.66 -36.04 -54.19
N ALA C 663 -13.81 -35.03 -54.22
CA ALA C 663 -12.36 -35.18 -54.17
C ALA C 663 -11.75 -35.58 -55.51
N ALA C 664 -12.57 -35.74 -56.56
CA ALA C 664 -12.04 -35.99 -57.89
C ALA C 664 -12.36 -34.86 -58.85
N LYS C 665 -13.64 -34.52 -59.05
CA LYS C 665 -14.05 -33.35 -59.83
C LYS C 665 -13.39 -33.34 -61.21
N PHE C 666 -13.79 -34.31 -62.03
CA PHE C 666 -13.27 -34.44 -63.39
C PHE C 666 -14.00 -33.56 -64.40
N GLY C 667 -14.66 -32.50 -63.95
CA GLY C 667 -15.35 -31.62 -64.89
C GLY C 667 -16.07 -30.52 -64.17
N ASN C 668 -16.87 -29.76 -64.93
CA ASN C 668 -17.67 -28.67 -64.41
C ASN C 668 -19.12 -29.11 -64.27
N ASP C 669 -20.01 -28.16 -63.98
CA ASP C 669 -21.41 -28.48 -63.74
C ASP C 669 -22.12 -29.05 -64.96
N THR C 670 -21.84 -28.55 -66.15
CA THR C 670 -22.47 -29.08 -67.36
C THR C 670 -22.09 -30.53 -67.62
N PHE C 671 -20.83 -30.89 -67.39
CA PHE C 671 -20.36 -32.26 -67.44
C PHE C 671 -19.45 -32.44 -66.23
N GLY C 672 -19.96 -33.10 -65.20
CA GLY C 672 -19.30 -33.05 -63.90
C GLY C 672 -19.05 -34.37 -63.21
N VAL C 673 -18.63 -35.39 -63.96
CA VAL C 673 -18.33 -36.68 -63.35
C VAL C 673 -17.48 -36.45 -62.10
N SER C 674 -17.95 -36.97 -60.96
CA SER C 674 -17.30 -36.75 -59.68
C SER C 674 -17.09 -38.08 -59.00
N LEU C 675 -15.84 -38.43 -58.74
CA LEU C 675 -15.54 -39.58 -57.90
C LEU C 675 -15.69 -39.20 -56.44
N TYR C 676 -16.42 -40.02 -55.68
CA TYR C 676 -16.65 -39.77 -54.27
C TYR C 676 -15.83 -40.67 -53.36
N ASP C 677 -15.64 -41.93 -53.75
CA ASP C 677 -14.84 -42.85 -52.96
C ASP C 677 -14.31 -43.95 -53.85
N LEU C 678 -13.09 -44.40 -53.58
CA LEU C 678 -12.50 -45.53 -54.27
C LEU C 678 -11.46 -46.14 -53.33
N ASN C 679 -11.80 -47.24 -52.69
CA ASN C 679 -10.99 -47.75 -51.59
C ASN C 679 -10.82 -49.26 -51.69
N TYR C 680 -9.72 -49.73 -51.10
CA TYR C 680 -9.43 -51.14 -50.91
C TYR C 680 -9.07 -51.36 -49.44
N ARG C 681 -9.35 -52.58 -48.95
CA ARG C 681 -9.21 -52.88 -47.54
C ARG C 681 -8.68 -54.30 -47.37
N LYS C 682 -7.65 -54.45 -46.53
CA LYS C 682 -7.06 -55.75 -46.23
C LYS C 682 -6.75 -55.87 -44.74
N ILE C 683 -7.69 -55.47 -43.90
CA ILE C 683 -7.51 -55.62 -42.45
C ILE C 683 -7.47 -57.10 -42.10
N ASP C 684 -6.51 -57.50 -41.26
CA ASP C 684 -6.36 -58.89 -40.89
C ASP C 684 -7.27 -59.24 -39.70
N ALA C 685 -7.46 -60.54 -39.49
CA ALA C 685 -8.38 -61.01 -38.47
C ALA C 685 -7.86 -60.77 -37.06
N GLY C 686 -6.55 -60.88 -36.86
CA GLY C 686 -5.96 -60.75 -35.55
C GLY C 686 -5.54 -59.35 -35.15
N TYR C 687 -5.88 -58.34 -35.93
CA TYR C 687 -5.45 -56.96 -35.67
C TYR C 687 -6.47 -56.27 -34.79
N ASN C 688 -6.13 -56.12 -33.51
CA ASN C 688 -6.90 -55.36 -32.55
C ASN C 688 -6.02 -54.25 -31.97
N ASN C 689 -6.53 -53.59 -30.93
CA ASN C 689 -5.77 -52.52 -30.29
C ASN C 689 -4.50 -53.03 -29.63
N VAL C 690 -4.34 -54.34 -29.46
CA VAL C 690 -3.08 -54.89 -28.97
C VAL C 690 -2.09 -55.04 -30.12
N ALA C 691 -2.54 -55.54 -31.26
CA ALA C 691 -1.65 -55.73 -32.40
C ALA C 691 -0.99 -54.41 -32.80
N GLY C 692 -1.79 -53.37 -32.99
CA GLY C 692 -1.29 -52.02 -33.10
C GLY C 692 -1.50 -51.34 -31.77
N ILE C 693 -0.44 -50.78 -31.21
CA ILE C 693 -0.43 -50.46 -29.79
C ILE C 693 -1.26 -49.20 -29.57
N SER C 694 -2.56 -49.39 -29.33
CA SER C 694 -3.52 -48.32 -29.18
C SER C 694 -4.40 -48.60 -27.97
N GLU C 695 -5.26 -47.64 -27.64
CA GLU C 695 -6.12 -47.80 -26.48
C GLU C 695 -7.34 -48.67 -26.80
N TYR C 696 -8.07 -48.32 -27.85
CA TYR C 696 -9.31 -49.02 -28.20
C TYR C 696 -9.34 -49.32 -29.69
N GLY C 697 -10.34 -50.09 -30.07
CA GLY C 697 -10.94 -49.99 -31.38
C GLY C 697 -10.50 -51.07 -32.36
N TYR C 698 -10.68 -50.73 -33.64
CA TYR C 698 -10.44 -51.62 -34.77
C TYR C 698 -11.49 -52.73 -34.80
N GLY C 699 -12.75 -52.33 -34.61
CA GLY C 699 -13.88 -53.22 -34.69
C GLY C 699 -15.12 -52.42 -35.02
N SER C 700 -16.07 -53.10 -35.68
CA SER C 700 -17.28 -52.43 -36.14
C SER C 700 -17.87 -51.55 -35.05
N TYR C 701 -18.06 -50.27 -35.36
CA TYR C 701 -18.61 -49.33 -34.38
C TYR C 701 -20.06 -49.66 -34.06
N SER C 702 -20.84 -50.10 -35.05
CA SER C 702 -22.26 -50.34 -34.87
C SER C 702 -22.64 -51.79 -35.05
N ARG C 703 -22.24 -52.42 -36.16
CA ARG C 703 -22.61 -53.79 -36.48
C ARG C 703 -24.06 -53.87 -36.97
N THR C 704 -24.78 -52.77 -36.91
CA THR C 704 -26.10 -52.63 -37.50
C THR C 704 -26.17 -51.47 -38.47
N SER C 705 -25.51 -50.35 -38.15
CA SER C 705 -25.26 -49.29 -39.10
C SER C 705 -24.07 -49.74 -39.95
N ALA C 706 -23.45 -48.83 -40.69
CA ALA C 706 -22.31 -49.23 -41.51
C ALA C 706 -21.32 -50.00 -40.66
N GLN C 707 -21.18 -51.30 -40.92
CA GLN C 707 -20.41 -52.17 -40.05
C GLN C 707 -18.99 -52.42 -40.54
N ASN C 708 -18.65 -51.94 -41.75
CA ASN C 708 -17.28 -52.01 -42.22
C ASN C 708 -16.43 -50.88 -41.71
N ILE C 709 -17.01 -49.93 -40.98
CA ILE C 709 -16.33 -48.72 -40.53
C ILE C 709 -16.02 -48.86 -39.06
N ALA C 710 -14.74 -48.71 -38.71
CA ALA C 710 -14.29 -48.78 -37.34
C ALA C 710 -14.27 -47.44 -36.63
N TYR C 711 -14.53 -46.34 -37.34
CA TYR C 711 -14.50 -45.01 -36.76
C TYR C 711 -15.45 -44.92 -35.56
N ASN C 712 -14.91 -44.63 -34.39
CA ASN C 712 -15.69 -44.55 -33.15
C ASN C 712 -15.47 -43.20 -32.50
N PRO C 713 -16.41 -42.26 -32.63
CA PRO C 713 -16.23 -40.97 -31.95
C PRO C 713 -16.19 -41.06 -30.43
N ASP C 714 -16.82 -42.09 -29.85
CA ASP C 714 -16.88 -42.17 -28.39
C ASP C 714 -15.51 -42.42 -27.79
N THR C 715 -14.77 -43.39 -28.33
CA THR C 715 -13.46 -43.76 -27.80
C THR C 715 -12.32 -43.22 -28.64
N GLY C 716 -12.59 -42.29 -29.55
CA GLY C 716 -11.54 -41.72 -30.36
C GLY C 716 -10.82 -42.71 -31.25
N VAL C 717 -11.55 -43.70 -31.76
CA VAL C 717 -10.97 -44.71 -32.65
C VAL C 717 -11.11 -44.16 -34.06
N THR C 718 -10.08 -43.44 -34.50
CA THR C 718 -10.06 -42.86 -35.84
C THR C 718 -9.45 -43.88 -36.80
N ALA C 719 -10.28 -44.75 -37.34
CA ALA C 719 -9.80 -45.76 -38.28
C ALA C 719 -10.92 -46.11 -39.26
N PRO C 720 -10.70 -45.92 -40.56
CA PRO C 720 -11.81 -46.06 -41.51
C PRO C 720 -12.46 -47.43 -41.52
N PHE C 721 -11.68 -48.50 -41.37
CA PHE C 721 -12.20 -49.84 -41.60
C PHE C 721 -11.92 -50.72 -40.39
N ALA C 722 -12.83 -51.67 -40.15
CA ALA C 722 -12.91 -52.39 -38.90
C ALA C 722 -12.62 -53.88 -39.10
N ASN C 723 -12.38 -54.55 -37.98
CA ASN C 723 -12.25 -56.00 -37.92
C ASN C 723 -13.65 -56.59 -37.78
N LEU C 724 -14.14 -57.24 -38.82
CA LEU C 724 -15.52 -57.69 -38.84
C LEU C 724 -15.70 -58.88 -37.90
N ASP C 725 -16.96 -59.14 -37.57
CA ASP C 725 -17.37 -60.24 -36.70
C ASP C 725 -18.29 -61.18 -37.46
N ARG C 726 -18.16 -62.47 -37.16
CA ARG C 726 -19.11 -63.48 -37.62
C ARG C 726 -19.96 -63.88 -36.43
N GLN C 727 -21.27 -63.66 -36.53
CA GLN C 727 -22.19 -63.90 -35.44
C GLN C 727 -22.97 -65.19 -35.65
N ALA C 728 -23.25 -65.88 -34.55
CA ALA C 728 -23.97 -67.13 -34.59
C ALA C 728 -24.71 -67.33 -33.27
N TYR C 729 -25.68 -68.25 -33.30
CA TYR C 729 -26.45 -68.56 -32.10
C TYR C 729 -25.55 -69.15 -31.02
N THR C 730 -25.82 -68.79 -29.77
CA THR C 730 -24.95 -69.20 -28.67
C THR C 730 -25.27 -70.62 -28.19
N ASP C 731 -26.49 -70.83 -27.69
CA ASP C 731 -26.88 -72.11 -27.13
C ASP C 731 -25.95 -72.53 -25.99
N ALA C 732 -25.94 -71.72 -24.94
CA ALA C 732 -24.99 -71.91 -23.84
C ALA C 732 -25.41 -73.03 -22.90
N ASN C 733 -26.57 -72.87 -22.24
CA ASN C 733 -27.02 -73.86 -21.27
C ASN C 733 -27.97 -74.88 -21.90
N ASN C 734 -29.09 -74.40 -22.45
CA ASN C 734 -30.04 -75.28 -23.11
C ASN C 734 -29.45 -75.83 -24.39
N ASP C 735 -29.99 -76.97 -24.83
CA ASP C 735 -29.57 -77.62 -26.06
C ASP C 735 -30.78 -77.85 -26.94
N GLY C 736 -30.62 -77.61 -28.24
CA GLY C 736 -31.69 -77.75 -29.22
C GLY C 736 -32.35 -76.43 -29.57
N THR C 737 -32.24 -75.44 -28.69
CA THR C 737 -32.81 -74.12 -28.92
C THR C 737 -31.75 -73.05 -28.67
N SER C 738 -31.77 -72.03 -29.51
CA SER C 738 -30.81 -70.94 -29.39
C SER C 738 -31.15 -70.05 -28.21
N ASP C 739 -30.11 -69.51 -27.58
CA ASP C 739 -30.30 -68.66 -26.41
C ASP C 739 -30.97 -67.36 -26.78
N ARG C 740 -31.84 -66.88 -25.91
CA ARG C 740 -32.53 -65.61 -26.07
C ARG C 740 -32.49 -64.84 -24.77
N ASN C 741 -32.62 -63.52 -24.88
CA ASN C 741 -32.69 -62.68 -23.70
C ASN C 741 -34.13 -62.61 -23.19
N ALA C 742 -34.34 -61.85 -22.11
CA ALA C 742 -35.67 -61.72 -21.55
C ALA C 742 -36.62 -61.07 -22.55
N ASP C 743 -36.16 -60.03 -23.25
CA ASP C 743 -36.98 -59.36 -24.24
C ASP C 743 -37.20 -60.19 -25.50
N GLY C 744 -36.48 -61.31 -25.66
CA GLY C 744 -36.59 -62.14 -26.82
C GLY C 744 -35.47 -62.00 -27.82
N THR C 745 -34.61 -61.00 -27.65
CA THR C 745 -33.48 -60.83 -28.57
C THR C 745 -32.51 -61.99 -28.45
N VAL C 746 -31.86 -62.31 -29.56
CA VAL C 746 -30.95 -63.45 -29.61
C VAL C 746 -29.65 -63.10 -28.90
N VAL C 747 -28.95 -64.13 -28.43
CA VAL C 747 -27.61 -64.00 -27.88
C VAL C 747 -26.64 -64.58 -28.89
N ALA C 748 -25.66 -63.78 -29.31
CA ALA C 748 -24.76 -64.13 -30.39
C ALA C 748 -23.33 -64.24 -29.88
N THR C 749 -22.57 -65.14 -30.52
CA THR C 749 -21.14 -65.28 -30.27
C THR C 749 -20.39 -64.66 -31.44
N ASN C 750 -19.47 -63.75 -31.13
CA ASN C 750 -18.79 -62.96 -32.15
C ASN C 750 -17.39 -63.51 -32.39
N THR C 751 -17.10 -63.81 -33.66
CA THR C 751 -15.80 -64.32 -34.08
C THR C 751 -15.18 -63.31 -35.04
N LYS C 752 -13.94 -62.89 -34.74
CA LYS C 752 -13.26 -61.95 -35.61
C LYS C 752 -12.85 -62.63 -36.91
N ILE C 753 -13.21 -62.01 -38.03
CA ILE C 753 -12.84 -62.53 -39.35
C ILE C 753 -11.97 -61.57 -40.13
N GLY C 754 -11.66 -60.40 -39.60
CA GLY C 754 -10.92 -59.40 -40.34
C GLY C 754 -11.78 -58.67 -41.34
N GLN C 755 -11.17 -58.17 -42.41
CA GLN C 755 -11.92 -57.52 -43.46
C GLN C 755 -11.08 -57.34 -44.71
N MET C 756 -11.64 -57.68 -45.87
CA MET C 756 -10.97 -57.48 -47.15
C MET C 756 -12.04 -57.17 -48.18
N GLY C 757 -11.83 -56.11 -48.95
CA GLY C 757 -12.82 -55.74 -49.94
C GLY C 757 -12.42 -54.48 -50.66
N PHE C 758 -13.35 -53.96 -51.45
CA PHE C 758 -13.14 -52.73 -52.19
C PHE C 758 -14.49 -52.05 -52.39
N GLY C 759 -14.44 -50.76 -52.69
CA GLY C 759 -15.66 -49.99 -52.88
C GLY C 759 -15.48 -48.72 -53.65
N VAL C 760 -16.40 -48.44 -54.57
CA VAL C 760 -16.37 -47.24 -55.39
C VAL C 760 -17.74 -46.57 -55.35
N LYS C 761 -17.75 -45.27 -55.09
CA LYS C 761 -18.94 -44.43 -55.16
C LYS C 761 -18.64 -43.25 -56.06
N ALA C 762 -19.45 -43.06 -57.10
CA ALA C 762 -19.21 -42.00 -58.06
C ALA C 762 -20.54 -41.44 -58.54
N ALA C 763 -20.48 -40.25 -59.12
CA ALA C 763 -21.67 -39.59 -59.65
C ALA C 763 -21.28 -38.77 -60.87
N ALA C 764 -22.10 -38.85 -61.92
CA ALA C 764 -21.90 -38.10 -63.15
C ALA C 764 -22.97 -37.02 -63.21
N ASN C 765 -22.53 -35.75 -63.21
CA ASN C 765 -23.44 -34.62 -63.25
C ASN C 765 -23.65 -34.20 -64.69
N LEU C 766 -24.77 -34.60 -65.27
CA LEU C 766 -25.20 -34.14 -66.58
C LEU C 766 -25.83 -32.77 -66.42
N GLY C 767 -26.64 -32.33 -67.37
CA GLY C 767 -27.23 -31.02 -67.30
C GLY C 767 -28.51 -31.07 -66.50
N PRO C 768 -29.66 -30.98 -67.16
CA PRO C 768 -30.93 -31.13 -66.42
C PRO C 768 -31.07 -32.47 -65.72
N VAL C 769 -30.10 -33.38 -65.87
CA VAL C 769 -30.15 -34.70 -65.25
C VAL C 769 -28.82 -34.96 -64.55
N ALA C 770 -28.86 -35.87 -63.57
CA ALA C 770 -27.68 -36.25 -62.81
C ALA C 770 -27.82 -37.70 -62.37
N ILE C 771 -26.79 -38.49 -62.57
CA ILE C 771 -26.83 -39.91 -62.23
C ILE C 771 -25.74 -40.19 -61.19
N GLY C 772 -25.91 -41.29 -60.47
CA GLY C 772 -24.92 -41.69 -59.48
C GLY C 772 -25.02 -43.18 -59.22
N GLY C 773 -23.92 -43.74 -58.71
CA GLY C 773 -23.87 -45.16 -58.44
C GLY C 773 -22.82 -45.49 -57.42
N TYR C 774 -22.97 -46.68 -56.84
CA TYR C 774 -22.04 -47.16 -55.83
C TYR C 774 -22.02 -48.67 -55.83
N TYR C 775 -20.86 -49.22 -55.48
CA TYR C 775 -20.65 -50.65 -55.34
C TYR C 775 -19.70 -50.87 -54.17
N ASP C 776 -19.93 -51.95 -53.42
CA ASP C 776 -19.11 -52.23 -52.25
C ASP C 776 -19.26 -53.70 -51.90
N THR C 777 -18.17 -54.46 -52.00
CA THR C 777 -18.15 -55.86 -51.61
C THR C 777 -16.99 -56.06 -50.65
N SER C 778 -17.27 -56.74 -49.53
CA SER C 778 -16.25 -56.97 -48.50
C SER C 778 -16.52 -58.33 -47.87
N THR C 779 -15.64 -59.28 -48.12
CA THR C 779 -15.66 -60.58 -47.45
C THR C 779 -14.75 -60.54 -46.23
N GLY C 780 -14.45 -61.70 -45.66
CA GLY C 780 -13.50 -61.77 -44.58
C GLY C 780 -12.07 -61.65 -45.06
N ALA C 781 -11.15 -61.59 -44.09
CA ALA C 781 -9.74 -61.42 -44.43
C ALA C 781 -9.21 -62.60 -45.23
N ASN C 782 -9.62 -63.81 -44.87
CA ASN C 782 -9.15 -65.00 -45.59
C ASN C 782 -9.66 -65.02 -47.02
N GLY C 783 -10.77 -64.32 -47.29
CA GLY C 783 -11.35 -64.28 -48.62
C GLY C 783 -12.52 -65.22 -48.83
N ASP C 784 -12.95 -65.92 -47.79
CA ASP C 784 -14.06 -66.85 -47.91
C ASP C 784 -15.36 -66.11 -48.26
N ASN C 785 -16.12 -66.67 -49.18
CA ASN C 785 -17.40 -66.09 -49.58
C ASN C 785 -18.51 -66.34 -48.58
N ALA C 786 -18.26 -67.15 -47.55
CA ALA C 786 -19.25 -67.36 -46.50
C ALA C 786 -19.49 -66.11 -45.66
N ASN C 787 -18.64 -65.09 -45.80
CA ASN C 787 -18.76 -63.85 -45.05
C ASN C 787 -18.92 -62.65 -45.96
N ARG C 788 -19.24 -62.87 -47.23
CA ARG C 788 -19.35 -61.78 -48.19
C ARG C 788 -20.61 -60.96 -47.95
N MET C 789 -20.47 -59.64 -48.08
CA MET C 789 -21.59 -58.72 -48.00
C MET C 789 -21.41 -57.65 -49.06
N THR C 790 -22.18 -57.76 -50.15
CA THR C 790 -22.08 -56.85 -51.28
C THR C 790 -23.28 -55.92 -51.30
N GLU C 791 -23.02 -54.62 -51.47
CA GLU C 791 -24.07 -53.64 -51.72
C GLU C 791 -23.76 -52.91 -53.01
N ALA C 792 -24.73 -52.85 -53.89
CA ALA C 792 -24.65 -52.10 -55.14
C ALA C 792 -25.92 -51.27 -55.30
N GLY C 793 -25.84 -50.22 -56.10
CA GLY C 793 -27.02 -49.40 -56.31
C GLY C 793 -26.73 -48.28 -57.28
N GLY C 794 -27.74 -47.44 -57.46
CA GLY C 794 -27.65 -46.33 -58.37
C GLY C 794 -28.91 -45.51 -58.41
N SER C 795 -28.78 -44.22 -58.64
CA SER C 795 -29.92 -43.31 -58.67
C SER C 795 -29.79 -42.36 -59.85
N ALA C 796 -30.92 -41.85 -60.30
CA ALA C 796 -30.98 -40.89 -61.39
C ALA C 796 -32.01 -39.83 -61.04
N LYS C 797 -31.66 -38.56 -61.26
CA LYS C 797 -32.54 -37.44 -60.97
C LYS C 797 -32.63 -36.54 -62.19
N VAL C 798 -33.83 -36.04 -62.46
CA VAL C 798 -34.05 -35.03 -63.49
C VAL C 798 -34.84 -33.89 -62.87
N ALA C 799 -34.23 -32.71 -62.83
CA ALA C 799 -34.85 -31.54 -62.21
C ALA C 799 -34.87 -30.39 -63.20
N TYR C 800 -36.04 -29.83 -63.42
CA TYR C 800 -36.20 -28.71 -64.34
C TYR C 800 -37.31 -27.80 -63.83
N SER C 801 -37.06 -26.49 -63.86
CA SER C 801 -38.05 -25.54 -63.40
C SER C 801 -38.41 -25.78 -61.95
N ILE C 802 -39.66 -26.16 -61.69
CA ILE C 802 -40.15 -26.44 -60.35
C ILE C 802 -40.51 -27.91 -60.20
N PHE C 803 -40.06 -28.75 -61.12
CA PHE C 803 -40.36 -30.17 -61.11
C PHE C 803 -39.08 -30.97 -60.90
N SER C 804 -39.16 -32.05 -60.14
CA SER C 804 -38.04 -32.94 -59.92
C SER C 804 -38.54 -34.38 -59.90
N LEU C 805 -37.80 -35.28 -60.53
CA LEU C 805 -38.18 -36.69 -60.58
C LEU C 805 -36.95 -37.53 -60.30
N ARG C 806 -37.03 -38.38 -59.29
CA ARG C 806 -35.90 -39.21 -58.87
C ARG C 806 -36.27 -40.68 -58.98
N GLY C 807 -35.25 -41.50 -59.19
CA GLY C 807 -35.42 -42.95 -59.20
C GLY C 807 -34.18 -43.64 -58.68
N THR C 808 -34.35 -44.49 -57.67
CA THR C 808 -33.23 -45.12 -56.98
C THR C 808 -33.43 -46.62 -56.94
N TYR C 809 -32.33 -47.35 -57.05
CA TYR C 809 -32.32 -48.81 -56.96
C TYR C 809 -31.18 -49.22 -56.05
N ASN C 810 -31.50 -49.89 -54.94
CA ASN C 810 -30.51 -50.32 -53.97
C ASN C 810 -30.60 -51.83 -53.78
N THR C 811 -29.45 -52.47 -53.64
CA THR C 811 -29.38 -53.90 -53.38
C THR C 811 -28.47 -54.16 -52.20
N LEU C 812 -28.66 -55.31 -51.57
CA LEU C 812 -27.78 -55.74 -50.48
C LEU C 812 -27.82 -57.27 -50.43
N ASP C 813 -26.68 -57.89 -50.66
CA ASP C 813 -26.56 -59.35 -50.70
C ASP C 813 -25.53 -59.77 -49.66
N SER C 814 -26.00 -60.13 -48.47
CA SER C 814 -25.13 -60.43 -47.34
C SER C 814 -25.17 -61.92 -47.07
N ASN C 815 -24.09 -62.63 -47.43
CA ASN C 815 -23.88 -63.98 -46.92
C ASN C 815 -23.43 -63.98 -45.47
N ARG C 816 -23.06 -62.82 -44.93
CA ARG C 816 -22.77 -62.71 -43.51
C ARG C 816 -24.04 -62.93 -42.69
N PRO C 817 -23.91 -63.45 -41.48
CA PRO C 817 -25.10 -63.76 -40.68
C PRO C 817 -26.09 -62.60 -40.55
N GLN C 818 -25.68 -61.46 -40.00
CA GLN C 818 -26.61 -60.35 -39.83
C GLN C 818 -27.72 -60.69 -38.85
N ILE C 819 -27.94 -59.84 -37.86
CA ILE C 819 -29.00 -60.03 -36.88
C ILE C 819 -30.17 -59.11 -37.25
N TYR C 820 -31.35 -59.69 -37.45
CA TYR C 820 -32.49 -58.87 -37.84
C TYR C 820 -33.79 -59.65 -37.61
N ARG C 821 -34.88 -58.91 -37.57
CA ARG C 821 -36.19 -59.53 -37.40
C ARG C 821 -36.70 -60.07 -38.74
N ASP C 822 -37.40 -61.20 -38.68
CA ASP C 822 -38.00 -61.79 -39.86
C ASP C 822 -39.41 -61.23 -40.05
N ALA C 823 -40.17 -61.83 -40.96
CA ALA C 823 -41.53 -61.36 -41.20
C ALA C 823 -42.39 -61.51 -39.96
N ALA C 824 -42.27 -62.65 -39.27
CA ALA C 824 -43.09 -62.88 -38.08
C ALA C 824 -42.79 -61.86 -36.99
N GLY C 825 -41.51 -61.54 -36.79
CA GLY C 825 -41.14 -60.53 -35.81
C GLY C 825 -40.18 -61.03 -34.76
N THR C 826 -39.49 -62.12 -35.04
CA THR C 826 -38.51 -62.71 -34.12
C THR C 826 -37.11 -62.48 -34.65
N GLN C 827 -36.22 -62.02 -33.78
CA GLN C 827 -34.84 -61.79 -34.19
C GLN C 827 -34.20 -63.12 -34.60
N ILE C 828 -33.46 -63.08 -35.70
CA ILE C 828 -32.76 -64.24 -36.24
C ILE C 828 -31.41 -63.79 -36.76
N ILE C 829 -30.58 -64.78 -37.07
CA ILE C 829 -29.24 -64.56 -37.63
C ILE C 829 -29.15 -65.41 -38.88
N GLY C 830 -28.94 -64.76 -40.03
CA GLY C 830 -28.82 -65.49 -41.27
C GLY C 830 -28.71 -64.54 -42.44
N ASP C 831 -28.19 -65.06 -43.54
CA ASP C 831 -27.94 -64.25 -44.73
C ASP C 831 -29.20 -63.50 -45.13
N ALA C 832 -28.99 -62.40 -45.87
CA ALA C 832 -30.09 -61.53 -46.25
C ALA C 832 -29.91 -61.06 -47.69
N LYS C 833 -31.04 -60.87 -48.38
CA LYS C 833 -31.05 -60.24 -49.69
C LYS C 833 -32.14 -59.19 -49.69
N VAL C 834 -31.77 -57.95 -49.97
CA VAL C 834 -32.69 -56.82 -49.99
C VAL C 834 -32.59 -56.13 -51.34
N ARG C 835 -33.74 -55.87 -51.95
CA ARG C 835 -33.83 -55.12 -53.20
C ARG C 835 -34.90 -54.06 -53.04
N ARG C 836 -34.51 -52.80 -53.14
CA ARG C 836 -35.42 -51.68 -53.03
C ARG C 836 -35.34 -50.83 -54.28
N TYR C 837 -36.48 -50.30 -54.72
CA TYR C 837 -36.48 -49.35 -55.82
C TYR C 837 -37.59 -48.34 -55.58
N ALA C 838 -37.25 -47.07 -55.65
CA ALA C 838 -38.17 -45.99 -55.30
C ALA C 838 -38.17 -44.93 -56.39
N VAL C 839 -39.36 -44.43 -56.72
CA VAL C 839 -39.53 -43.32 -57.64
C VAL C 839 -40.26 -42.22 -56.91
N GLN C 840 -39.70 -41.01 -56.91
CA GLN C 840 -40.26 -39.88 -56.19
C GLN C 840 -40.37 -38.67 -57.10
N ALA C 841 -41.55 -38.07 -57.13
CA ALA C 841 -41.81 -36.87 -57.91
C ALA C 841 -42.17 -35.73 -56.97
N ASP C 842 -41.52 -34.58 -57.17
CA ASP C 842 -41.71 -33.42 -56.30
C ASP C 842 -41.94 -32.18 -57.15
N VAL C 843 -42.81 -31.31 -56.66
CA VAL C 843 -43.12 -30.04 -57.32
C VAL C 843 -43.17 -28.95 -56.26
N THR C 844 -42.44 -27.86 -56.51
CA THR C 844 -42.41 -26.72 -55.58
C THR C 844 -42.89 -25.47 -56.31
N PRO C 845 -44.16 -25.09 -56.16
CA PRO C 845 -44.66 -23.91 -56.89
C PRO C 845 -43.90 -22.64 -56.57
N GLY C 846 -43.23 -22.57 -55.42
CA GLY C 846 -42.42 -21.42 -55.05
C GLY C 846 -43.03 -20.50 -54.04
N LEU C 847 -44.30 -20.68 -53.70
CA LEU C 847 -44.97 -19.83 -52.72
C LEU C 847 -44.79 -20.32 -51.29
N GLY C 848 -43.72 -21.08 -51.03
CA GLY C 848 -43.52 -21.74 -49.76
C GLY C 848 -44.16 -23.11 -49.67
N LEU C 849 -44.97 -23.48 -50.66
CA LEU C 849 -45.63 -24.78 -50.67
C LEU C 849 -44.71 -25.85 -51.23
N PHE C 850 -45.14 -27.10 -51.09
CA PHE C 850 -44.41 -28.22 -51.68
C PHE C 850 -45.36 -29.41 -51.75
N VAL C 851 -45.21 -30.20 -52.81
CA VAL C 851 -45.98 -31.43 -52.98
C VAL C 851 -45.00 -32.56 -53.26
N GLY C 852 -45.37 -33.78 -52.90
CA GLY C 852 -44.53 -34.92 -53.13
C GLY C 852 -45.28 -36.22 -53.25
N ALA C 853 -45.02 -36.96 -54.32
CA ALA C 853 -45.58 -38.29 -54.51
C ALA C 853 -44.45 -39.30 -54.61
N TYR C 854 -44.64 -40.45 -53.98
CA TYR C 854 -43.58 -41.46 -53.95
C TYR C 854 -44.20 -42.84 -54.07
N TYR C 855 -43.41 -43.76 -54.61
CA TYR C 855 -43.73 -45.18 -54.64
C TYR C 855 -42.45 -45.94 -54.34
N ARG C 856 -42.36 -46.51 -53.15
CA ARG C 856 -41.17 -47.25 -52.71
C ARG C 856 -41.54 -48.72 -52.54
N ASP C 857 -40.68 -49.61 -53.06
CA ASP C 857 -40.96 -51.04 -53.09
C ASP C 857 -39.76 -51.79 -52.52
N VAL C 858 -39.93 -52.38 -51.35
CA VAL C 858 -38.89 -53.18 -50.71
C VAL C 858 -39.16 -54.65 -50.99
N ASN C 859 -38.10 -55.45 -50.95
CA ASN C 859 -38.21 -56.88 -51.29
C ASN C 859 -37.11 -57.61 -50.52
N VAL C 860 -37.47 -58.21 -49.39
CA VAL C 860 -36.51 -58.86 -48.50
C VAL C 860 -36.59 -60.36 -48.68
N ASN C 861 -35.46 -60.99 -49.03
CA ASN C 861 -35.36 -62.43 -49.13
C ASN C 861 -36.35 -63.01 -50.13
N GLY C 862 -36.68 -62.25 -51.17
CA GLY C 862 -37.61 -62.67 -52.20
C GLY C 862 -39.04 -62.22 -51.97
N VAL C 863 -39.51 -62.26 -50.72
CA VAL C 863 -40.86 -61.83 -50.37
C VAL C 863 -40.88 -60.30 -50.35
N ARG C 864 -42.07 -59.72 -50.43
CA ARG C 864 -42.16 -58.30 -50.71
C ARG C 864 -42.00 -57.43 -49.48
N SER C 865 -41.96 -58.00 -48.27
CA SER C 865 -41.35 -57.29 -47.15
C SER C 865 -41.98 -55.93 -46.87
N THR C 866 -43.20 -55.91 -46.34
CA THR C 866 -43.89 -54.67 -46.01
C THR C 866 -42.93 -53.60 -45.47
N THR C 867 -41.99 -53.99 -44.62
CA THR C 867 -40.97 -53.08 -44.13
C THR C 867 -39.62 -53.78 -44.17
N ASP C 868 -38.62 -53.06 -44.67
CA ASP C 868 -37.26 -53.55 -44.55
C ASP C 868 -36.83 -53.55 -43.08
N ARG C 869 -35.99 -54.51 -42.72
CA ARG C 869 -35.63 -54.75 -41.33
C ARG C 869 -34.34 -54.05 -40.93
N GLY C 870 -34.04 -52.90 -41.53
CA GLY C 870 -32.82 -52.20 -41.25
C GLY C 870 -31.61 -52.73 -41.95
N LEU C 871 -31.78 -53.70 -42.86
CA LEU C 871 -30.64 -54.31 -43.53
C LEU C 871 -29.95 -53.36 -44.49
N LEU C 872 -30.72 -52.53 -45.20
CA LEU C 872 -30.13 -51.61 -46.16
C LEU C 872 -29.15 -50.65 -45.52
N GLY C 873 -29.21 -50.45 -44.21
CA GLY C 873 -28.29 -49.60 -43.49
C GLY C 873 -27.00 -50.25 -43.08
N ARG C 874 -26.77 -51.52 -43.45
CA ARG C 874 -25.53 -52.18 -43.13
C ARG C 874 -24.34 -51.66 -43.95
N GLY C 875 -24.60 -50.99 -45.05
CA GLY C 875 -23.54 -50.44 -45.87
C GLY C 875 -23.29 -48.97 -45.61
N TYR C 876 -22.06 -48.51 -45.85
CA TYR C 876 -21.73 -47.12 -45.61
C TYR C 876 -21.86 -46.25 -46.85
N LEU C 877 -22.16 -46.83 -48.01
CA LEU C 877 -22.41 -46.08 -49.24
C LEU C 877 -23.86 -46.32 -49.65
N ALA C 878 -24.72 -45.33 -49.38
CA ALA C 878 -26.12 -45.38 -49.80
C ALA C 878 -26.42 -44.34 -50.86
N SER C 879 -26.13 -43.07 -50.60
CA SER C 879 -26.00 -42.06 -51.64
C SER C 879 -27.26 -41.94 -52.48
N SER C 880 -28.31 -41.44 -51.84
CA SER C 880 -29.48 -40.99 -52.58
C SER C 880 -29.28 -39.57 -53.09
N PHE C 881 -30.21 -39.11 -53.91
CA PHE C 881 -30.21 -37.75 -54.42
C PHE C 881 -31.23 -36.89 -53.68
N GLU C 882 -31.19 -35.59 -53.93
CA GLU C 882 -32.08 -34.70 -53.21
C GLU C 882 -32.96 -33.90 -54.17
N PRO C 883 -34.20 -33.63 -53.79
CA PRO C 883 -35.08 -32.87 -54.68
C PRO C 883 -34.62 -31.43 -54.84
N GLY C 884 -34.99 -30.83 -55.97
CA GLY C 884 -34.68 -29.45 -56.23
C GLY C 884 -33.75 -29.25 -57.41
N VAL C 885 -33.95 -28.17 -58.15
CA VAL C 885 -33.11 -27.84 -59.29
C VAL C 885 -31.79 -27.27 -58.79
N GLY C 886 -30.68 -27.75 -59.36
CA GLY C 886 -29.38 -27.27 -58.94
C GLY C 886 -28.91 -27.83 -57.61
N ASN C 887 -29.60 -28.84 -57.09
CA ASN C 887 -29.23 -29.52 -55.86
C ASN C 887 -28.85 -30.96 -56.15
N ASN C 888 -28.09 -31.17 -57.23
CA ASN C 888 -27.72 -32.52 -57.66
C ASN C 888 -26.39 -32.94 -57.02
N ALA C 889 -26.48 -33.22 -55.71
CA ALA C 889 -25.37 -33.75 -54.94
C ALA C 889 -25.68 -35.17 -54.53
N TYR C 890 -24.64 -36.01 -54.48
CA TYR C 890 -24.81 -37.44 -54.20
C TYR C 890 -24.39 -37.70 -52.76
N ARG C 891 -25.37 -37.58 -51.86
CA ARG C 891 -25.11 -37.64 -50.42
C ARG C 891 -25.38 -39.04 -49.89
N THR C 892 -24.46 -39.52 -49.06
CA THR C 892 -24.57 -40.87 -48.52
C THR C 892 -25.81 -41.00 -47.64
N GLY C 893 -26.43 -42.17 -47.70
CA GLY C 893 -27.62 -42.43 -46.90
C GLY C 893 -28.88 -42.39 -47.73
N LEU C 894 -29.66 -43.47 -47.68
CA LEU C 894 -30.96 -43.49 -48.35
C LEU C 894 -31.96 -42.70 -47.50
N ARG C 895 -32.47 -41.61 -48.05
CA ARG C 895 -33.40 -40.77 -47.30
C ARG C 895 -34.76 -41.43 -47.25
N CYS C 896 -34.91 -42.45 -46.40
CA CYS C 896 -36.17 -43.18 -46.26
C CYS C 896 -37.19 -42.44 -45.44
N ALA C 897 -36.81 -41.34 -44.78
CA ALA C 897 -37.72 -40.51 -44.02
C ALA C 897 -38.37 -39.41 -44.86
N ASP C 898 -38.12 -39.42 -46.16
CA ASP C 898 -38.64 -38.38 -47.05
C ASP C 898 -40.11 -38.60 -47.33
N ASN C 899 -40.90 -37.54 -47.19
CA ASN C 899 -42.30 -37.52 -47.59
C ASN C 899 -43.12 -38.60 -46.89
N ASN C 900 -42.69 -39.07 -45.73
CA ASN C 900 -43.43 -40.09 -45.00
C ASN C 900 -43.73 -39.61 -43.58
N PHE C 901 -44.49 -40.44 -42.87
CA PHE C 901 -45.08 -40.08 -41.59
C PHE C 901 -44.08 -40.29 -40.45
N GLY C 902 -44.54 -40.00 -39.23
CA GLY C 902 -43.79 -40.28 -38.03
C GLY C 902 -44.53 -41.30 -37.18
N THR C 903 -43.77 -42.07 -36.41
CA THR C 903 -44.33 -43.14 -35.59
C THR C 903 -43.95 -42.94 -34.12
N GLY C 904 -43.98 -41.70 -33.66
CA GLY C 904 -43.64 -41.42 -32.27
C GLY C 904 -44.77 -41.76 -31.33
N THR C 905 -44.41 -42.28 -30.15
CA THR C 905 -45.39 -42.61 -29.12
C THR C 905 -44.92 -42.17 -27.74
N ARG C 906 -43.92 -41.28 -27.68
CA ARG C 906 -43.38 -40.78 -26.42
C ARG C 906 -43.33 -39.27 -26.48
N ASP C 907 -43.43 -38.64 -25.31
CA ASP C 907 -43.43 -37.19 -25.24
C ASP C 907 -43.02 -36.73 -23.84
N ILE C 908 -42.58 -35.48 -23.76
CA ILE C 908 -42.09 -34.94 -22.48
C ILE C 908 -43.23 -34.37 -21.67
N ASP C 909 -44.09 -33.56 -22.27
CA ASP C 909 -45.25 -33.02 -21.59
C ASP C 909 -46.34 -34.09 -21.48
N GLY C 910 -47.39 -33.78 -20.72
CA GLY C 910 -48.46 -34.72 -20.57
C GLY C 910 -49.12 -35.08 -21.88
N VAL C 911 -49.37 -34.08 -22.72
CA VAL C 911 -49.97 -34.31 -24.03
C VAL C 911 -48.90 -34.76 -25.02
N GLY C 912 -49.35 -35.21 -26.19
CA GLY C 912 -48.45 -35.79 -27.16
C GLY C 912 -47.54 -34.80 -27.86
N GLY C 913 -46.77 -34.04 -27.10
CA GLY C 913 -45.78 -33.14 -27.67
C GLY C 913 -46.31 -31.83 -28.19
N VAL C 914 -47.62 -31.59 -28.10
CA VAL C 914 -48.21 -30.37 -28.65
C VAL C 914 -48.01 -29.16 -27.74
N LEU C 915 -47.63 -29.36 -26.49
CA LEU C 915 -47.32 -28.27 -25.57
C LEU C 915 -45.83 -28.08 -25.38
N ASN C 916 -45.01 -28.69 -26.24
CA ASN C 916 -43.57 -28.59 -26.14
C ASN C 916 -43.06 -27.62 -27.20
N PRO C 917 -42.58 -26.44 -26.82
CA PRO C 917 -42.05 -25.50 -27.83
C PRO C 917 -40.71 -25.93 -28.42
N ALA C 918 -40.10 -27.00 -27.92
CA ALA C 918 -38.85 -27.51 -28.46
C ALA C 918 -39.05 -28.67 -29.41
N VAL C 919 -40.30 -29.03 -29.70
CA VAL C 919 -40.63 -30.16 -30.57
C VAL C 919 -41.45 -29.64 -31.73
N ASN C 920 -41.00 -29.92 -32.95
CA ASN C 920 -41.73 -29.57 -34.17
C ASN C 920 -42.39 -30.85 -34.67
N LEU C 921 -43.67 -31.03 -34.36
CA LEU C 921 -44.37 -32.25 -34.72
C LEU C 921 -44.48 -32.43 -36.23
N ASP C 922 -44.56 -31.33 -36.97
CA ASP C 922 -44.67 -31.41 -38.42
C ASP C 922 -43.38 -31.85 -39.09
N GLN C 923 -42.27 -31.93 -38.35
CA GLN C 923 -41.00 -32.38 -38.88
C GLN C 923 -40.57 -33.70 -38.27
N SER C 924 -41.54 -34.54 -37.89
CA SER C 924 -41.27 -35.83 -37.30
C SER C 924 -41.41 -36.91 -38.37
N ARG C 925 -40.34 -37.64 -38.62
CA ARG C 925 -40.32 -38.71 -39.62
C ARG C 925 -40.07 -40.04 -38.93
N THR C 926 -40.36 -41.12 -39.65
CA THR C 926 -40.23 -42.46 -39.10
C THR C 926 -38.85 -43.08 -39.30
N ALA C 927 -38.13 -42.68 -40.34
CA ALA C 927 -36.78 -43.17 -40.60
C ALA C 927 -36.75 -44.66 -40.94
N THR C 928 -37.89 -45.22 -41.32
CA THR C 928 -37.99 -46.62 -41.72
C THR C 928 -38.44 -46.67 -43.17
N CYS C 929 -37.79 -47.51 -43.97
CA CYS C 929 -38.14 -47.65 -45.38
C CYS C 929 -39.21 -48.71 -45.54
N PHE C 930 -40.36 -48.30 -46.05
CA PHE C 930 -41.55 -49.14 -46.18
C PHE C 930 -41.77 -49.51 -47.64
N THR C 931 -42.55 -50.56 -47.85
CA THR C 931 -43.09 -50.88 -49.17
C THR C 931 -44.45 -50.20 -49.26
N SER C 932 -44.47 -48.96 -49.75
CA SER C 932 -45.68 -48.16 -49.72
C SER C 932 -45.68 -47.21 -50.90
N TYR C 933 -46.72 -46.38 -50.96
CA TYR C 933 -46.80 -45.32 -51.96
C TYR C 933 -47.83 -44.30 -51.47
N GLY C 934 -47.57 -43.03 -51.77
CA GLY C 934 -48.48 -42.00 -51.29
C GLY C 934 -48.07 -40.63 -51.75
N VAL C 935 -48.76 -39.63 -51.18
CA VAL C 935 -48.57 -38.22 -51.51
C VAL C 935 -48.55 -37.42 -50.22
N GLU C 936 -47.98 -36.23 -50.29
CA GLU C 936 -47.89 -35.36 -49.11
C GLU C 936 -47.69 -33.93 -49.56
N ALA C 937 -48.66 -33.06 -49.26
CA ALA C 937 -48.51 -31.64 -49.46
C ALA C 937 -47.88 -31.02 -48.22
N GLY C 938 -47.79 -29.69 -48.16
CA GLY C 938 -47.21 -29.05 -47.01
C GLY C 938 -47.00 -27.57 -47.25
N HIS C 939 -46.29 -26.95 -46.31
CA HIS C 939 -46.01 -25.53 -46.35
C HIS C 939 -44.96 -25.21 -45.30
N ALA C 940 -43.97 -24.40 -45.67
CA ALA C 940 -42.89 -24.02 -44.79
C ALA C 940 -42.92 -22.50 -44.59
N GLY C 941 -42.90 -22.08 -43.33
CA GLY C 941 -42.94 -20.67 -43.00
C GLY C 941 -41.60 -19.97 -42.97
N ASP C 942 -40.50 -20.70 -42.87
CA ASP C 942 -39.18 -20.08 -42.93
C ASP C 942 -38.81 -19.67 -44.34
N ASN C 943 -39.38 -20.31 -45.36
CA ASN C 943 -39.12 -19.93 -46.74
C ASN C 943 -39.79 -18.59 -47.04
N ALA C 944 -39.05 -17.69 -47.66
CA ALA C 944 -39.59 -16.37 -47.99
C ALA C 944 -40.65 -16.50 -49.08
N ASN C 945 -41.48 -15.45 -49.18
CA ASN C 945 -42.57 -15.43 -50.15
C ASN C 945 -43.54 -16.58 -49.90
N ALA C 946 -43.82 -16.86 -48.63
CA ALA C 946 -44.76 -17.89 -48.25
C ALA C 946 -46.11 -17.28 -47.88
N LEU C 947 -47.17 -18.04 -48.11
CA LEU C 947 -48.53 -17.56 -47.82
C LEU C 947 -48.62 -16.97 -46.42
N VAL C 948 -48.31 -17.78 -45.41
CA VAL C 948 -48.31 -17.36 -44.02
C VAL C 948 -46.87 -17.38 -43.51
N LYS C 949 -46.50 -16.36 -42.74
CA LYS C 949 -45.09 -16.20 -42.38
C LYS C 949 -44.57 -17.38 -41.56
N ASP C 950 -45.05 -17.54 -40.34
CA ASP C 950 -44.63 -18.66 -39.49
C ASP C 950 -45.74 -19.71 -39.44
N LEU C 951 -45.88 -20.46 -40.53
CA LEU C 951 -46.89 -21.50 -40.60
C LEU C 951 -46.30 -22.73 -41.26
N PHE C 952 -46.48 -23.88 -40.62
CA PHE C 952 -46.03 -25.17 -41.15
C PHE C 952 -47.15 -26.18 -41.00
N PHE C 953 -47.52 -26.84 -42.09
CA PHE C 953 -48.43 -27.96 -42.03
C PHE C 953 -47.96 -29.05 -42.99
N ARG C 954 -48.31 -30.30 -42.69
CA ARG C 954 -47.75 -31.45 -43.37
C ARG C 954 -48.82 -32.50 -43.67
N VAL C 955 -49.97 -32.05 -44.18
CA VAL C 955 -51.02 -33.01 -44.53
C VAL C 955 -50.46 -34.04 -45.51
N GLY C 956 -50.84 -35.31 -45.30
CA GLY C 956 -50.35 -36.37 -46.14
C GLY C 956 -51.13 -37.66 -46.08
N TYR C 957 -51.09 -38.44 -47.17
CA TYR C 957 -51.78 -39.71 -47.28
C TYR C 957 -50.82 -40.74 -47.83
N SER C 958 -50.96 -41.99 -47.40
CA SER C 958 -50.05 -43.05 -47.81
C SER C 958 -50.74 -44.39 -47.68
N ARG C 959 -50.27 -45.37 -48.45
CA ARG C 959 -50.78 -46.73 -48.40
C ARG C 959 -49.59 -47.67 -48.30
N VAL C 960 -49.65 -48.60 -47.34
CA VAL C 960 -48.53 -49.47 -47.00
C VAL C 960 -48.89 -50.90 -47.37
N TYR C 961 -47.93 -51.61 -47.95
CA TYR C 961 -48.13 -53.01 -48.30
C TYR C 961 -48.02 -53.88 -47.05
N VAL C 962 -48.90 -54.88 -46.97
CA VAL C 962 -48.84 -55.85 -45.87
C VAL C 962 -49.10 -57.25 -46.43
N PRO C 963 -48.29 -58.24 -46.07
CA PRO C 963 -48.52 -59.59 -46.58
C PRO C 963 -49.88 -60.12 -46.18
N THR C 964 -50.28 -61.22 -46.81
CA THR C 964 -51.64 -61.72 -46.61
C THR C 964 -51.90 -62.10 -45.15
N THR C 965 -51.27 -63.17 -44.66
CA THR C 965 -51.56 -63.55 -43.28
C THR C 965 -50.50 -63.10 -42.29
N ALA C 966 -49.30 -63.70 -42.34
CA ALA C 966 -48.19 -63.27 -41.51
C ALA C 966 -46.90 -63.22 -42.31
N THR C 967 -46.72 -64.21 -43.19
CA THR C 967 -45.49 -64.36 -43.95
C THR C 967 -45.74 -64.83 -45.38
N ALA C 968 -46.98 -64.84 -45.85
CA ALA C 968 -47.26 -65.30 -47.19
C ALA C 968 -46.62 -64.40 -48.23
N THR C 969 -46.26 -65.00 -49.37
CA THR C 969 -45.73 -64.21 -50.47
C THR C 969 -46.77 -63.22 -50.98
N THR C 970 -48.02 -63.65 -51.10
CA THR C 970 -49.07 -62.77 -51.59
C THR C 970 -49.39 -61.69 -50.56
N GLY C 971 -49.87 -60.55 -51.07
CA GLY C 971 -50.21 -59.45 -50.20
C GLY C 971 -50.90 -58.35 -50.98
N ASP C 972 -51.15 -57.24 -50.31
CA ASP C 972 -51.80 -56.10 -50.93
C ASP C 972 -51.44 -54.83 -50.17
N PHE C 973 -51.65 -53.70 -50.82
CA PHE C 973 -51.43 -52.38 -50.22
C PHE C 973 -52.65 -51.98 -49.39
N SER C 974 -53.02 -52.87 -48.45
CA SER C 974 -54.22 -52.67 -47.66
C SER C 974 -54.06 -51.62 -46.57
N GLY C 975 -52.84 -51.40 -46.08
CA GLY C 975 -52.63 -50.39 -45.06
C GLY C 975 -52.94 -49.00 -45.58
N SER C 976 -53.26 -48.11 -44.65
CA SER C 976 -53.59 -46.73 -45.00
C SER C 976 -53.24 -45.82 -43.85
N VAL C 977 -52.52 -44.74 -44.13
CA VAL C 977 -52.10 -43.77 -43.13
C VAL C 977 -52.47 -42.38 -43.65
N THR C 978 -53.30 -41.67 -42.88
CA THR C 978 -53.64 -40.29 -43.18
C THR C 978 -53.20 -39.45 -41.98
N TYR C 979 -52.26 -38.53 -42.23
CA TYR C 979 -51.69 -37.74 -41.15
C TYR C 979 -51.73 -36.26 -41.51
N GLY C 980 -51.58 -35.42 -40.48
CA GLY C 980 -51.59 -33.99 -40.65
C GLY C 980 -51.09 -33.26 -39.43
N ASP C 981 -50.18 -32.31 -39.61
CA ASP C 981 -49.63 -31.53 -38.53
C ASP C 981 -49.69 -30.05 -38.88
N ALA C 982 -49.75 -29.22 -37.86
CA ALA C 982 -49.78 -27.78 -38.07
C ALA C 982 -49.09 -27.08 -36.91
N ARG C 983 -48.49 -25.93 -37.20
CA ARG C 983 -47.75 -25.16 -36.21
C ARG C 983 -47.72 -23.71 -36.64
N TYR C 984 -48.13 -22.81 -35.75
CA TYR C 984 -48.26 -21.39 -36.08
C TYR C 984 -47.95 -20.57 -34.84
N ASP C 985 -46.84 -19.83 -34.87
CA ASP C 985 -46.44 -19.07 -33.68
C ASP C 985 -47.22 -17.75 -33.57
N ARG C 986 -47.00 -16.83 -34.50
CA ARG C 986 -47.73 -15.57 -34.50
C ARG C 986 -47.47 -14.76 -33.24
N LYS C 987 -47.78 -13.47 -33.28
CA LYS C 987 -47.78 -12.60 -32.10
C LYS C 987 -48.79 -11.49 -32.36
N VAL C 988 -50.01 -11.64 -31.85
CA VAL C 988 -51.09 -10.75 -32.24
C VAL C 988 -50.82 -9.33 -31.77
N GLY C 989 -50.77 -9.12 -30.46
CA GLY C 989 -50.47 -7.82 -29.91
C GLY C 989 -49.25 -7.85 -29.02
N VAL C 990 -49.47 -7.57 -27.73
CA VAL C 990 -48.43 -7.80 -26.73
C VAL C 990 -48.30 -9.26 -26.36
N ALA C 991 -49.34 -10.06 -26.61
CA ALA C 991 -49.29 -11.49 -26.34
C ALA C 991 -48.46 -12.21 -27.41
N ASN C 992 -48.06 -13.44 -27.07
CA ASN C 992 -47.25 -14.28 -27.96
C ASN C 992 -47.94 -15.64 -28.03
N VAL C 993 -48.81 -15.81 -29.02
CA VAL C 993 -49.55 -17.06 -29.16
C VAL C 993 -48.65 -18.13 -29.76
N ARG C 994 -49.10 -19.38 -29.66
CA ARG C 994 -48.41 -20.50 -30.30
C ARG C 994 -49.38 -21.67 -30.38
N LEU C 995 -49.72 -22.08 -31.60
CA LEU C 995 -50.64 -23.18 -31.84
C LEU C 995 -49.91 -24.36 -32.45
N ALA C 996 -50.23 -25.56 -31.98
CA ALA C 996 -49.69 -26.78 -32.56
C ALA C 996 -50.80 -27.82 -32.62
N GLY C 997 -50.71 -28.68 -33.62
CA GLY C 997 -51.73 -29.70 -33.80
C GLY C 997 -51.21 -30.88 -34.59
N SER C 998 -51.80 -32.04 -34.33
CA SER C 998 -51.36 -33.29 -34.93
C SER C 998 -52.54 -34.25 -35.06
N PHE C 999 -52.46 -35.10 -36.08
CA PHE C 999 -53.52 -36.05 -36.39
C PHE C 999 -52.90 -37.27 -37.05
N SER C 1000 -53.60 -38.41 -36.96
CA SER C 1000 -53.13 -39.64 -37.58
C SER C 1000 -54.24 -40.67 -37.56
N THR C 1001 -54.42 -41.38 -38.66
CA THR C 1001 -55.52 -42.34 -38.80
C THR C 1001 -55.02 -43.63 -39.45
N THR C 1002 -53.89 -44.14 -38.96
CA THR C 1002 -53.39 -45.42 -39.47
C THR C 1002 -54.26 -46.57 -39.00
N ASN C 1003 -54.26 -47.66 -39.77
CA ASN C 1003 -54.98 -48.88 -39.41
C ASN C 1003 -54.07 -50.07 -39.23
N THR C 1004 -52.75 -49.86 -39.09
CA THR C 1004 -51.81 -50.96 -38.94
C THR C 1004 -50.70 -50.56 -37.99
N GLN C 1005 -50.09 -51.56 -37.37
CA GLN C 1005 -48.93 -51.38 -36.51
C GLN C 1005 -47.71 -51.08 -37.37
N LEU C 1006 -47.30 -49.81 -37.43
CA LEU C 1006 -46.25 -49.43 -38.37
C LEU C 1006 -44.86 -49.74 -37.83
N ASP C 1007 -44.44 -49.04 -36.78
CA ASP C 1007 -43.20 -49.35 -36.10
C ASP C 1007 -43.44 -49.75 -34.65
N SER C 1008 -44.00 -48.84 -33.86
CA SER C 1008 -44.48 -49.12 -32.51
C SER C 1008 -45.82 -48.45 -32.25
N ARG C 1009 -46.25 -47.53 -33.10
CA ARG C 1009 -47.53 -46.88 -32.93
C ARG C 1009 -48.65 -47.88 -33.20
N PRO C 1010 -49.60 -48.04 -32.28
CA PRO C 1010 -50.74 -48.94 -32.56
C PRO C 1010 -51.54 -48.45 -33.75
N ALA C 1011 -52.54 -49.23 -34.15
CA ALA C 1011 -53.31 -48.98 -35.37
C ALA C 1011 -54.63 -48.31 -35.00
N GLY C 1012 -54.61 -47.00 -34.83
CA GLY C 1012 -55.83 -46.29 -34.48
C GLY C 1012 -55.68 -44.80 -34.70
N THR C 1013 -56.77 -44.09 -34.46
CA THR C 1013 -56.78 -42.65 -34.60
C THR C 1013 -56.02 -41.99 -33.45
N ARG C 1014 -55.40 -40.86 -33.74
CA ARG C 1014 -54.53 -40.17 -32.79
C ARG C 1014 -54.56 -38.68 -33.11
N GLY C 1015 -55.10 -37.89 -32.18
CA GLY C 1015 -55.16 -36.46 -32.36
C GLY C 1015 -54.59 -35.68 -31.19
N ALA C 1016 -54.19 -34.44 -31.42
CA ALA C 1016 -53.65 -33.63 -30.34
C ALA C 1016 -53.64 -32.17 -30.77
N VAL C 1017 -53.86 -31.27 -29.82
CA VAL C 1017 -53.86 -29.84 -30.08
C VAL C 1017 -53.36 -29.11 -28.85
N GLY C 1018 -52.70 -27.97 -29.06
CA GLY C 1018 -52.12 -27.23 -27.97
C GLY C 1018 -51.93 -25.75 -28.26
N LEU C 1019 -52.18 -24.91 -27.25
CA LEU C 1019 -52.09 -23.47 -27.36
C LEU C 1019 -51.30 -22.92 -26.18
N ILE C 1020 -50.38 -22.01 -26.46
CA ILE C 1020 -49.54 -21.38 -25.44
C ILE C 1020 -49.59 -19.88 -25.67
N VAL C 1021 -49.98 -19.13 -24.64
CA VAL C 1021 -50.10 -17.67 -24.71
C VAL C 1021 -49.24 -17.07 -23.60
N ARG C 1022 -48.47 -16.05 -23.94
CA ARG C 1022 -47.56 -15.40 -22.99
C ARG C 1022 -47.48 -13.92 -23.32
N THR C 1023 -48.29 -13.11 -22.65
CA THR C 1023 -48.25 -11.68 -22.88
C THR C 1023 -47.11 -11.04 -22.10
N ASP C 1024 -46.69 -9.89 -22.57
CA ASP C 1024 -45.68 -9.08 -21.88
C ASP C 1024 -46.35 -8.09 -20.95
N PRO C 1025 -45.61 -7.53 -20.01
CA PRO C 1025 -46.24 -6.65 -19.01
C PRO C 1025 -47.03 -5.54 -19.68
N LEU C 1026 -48.24 -5.31 -19.17
CA LEU C 1026 -49.12 -4.26 -19.68
C LEU C 1026 -48.86 -2.98 -18.90
N GLU C 1027 -48.40 -1.95 -19.59
CA GLU C 1027 -48.05 -0.67 -18.98
C GLU C 1027 -49.19 0.33 -19.03
N ASN C 1028 -50.36 -0.07 -19.55
CA ASN C 1028 -51.53 0.78 -19.58
C ASN C 1028 -52.46 0.47 -18.41
N VAL C 1029 -52.81 -0.79 -18.21
CA VAL C 1029 -53.67 -1.18 -17.09
C VAL C 1029 -52.87 -1.08 -15.80
N PRO C 1030 -53.48 -0.72 -14.68
CA PRO C 1030 -52.74 -0.62 -13.42
C PRO C 1030 -52.22 -1.98 -12.95
N PHE C 1031 -51.21 -1.93 -12.10
CA PHE C 1031 -50.52 -3.09 -11.54
C PHE C 1031 -49.55 -3.72 -12.53
N ARG C 1032 -49.52 -3.26 -13.77
CA ARG C 1032 -48.65 -3.82 -14.80
C ARG C 1032 -48.76 -5.34 -14.87
N PRO C 1033 -49.97 -5.88 -15.03
CA PRO C 1033 -50.13 -7.33 -15.05
C PRO C 1033 -49.45 -7.95 -16.26
N GLN C 1034 -49.04 -9.21 -16.08
CA GLN C 1034 -48.33 -9.96 -17.12
C GLN C 1034 -48.90 -11.38 -17.12
N PHE C 1035 -49.81 -11.64 -18.05
CA PHE C 1035 -50.55 -12.90 -18.05
C PHE C 1035 -49.75 -14.01 -18.75
N ASN C 1036 -50.21 -15.23 -18.53
CA ASN C 1036 -49.60 -16.41 -19.13
C ASN C 1036 -50.66 -17.49 -19.20
N GLY C 1037 -50.48 -18.42 -20.13
CA GLY C 1037 -51.50 -19.43 -20.34
C GLY C 1037 -50.94 -20.64 -21.04
N GLN C 1038 -51.70 -21.74 -20.96
CA GLN C 1038 -51.31 -23.00 -21.57
C GLN C 1038 -52.48 -23.96 -21.56
N VAL C 1039 -52.76 -24.59 -22.70
CA VAL C 1039 -53.83 -25.58 -22.78
C VAL C 1039 -53.45 -26.62 -23.81
N GLY C 1040 -53.84 -27.87 -23.56
CA GLY C 1040 -53.52 -28.96 -24.47
C GLY C 1040 -54.41 -30.16 -24.30
N TYR C 1041 -54.86 -30.72 -25.41
CA TYR C 1041 -55.69 -31.91 -25.41
C TYR C 1041 -55.05 -32.98 -26.28
N TYR C 1042 -55.18 -34.24 -25.86
CA TYR C 1042 -54.62 -35.38 -26.56
C TYR C 1042 -55.61 -36.52 -26.54
N THR C 1043 -55.82 -37.15 -27.70
CA THR C 1043 -56.73 -38.28 -27.81
C THR C 1043 -56.06 -39.38 -28.63
N ALA C 1044 -56.37 -40.63 -28.30
CA ALA C 1044 -55.79 -41.77 -29.01
C ALA C 1044 -56.68 -42.98 -28.79
N ASP C 1045 -57.12 -43.59 -29.90
CA ASP C 1045 -57.93 -44.81 -29.86
C ASP C 1045 -57.01 -45.97 -30.23
N ASN C 1046 -56.31 -46.51 -29.24
CA ASN C 1046 -55.32 -47.56 -29.48
C ASN C 1046 -56.05 -48.90 -29.49
N ARG C 1047 -56.23 -49.46 -30.69
CA ARG C 1047 -56.84 -50.77 -30.85
C ARG C 1047 -55.73 -51.78 -31.13
N VAL C 1048 -55.19 -52.32 -30.04
CA VAL C 1048 -54.11 -53.30 -30.11
C VAL C 1048 -54.73 -54.69 -29.96
N ALA C 1049 -53.97 -55.73 -30.30
CA ALA C 1049 -54.49 -57.09 -30.30
C ALA C 1049 -54.96 -57.54 -28.93
N ALA C 1050 -54.82 -56.72 -27.88
CA ALA C 1050 -55.27 -57.09 -26.54
C ALA C 1050 -56.34 -56.14 -26.00
N GLY C 1051 -56.78 -55.17 -26.79
CA GLY C 1051 -57.80 -54.24 -26.33
C GLY C 1051 -58.05 -53.17 -27.37
N ASN C 1052 -59.00 -52.29 -27.04
CA ASN C 1052 -59.38 -51.18 -27.90
C ASN C 1052 -59.50 -49.91 -27.07
N TYR C 1053 -58.45 -49.61 -26.30
CA TYR C 1053 -58.58 -48.63 -25.24
C TYR C 1053 -58.36 -47.21 -25.73
N ASN C 1054 -59.00 -46.27 -25.05
CA ASN C 1054 -58.86 -44.85 -25.32
C ASN C 1054 -57.90 -44.24 -24.31
N ALA C 1055 -56.88 -43.54 -24.80
CA ALA C 1055 -55.87 -42.92 -23.95
C ALA C 1055 -55.83 -41.43 -24.29
N ASN C 1056 -56.45 -40.61 -23.46
CA ASN C 1056 -56.48 -39.17 -23.68
C ASN C 1056 -55.90 -38.44 -22.48
N ALA C 1057 -55.57 -37.18 -22.69
CA ALA C 1057 -54.98 -36.35 -21.65
C ALA C 1057 -55.39 -34.91 -21.88
N THR C 1058 -55.45 -34.14 -20.79
CA THR C 1058 -55.81 -32.72 -20.85
C THR C 1058 -54.95 -31.97 -19.85
N LYS C 1059 -54.13 -31.06 -20.34
CA LYS C 1059 -53.27 -30.24 -19.51
C LYS C 1059 -53.68 -28.78 -19.65
N TYR C 1060 -53.62 -28.04 -18.54
CA TYR C 1060 -53.94 -26.63 -18.56
C TYR C 1060 -53.14 -25.91 -17.48
N GLY C 1061 -53.01 -24.61 -17.65
CA GLY C 1061 -52.31 -23.80 -16.68
C GLY C 1061 -52.37 -22.32 -17.00
N ALA C 1062 -52.69 -21.51 -15.99
CA ALA C 1062 -52.79 -20.07 -16.14
C ALA C 1062 -52.04 -19.41 -14.99
N GLY C 1063 -51.63 -18.16 -15.21
CA GLY C 1063 -50.90 -17.43 -14.19
C GLY C 1063 -50.74 -15.96 -14.52
N VAL C 1064 -50.93 -15.11 -13.52
CA VAL C 1064 -50.82 -13.66 -13.70
C VAL C 1064 -49.81 -13.13 -12.69
N VAL C 1065 -48.92 -12.27 -13.15
CA VAL C 1065 -47.91 -11.65 -12.30
C VAL C 1065 -48.17 -10.16 -12.27
N LEU C 1066 -48.36 -9.61 -11.07
CA LEU C 1066 -48.52 -8.17 -10.88
C LEU C 1066 -47.16 -7.59 -10.52
N ASN C 1067 -46.57 -6.84 -11.45
CA ASN C 1067 -45.23 -6.31 -11.24
C ASN C 1067 -45.20 -5.08 -10.36
N ASP C 1068 -46.32 -4.38 -10.21
CA ASP C 1068 -46.44 -3.22 -9.33
C ASP C 1068 -47.63 -3.46 -8.42
N PHE C 1069 -47.38 -3.72 -7.14
CA PHE C 1069 -48.42 -4.10 -6.19
C PHE C 1069 -48.28 -3.25 -4.93
N LEU C 1070 -49.09 -2.21 -4.82
CA LEU C 1070 -49.15 -1.38 -3.62
C LEU C 1070 -47.80 -0.75 -3.29
N LEU C 1071 -47.07 -1.33 -2.36
CA LEU C 1071 -45.82 -0.74 -1.91
C LEU C 1071 -44.76 -0.87 -3.00
N PRO C 1072 -43.78 0.04 -3.02
CA PRO C 1072 -42.75 -0.03 -4.06
C PRO C 1072 -41.93 -1.31 -3.99
N GLN C 1073 -41.54 -1.81 -5.15
CA GLN C 1073 -40.75 -3.02 -5.27
C GLN C 1073 -41.45 -4.21 -4.62
N THR C 1074 -42.77 -4.27 -4.78
CA THR C 1074 -43.58 -5.38 -4.28
C THR C 1074 -44.23 -6.09 -5.46
N LYS C 1075 -44.12 -7.40 -5.49
CA LYS C 1075 -44.63 -8.21 -6.58
C LYS C 1075 -45.43 -9.38 -6.04
N ILE C 1076 -46.48 -9.75 -6.77
CA ILE C 1076 -47.31 -10.89 -6.45
C ILE C 1076 -47.48 -11.73 -7.71
N GLY C 1077 -47.69 -13.03 -7.51
CA GLY C 1077 -47.86 -13.94 -8.62
C GLY C 1077 -48.53 -15.23 -8.23
N VAL C 1078 -49.46 -15.70 -9.07
CA VAL C 1078 -50.19 -16.93 -8.80
C VAL C 1078 -50.29 -17.73 -10.09
N ARG C 1079 -50.10 -19.05 -9.97
CA ARG C 1079 -50.20 -19.95 -11.12
C ARG C 1079 -50.93 -21.20 -10.70
N TYR C 1080 -51.98 -21.55 -11.44
CA TYR C 1080 -52.74 -22.77 -11.21
C TYR C 1080 -52.53 -23.72 -12.38
N ASP C 1081 -52.11 -24.95 -12.09
CA ASP C 1081 -51.82 -25.93 -13.13
C ASP C 1081 -52.70 -27.15 -12.93
N GLY C 1082 -52.87 -27.92 -13.99
CA GLY C 1082 -53.67 -29.13 -13.94
C GLY C 1082 -53.40 -30.10 -15.06
N TYR C 1083 -53.54 -31.39 -14.78
CA TYR C 1083 -53.25 -32.44 -15.75
C TYR C 1083 -54.12 -33.64 -15.42
N MET C 1084 -55.07 -33.94 -16.30
CA MET C 1084 -55.90 -35.13 -16.19
C MET C 1084 -55.51 -36.11 -17.29
N ALA C 1085 -55.57 -37.40 -16.97
CA ALA C 1085 -55.13 -38.41 -17.92
C ALA C 1085 -55.96 -39.68 -17.76
N GLN C 1086 -56.47 -40.18 -18.88
CA GLN C 1086 -56.99 -41.54 -18.97
C GLN C 1086 -55.79 -42.47 -19.15
N ASN C 1087 -55.98 -43.64 -19.75
CA ASN C 1087 -54.99 -44.69 -19.59
C ASN C 1087 -53.66 -44.29 -20.20
N ARG C 1088 -52.93 -43.43 -19.48
CA ARG C 1088 -51.58 -43.03 -19.83
C ARG C 1088 -50.68 -43.26 -18.62
N GLN C 1089 -49.38 -43.25 -18.87
CA GLN C 1089 -48.39 -43.55 -17.83
C GLN C 1089 -47.12 -42.75 -18.09
N TYR C 1090 -46.26 -42.70 -17.08
CA TYR C 1090 -44.95 -42.10 -17.20
C TYR C 1090 -43.89 -43.16 -16.92
N THR C 1091 -42.90 -43.26 -17.80
CA THR C 1091 -41.78 -44.16 -17.62
C THR C 1091 -40.55 -43.36 -17.24
N PRO C 1092 -40.03 -43.50 -16.02
CA PRO C 1092 -38.88 -42.69 -15.60
C PRO C 1092 -37.61 -42.99 -16.38
N PHE C 1093 -36.55 -42.24 -16.10
CA PHE C 1093 -35.28 -42.47 -16.76
C PHE C 1093 -34.73 -43.84 -16.40
N ASP C 1094 -34.01 -44.46 -17.34
CA ASP C 1094 -33.51 -45.81 -17.17
C ASP C 1094 -32.15 -45.88 -16.52
N GLY C 1095 -31.59 -44.75 -16.10
CA GLY C 1095 -30.25 -44.72 -15.54
C GLY C 1095 -29.16 -44.61 -16.59
N ASP C 1096 -29.49 -44.80 -17.85
CA ASP C 1096 -28.61 -44.57 -18.98
C ASP C 1096 -28.97 -43.24 -19.63
N GLY C 1097 -28.39 -42.96 -20.79
CA GLY C 1097 -28.68 -41.71 -21.46
C GLY C 1097 -30.14 -41.49 -21.75
N THR C 1098 -30.94 -42.54 -21.77
CA THR C 1098 -32.36 -42.41 -22.08
C THR C 1098 -33.11 -41.70 -20.96
N GLN C 1099 -34.06 -40.85 -21.33
CA GLN C 1099 -34.85 -40.09 -20.39
C GLN C 1099 -36.24 -40.71 -20.25
N GLY C 1100 -37.00 -40.21 -19.28
CA GLY C 1100 -38.36 -40.66 -19.09
C GLY C 1100 -39.33 -40.02 -20.08
N TYR C 1101 -40.50 -40.63 -20.22
CA TYR C 1101 -41.45 -40.15 -21.21
C TYR C 1101 -42.86 -40.57 -20.83
N PHE C 1102 -43.84 -39.83 -21.32
CA PHE C 1102 -45.23 -40.18 -21.15
C PHE C 1102 -45.69 -41.02 -22.33
N SER C 1103 -46.36 -42.14 -22.02
CA SER C 1103 -46.80 -43.08 -23.02
C SER C 1103 -48.22 -43.51 -22.71
N ASP C 1104 -48.79 -44.31 -23.61
CA ASP C 1104 -50.11 -44.89 -23.43
C ASP C 1104 -49.99 -46.29 -22.87
N ALA C 1105 -50.74 -46.57 -21.81
CA ALA C 1105 -50.84 -47.90 -21.24
C ALA C 1105 -52.31 -48.21 -21.00
N ASN C 1106 -52.65 -49.49 -20.94
CA ASN C 1106 -54.04 -49.91 -20.76
C ASN C 1106 -54.45 -49.96 -19.30
N ASN C 1107 -53.63 -49.42 -18.41
CA ASN C 1107 -54.01 -49.30 -17.00
C ASN C 1107 -55.34 -48.58 -16.89
N ASN C 1108 -56.37 -49.25 -16.38
CA ASN C 1108 -57.66 -48.60 -16.26
C ASN C 1108 -57.64 -47.60 -15.12
N ARG C 1109 -56.89 -46.51 -15.30
CA ARG C 1109 -56.72 -45.53 -14.23
C ARG C 1109 -56.72 -44.12 -14.81
N ARG C 1110 -57.28 -43.21 -14.02
CA ARG C 1110 -57.42 -41.80 -14.39
C ARG C 1110 -56.64 -40.99 -13.35
N THR C 1111 -55.67 -40.22 -13.82
CA THR C 1111 -54.86 -39.37 -12.94
C THR C 1111 -55.34 -37.93 -13.02
N ASN C 1112 -55.27 -37.23 -11.89
CA ASN C 1112 -55.85 -35.89 -11.75
C ASN C 1112 -54.90 -34.94 -11.04
N LEU C 1113 -53.65 -34.85 -11.51
CA LEU C 1113 -52.68 -33.97 -10.86
C LEU C 1113 -53.14 -32.52 -10.94
N ASN C 1114 -53.11 -31.82 -9.80
CA ASN C 1114 -53.57 -30.45 -9.70
C ASN C 1114 -52.67 -29.70 -8.73
N GLY C 1115 -52.67 -28.38 -8.83
CA GLY C 1115 -51.89 -27.58 -7.91
C GLY C 1115 -52.00 -26.09 -8.13
N VAL C 1116 -51.75 -25.34 -7.06
CA VAL C 1116 -51.73 -23.88 -7.07
C VAL C 1116 -50.44 -23.41 -6.40
N TYR C 1117 -49.84 -22.37 -6.98
CA TYR C 1117 -48.53 -21.88 -6.56
C TYR C 1117 -48.58 -20.36 -6.52
N VAL C 1118 -48.49 -19.80 -5.31
CA VAL C 1118 -48.56 -18.36 -5.10
C VAL C 1118 -47.17 -17.88 -4.67
N GLU C 1119 -46.60 -16.95 -5.42
CA GLU C 1119 -45.29 -16.40 -5.10
C GLU C 1119 -45.40 -14.89 -5.00
N GLY C 1120 -45.24 -14.37 -3.79
CA GLY C 1120 -45.19 -12.94 -3.57
C GLY C 1120 -43.78 -12.51 -3.24
N ALA C 1121 -43.47 -11.23 -3.43
CA ALA C 1121 -42.16 -10.73 -3.10
C ALA C 1121 -42.26 -9.30 -2.62
N TYR C 1122 -41.74 -9.05 -1.42
CA TYR C 1122 -41.52 -7.69 -0.97
C TYR C 1122 -40.15 -7.34 -1.55
N GLN C 1123 -39.49 -6.27 -1.08
CA GLN C 1123 -38.34 -5.73 -1.79
C GLN C 1123 -37.46 -6.84 -2.39
N ASP C 1124 -36.90 -7.69 -1.55
CA ASP C 1124 -36.12 -8.83 -2.04
C ASP C 1124 -36.39 -10.11 -1.25
N LEU C 1125 -37.40 -10.13 -0.38
CA LEU C 1125 -37.77 -11.31 0.38
C LEU C 1125 -38.92 -12.00 -0.35
N ILE C 1126 -38.72 -13.27 -0.68
CA ILE C 1126 -39.65 -14.00 -1.54
C ILE C 1126 -40.42 -15.00 -0.70
N PHE C 1127 -41.75 -14.87 -0.70
CA PHE C 1127 -42.64 -15.82 -0.05
C PHE C 1127 -43.23 -16.74 -1.12
N SER C 1128 -42.96 -18.03 -1.01
CA SER C 1128 -43.46 -19.01 -1.97
C SER C 1128 -44.35 -20.01 -1.24
N TYR C 1129 -45.55 -20.23 -1.77
CA TYR C 1129 -46.50 -21.16 -1.18
C TYR C 1129 -47.04 -22.05 -2.29
N GLY C 1130 -47.19 -23.34 -2.00
CA GLY C 1130 -47.67 -24.26 -3.01
C GLY C 1130 -48.46 -25.43 -2.44
N THR C 1131 -49.65 -25.67 -3.00
CA THR C 1131 -50.48 -26.81 -2.58
C THR C 1131 -50.87 -27.61 -3.81
N TYR C 1132 -50.57 -28.91 -3.78
CA TYR C 1132 -50.79 -29.79 -4.91
C TYR C 1132 -51.47 -31.08 -4.44
N THR C 1133 -52.23 -31.67 -5.35
CA THR C 1133 -52.99 -32.89 -5.07
C THR C 1133 -52.87 -33.85 -6.25
N LEU C 1134 -52.57 -35.11 -5.95
CA LEU C 1134 -52.44 -36.15 -6.96
C LEU C 1134 -53.38 -37.30 -6.60
N SER C 1135 -54.38 -37.53 -7.45
CA SER C 1135 -55.34 -38.59 -7.24
C SER C 1135 -55.41 -39.47 -8.48
N GLN C 1136 -55.19 -40.78 -8.30
CA GLN C 1136 -55.27 -41.75 -9.38
C GLN C 1136 -56.39 -42.73 -9.04
N LYS C 1137 -57.52 -42.61 -9.71
CA LYS C 1137 -58.64 -43.51 -9.52
C LYS C 1137 -58.62 -44.61 -10.58
N ASP C 1138 -59.42 -45.64 -10.36
CA ASP C 1138 -59.70 -46.63 -11.38
C ASP C 1138 -61.07 -46.36 -11.97
N LEU C 1139 -61.55 -47.27 -12.82
CA LEU C 1139 -62.89 -47.10 -13.38
C LEU C 1139 -63.94 -47.08 -12.30
N ASN C 1140 -63.82 -47.95 -11.30
CA ASN C 1140 -64.77 -47.96 -10.20
C ASN C 1140 -64.69 -46.67 -9.39
N GLY C 1141 -63.49 -46.15 -9.17
CA GLY C 1141 -63.31 -44.95 -8.37
C GLY C 1141 -62.69 -45.23 -7.02
N VAL C 1142 -61.72 -46.14 -6.98
CA VAL C 1142 -61.14 -46.56 -5.70
C VAL C 1142 -60.16 -45.54 -5.14
N GLU C 1143 -59.63 -44.63 -5.96
CA GLU C 1143 -58.74 -43.57 -5.48
C GLU C 1143 -57.51 -44.15 -4.79
N TYR C 1144 -56.69 -44.82 -5.61
CA TYR C 1144 -55.50 -45.49 -5.11
C TYR C 1144 -54.40 -44.53 -4.66
N GLY C 1145 -54.51 -43.24 -4.96
CA GLY C 1145 -53.50 -42.31 -4.49
C GLY C 1145 -53.36 -42.35 -2.98
N SER C 1146 -52.16 -42.04 -2.49
CA SER C 1146 -51.88 -42.17 -1.06
C SER C 1146 -52.12 -43.62 -0.62
N GLY C 1147 -51.23 -44.49 -1.10
CA GLY C 1147 -51.52 -45.90 -1.23
C GLY C 1147 -51.62 -46.68 0.07
N ILE C 1148 -51.98 -46.00 1.16
CA ILE C 1148 -52.31 -46.70 2.39
C ILE C 1148 -53.74 -47.21 2.29
N ASN C 1149 -54.37 -47.00 1.13
CA ASN C 1149 -55.68 -47.55 0.82
C ASN C 1149 -56.76 -47.03 1.78
N ASN C 1150 -56.87 -45.70 1.84
CA ASN C 1150 -57.89 -45.04 2.64
C ASN C 1150 -58.76 -44.11 1.80
N GLY C 1151 -58.69 -44.23 0.48
CA GLY C 1151 -59.52 -43.41 -0.40
C GLY C 1151 -59.22 -41.93 -0.35
N GLN C 1152 -57.96 -41.55 -0.16
CA GLN C 1152 -57.57 -40.15 -0.12
C GLN C 1152 -56.44 -39.90 -1.12
N PRO C 1153 -56.46 -38.76 -1.80
CA PRO C 1153 -55.36 -38.45 -2.72
C PRO C 1153 -54.08 -38.15 -1.98
N ALA C 1154 -52.97 -38.24 -2.70
CA ALA C 1154 -51.71 -37.75 -2.19
C ALA C 1154 -51.72 -36.22 -2.21
N ARG C 1155 -51.16 -35.61 -1.18
CA ARG C 1155 -51.19 -34.17 -1.05
C ARG C 1155 -49.81 -33.65 -0.69
N GLY C 1156 -49.50 -32.46 -1.19
CA GLY C 1156 -48.22 -31.84 -0.90
C GLY C 1156 -48.35 -30.34 -0.70
N GLN C 1157 -47.77 -29.83 0.37
CA GLN C 1157 -47.83 -28.41 0.65
C GLN C 1157 -46.43 -27.93 1.04
N THR C 1158 -46.07 -26.74 0.56
CA THR C 1158 -44.77 -26.17 0.86
C THR C 1158 -44.90 -24.67 1.08
N PHE C 1159 -44.10 -24.16 2.01
CA PHE C 1159 -43.99 -22.73 2.26
C PHE C 1159 -42.52 -22.38 2.47
N LYS C 1160 -42.04 -21.39 1.74
CA LYS C 1160 -40.65 -20.97 1.81
C LYS C 1160 -40.56 -19.46 1.90
N ILE C 1161 -39.59 -18.98 2.66
CA ILE C 1161 -39.18 -17.59 2.66
C ILE C 1161 -37.71 -17.56 2.27
N SER C 1162 -37.41 -16.89 1.16
CA SER C 1162 -36.07 -16.86 0.59
C SER C 1162 -35.53 -15.44 0.62
N TYR C 1163 -34.24 -15.32 0.93
CA TYR C 1163 -33.59 -14.01 1.04
C TYR C 1163 -32.12 -14.21 0.68
N LYS C 1164 -31.72 -13.68 -0.48
CA LYS C 1164 -30.33 -13.76 -0.93
C LYS C 1164 -29.58 -12.51 -0.48
N VAL C 1165 -28.46 -12.71 0.21
CA VAL C 1165 -27.65 -11.62 0.73
C VAL C 1165 -26.21 -11.83 0.32
N ASN C 1166 -25.49 -10.73 0.13
CA ASN C 1166 -24.10 -10.75 -0.30
C ASN C 1166 -23.27 -9.84 0.60
N PHE C 1167 -22.00 -10.20 0.76
CA PHE C 1167 -21.09 -9.39 1.56
C PHE C 1167 -20.42 -8.33 0.71
N GLY D 20 15.98 9.60 36.09
CA GLY D 20 16.46 9.29 37.45
C GLY D 20 17.04 10.50 38.14
N PRO D 21 18.26 10.43 38.74
CA PRO D 21 18.84 11.56 39.47
C PRO D 21 18.96 12.80 38.59
N THR D 22 19.12 12.60 37.29
CA THR D 22 19.27 13.75 36.34
C THR D 22 18.11 13.75 35.35
N GLU D 23 17.53 14.92 35.07
CA GLU D 23 16.43 15.02 34.07
C GLU D 23 16.87 15.85 32.87
N GLY D 24 15.92 16.50 32.19
CA GLY D 24 16.20 17.31 30.97
C GLY D 24 14.92 17.42 30.16
N THR D 25 14.64 18.61 29.59
CA THR D 25 13.42 18.82 28.75
C THR D 25 13.79 19.77 27.62
N TYR D 26 13.62 19.36 26.36
CA TYR D 26 14.04 20.21 25.21
C TYR D 26 12.88 20.31 24.22
N THR D 27 12.48 21.52 23.84
CA THR D 27 11.40 21.71 22.82
C THR D 27 12.02 21.52 21.43
N LEU D 28 11.22 21.12 20.44
CA LEU D 28 11.84 20.79 19.11
C LEU D 28 11.96 21.99 18.17
N ALA D 29 12.89 21.92 17.21
CA ALA D 29 13.04 22.98 16.18
C ALA D 29 13.12 22.26 14.83
N PRO D 30 12.28 22.54 13.80
CA PRO D 30 12.32 21.77 12.55
C PRO D 30 13.43 22.12 11.55
N GLN D 31 14.67 22.30 12.01
CA GLN D 31 15.84 22.58 11.12
C GLN D 31 15.57 23.78 10.20
N ALA D 32 16.24 23.82 9.04
CA ALA D 32 15.97 24.90 8.05
C ALA D 32 15.56 24.21 6.74
N VAL D 33 16.34 23.21 6.31
CA VAL D 33 15.99 22.44 5.08
C VAL D 33 16.12 20.94 5.40
N VAL D 34 15.14 20.14 5.00
CA VAL D 34 15.24 18.65 5.19
C VAL D 34 15.52 18.03 3.82
N LYS D 35 16.52 17.15 3.73
CA LYS D 35 16.90 16.61 2.39
C LYS D 35 16.56 15.12 2.31
N PRO D 36 15.88 14.63 1.24
CA PRO D 36 15.62 13.20 1.09
C PRO D 36 16.90 12.40 0.79
N ALA D 37 16.97 11.16 1.26
CA ALA D 37 18.17 10.31 1.03
C ALA D 37 17.78 9.07 0.21
N GLY D 38 18.50 7.95 0.38
CA GLY D 38 18.23 6.74 -0.41
C GLY D 38 18.60 6.84 -1.87
N PRO D 39 18.00 6.00 -2.74
CA PRO D 39 18.29 6.02 -4.18
C PRO D 39 18.06 7.34 -4.91
N VAL D 40 18.85 7.59 -5.97
CA VAL D 40 18.66 8.81 -6.80
C VAL D 40 18.09 8.36 -8.16
N TYR D 41 16.98 8.96 -8.59
CA TYR D 41 16.34 8.54 -9.85
C TYR D 41 17.21 8.98 -11.04
N ALA D 42 18.23 8.17 -11.36
CA ALA D 42 19.08 8.48 -12.53
C ALA D 42 18.95 7.33 -13.54
N PRO D 43 17.87 7.17 -14.36
CA PRO D 43 17.77 6.01 -15.22
C PRO D 43 18.95 5.77 -16.18
N ALA D 44 19.54 4.57 -16.10
CA ALA D 44 20.64 4.16 -17.03
C ALA D 44 20.23 2.79 -17.56
N GLY D 45 21.04 2.20 -18.43
CA GLY D 45 20.65 0.85 -18.87
C GLY D 45 21.74 0.12 -19.62
N THR D 46 21.48 -1.16 -19.90
CA THR D 46 22.47 -2.01 -20.63
C THR D 46 21.74 -3.14 -21.35
N ALA D 47 21.29 -2.90 -22.59
CA ALA D 47 20.56 -3.93 -23.38
C ALA D 47 21.55 -4.95 -23.94
N LYS D 48 21.18 -6.23 -24.05
CA LYS D 48 22.07 -7.27 -24.63
C LYS D 48 21.24 -8.35 -25.33
N ILE D 49 21.10 -8.25 -26.66
CA ILE D 49 20.32 -9.25 -27.45
C ILE D 49 21.25 -10.40 -27.82
N SER D 50 20.68 -11.59 -28.02
CA SER D 50 21.44 -12.79 -28.52
C SER D 50 20.46 -13.66 -29.33
N GLU D 51 20.33 -13.39 -30.64
CA GLU D 51 19.29 -14.08 -31.47
C GLU D 51 19.75 -15.46 -31.92
N THR D 52 19.21 -16.52 -31.30
CA THR D 52 19.55 -17.92 -31.69
C THR D 52 18.65 -18.37 -32.84
N LEU D 53 18.55 -19.69 -33.07
CA LEU D 53 17.76 -20.22 -34.21
C LEU D 53 16.29 -19.84 -34.06
N GLY D 54 15.83 -18.84 -34.83
CA GLY D 54 14.42 -18.41 -34.79
C GLY D 54 13.95 -18.08 -33.37
N VAL D 55 14.83 -17.49 -32.55
CA VAL D 55 14.47 -17.11 -31.15
C VAL D 55 15.42 -15.98 -30.73
N THR D 56 15.01 -15.13 -29.78
CA THR D 56 15.84 -13.97 -29.38
C THR D 56 15.75 -13.78 -27.87
N ARG D 57 16.90 -13.81 -27.18
CA ARG D 57 16.90 -13.59 -25.71
C ARG D 57 17.37 -12.14 -25.48
N THR D 58 16.81 -11.45 -24.50
CA THR D 58 17.13 -10.01 -24.28
C THR D 58 17.28 -9.72 -22.79
N THR D 59 18.52 -9.61 -22.30
CA THR D 59 18.79 -9.34 -20.87
C THR D 59 19.21 -7.89 -20.71
N ILE D 60 18.31 -7.05 -20.16
CA ILE D 60 18.53 -5.58 -20.01
C ILE D 60 18.65 -5.22 -18.53
N THR D 61 19.83 -4.62 -18.17
CA THR D 61 20.10 -4.28 -16.74
C THR D 61 20.00 -2.76 -16.54
N LEU D 62 18.89 -2.37 -15.75
CA LEU D 62 18.61 -0.94 -15.51
C LEU D 62 19.02 -0.60 -14.09
N THR D 63 20.03 0.37 -13.94
CA THR D 63 20.42 0.74 -12.57
C THR D 63 20.05 2.20 -12.36
N GLY D 64 19.77 2.57 -11.11
CA GLY D 64 19.45 3.97 -10.79
C GLY D 64 18.00 4.25 -11.03
N MET D 65 17.15 3.23 -10.94
CA MET D 65 15.71 3.37 -11.29
C MET D 65 14.93 3.74 -10.02
N ALA D 66 13.61 3.52 -10.03
CA ALA D 66 12.74 3.86 -8.87
C ALA D 66 12.77 2.72 -7.87
N PRO D 67 13.00 2.95 -6.57
CA PRO D 67 13.20 1.86 -5.61
C PRO D 67 12.40 0.56 -5.76
N TYR D 68 11.07 0.53 -5.66
CA TYR D 68 10.38 -0.78 -5.83
C TYR D 68 9.31 -0.68 -6.90
N ALA D 69 9.68 -0.28 -8.11
CA ALA D 69 8.69 -0.07 -9.20
C ALA D 69 8.69 -1.22 -10.20
N ILE D 70 7.57 -1.23 -11.04
CA ILE D 70 7.43 -2.27 -12.12
C ILE D 70 8.05 -1.72 -13.41
N TYR D 71 8.78 -2.61 -14.19
CA TYR D 71 9.40 -2.06 -15.43
C TYR D 71 9.07 -2.92 -16.64
N VAL D 72 7.92 -2.67 -17.28
CA VAL D 72 7.49 -3.41 -18.50
C VAL D 72 8.32 -2.92 -19.69
N ALA D 73 8.85 -3.83 -20.50
CA ALA D 73 9.72 -3.46 -21.63
C ALA D 73 9.29 -4.20 -22.89
N HIS D 74 9.22 -3.50 -24.02
CA HIS D 74 8.79 -4.14 -25.29
C HIS D 74 9.69 -3.72 -26.44
N TYR D 75 9.42 -4.27 -27.62
CA TYR D 75 10.17 -3.91 -28.83
C TYR D 75 9.15 -3.16 -29.68
N HIS D 76 9.33 -1.85 -29.80
CA HIS D 76 8.34 -1.03 -30.56
C HIS D 76 8.80 -0.92 -32.02
N LYS D 77 7.85 -1.03 -32.96
CA LYS D 77 8.18 -0.95 -34.39
C LYS D 77 8.33 0.51 -34.80
N MET D 78 8.99 0.76 -35.94
CA MET D 78 9.19 2.13 -36.47
C MET D 78 7.83 2.63 -36.98
N GLY D 79 7.54 3.92 -36.79
CA GLY D 79 6.25 4.50 -37.22
C GLY D 79 5.64 5.37 -36.14
N SER D 142 11.42 6.45 -30.46
CA SER D 142 10.54 7.33 -31.29
C SER D 142 9.08 6.93 -31.10
N ASP D 143 8.28 6.98 -32.17
CA ASP D 143 6.86 6.56 -32.09
C ASP D 143 6.71 5.23 -32.84
N GLY D 144 5.65 4.49 -32.48
CA GLY D 144 5.25 3.29 -33.26
C GLY D 144 4.74 2.16 -32.41
N PRO D 145 4.14 1.10 -33.01
CA PRO D 145 3.42 0.09 -32.22
C PRO D 145 4.31 -0.92 -31.49
N ALA D 146 3.96 -1.26 -30.25
CA ALA D 146 4.73 -2.25 -29.46
C ALA D 146 4.49 -3.67 -29.95
N ILE D 147 5.55 -4.44 -30.19
CA ILE D 147 5.34 -5.88 -30.46
C ILE D 147 4.96 -6.39 -29.08
N MET D 148 3.69 -6.67 -28.84
CA MET D 148 3.26 -6.98 -27.46
C MET D 148 3.78 -8.35 -27.05
N GLU D 149 4.16 -9.17 -28.02
CA GLU D 149 4.59 -10.56 -27.72
C GLU D 149 6.07 -10.56 -27.37
N SER D 150 6.58 -9.44 -26.88
CA SER D 150 8.00 -9.31 -26.48
C SER D 150 8.05 -8.64 -25.11
N ARG D 151 6.95 -8.65 -24.36
CA ARG D 151 6.90 -7.95 -23.06
C ARG D 151 7.85 -8.60 -22.06
N MET D 152 8.60 -7.80 -21.29
CA MET D 152 9.43 -8.34 -20.21
C MET D 152 9.08 -7.52 -18.97
N ILE D 153 8.79 -8.16 -17.84
CA ILE D 153 8.35 -7.39 -16.65
C ILE D 153 9.22 -7.74 -15.45
N ALA D 154 9.50 -6.78 -14.56
CA ALA D 154 10.26 -7.09 -13.32
C ALA D 154 10.14 -5.95 -12.30
N GLN D 155 10.63 -6.16 -11.07
CA GLN D 155 10.61 -5.09 -10.04
C GLN D 155 12.04 -4.57 -9.82
N ALA D 156 12.19 -3.36 -9.27
CA ALA D 156 13.54 -2.76 -9.18
C ALA D 156 14.18 -2.91 -7.80
N SER D 157 13.99 -4.05 -7.11
CA SER D 157 14.66 -4.28 -5.80
C SER D 157 14.32 -3.17 -4.81
N ALA D 158 15.32 -2.46 -4.27
CA ALA D 158 15.06 -1.41 -3.25
C ALA D 158 16.00 -0.22 -3.45
N ASP D 159 16.93 -0.37 -4.40
CA ASP D 159 17.88 0.71 -4.73
C ASP D 159 17.62 1.10 -6.20
N GLY D 160 16.72 0.38 -6.87
CA GLY D 160 16.43 0.82 -8.24
C GLY D 160 17.18 0.00 -9.24
N LYS D 161 17.39 -1.28 -8.93
CA LYS D 161 18.12 -2.19 -9.84
C LYS D 161 17.12 -3.18 -10.40
N VAL D 162 16.72 -3.13 -11.59
CA VAL D 162 15.75 -4.09 -12.19
C VAL D 162 16.44 -4.81 -13.35
N THR D 163 16.28 -6.05 -13.51
CA THR D 163 16.85 -6.87 -14.61
C THR D 163 15.71 -7.48 -15.44
N LEU D 164 15.66 -7.15 -16.74
CA LEU D 164 14.57 -7.65 -17.63
C LEU D 164 15.11 -8.73 -18.57
N THR D 165 14.54 -9.94 -18.51
CA THR D 165 14.95 -11.03 -19.43
C THR D 165 13.71 -11.48 -20.24
N GLY D 166 13.91 -12.04 -21.43
CA GLY D 166 12.78 -12.44 -22.27
C GLY D 166 13.20 -13.34 -23.40
N ILE D 167 12.26 -13.92 -24.13
CA ILE D 167 12.58 -14.85 -25.26
C ILE D 167 11.47 -14.71 -26.31
N VAL D 168 11.82 -14.29 -27.53
CA VAL D 168 10.77 -14.04 -28.58
C VAL D 168 11.27 -14.55 -29.93
N PRO D 169 10.47 -15.27 -30.78
CA PRO D 169 10.97 -15.67 -32.09
C PRO D 169 11.50 -14.45 -32.88
N THR D 170 12.59 -14.62 -33.63
CA THR D 170 13.20 -13.49 -34.38
C THR D 170 12.34 -13.13 -35.58
N ALA D 171 11.36 -13.96 -35.90
CA ALA D 171 10.42 -13.63 -36.99
C ALA D 171 9.45 -12.55 -36.53
N LEU D 172 8.95 -12.52 -35.40
CA LEU D 172 7.96 -11.50 -34.94
C LEU D 172 8.63 -10.13 -34.78
N ILE D 173 9.87 -10.11 -34.28
CA ILE D 173 10.56 -8.81 -34.02
C ILE D 173 11.42 -8.44 -35.23
N ARG D 174 10.97 -8.76 -36.44
CA ARG D 174 11.79 -8.51 -37.65
C ARG D 174 11.69 -7.03 -38.02
N ASP D 175 10.71 -6.33 -37.46
CA ASP D 175 10.49 -4.90 -37.81
C ASP D 175 10.63 -4.02 -36.56
N ALA D 176 11.15 -4.59 -35.46
CA ALA D 176 11.38 -3.78 -34.24
C ALA D 176 12.44 -2.74 -34.57
N ALA D 177 12.26 -1.51 -34.10
CA ALA D 177 13.23 -0.45 -34.41
C ALA D 177 13.84 0.02 -33.10
N TYR D 178 13.15 -0.26 -31.99
CA TYR D 178 13.63 0.28 -30.69
C TYR D 178 13.10 -0.61 -29.57
N ILE D 179 13.81 -0.67 -28.45
CA ILE D 179 13.33 -1.44 -27.25
C ILE D 179 12.94 -0.40 -26.20
N ASN D 180 11.67 -0.07 -26.09
CA ASN D 180 11.21 0.98 -25.14
C ASN D 180 10.91 0.39 -23.77
N VAL D 181 11.55 0.92 -22.72
CA VAL D 181 11.28 0.46 -21.32
C VAL D 181 10.25 1.43 -20.76
N HIS D 182 9.17 0.90 -20.19
CA HIS D 182 8.10 1.77 -19.61
C HIS D 182 7.97 1.41 -18.14
N HIS D 183 7.11 2.12 -17.40
CA HIS D 183 6.85 1.75 -16.00
C HIS D 183 5.61 0.88 -16.04
N GLY D 184 5.33 0.10 -15.00
CA GLY D 184 4.10 -0.71 -15.04
C GLY D 184 3.05 -0.30 -14.01
N ARG D 185 1.78 -0.55 -14.30
CA ARG D 185 0.70 -0.27 -13.32
C ARG D 185 0.60 -1.48 -12.40
N ASP D 186 0.81 -2.71 -12.92
CA ASP D 186 0.62 -3.94 -12.07
C ASP D 186 1.46 -5.13 -12.58
N PHE D 187 1.44 -6.28 -11.87
CA PHE D 187 2.15 -7.50 -12.33
C PHE D 187 1.44 -8.05 -13.56
N SER D 188 2.11 -8.03 -14.72
CA SER D 188 1.50 -8.47 -16.02
C SER D 188 0.30 -7.57 -16.36
N GLY D 189 0.57 -6.38 -16.93
CA GLY D 189 -0.51 -5.43 -17.20
C GLY D 189 -0.13 -4.24 -18.04
N ALA D 190 -0.93 -3.16 -17.95
CA ALA D 190 -0.73 -1.99 -18.83
C ALA D 190 0.37 -1.06 -18.35
N LEU D 191 0.64 -0.02 -19.15
CA LEU D 191 1.76 0.89 -18.83
C LEU D 191 1.28 2.06 -17.98
N ALA D 192 2.20 2.68 -17.25
CA ALA D 192 1.86 3.87 -16.43
C ALA D 192 2.54 5.06 -17.09
N ASP D 193 3.47 4.78 -17.99
CA ASP D 193 4.24 5.85 -18.65
C ASP D 193 4.10 5.60 -20.14
N SER D 194 4.86 6.31 -20.95
CA SER D 194 4.87 6.03 -22.41
C SER D 194 6.32 5.93 -22.86
N GLY D 195 7.20 5.37 -22.02
CA GLY D 195 8.63 5.21 -22.36
C GLY D 195 9.52 6.04 -21.46
N VAL D 196 10.21 5.43 -20.50
CA VAL D 196 11.16 6.19 -19.64
C VAL D 196 12.56 6.17 -20.29
N ILE D 197 13.05 4.99 -20.67
CA ILE D 197 14.39 4.87 -21.30
C ILE D 197 14.25 4.03 -22.57
N CYS D 198 15.00 4.36 -23.63
CA CYS D 198 14.86 3.66 -24.94
C CYS D 198 16.23 3.53 -25.62
N THR D 199 16.50 2.39 -26.25
CA THR D 199 17.77 2.19 -27.00
C THR D 199 17.44 1.98 -28.49
N PRO D 200 18.12 2.58 -29.50
CA PRO D 200 17.78 2.30 -30.89
C PRO D 200 18.42 1.01 -31.43
N ILE D 201 17.65 0.20 -32.16
CA ILE D 201 18.19 -1.06 -32.76
C ILE D 201 18.02 -0.98 -34.28
N GLY E 20 28.34 -18.09 -31.38
CA GLY E 20 27.20 -18.84 -31.94
C GLY E 20 26.17 -17.90 -32.55
N PRO E 21 25.14 -17.47 -31.80
CA PRO E 21 24.12 -16.59 -32.34
C PRO E 21 24.62 -15.15 -32.37
N THR E 22 24.04 -14.33 -33.25
CA THR E 22 24.46 -12.90 -33.32
C THR E 22 24.12 -12.22 -31.99
N GLU E 23 25.08 -11.49 -31.41
CA GLU E 23 24.85 -10.81 -30.11
C GLU E 23 24.45 -9.35 -30.33
N GLY E 24 24.68 -8.49 -29.34
CA GLY E 24 24.29 -7.07 -29.41
C GLY E 24 24.46 -6.44 -28.03
N THR E 25 24.78 -5.29 -27.78
CA THR E 25 24.93 -4.72 -26.41
C THR E 25 24.87 -3.19 -26.47
N TYR E 26 23.68 -2.68 -26.83
CA TYR E 26 23.45 -1.21 -26.95
C TYR E 26 23.42 -0.57 -25.57
N THR E 27 24.00 0.63 -25.44
CA THR E 27 23.85 1.39 -24.17
C THR E 27 22.48 2.09 -24.23
N LEU E 28 21.83 2.32 -23.09
CA LEU E 28 20.46 2.91 -23.11
C LEU E 28 20.55 4.45 -23.07
N ALA E 29 19.43 5.14 -23.29
CA ALA E 29 19.45 6.63 -23.32
C ALA E 29 18.17 7.20 -22.67
N PRO E 30 18.17 8.03 -21.59
CA PRO E 30 16.89 8.55 -21.07
C PRO E 30 16.07 9.34 -22.09
N GLN E 31 14.75 9.15 -22.09
CA GLN E 31 13.86 9.94 -23.00
C GLN E 31 13.51 11.24 -22.28
N ALA E 32 13.24 12.32 -23.04
CA ALA E 32 12.93 13.63 -22.43
C ALA E 32 11.44 13.72 -22.09
N VAL E 33 10.51 13.59 -22.90
CA VAL E 33 9.10 13.87 -22.48
C VAL E 33 8.44 12.57 -22.01
N VAL E 34 8.80 12.10 -20.80
CA VAL E 34 8.17 10.87 -20.24
C VAL E 34 6.72 11.21 -19.85
N LYS E 35 5.85 11.38 -20.85
CA LYS E 35 4.44 11.79 -20.60
C LYS E 35 3.68 10.74 -19.79
N PRO E 36 2.76 11.14 -18.90
CA PRO E 36 1.92 10.22 -18.13
C PRO E 36 1.00 9.44 -19.08
N ALA E 37 0.67 8.21 -18.72
CA ALA E 37 -0.27 7.42 -19.55
C ALA E 37 -1.45 7.00 -18.68
N GLY E 38 -2.17 5.96 -19.08
CA GLY E 38 -3.24 5.42 -18.23
C GLY E 38 -4.47 6.30 -18.18
N PRO E 39 -5.46 6.16 -17.38
CA PRO E 39 -6.72 6.91 -17.48
C PRO E 39 -6.50 8.41 -17.17
N VAL E 40 -7.50 9.20 -17.16
CA VAL E 40 -7.42 10.69 -17.17
C VAL E 40 -8.37 11.27 -16.11
N TYR E 41 -7.91 12.28 -15.37
CA TYR E 41 -8.67 12.81 -14.22
C TYR E 41 -9.54 13.96 -14.71
N ALA E 42 -10.83 13.72 -14.92
CA ALA E 42 -11.77 14.80 -15.32
C ALA E 42 -13.10 14.59 -14.56
N PRO E 43 -13.28 14.91 -13.25
CA PRO E 43 -14.57 14.61 -12.60
C PRO E 43 -15.85 14.95 -13.37
N ALA E 44 -16.60 13.95 -13.81
CA ALA E 44 -17.90 14.19 -14.48
C ALA E 44 -18.94 13.37 -13.70
N GLY E 45 -20.23 13.51 -13.99
CA GLY E 45 -21.22 12.65 -13.32
C GLY E 45 -22.66 13.04 -13.55
N THR E 46 -23.60 12.14 -13.22
CA THR E 46 -25.05 12.41 -13.35
C THR E 46 -25.74 11.82 -12.12
N ALA E 47 -26.52 12.62 -11.39
CA ALA E 47 -27.17 12.13 -10.14
C ALA E 47 -28.59 11.64 -10.44
N LYS E 48 -29.19 10.87 -9.52
CA LYS E 48 -30.57 10.35 -9.70
C LYS E 48 -31.30 10.41 -8.35
N ILE E 49 -32.04 11.49 -8.08
CA ILE E 49 -32.71 11.65 -6.75
C ILE E 49 -34.13 11.05 -6.82
N SER E 50 -34.22 9.73 -7.09
CA SER E 50 -35.53 9.04 -7.10
C SER E 50 -36.17 9.11 -5.70
N GLU E 51 -37.43 9.54 -5.60
CA GLU E 51 -38.09 9.61 -4.27
C GLU E 51 -39.40 8.81 -4.30
N THR E 52 -39.70 8.07 -3.23
CA THR E 52 -40.91 7.19 -3.25
C THR E 52 -41.89 7.61 -2.16
N LEU E 53 -42.34 6.67 -1.33
CA LEU E 53 -43.33 6.97 -0.26
C LEU E 53 -42.71 7.95 0.74
N GLY E 54 -41.69 7.52 1.48
CA GLY E 54 -41.03 8.39 2.47
C GLY E 54 -39.54 8.13 2.56
N VAL E 55 -38.94 7.43 1.69
CA VAL E 55 -37.47 7.19 1.69
C VAL E 55 -36.92 7.71 0.36
N THR E 56 -35.60 7.94 0.27
CA THR E 56 -35.01 8.53 -0.96
C THR E 56 -33.76 7.77 -1.39
N ARG E 57 -33.83 6.99 -2.47
CA ARG E 57 -32.62 6.32 -3.00
C ARG E 57 -31.94 7.24 -4.01
N THR E 58 -30.64 7.44 -3.89
CA THR E 58 -29.95 8.38 -4.80
C THR E 58 -28.74 7.72 -5.46
N THR E 59 -28.74 7.66 -6.79
CA THR E 59 -27.65 6.97 -7.53
C THR E 59 -26.76 8.01 -8.21
N ILE E 60 -25.70 8.46 -7.53
CA ILE E 60 -24.72 9.37 -8.20
C ILE E 60 -23.70 8.53 -8.94
N THR E 61 -23.81 8.44 -10.27
CA THR E 61 -22.82 7.68 -11.07
C THR E 61 -21.74 8.65 -11.56
N LEU E 62 -20.49 8.45 -11.13
CA LEU E 62 -19.40 9.38 -11.52
C LEU E 62 -18.42 8.66 -12.45
N THR E 63 -17.75 9.41 -13.32
CA THR E 63 -16.83 8.82 -14.32
C THR E 63 -15.63 9.75 -14.51
N GLY E 64 -14.52 9.23 -15.04
CA GLY E 64 -13.31 10.05 -15.20
C GLY E 64 -12.76 10.48 -13.86
N MET E 65 -12.91 9.63 -12.83
CA MET E 65 -12.46 9.99 -11.46
C MET E 65 -11.07 9.40 -11.21
N ALA E 66 -10.70 9.16 -9.95
CA ALA E 66 -9.33 8.67 -9.67
C ALA E 66 -9.31 7.14 -9.65
N PRO E 67 -8.34 6.42 -10.25
CA PRO E 67 -8.49 4.98 -10.50
C PRO E 67 -9.05 4.18 -9.32
N TYR E 68 -8.35 4.07 -8.17
CA TYR E 68 -8.88 3.20 -7.08
C TYR E 68 -9.15 3.99 -5.80
N ALA E 69 -9.86 5.11 -5.88
CA ALA E 69 -10.03 5.95 -4.67
C ALA E 69 -11.41 5.75 -4.04
N ILE E 70 -11.57 6.21 -2.79
CA ILE E 70 -12.88 6.13 -2.10
C ILE E 70 -13.61 7.46 -2.35
N TYR E 71 -14.93 7.42 -2.53
CA TYR E 71 -15.67 8.65 -2.87
C TYR E 71 -16.88 8.78 -1.95
N VAL E 72 -16.66 9.31 -0.74
CA VAL E 72 -17.77 9.51 0.23
C VAL E 72 -18.60 10.73 -0.21
N ALA E 73 -19.89 10.52 -0.47
CA ALA E 73 -20.79 11.61 -0.91
C ALA E 73 -22.01 11.66 0.00
N HIS E 74 -22.39 12.88 0.43
CA HIS E 74 -23.59 13.04 1.30
C HIS E 74 -24.35 14.31 0.89
N TYR E 75 -25.23 14.80 1.75
CA TYR E 75 -26.06 15.99 1.43
C TYR E 75 -25.68 17.13 2.36
N HIS E 76 -25.05 18.18 1.82
CA HIS E 76 -24.65 19.33 2.66
C HIS E 76 -25.79 20.34 2.69
N LYS E 77 -26.18 20.77 3.89
CA LYS E 77 -27.33 21.70 4.06
C LYS E 77 -26.91 23.11 3.66
N MET E 78 -27.88 24.02 3.51
CA MET E 78 -27.58 25.43 3.15
C MET E 78 -26.79 26.07 4.30
N GLY E 79 -25.59 26.58 4.01
CA GLY E 79 -24.76 27.23 5.05
C GLY E 79 -23.55 27.93 4.46
N SER E 142 -20.38 27.48 -0.55
CA SER E 142 -21.41 27.62 0.53
C SER E 142 -21.18 26.56 1.61
N ASP E 143 -19.92 26.33 1.99
CA ASP E 143 -19.58 25.28 2.99
C ASP E 143 -20.58 25.34 4.15
N GLY E 144 -21.43 24.32 4.28
CA GLY E 144 -22.42 24.26 5.38
C GLY E 144 -22.33 22.95 6.13
N PRO E 145 -23.25 22.66 7.08
CA PRO E 145 -23.25 21.38 7.79
C PRO E 145 -23.71 20.23 6.86
N ALA E 146 -23.41 18.99 7.22
CA ALA E 146 -23.77 17.84 6.35
C ALA E 146 -24.69 16.86 7.09
N ILE E 147 -25.87 16.58 6.52
CA ILE E 147 -26.75 15.50 7.09
C ILE E 147 -25.92 14.24 6.84
N MET E 148 -25.15 13.81 7.84
CA MET E 148 -24.21 12.70 7.60
C MET E 148 -24.99 11.41 7.41
N GLU E 149 -26.30 11.46 7.67
CA GLU E 149 -27.11 10.22 7.65
C GLU E 149 -27.50 9.92 6.20
N SER E 150 -26.66 10.37 5.26
CA SER E 150 -26.86 10.05 3.82
C SER E 150 -25.49 9.70 3.27
N ARG E 151 -24.53 9.44 4.15
CA ARG E 151 -23.19 9.02 3.66
C ARG E 151 -23.41 7.81 2.76
N MET E 152 -22.77 7.84 1.60
CA MET E 152 -22.59 6.65 0.72
C MET E 152 -21.09 6.42 0.48
N ILE E 153 -20.51 5.41 0.91
CA ILE E 153 -19.08 5.16 0.69
C ILE E 153 -18.97 3.97 -0.24
N ALA E 154 -18.22 4.02 -1.23
CA ALA E 154 -17.88 2.97 -2.22
C ALA E 154 -16.58 3.37 -2.94
N GLN E 155 -15.94 2.44 -3.65
CA GLN E 155 -14.61 2.70 -4.27
C GLN E 155 -14.75 2.87 -5.78
N ALA E 156 -13.70 3.38 -6.43
CA ALA E 156 -13.83 3.95 -7.79
C ALA E 156 -13.40 3.00 -8.89
N SER E 157 -13.67 1.71 -8.75
CA SER E 157 -13.36 0.74 -9.85
C SER E 157 -11.91 0.86 -10.25
N ALA E 158 -11.62 0.91 -11.55
CA ALA E 158 -10.21 0.91 -11.98
C ALA E 158 -9.97 1.98 -13.05
N ASP E 159 -11.03 2.62 -13.52
CA ASP E 159 -10.88 3.71 -14.51
C ASP E 159 -11.60 4.95 -13.99
N GLY E 160 -11.97 4.93 -12.71
CA GLY E 160 -12.72 6.05 -12.14
C GLY E 160 -14.19 5.91 -12.43
N LYS E 161 -14.74 4.73 -12.18
CA LYS E 161 -16.19 4.50 -12.41
C LYS E 161 -16.80 4.28 -11.02
N VAL E 162 -16.90 5.36 -10.23
CA VAL E 162 -17.50 5.23 -8.88
C VAL E 162 -19.02 5.37 -8.99
N THR E 163 -19.76 4.45 -8.37
CA THR E 163 -21.25 4.43 -8.42
C THR E 163 -21.78 4.44 -6.99
N LEU E 164 -22.28 5.66 -6.54
CA LEU E 164 -22.70 5.77 -5.13
C LEU E 164 -24.22 5.55 -5.03
N THR E 165 -24.68 4.90 -3.97
CA THR E 165 -26.15 4.71 -3.77
C THR E 165 -26.45 4.78 -2.28
N GLY E 166 -27.71 5.05 -1.91
CA GLY E 166 -28.05 5.19 -0.48
C GLY E 166 -29.50 5.59 -0.25
N ILE E 167 -30.08 5.05 0.85
CA ILE E 167 -31.50 5.38 1.20
C ILE E 167 -31.48 6.32 2.42
N VAL E 168 -32.38 7.31 2.41
CA VAL E 168 -32.47 8.26 3.56
C VAL E 168 -33.93 8.75 3.70
N PRO E 169 -34.60 8.68 4.88
CA PRO E 169 -35.94 9.20 5.02
C PRO E 169 -35.95 10.66 4.57
N THR E 170 -36.99 11.04 3.82
CA THR E 170 -37.11 12.43 3.27
C THR E 170 -37.10 13.44 4.43
N ALA E 171 -37.65 13.05 5.59
CA ALA E 171 -37.74 13.97 6.74
C ALA E 171 -36.33 14.44 7.12
N LEU E 172 -35.37 13.52 7.18
CA LEU E 172 -33.98 13.92 7.51
C LEU E 172 -33.44 14.85 6.43
N ILE E 173 -33.71 14.55 5.15
CA ILE E 173 -33.15 15.32 4.00
C ILE E 173 -33.50 16.82 4.08
N ARG E 174 -34.70 17.19 4.53
CA ARG E 174 -35.17 18.60 4.52
C ARG E 174 -34.05 19.64 4.73
N ASP E 175 -34.06 20.73 3.93
CA ASP E 175 -33.09 21.85 4.05
C ASP E 175 -31.74 21.48 3.43
N ALA E 176 -31.64 20.31 2.80
CA ALA E 176 -30.39 19.99 2.08
C ALA E 176 -30.41 20.77 0.78
N ALA E 177 -29.28 21.33 0.37
CA ALA E 177 -29.30 22.22 -0.82
C ALA E 177 -28.40 21.67 -1.94
N TYR E 178 -27.39 20.89 -1.58
CA TYR E 178 -26.42 20.41 -2.61
C TYR E 178 -25.79 19.10 -2.16
N ILE E 179 -25.74 18.12 -3.08
CA ILE E 179 -25.13 16.79 -2.78
C ILE E 179 -23.63 16.89 -3.10
N ASN E 180 -22.79 17.05 -2.08
CA ASN E 180 -21.33 17.21 -2.30
C ASN E 180 -20.68 15.82 -2.37
N VAL E 181 -19.81 15.60 -3.34
CA VAL E 181 -18.99 14.36 -3.42
C VAL E 181 -17.57 14.70 -2.97
N HIS E 182 -17.05 13.98 -1.99
CA HIS E 182 -15.68 14.23 -1.49
C HIS E 182 -14.83 12.99 -1.74
N HIS E 183 -13.53 13.06 -1.43
CA HIS E 183 -12.71 11.83 -1.53
C HIS E 183 -12.76 11.24 -0.13
N GLY E 184 -12.37 9.98 0.07
CA GLY E 184 -12.34 9.45 1.44
C GLY E 184 -10.96 9.10 1.90
N ARG E 185 -10.78 8.81 3.19
CA ARG E 185 -9.46 8.35 3.69
C ARG E 185 -9.55 6.84 3.92
N ASP E 186 -10.77 6.30 3.97
CA ASP E 186 -11.02 4.86 4.25
C ASP E 186 -12.51 4.56 4.06
N PHE E 187 -12.92 3.34 4.08
CA PHE E 187 -14.33 2.94 3.82
C PHE E 187 -15.14 3.23 5.08
N SER E 188 -14.49 3.81 6.09
CA SER E 188 -15.20 4.13 7.35
C SER E 188 -15.56 5.61 7.37
N GLY E 189 -16.04 6.13 6.24
CA GLY E 189 -16.34 7.57 6.14
C GLY E 189 -15.07 8.41 6.03
N ALA E 190 -14.89 9.39 6.92
CA ALA E 190 -13.70 10.29 6.93
C ALA E 190 -13.70 11.25 5.73
N LEU E 191 -12.99 12.37 5.86
CA LEU E 191 -12.98 13.39 4.77
C LEU E 191 -11.54 13.69 4.36
N ALA E 192 -11.20 13.52 3.08
CA ALA E 192 -9.86 13.85 2.57
C ALA E 192 -9.92 15.16 1.77
N ASP E 193 -10.71 15.19 0.70
CA ASP E 193 -10.84 16.40 -0.15
C ASP E 193 -12.19 17.01 0.23
N SER E 194 -12.36 18.32 0.10
CA SER E 194 -13.65 18.91 0.56
C SER E 194 -14.46 19.41 -0.64
N GLY E 195 -14.87 18.52 -1.53
CA GLY E 195 -15.74 18.92 -2.64
C GLY E 195 -15.11 18.73 -4.00
N VAL E 196 -15.05 17.50 -4.50
CA VAL E 196 -14.46 17.23 -5.84
C VAL E 196 -15.52 17.47 -6.92
N ILE E 197 -16.79 17.19 -6.63
CA ILE E 197 -17.89 17.39 -7.61
C ILE E 197 -19.16 17.62 -6.81
N CYS E 198 -20.10 18.41 -7.35
CA CYS E 198 -21.32 18.75 -6.58
C CYS E 198 -22.39 19.33 -7.49
N THR E 199 -23.66 19.21 -7.07
CA THR E 199 -24.80 19.78 -7.84
C THR E 199 -25.89 20.31 -6.92
N PRO E 200 -26.66 21.34 -7.30
CA PRO E 200 -27.80 21.79 -6.49
C PRO E 200 -28.96 20.81 -6.53
N ILE E 201 -29.38 20.35 -5.33
CA ILE E 201 -30.49 19.36 -5.16
C ILE E 201 -30.00 17.99 -5.63
N GLY F 20 -46.10 7.17 -7.32
CA GLY F 20 -45.53 8.50 -7.62
C GLY F 20 -44.05 8.58 -7.23
N PRO F 21 -43.13 8.04 -8.06
CA PRO F 21 -41.71 8.04 -7.76
C PRO F 21 -41.06 9.36 -8.20
N THR F 22 -41.27 10.42 -7.43
CA THR F 22 -40.70 11.75 -7.79
C THR F 22 -39.20 11.61 -8.07
N GLU F 23 -38.78 11.74 -9.33
CA GLU F 23 -37.35 11.51 -9.68
C GLU F 23 -36.75 12.75 -10.35
N GLY F 24 -35.62 13.24 -9.84
CA GLY F 24 -34.93 14.38 -10.48
C GLY F 24 -33.51 14.01 -10.88
N THR F 25 -33.14 14.27 -12.14
CA THR F 25 -31.79 13.91 -12.64
C THR F 25 -30.97 15.20 -12.81
N TYR F 26 -29.83 15.31 -12.11
CA TYR F 26 -29.04 16.56 -12.16
C TYR F 26 -27.58 16.25 -12.53
N THR F 27 -27.04 16.93 -13.54
CA THR F 27 -25.60 16.76 -13.88
C THR F 27 -24.79 17.54 -12.85
N LEU F 28 -23.65 17.00 -12.41
CA LEU F 28 -22.89 17.67 -11.32
C LEU F 28 -21.73 18.47 -11.92
N ALA F 29 -21.38 19.60 -11.29
CA ALA F 29 -20.29 20.47 -11.81
C ALA F 29 -18.95 20.02 -11.24
N PRO F 30 -17.82 20.18 -11.95
CA PRO F 30 -16.53 19.67 -11.48
C PRO F 30 -15.88 20.46 -10.34
N GLN F 31 -16.58 21.39 -9.69
CA GLN F 31 -16.03 22.12 -8.52
C GLN F 31 -14.77 22.92 -8.90
N ALA F 32 -14.16 23.59 -7.91
CA ALA F 32 -12.94 24.40 -8.16
C ALA F 32 -12.14 24.50 -6.87
N VAL F 33 -12.80 24.35 -5.72
CA VAL F 33 -12.11 24.47 -4.39
C VAL F 33 -11.91 23.07 -3.82
N VAL F 34 -10.67 22.55 -3.85
CA VAL F 34 -10.42 21.16 -3.38
C VAL F 34 -9.34 21.18 -2.30
N LYS F 35 -9.47 22.08 -1.33
CA LYS F 35 -8.50 22.14 -0.21
C LYS F 35 -8.62 20.89 0.64
N PRO F 36 -7.52 20.37 1.22
CA PRO F 36 -7.56 19.12 1.98
C PRO F 36 -8.38 19.15 3.28
N ALA F 37 -8.49 18.00 3.94
CA ALA F 37 -9.21 17.94 5.24
C ALA F 37 -8.58 16.87 6.11
N GLY F 38 -7.64 17.24 6.98
CA GLY F 38 -7.00 16.28 7.88
C GLY F 38 -5.75 16.84 8.51
N PRO F 39 -4.91 16.01 9.17
CA PRO F 39 -3.71 16.50 9.86
C PRO F 39 -2.84 17.50 9.07
N VAL F 40 -2.60 18.68 9.65
CA VAL F 40 -1.71 19.68 9.00
C VAL F 40 -0.27 19.34 9.39
N TYR F 41 0.58 19.03 8.40
CA TYR F 41 2.00 18.69 8.68
C TYR F 41 2.71 19.92 9.24
N ALA F 42 2.69 20.07 10.57
CA ALA F 42 3.36 21.22 11.23
C ALA F 42 4.25 20.67 12.33
N PRO F 43 5.45 20.13 12.03
CA PRO F 43 6.27 19.47 13.03
C PRO F 43 6.54 20.29 14.29
N ALA F 44 6.34 19.69 15.46
CA ALA F 44 6.57 20.37 16.76
C ALA F 44 6.60 19.32 17.88
N GLY F 45 7.33 19.57 18.96
CA GLY F 45 7.34 18.65 20.11
C GLY F 45 8.34 19.04 21.18
N THR F 46 8.70 18.08 22.07
CA THR F 46 9.65 18.29 23.20
C THR F 46 10.51 17.03 23.43
N ALA F 47 11.53 17.08 24.30
CA ALA F 47 12.35 15.89 24.62
C ALA F 47 12.58 15.81 26.13
N LYS F 48 12.62 14.60 26.70
CA LYS F 48 12.87 14.40 28.14
C LYS F 48 13.97 13.36 28.33
N ILE F 49 15.23 13.77 28.24
CA ILE F 49 16.38 12.84 28.46
C ILE F 49 16.68 12.69 29.95
N SER F 50 16.56 11.48 30.48
CA SER F 50 16.60 11.33 31.97
C SER F 50 17.68 10.31 32.33
N GLU F 51 18.71 10.75 33.06
CA GLU F 51 19.84 9.84 33.44
C GLU F 51 19.58 9.28 34.83
N THR F 52 19.95 8.01 35.02
CA THR F 52 19.75 7.36 36.33
C THR F 52 21.09 6.85 36.87
N LEU F 53 21.36 5.57 36.70
CA LEU F 53 22.59 4.90 37.17
C LEU F 53 23.39 4.41 35.96
N GLY F 54 23.78 5.33 35.07
CA GLY F 54 24.59 4.94 33.90
C GLY F 54 23.74 4.58 32.68
N VAL F 55 22.44 4.83 32.74
CA VAL F 55 21.57 4.58 31.54
C VAL F 55 20.76 5.84 31.24
N THR F 56 20.39 6.05 29.97
CA THR F 56 19.61 7.26 29.59
C THR F 56 18.30 6.86 28.92
N ARG F 57 17.17 7.40 29.41
CA ARG F 57 15.85 7.11 28.80
C ARG F 57 15.31 8.39 28.15
N THR F 58 15.18 8.39 26.83
CA THR F 58 14.77 9.59 26.04
C THR F 58 13.32 9.45 25.54
N THR F 59 12.48 10.45 25.78
CA THR F 59 11.06 10.37 25.32
C THR F 59 10.75 11.60 24.46
N ILE F 60 10.62 11.42 23.14
CA ILE F 60 10.32 12.56 22.23
C ILE F 60 8.86 12.45 21.78
N THR F 61 7.97 13.19 22.46
CA THR F 61 6.53 13.20 22.07
C THR F 61 6.34 14.31 21.01
N LEU F 62 5.95 13.93 19.80
CA LEU F 62 5.80 14.92 18.69
C LEU F 62 4.31 15.02 18.30
N THR F 63 3.88 16.20 17.85
CA THR F 63 2.48 16.37 17.37
C THR F 63 2.52 17.08 16.03
N GLY F 64 1.41 17.06 15.27
CA GLY F 64 1.35 17.80 13.99
C GLY F 64 2.26 17.17 12.96
N MET F 65 2.52 15.86 13.07
CA MET F 65 3.49 15.20 12.15
C MET F 65 2.71 14.60 10.97
N ALA F 66 3.38 13.79 10.14
CA ALA F 66 2.68 13.10 9.03
C ALA F 66 1.67 12.15 9.69
N PRO F 67 0.46 11.95 9.13
CA PRO F 67 -0.55 11.15 9.82
C PRO F 67 -0.08 9.71 10.08
N TYR F 68 0.52 9.05 9.08
CA TYR F 68 0.92 7.63 9.24
C TYR F 68 2.35 7.45 8.72
N ALA F 69 3.36 7.65 9.58
CA ALA F 69 4.75 7.58 9.06
C ALA F 69 5.71 7.09 10.13
N ILE F 70 6.69 6.27 9.74
CA ILE F 70 7.74 5.79 10.68
C ILE F 70 8.70 6.95 10.92
N TYR F 71 9.12 7.19 12.17
CA TYR F 71 9.98 8.36 12.46
C TYR F 71 11.22 7.94 13.26
N VAL F 72 12.25 7.42 12.58
CA VAL F 72 13.51 7.01 13.26
C VAL F 72 14.11 8.24 13.93
N ALA F 73 14.50 8.16 15.19
CA ALA F 73 15.28 9.30 15.75
C ALA F 73 16.52 8.78 16.46
N HIS F 74 17.67 9.41 16.20
CA HIS F 74 18.90 9.00 16.93
C HIS F 74 19.68 10.22 17.40
N TYR F 75 20.83 9.97 18.03
CA TYR F 75 21.70 11.07 18.53
C TYR F 75 22.82 11.32 17.52
N HIS F 76 22.80 12.48 16.86
CA HIS F 76 23.90 12.84 15.93
C HIS F 76 25.02 13.52 16.72
N LYS F 77 26.27 13.08 16.52
CA LYS F 77 27.43 13.69 17.24
C LYS F 77 27.80 15.01 16.58
N MET F 78 28.67 15.80 17.22
CA MET F 78 29.03 17.15 16.68
C MET F 78 29.99 16.95 15.50
N GLY F 79 29.98 17.87 14.54
CA GLY F 79 30.84 17.75 13.35
C GLY F 79 30.24 18.45 12.15
N SER F 142 24.36 20.88 10.60
CA SER F 142 25.68 20.18 10.63
C SER F 142 25.51 18.73 10.20
N ASP F 143 26.61 18.08 9.80
CA ASP F 143 26.55 16.64 9.42
C ASP F 143 26.76 15.79 10.67
N GLY F 144 27.96 15.23 10.85
CA GLY F 144 28.27 14.46 12.06
C GLY F 144 27.81 13.02 11.95
N PRO F 145 28.47 12.04 12.62
CA PRO F 145 27.98 10.66 12.59
C PRO F 145 26.82 10.54 13.59
N ALA F 146 26.10 9.42 13.58
CA ALA F 146 25.03 9.21 14.58
C ALA F 146 25.37 7.96 15.39
N ILE F 147 25.34 8.06 16.72
CA ILE F 147 25.54 6.82 17.54
C ILE F 147 24.30 5.95 17.28
N MET F 148 24.36 5.07 16.29
CA MET F 148 23.19 4.26 15.86
C MET F 148 22.76 3.30 16.97
N GLU F 149 23.49 3.23 18.07
CA GLU F 149 23.05 2.40 19.21
C GLU F 149 22.08 3.24 20.05
N SER F 150 21.29 4.08 19.37
CA SER F 150 20.34 4.98 20.06
C SER F 150 19.10 5.15 19.18
N ARG F 151 19.02 4.40 18.08
CA ARG F 151 17.89 4.55 17.14
C ARG F 151 16.57 4.26 17.85
N MET F 152 15.71 5.27 17.94
CA MET F 152 14.37 5.11 18.55
C MET F 152 13.37 5.04 17.38
N ILE F 153 12.68 3.92 17.18
CA ILE F 153 11.75 3.85 16.00
C ILE F 153 10.30 3.86 16.49
N ALA F 154 9.38 4.46 15.72
CA ALA F 154 7.93 4.44 16.06
C ALA F 154 7.12 4.89 14.84
N GLN F 155 5.82 4.61 14.84
CA GLN F 155 4.96 5.09 13.72
C GLN F 155 3.94 6.04 14.29
N ALA F 156 3.30 6.85 13.44
CA ALA F 156 2.38 7.87 13.97
C ALA F 156 0.95 7.33 13.98
N SER F 157 0.00 8.08 14.55
CA SER F 157 -1.40 7.57 14.71
C SER F 157 -2.27 8.02 13.54
N ALA F 158 -3.43 8.61 13.79
CA ALA F 158 -4.22 9.11 12.63
C ALA F 158 -4.29 10.62 12.69
N ASP F 159 -3.57 11.23 13.64
CA ASP F 159 -3.54 12.72 13.76
C ASP F 159 -2.09 13.16 13.64
N GLY F 160 -1.16 12.22 13.82
CA GLY F 160 0.25 12.57 13.66
C GLY F 160 0.91 12.74 15.01
N LYS F 161 0.87 11.68 15.82
CA LYS F 161 1.47 11.75 17.17
C LYS F 161 2.44 10.59 17.34
N VAL F 162 3.74 10.85 17.25
CA VAL F 162 4.79 9.80 17.43
C VAL F 162 5.37 9.92 18.85
N THR F 163 5.61 8.79 19.51
CA THR F 163 6.21 8.81 20.88
C THR F 163 7.48 7.95 20.88
N LEU F 164 8.62 8.57 20.58
CA LEU F 164 9.91 7.81 20.51
C LEU F 164 10.41 7.53 21.93
N THR F 165 10.87 6.31 22.18
CA THR F 165 11.39 5.96 23.53
C THR F 165 12.62 5.07 23.32
N GLY F 166 13.70 5.28 24.09
CA GLY F 166 14.94 4.52 23.85
C GLY F 166 15.83 4.41 25.07
N ILE F 167 16.57 3.29 25.22
CA ILE F 167 17.50 3.10 26.37
C ILE F 167 18.93 3.04 25.83
N VAL F 168 19.80 3.97 26.25
CA VAL F 168 21.18 4.03 25.69
C VAL F 168 22.19 4.19 26.84
N PRO F 169 23.30 3.43 26.94
CA PRO F 169 24.29 3.69 27.98
C PRO F 169 24.81 5.12 27.88
N THR F 170 25.08 5.78 29.01
CA THR F 170 25.53 7.20 29.03
C THR F 170 26.88 7.31 28.32
N ALA F 171 27.79 6.36 28.58
CA ALA F 171 29.14 6.36 27.98
C ALA F 171 29.02 6.34 26.46
N LEU F 172 27.98 5.68 25.94
CA LEU F 172 27.75 5.69 24.47
C LEU F 172 27.41 7.12 24.04
N ILE F 173 26.35 7.69 24.62
CA ILE F 173 25.89 9.06 24.20
C ILE F 173 26.84 10.16 24.66
N ARG F 174 28.01 9.82 25.22
CA ARG F 174 28.97 10.90 25.55
C ARG F 174 29.44 11.53 24.22
N ASP F 175 29.54 12.87 24.17
CA ASP F 175 30.00 13.57 22.94
C ASP F 175 28.90 13.55 21.86
N ALA F 176 27.63 13.60 22.25
CA ALA F 176 26.54 13.69 21.25
C ALA F 176 26.12 15.17 21.25
N ALA F 177 25.55 15.67 20.16
CA ALA F 177 25.29 17.13 20.10
C ALA F 177 23.80 17.44 19.91
N TYR F 178 23.14 16.77 18.97
CA TYR F 178 21.73 17.11 18.66
C TYR F 178 20.94 15.83 18.43
N ILE F 179 19.78 15.70 19.10
CA ILE F 179 18.89 14.54 18.81
C ILE F 179 18.16 14.89 17.51
N ASN F 180 18.47 14.19 16.43
CA ASN F 180 17.86 14.51 15.11
C ASN F 180 16.75 13.50 14.81
N VAL F 181 15.51 13.97 14.65
CA VAL F 181 14.42 13.03 14.26
C VAL F 181 14.44 12.99 12.73
N HIS F 182 14.25 11.81 12.14
CA HIS F 182 14.25 11.67 10.66
C HIS F 182 12.98 10.91 10.24
N HIS F 183 12.84 10.59 8.96
CA HIS F 183 11.70 9.76 8.51
C HIS F 183 12.22 8.34 8.27
N GLY F 184 11.38 7.34 8.49
CA GLY F 184 11.81 5.93 8.35
C GLY F 184 11.26 5.29 7.10
N ARG F 185 12.14 4.83 6.21
CA ARG F 185 11.69 4.15 4.97
C ARG F 185 11.13 2.78 5.36
N ASP F 186 11.63 2.19 6.46
CA ASP F 186 11.18 0.85 6.92
C ASP F 186 11.15 0.81 8.45
N PHE F 187 10.41 -0.14 9.03
CA PHE F 187 10.37 -0.29 10.51
C PHE F 187 11.72 -0.78 10.97
N SER F 188 12.58 -1.20 10.03
CA SER F 188 13.96 -1.64 10.40
C SER F 188 14.85 -0.40 10.54
N GLY F 189 14.31 0.78 10.23
CA GLY F 189 15.10 2.02 10.34
C GLY F 189 15.13 2.79 9.03
N ALA F 190 16.33 3.09 8.51
CA ALA F 190 16.51 3.81 7.22
C ALA F 190 16.16 5.30 7.36
N LEU F 191 16.95 6.18 6.74
CA LEU F 191 16.72 7.65 6.88
C LEU F 191 16.12 8.21 5.60
N ALA F 192 14.81 7.99 5.36
CA ALA F 192 14.13 8.56 4.18
C ALA F 192 14.47 10.04 4.11
N ASP F 193 14.12 10.78 5.16
CA ASP F 193 14.43 12.22 5.22
C ASP F 193 15.68 12.40 6.09
N SER F 194 16.34 13.54 5.97
CA SER F 194 17.59 13.78 6.75
C SER F 194 17.38 14.90 7.79
N GLY F 195 16.37 14.76 8.65
CA GLY F 195 16.19 15.75 9.72
C GLY F 195 14.91 16.54 9.59
N VAL F 196 13.77 16.07 9.79
CA VAL F 196 12.51 16.87 9.69
C VAL F 196 12.40 17.75 10.94
N ILE F 197 13.10 17.28 12.08
CA ILE F 197 13.10 18.15 13.29
C ILE F 197 14.32 17.77 14.14
N CYS F 198 14.97 18.74 14.78
CA CYS F 198 16.20 18.46 15.55
C CYS F 198 16.26 19.34 16.80
N THR F 199 16.70 18.77 17.93
CA THR F 199 16.81 19.57 19.19
C THR F 199 18.26 19.59 19.71
N PRO F 200 18.88 20.76 20.04
CA PRO F 200 20.22 20.77 20.63
C PRO F 200 20.25 20.14 22.03
N ILE F 201 21.14 19.16 22.24
CA ILE F 201 21.23 18.44 23.55
C ILE F 201 22.43 18.96 24.34
C1 JPI G . -49.78 3.16 1.10
C10 JPI G . -50.66 1.28 2.73
C11 JPI G . -51.32 1.76 4.01
C12 JPI G . -50.94 0.91 5.22
C13 JPI G . -52.16 0.41 6.03
C14 JPI G . -52.80 1.39 6.98
C15 JPI G . -52.25 1.38 8.39
C16 JPI G . -53.18 0.91 9.51
C17 JPI G . -53.76 -0.50 9.27
C18 JPI G . -54.67 -1.05 10.35
C19 JPI G . -55.87 -0.20 10.71
C2 JPI G . -50.32 4.10 0.01
C20 JPI G . -56.82 -0.82 11.70
C21 JPI G . -56.79 -0.25 13.12
C22 JPI G . -57.80 -0.98 14.03
C23 JPI G . -58.42 -0.13 15.10
C24 JPI G . -59.25 -0.92 16.11
C25 JPI G . -58.77 -0.89 17.56
C26 JPI G . -59.89 -1.29 18.53
C27 JPI G . -59.49 -1.39 19.99
C28 JPI G . -60.64 -1.44 20.97
C29 JPI G . -60.32 -2.15 22.31
C3 JPI G . -50.91 3.34 -1.17
C30 JPI G . -60.99 -1.49 23.52
C31 JPI G . -60.56 -1.99 24.88
C32 JPI G . -61.55 -2.95 25.55
C33 JPI G . -61.08 -3.68 26.82
C34 JPI G . -62.20 -4.49 27.44
C35 JPI G . -59.87 -4.55 26.57
C36 JPI G . -49.90 1.62 6.08
C37 JPI G . -52.49 1.01 10.85
C38 JPI G . -55.39 -0.30 13.72
C39 JPI G . -57.52 -1.75 17.72
C4 JPI G . -51.73 2.17 -0.71
C40 JPI G . -60.65 -3.63 22.23
C5 JPI G . -51.94 2.01 0.72
C6 JPI G . -50.86 2.13 1.51
C7 JPI G . -53.35 1.74 1.18
C8 JPI G . -48.57 2.37 0.55
C9 JPI G . -49.29 4.00 2.29
O1 JPI G . -52.18 1.37 -1.54
O2 JPI G . -51.32 4.96 0.56
O3 JPI G . -60.68 -2.70 27.78
H14 JPI G . -49.71 1.18 2.90
H55 JPI G . -51.01 0.38 2.53
H15 JPI G . -52.29 1.74 3.90
H56 JPI G . -51.07 2.68 4.19
H57 JPI G . -50.52 0.09 4.88
H58 JPI G . -52.85 0.10 5.40
H16 JPI G . -51.88 -0.39 6.54
H59 JPI G . -52.68 2.30 6.61
H17 JPI G . -53.76 1.22 7.00
H18 JPI G . -51.95 2.28 8.60
H60 JPI G . -51.46 0.81 8.42
H61 JPI G . -53.94 1.54 9.51
H19 JPI G . -53.00 -1.11 9.16
H62 JPI G . -54.26 -0.49 8.44
H63 JPI G . -54.99 -1.92 10.04
H20 JPI G . -54.13 -1.20 11.16
H21 JPI G . -56.36 0.00 9.88
H64 JPI G . -55.56 0.66 11.07
H1 JPI G . -49.58 4.67 -0.32
H65 JPI G . -57.73 -0.71 11.35
H22 JPI G . -56.64 -1.78 11.74
H66 JPI G . -57.07 0.69 13.06
H23 JPI G . -57.35 -1.74 14.44
H67 JPI G . -58.52 -1.33 13.46
H68 JPI G . -57.71 0.34 15.58
H24 JPI G . -59.00 0.54 14.69
H69 JPI G . -60.17 -0.57 16.08
H25 JPI G . -59.29 -1.85 15.81
H70 JPI G . -58.53 0.04 17.77
H26 JPI G . -60.24 -2.16 18.25
H71 JPI G . -60.61 -0.64 18.46
H27 JPI G . -58.93 -0.61 20.21
H72 JPI G . -58.95 -2.20 20.11
H73 JPI G . -60.93 -0.53 21.17
H28 JPI G . -61.39 -1.91 20.55
H74 JPI G . -59.35 -2.06 22.45
H3 JPI G . -51.46 3.94 -1.69
H2 JPI G . -50.19 3.03 -1.75
H75 JPI G . -60.81 -0.53 23.48
H29 JPI G . -61.97 -1.60 23.44
H30 JPI G . -59.70 -2.44 24.78
H76 JPI G . -60.43 -1.22 25.46
H32 JPI G . -62.35 -2.43 25.78
H31 JPI G . -61.82 -3.62 24.90
H34 JPI G . -62.35 -5.30 26.92
H35 JPI G . -63.02 -3.98 27.45
H33 JPI G . -61.95 -4.74 28.35
H37 JPI G . -59.07 -4.00 26.64
H38 JPI G . -59.92 -4.92 25.68
H36 JPI G . -59.84 -5.26 27.23
H40 JPI G . -50.26 2.45 6.41
H41 JPI G . -49.12 1.80 5.52
H42 JPI G . -49.64 1.05 6.82
H44 JPI G . -51.87 1.76 10.86
H45 JPI G . -51.99 0.19 11.02
H43 JPI G . -53.14 1.13 11.55
H47 JPI G . -54.86 0.43 13.37
H46 JPI G . -55.45 -0.22 14.69
H48 JPI G . -54.96 -1.14 13.50
H49 JPI G . -56.95 -1.67 16.94
H50 JPI G . -57.77 -2.68 17.85
H51 JPI G . -57.02 -1.44 18.50
H52 JPI G . -60.37 -3.98 21.37
H54 JPI G . -60.18 -4.11 22.94
H53 JPI G . -61.62 -3.76 22.34
H6 JPI G . -53.58 2.37 1.88
H5 JPI G . -53.97 1.87 0.44
H4 JPI G . -53.43 0.84 1.52
H7 JPI G . -48.03 2.03 1.29
H9 JPI G . -48.87 1.63 0.02
H8 JPI G . -48.01 2.96 0.01
H12 JPI G . -48.79 3.45 2.92
H11 JPI G . -48.71 4.71 1.97
H10 JPI G . -50.05 4.39 2.76
H13 JPI G . -51.08 5.75 0.46
H39 JPI G . -61.33 -2.20 27.97
C1 JQ6 H . -58.14 -24.79 12.65
C10 JQ6 H . -56.39 -28.83 12.54
C11 JQ6 H . -56.94 -28.67 13.94
C12 JQ6 H . -55.93 -28.27 15.00
C13 JQ6 H . -55.37 -26.88 14.88
C14 JQ6 H . -59.54 -26.89 18.01
C15 JQ6 H . -59.92 -21.32 15.26
C16 JQ6 H . -60.77 -20.12 14.97
C17 JQ6 H . -57.70 -23.56 8.98
C18 JQ6 H . -56.58 -23.02 8.13
C19 JQ6 H . -55.30 -23.82 8.21
C2 JQ6 H . -58.65 -25.36 13.96
C20 JQ6 H . -54.26 -25.46 6.83
C21 JQ6 H . -52.84 -25.08 6.61
C25 JQ6 H . -56.84 -20.63 7.91
C26 JQ6 H . -57.95 -20.02 8.67
C3 JQ6 H . -58.12 -25.86 11.59
C4 JQ6 H . -59.58 -24.59 16.00
C5 JQ6 H . -60.74 -26.11 17.48
C6 JQ6 H . -61.18 -24.92 18.32
C7 JQ6 H . -61.45 -23.71 17.43
C8 JQ6 H . -60.25 -23.35 16.59
C9 JQ6 H . -57.19 -28.12 11.48
N1 JQ6 H . -57.07 -26.67 11.53
N2 JQ6 H . -60.58 -22.45 15.51
O1 JQ6 H . -59.00 -23.72 12.27
O10 JQ6 H . -61.79 -22.59 18.23
O11 JQ6 H . -58.70 -21.26 15.24
O12 JQ6 H . -56.29 -21.66 8.57
O13 JQ6 H . -55.06 -24.39 6.91
O14 JQ6 H . -56.45 -20.25 6.84
O15 JQ6 H . -54.66 -26.59 6.93
O2 JQ6 H . -59.75 -22.03 10.57
O3 JQ6 H . -57.79 -21.54 12.16
O4 JQ6 H . -57.43 -23.22 10.36
O5 JQ6 H . -59.36 -24.34 14.64
O6 JQ6 H . -60.42 -25.72 16.12
O7 JQ6 H . -59.08 -25.96 10.82
O8 JQ6 H . -59.12 -27.88 17.07
O9 JQ6 H . -60.23 -24.55 19.31
P1 JQ6 H . -58.54 -22.52 11.31
C28 JQ6 H . -60.67 -19.66 13.55
C29 JQ6 H . -59.65 -18.57 13.35
C30 JQ6 H . -59.41 -18.19 11.92
C31 JQ6 H . -58.05 -17.58 11.68
C32 JQ6 H . -57.93 -16.81 10.39
C33 JQ6 H . -56.54 -16.78 9.79
C34 JQ6 H . -55.62 -15.77 10.43
C35 JQ6 H . -54.18 -15.97 10.09
C36 JQ6 H . -53.26 -14.87 10.55
C37 JQ6 H . -51.87 -14.95 9.98
C50 JQ6 H . -50.91 -13.95 10.53
C51 JQ6 H . -49.74 -13.64 9.62
C52 JQ6 H . -50.02 -12.54 8.62
C53 JQ6 H . -49.82 -11.14 9.15
C54 JQ6 H . -50.65 -10.10 8.45
C55 JQ6 H . -50.22 -8.69 8.73
H1 JQ6 H . -57.22 -24.45 12.79
H13 JQ6 H . -56.35 -29.78 12.32
H12 JQ6 H . -55.47 -28.49 12.52
H15 JQ6 H . -57.65 -28.01 13.94
H14 JQ6 H . -57.34 -29.53 14.21
H16 JQ6 H . -55.19 -28.91 14.97
H17 JQ6 H . -56.36 -28.36 15.88
H19 JQ6 H . -55.63 -26.47 14.04
H36 JQ6 H . -54.39 -26.91 14.93
H18 JQ6 H . -55.70 -26.33 15.61
H21 JQ6 H . -58.80 -26.28 18.19
H20 JQ6 H . -59.79 -27.32 18.84
H27 JQ6 H . -60.52 -19.39 15.57
H28 JQ6 H . -61.72 -20.33 15.16
H29 JQ6 H . -58.55 -23.18 8.68
H30 JQ6 H . -57.76 -24.54 8.87
H31 JQ6 H . -56.88 -22.99 7.19
H33 JQ6 H . -54.55 -23.25 8.46
H32 JQ6 H . -55.40 -24.55 8.87
H3 JQ6 H . -59.25 -26.12 13.76
H2 JQ6 H . -57.90 -25.66 14.49
H35 JQ6 H . -52.41 -25.72 6.02
H26 JQ6 H . -52.37 -25.07 7.48
H34 JQ6 H . -52.80 -24.20 6.23
H37 JQ6 H . -57.73 -19.98 9.61
H42 JQ6 H . -58.76 -20.54 8.55
H43 JQ6 H . -58.11 -19.12 8.34
H5 JQ6 H . -58.71 -24.74 16.44
H6 JQ6 H . -61.49 -26.74 17.43
H7 JQ6 H . -62.02 -25.17 18.78
H8 JQ6 H . -62.21 -23.92 16.84
H9 JQ6 H . -59.59 -22.89 17.18
H11 JQ6 H . -58.14 -28.36 11.56
H10 JQ6 H . -56.89 -28.42 10.59
H4 JQ6 H . -56.27 -26.32 11.52
H25 JQ6 H . -61.24 -22.67 14.96
H24 JQ6 H . -62.22 -22.04 17.75
H22 JQ6 H . -58.80 -27.50 16.39
H23 JQ6 H . -60.39 -23.78 19.59
H38 JQ6 H . -61.55 -19.35 13.25
H39 JQ6 H . -60.43 -20.43 12.99
H40 JQ6 H . -58.81 -18.85 13.74
H41 JQ6 H . -59.95 -17.77 13.83
H44 JQ6 H . -60.10 -17.55 11.63
H45 JQ6 H . -59.49 -18.99 11.35
H46 JQ6 H . -57.38 -18.29 11.69
H47 JQ6 H . -57.85 -16.96 12.42
H48 JQ6 H . -58.21 -15.88 10.56
H49 JQ6 H . -58.54 -17.19 9.74
H50 JQ6 H . -56.62 -16.57 8.84
H51 JQ6 H . -56.13 -17.67 9.87
H52 JQ6 H . -55.73 -15.82 11.40
H53 JQ6 H . -55.90 -14.88 10.14
H54 JQ6 H . -54.09 -16.06 9.11
H55 JQ6 H . -53.87 -16.81 10.49
H56 JQ6 H . -53.21 -14.89 11.52
H57 JQ6 H . -53.65 -14.00 10.29
H58 JQ6 H . -51.93 -14.84 9.01
H59 JQ6 H . -51.52 -15.85 10.15
H60 JQ6 H . -50.55 -14.30 11.37
H61 JQ6 H . -51.39 -13.12 10.73
H62 JQ6 H . -49.50 -14.45 9.13
H63 JQ6 H . -48.98 -13.37 10.16
H64 JQ6 H . -50.94 -12.63 8.31
H65 JQ6 H . -49.44 -12.68 7.84
H66 JQ6 H . -48.87 -10.91 9.05
H67 JQ6 H . -50.03 -11.13 10.10
H68 JQ6 H . -51.59 -10.21 8.73
H69 JQ6 H . -50.60 -10.26 7.48
H72 JQ6 H . -50.05 -8.59 9.69
H70 JQ6 H . -50.92 -8.07 8.46
H71 JQ6 H . -49.40 -8.49 8.24
O1 JPX I . -49.04 -22.22 8.15
C1 JPX I . -50.38 -22.50 8.45
C2 JPX I . -50.45 -22.62 9.92
C3 JPX I . -51.35 -21.42 8.05
N1 JPX I . -52.33 -21.77 7.23
C4 JPX I . -50.56 -24.70 11.12
C5 JPX I . -52.13 -24.63 12.93
C6 JPX I . -53.22 -25.26 12.08
C7 JPX I . -52.59 -26.20 11.07
N2 JPX I . -50.73 -26.42 9.44
C8 JPX I . -51.53 -25.51 10.23
C10 JPX I . -52.88 -20.26 5.34
C11 JPX I . -52.79 -20.03 3.86
C12 JPX I . -51.53 -19.31 3.42
C13 JPX I . -51.24 -19.40 1.94
C14 JPX I . -52.60 -23.60 13.93
C15 JPX I . -51.12 -27.00 8.31
C16 JPX I . -50.86 -26.24 7.05
C17 JPX I . -47.55 -20.76 5.53
C18 JPX I . -48.66 -19.78 5.80
C19 JPX I . -49.33 -19.32 4.53
C20 JPX I . -48.84 -17.33 3.37
C21 JPX I . -48.35 -16.20 4.23
C22 JPX I . -47.97 -14.98 3.48
C23 JPX I . -47.85 -13.76 4.37
C24 JPX I . -46.97 -12.68 3.83
C25 JPX I . -48.77 -18.02 7.45
C26 JPX I . -49.90 -17.10 7.12
C27 JPX I . -51.23 -17.64 7.51
C28 JPX I . -52.11 -18.54 1.05
C29 JPX I . -51.36 -17.66 0.10
C30 JPX I . -50.55 -16.55 0.74
C31 JPX I . -49.06 -16.65 0.57
C32 JPX I . -48.50 -16.10 -0.72
C33 JPX I . -47.59 -14.90 -0.56
C34 JPX I . -48.26 -13.68 0.03
C35 JPX I . -47.76 -12.36 -0.50
C36 JPX I . -46.36 -11.95 -0.10
C37 JPX I . -46.10 -10.48 -0.30
C38 JPX I . -47.09 -11.36 4.57
C39 JPX I . -46.04 -10.34 4.20
C40 JPX I . -46.56 -9.17 3.41
C41 JPX I . -45.48 -8.31 2.83
C42 JPX I . -45.99 -6.98 2.30
C43 JPX I . -52.32 -17.37 6.48
C44 JPX I . -52.64 -15.91 6.23
C48 JPX I . -52.33 -15.44 4.83
C49 JPX I . -52.67 -13.99 4.56
C9 JPX I . -52.26 -21.57 5.79
O10 JPX I . -53.60 -26.75 10.23
O11 JPX I . -51.58 -28.14 8.29
O12 JPX I . -48.11 -18.60 6.43
O13 JPX I . -48.39 -18.49 3.82
O14 JPX I . -48.43 -18.19 8.58
O15 JPX I . -49.57 -17.25 2.41
O2 JPX I . -49.07 -23.25 5.85
O3 JPX I . -47.32 -23.95 7.60
O4 JPX I . -47.25 -21.64 6.63
O5 JPX I . -49.83 -23.87 10.28
O6 JPX I . -51.21 -23.91 12.09
O7 JPX I . -51.25 -20.30 8.54
O8 JPX I . -51.87 -22.39 13.73
O9 JPX I . -53.93 -24.25 11.37
P1 JPX I . -48.17 -22.90 6.98
C50 JPX I . -52.04 -25.49 6.55
C51 JPX I . -51.55 -13.04 4.88
H1 JPX I . -50.65 -23.36 8.03
H2 JPX I . -49.98 -21.88 10.34
H3 JPX I . -51.40 -22.58 10.18
H4 JPX I . -53.04 -22.13 7.56
H5 JPX I . -49.94 -25.33 11.57
H6 JPX I . -51.64 -25.34 13.41
H7 JPX I . -53.85 -25.76 12.66
H8 JPX I . -52.15 -26.95 11.55
H25 JPX I . -49.92 -26.61 9.71
H9 JPX I . -51.99 -24.89 9.61
H12 JPX I . -52.44 -19.53 5.82
H13 JPX I . -53.83 -20.27 5.61
H14 JPX I . -53.56 -19.51 3.58
H15 JPX I . -52.83 -20.89 3.41
H16 JPX I . -50.77 -19.69 3.91
H17 JPX I . -51.61 -18.37 3.68
H18 JPX I . -51.34 -20.33 1.66
H19 JPX I . -50.30 -19.16 1.80
H20 JPX I . -52.46 -23.93 14.83
H21 JPX I . -53.56 -23.43 13.80
H26 JPX I . -50.56 -26.86 6.36
H28 JPX I . -50.13 -25.60 7.21
H29 JPX I . -47.77 -21.30 4.74
H30 JPX I . -46.73 -20.26 5.30
H31 JPX I . -49.33 -20.18 6.39
H32 JPX I . -50.13 -18.80 4.74
H33 JPX I . -49.60 -20.08 3.98
H34 JPX I . -47.57 -16.51 4.74
H35 JPX I . -49.05 -15.97 4.87
H36 JPX I . -48.64 -14.80 2.78
H37 JPX I . -47.11 -15.13 3.03
H38 JPX I . -47.51 -14.05 5.24
H39 JPX I . -48.75 -13.40 4.52
H40 JPX I . -47.21 -12.53 2.89
H41 JPX I . -46.04 -12.98 3.87
H43 JPX I . -49.75 -16.25 7.61
H42 JPX I . -49.88 -16.90 6.17
H45 JPX I . -51.15 -18.61 7.62
H44 JPX I . -51.50 -17.26 8.36
H46 JPX I . -52.68 -17.98 1.61
H47 JPX I . -52.69 -19.13 0.53
H48 JPX I . -52.00 -17.25 -0.53
H49 JPX I . -50.76 -18.21 -0.45
H50 JPX I . -50.75 -16.53 1.70
H51 JPX I . -50.85 -15.69 0.36
H52 JPX I . -48.79 -17.60 0.63
H53 JPX I . -48.63 -16.20 1.32
H54 JPX I . -49.23 -15.85 -1.31
H55 JPX I . -47.99 -16.81 -1.16
H56 JPX I . -47.22 -14.67 -1.44
H57 JPX I . -46.84 -15.15 0.03
H58 JPX I . -48.13 -13.69 1.00
H59 JPX I . -49.22 -13.73 -0.14
H60 JPX I . -48.38 -11.66 -0.20
H61 JPX I . -47.81 -12.38 -1.48
H62 JPX I . -45.72 -12.46 -0.65
H63 JPX I . -46.22 -12.19 0.84
H64 JPX I . -46.45 -10.19 -1.15
H65 JPX I . -45.14 -10.31 -0.27
H66 JPX I . -46.54 -9.98 0.42
H67 JPX I . -47.03 -11.54 5.53
H68 JPX I . -47.98 -10.99 4.40
H69 JPX I . -45.33 -10.78 3.69
H70 JPX I . -45.65 -10.00 5.03
H71 JPX I . -47.14 -8.63 3.98
H72 JPX I . -47.11 -9.51 2.67
H73 JPX I . -45.03 -8.78 2.11
H74 JPX I . -44.81 -8.12 3.53
H75 JPX I . -46.79 -7.13 1.78
H76 JPX I . -45.31 -6.58 1.74
H27 JPX I . -46.19 -6.38 3.04
H77 JPX I . -53.15 -17.80 6.78
H78 JPX I . -52.07 -17.79 5.63
H79 JPX I . -52.12 -15.36 6.86
H80 JPX I . -53.59 -15.76 6.41
H88 JPX I . -52.84 -15.99 4.19
H89 JPX I . -51.38 -15.56 4.64
H90 JPX I . -53.46 -13.74 5.10
H91 JPX I . -52.92 -13.90 3.62
H10 JPX I . -52.71 -22.32 5.34
H11 JPX I . -51.31 -21.59 5.51
H24 JPX I . -54.08 -26.11 9.96
H22 JPX I . -51.98 -22.13 12.93
H23 JPX I . -54.74 -24.25 11.62
H83 JPX I . -52.53 -26.03 5.90
H81 JPX I . -51.76 -24.67 6.11
H82 JPX I . -52.63 -25.27 7.28
H84 JPX I . -51.17 -13.25 5.74
H85 JPX I . -51.90 -12.13 4.90
H86 JPX I . -50.87 -13.10 4.20
CU CU J . -41.04 -27.40 16.10
CU CU K . -42.58 -11.11 28.72
CU CU L . -8.90 -18.65 47.88
FE FE M . -25.17 -31.97 23.03
O1 JPX N . 13.48 -22.04 47.87
C1 JPX N . 14.13 -22.50 49.03
C2 JPX N . 15.09 -23.55 48.60
C3 JPX N . 14.92 -21.45 49.74
N1 JPX N . 14.61 -21.22 51.00
C4 JPX N . 14.76 -25.89 49.02
C5 JPX N . 16.71 -27.03 49.80
C6 JPX N . 16.25 -26.94 51.25
C7 JPX N . 14.72 -26.94 51.30
N2 JPX N . 12.70 -25.98 50.19
C8 JPX N . 14.13 -25.87 50.41
C10 JPX N . 14.29 -19.09 52.21
C11 JPX N . 14.20 -17.73 51.59
C12 JPX N . 12.82 -17.11 51.62
C13 JPX N . 12.72 -15.80 50.89
C14 JPX N . 18.20 -26.92 49.60
C15 JPX N . 11.76 -25.77 51.11
C16 JPX N . 11.23 -24.36 51.19
C17 JPX N . 11.81 -19.34 46.78
C18 JPX N . 12.97 -18.67 47.50
C19 JPX N . 12.50 -17.50 48.33
C20 JPX N . 13.01 -15.21 48.09
C21 JPX N . 13.02 -14.76 46.65
C22 JPX N . 14.39 -14.66 46.04
C23 JPX N . 15.08 -13.34 46.32
C24 JPX N . 14.73 -12.24 45.35
C25 JPX N . 15.18 -18.57 46.52
C26 JPX N . 16.22 -17.84 47.30
C27 JPX N . 16.33 -18.32 48.71
C28 JPX N . 11.92 -14.73 51.61
C29 JPX N . 12.11 -13.33 51.07
C30 JPX N . 11.67 -13.14 49.64
C31 JPX N . 11.66 -11.71 49.19
C32 JPX N . 11.22 -11.52 47.75
C33 JPX N . 11.38 -10.12 47.25
C34 JPX N . 12.62 -9.90 46.42
C35 JPX N . 12.90 -8.45 46.12
C36 JPX N . 13.37 -8.16 44.72
C37 JPX N . 13.73 -6.71 44.52
C38 JPX N . 15.63 -12.14 44.14
C39 JPX N . 16.84 -11.27 44.31
C40 JPX N . 16.59 -9.79 44.11
C41 JPX N . 16.79 -9.28 42.71
C42 JPX N . 16.69 -7.78 42.60
C43 JPX N . 17.46 -17.65 49.47
C44 JPX N . 17.05 -16.68 50.55
C48 JPX N . 16.51 -15.36 50.06
C49 JPX N . 17.47 -14.49 49.32
C9 JPX N . 13.66 -20.20 51.39
O10 JPX N . 14.29 -26.74 52.64
O11 JPX N . 11.29 -26.67 51.79
O12 JPX N . 13.92 -18.09 46.58
O13 JPX N . 13.47 -16.45 48.21
O14 JPX N . 15.47 -19.50 45.82
O15 JPX N . 12.63 -14.56 49.03
O2 JPX N . 11.32 -21.29 48.92
O3 JPX N . 11.36 -23.10 47.08
O4 JPX N . 12.00 -20.75 46.50
O5 JPX N . 14.35 -24.75 48.34
O6 JPX N . 16.18 -25.93 49.06
O7 JPX N . 15.83 -20.87 49.16
O8 JPX N . 18.47 -25.90 48.65
O9 JPX N . 16.72 -25.74 51.87
P1 JPX N . 11.91 -21.85 47.66
C50 JPX N . 11.90 -23.55 52.25
C51 JPX N . 17.35 -13.02 49.64
H1 JPX N . 13.47 -22.90 49.65
H2 JPX N . 15.54 -23.25 47.78
H3 JPX N . 15.75 -23.65 49.30
H4 JPX N . 14.98 -21.71 51.63
H5 JPX N . 14.45 -26.68 48.52
H6 JPX N . 16.39 -27.87 49.41
H7 JPX N . 16.59 -27.73 51.74
H8 JPX N . 14.39 -27.82 50.99
H25 JPX N . 12.40 -26.20 49.40
H9 JPX N . 14.29 -24.99 50.83
H12 JPX N . 15.24 -19.32 52.35
H13 JPX N . 13.86 -19.07 53.09
H14 JPX N . 14.50 -17.78 50.65
H15 JPX N . 14.82 -17.13 52.05
H16 JPX N . 12.57 -16.98 52.56
H17 JPX N . 12.19 -17.74 51.23
H18 JPX N . 12.30 -15.97 50.02
H19 JPX N . 13.62 -15.45 50.73
H20 JPX N . 18.55 -27.78 49.26
H21 JPX N . 18.65 -26.72 50.44
H26 JPX N . 10.27 -24.40 51.38
H28 JPX N . 11.36 -23.93 50.32
H29 JPX N . 10.99 -19.24 47.31
H30 JPX N . 11.67 -18.88 45.93
H31 JPX N . 13.42 -19.32 48.09
H32 JPX N . 12.41 -17.76 49.28
H33 JPX N . 11.63 -17.16 48.02
H34 JPX N . 12.58 -13.88 46.60
H35 JPX N . 12.49 -15.38 46.12
H36 JPX N . 14.32 -14.79 45.08
H37 JPX N . 14.95 -15.39 46.38
H38 JPX N . 16.05 -13.49 46.30
H39 JPX N . 14.84 -13.05 47.22
H40 JPX N . 14.76 -11.38 45.83
H41 JPX N . 13.82 -12.36 45.04
H43 JPX N . 17.08 -17.96 46.86
H42 JPX N . 16.01 -16.89 47.30
H45 JPX N . 15.49 -18.14 49.17
H44 JPX N . 16.46 -19.29 48.72
H46 JPX N . 12.18 -14.73 52.56
H47 JPX N . 10.97 -14.97 51.56
H48 JPX N . 13.05 -13.09 51.14
H49 JPX N . 11.60 -12.72 51.63
H50 JPX N . 10.78 -13.52 49.53
H51 JPX N . 12.29 -13.65 49.05
H52 JPX N . 12.56 -11.34 49.29
H53 JPX N . 11.05 -11.20 49.77
H54 JPX N . 10.27 -11.77 47.69
H55 JPX N . 11.73 -12.14 47.19
H56 JPX N . 11.40 -9.50 48.01
H57 JPX N . 10.60 -9.89 46.70
H58 JPX N . 12.53 -10.39 45.57
H59 JPX N . 13.39 -10.27 46.90
H60 JPX N . 13.58 -8.13 46.74
H61 JPX N . 12.08 -7.94 46.28
H62 JPX N . 12.66 -8.40 44.09
H63 JPX N . 14.16 -8.71 44.53
H64 JPX N . 13.92 -6.55 43.58
H65 JPX N . 14.52 -6.49 45.05
H66 JPX N . 12.99 -6.15 44.79
H67 JPX N . 15.10 -11.81 43.38
H68 JPX N . 15.92 -13.05 43.90
H69 JPX N . 17.53 -11.57 43.68
H70 JPX N . 17.19 -11.41 45.22
H71 JPX N . 17.19 -9.31 44.70
H72 JPX N . 15.67 -9.59 44.39
H73 JPX N . 16.11 -9.69 42.13
H74 JPX N . 17.67 -9.56 42.39
H75 JPX N . 16.67 -7.52 41.66
H76 JPX N . 17.47 -7.38 43.02
H27 JPX N . 15.88 -7.47 43.04
H77 JPX N . 18.04 -17.19 48.84
H78 JPX N . 18.00 -18.37 49.89
H79 JPX N . 17.82 -16.50 51.13
H80 JPX N . 16.36 -17.11 51.11
H88 JPX N . 16.17 -14.86 50.83
H89 JPX N . 15.74 -15.53 49.47
H90 JPX N . 17.33 -14.61 48.35
H91 JPX N . 18.38 -14.78 49.52
H10 JPX N . 12.94 -20.61 51.92
H11 JPX N . 13.25 -19.82 50.58
H24 JPX N . 13.74 -27.35 52.83
H22 JPX N . 17.97 -26.00 47.97
H23 JPX N . 16.77 -25.12 51.31
H83 JPX N . 12.82 -23.38 52.00
H81 JPX N . 11.87 -24.02 53.10
H82 JPX N . 11.43 -22.69 52.34
H84 JPX N . 17.67 -12.87 50.55
H85 JPX N . 16.42 -12.76 49.57
H86 JPX N . 17.89 -12.51 49.02
C1 JPI O . 23.35 -0.02 45.42
C10 JPI O . 25.26 -0.31 43.58
C11 JPI O . 26.43 -0.95 44.31
C12 JPI O . 26.59 -2.45 44.10
C13 JPI O . 27.68 -3.03 44.99
C14 JPI O . 27.52 -4.46 45.39
C15 JPI O . 28.75 -5.09 45.97
C16 JPI O . 29.75 -5.73 44.99
C17 JPI O . 31.07 -6.13 45.66
C18 JPI O . 31.03 -7.22 46.71
C19 JPI O . 31.69 -8.53 46.37
C2 JPI O . 22.14 0.92 45.39
C20 JPI O . 33.20 -8.59 46.52
C21 JPI O . 33.77 -9.61 47.54
C22 JPI O . 35.04 -10.32 47.02
C23 JPI O . 35.49 -11.53 47.79
C24 JPI O . 36.94 -11.89 47.53
C25 JPI O . 37.50 -13.15 48.23
C26 JPI O . 38.97 -13.37 47.87
C27 JPI O . 39.34 -14.71 47.30
C28 JPI O . 39.43 -15.85 48.28
C29 JPI O . 40.72 -16.68 48.25
C3 JPI O . 22.52 2.35 45.72
C30 JPI O . 40.98 -17.31 46.88
C31 JPI O . 41.21 -18.80 46.85
C32 JPI O . 42.67 -19.23 47.07
C33 JPI O . 42.90 -20.67 47.49
C34 JPI O . 44.25 -21.19 47.00
C35 JPI O . 42.78 -20.85 48.99
C36 JPI O . 26.82 -2.79 42.64
C37 JPI O . 29.14 -6.88 44.21
C38 JPI O . 33.98 -8.98 48.90
C39 JPI O . 37.29 -13.11 49.73
C4 JPI O . 23.63 2.82 44.83
C40 JPI O . 41.93 -15.89 48.74
C5 JPI O . 24.73 1.89 44.59
C6 JPI O . 24.45 0.58 44.51
C7 JPI O . 26.11 2.49 44.53
C8 JPI O . 23.91 -0.14 46.85
C9 JPI O . 22.85 -1.45 45.07
O1 JPI O . 23.55 3.93 44.27
O2 JPI O . 21.59 0.91 44.08
O3 JPI O . 41.89 -21.51 46.93
H14 JPI O . 25.61 0.23 42.84
H55 JPI O . 24.68 -1.01 43.20
H15 JPI O . 26.34 -0.77 45.26
H56 JPI O . 27.26 -0.51 44.02
H57 JPI O . 25.74 -2.88 44.38
H58 JPI O . 28.55 -2.94 44.53
H16 JPI O . 27.73 -2.49 45.81
H59 JPI O . 26.80 -4.51 46.06
H17 JPI O . 27.22 -4.98 44.62
H18 JPI O . 28.47 -5.78 46.61
H60 JPI O . 29.24 -4.41 46.49
H61 JPI O . 29.97 -5.02 44.32
H19 JPI O . 31.45 -5.33 46.08
H62 JPI O . 31.71 -6.40 44.96
H63 JPI O . 31.44 -6.88 47.54
H20 JPI O . 30.09 -7.41 46.92
H21 JPI O . 31.47 -8.76 45.45
H64 JPI O . 31.29 -9.22 46.95
H1 JPI O . 21.45 0.60 46.03
H65 JPI O . 33.58 -8.79 45.63
H22 JPI O . 33.52 -7.70 46.77
H66 JPI O . 33.09 -10.33 47.65
H23 JPI O . 35.77 -9.66 47.01
H67 JPI O . 34.88 -10.60 46.09
H68 JPI O . 35.38 -11.38 48.75
H24 JPI O . 34.93 -12.30 47.54
H69 JPI O . 37.05 -12.01 46.56
H25 JPI O . 37.50 -11.13 47.80
H70 JPI O . 36.98 -13.92 47.87
H26 JPI O . 39.52 -13.21 48.67
H71 JPI O . 39.23 -12.68 47.22
H27 JPI O . 40.19 -14.62 46.83
H72 JPI O . 38.66 -14.95 46.62
H73 JPI O . 39.32 -15.50 49.19
H28 JPI O . 38.69 -16.46 48.12
H74 JPI O . 40.59 -17.42 48.89
H3 JPI O . 21.75 2.93 45.60
H2 JPI O . 22.80 2.42 46.65
H75 JPI O . 40.21 -17.13 46.31
H29 JPI O . 41.76 -16.87 46.47
H30 JPI O . 40.92 -19.13 45.98
H76 JPI O . 40.65 -19.23 47.53
H32 JPI O . 43.15 -19.06 46.23
H31 JPI O . 43.05 -18.64 47.74
H34 JPI O . 44.37 -22.10 47.31
H35 JPI O . 44.95 -20.61 47.34
H33 JPI O . 44.26 -21.17 46.02
H37 JPI O . 42.67 -21.79 49.20
H38 JPI O . 42.01 -20.35 49.32
H36 JPI O . 43.58 -20.51 49.43
H40 JPI O . 27.34 -2.09 42.22
H41 JPI O . 25.98 -2.87 42.18
H42 JPI O . 27.31 -3.63 42.57
H44 JPI O . 29.83 -7.50 43.93
H45 JPI O . 28.67 -6.54 43.42
H43 JPI O . 28.51 -7.35 44.77
H47 JPI O . 34.86 -8.55 48.93
H46 JPI O . 33.29 -8.31 49.05
H48 JPI O . 33.94 -9.66 49.59
H49 JPI O . 36.35 -13.27 49.95
H50 JPI O . 37.56 -12.25 50.08
H51 JPI O . 37.82 -13.81 50.16
H52 JPI O . 42.69 -16.47 48.83
H54 JPI O . 42.14 -15.18 48.11
H53 JPI O . 41.72 -15.49 49.61
H6 JPI O . 26.74 1.92 45.00
H5 JPI O . 26.40 2.57 43.61
H4 JPI O . 26.11 3.37 44.94
H7 JPI O . 24.45 0.64 47.07
H9 JPI O . 23.18 -0.21 47.48
H8 JPI O . 24.47 -0.93 46.92
H12 JPI O . 22.12 -1.68 45.65
H11 JPI O . 22.55 -1.47 44.15
H10 JPI O . 23.57 -2.09 45.18
H13 JPI O . 20.76 0.84 44.13
H39 JPI O . 41.94 -21.51 46.09
O1 JPX P . 14.99 -48.69 -20.75
C1 JPX P . 14.34 -49.33 -21.84
C2 JPX P . 12.84 -49.28 -21.74
C3 JPX P . 14.92 -48.84 -23.16
N1 JPX P . 16.24 -48.96 -23.25
C4 JPX P . 11.77 -51.35 -22.29
C5 JPX P . 10.52 -52.91 -23.62
C6 JPX P . 11.67 -53.91 -23.63
C7 JPX P . 12.40 -53.83 -22.30
N2 JPX P . 13.14 -52.36 -20.51
C8 JPX P . 12.82 -52.42 -21.93
C10 JPX P . 17.74 -47.70 -24.74
C11 JPX P . 18.90 -47.45 -23.79
C12 JPX P . 19.45 -46.04 -23.87
C13 JPX P . 20.68 -45.80 -23.03
C14 JPX P . 9.71 -52.83 -24.88
C15 JPX P . 14.19 -52.96 -19.93
C16 JPX P . 15.38 -52.10 -19.65
C17 JPX P . 16.18 -45.89 -21.13
C18 JPX P . 16.13 -44.91 -22.28
C19 JPX P . 16.68 -43.55 -21.98
C20 JPX P . 17.34 -41.71 -23.29
C21 JPX P . 16.63 -41.29 -24.54
C22 JPX P . 17.21 -40.07 -25.19
C23 JPX P . 16.78 -38.77 -24.55
C24 JPX P . 16.00 -37.84 -25.45
C25 JPX P . 14.34 -44.45 -23.82
C26 JPX P . 14.11 -45.47 -24.89
C27 JPX P . 15.35 -45.98 -25.58
C28 JPX P . 21.72 -44.87 -23.64
C29 JPX P . 21.29 -43.43 -23.77
C30 JPX P . 21.11 -42.69 -22.46
C31 JPX P . 21.67 -41.28 -22.43
C32 JPX P . 21.03 -40.31 -23.40
C33 JPX P . 21.04 -38.88 -22.93
C34 JPX P . 20.55 -37.90 -23.95
C35 JPX P . 20.32 -36.51 -23.42
C36 JPX P . 19.88 -35.49 -24.43
C37 JPX P . 21.01 -34.67 -25.01
C38 JPX P . 16.81 -37.25 -26.58
C39 JPX P . 16.44 -35.83 -26.94
C40 JPX P . 17.09 -34.78 -26.08
C41 JPX P . 16.99 -33.39 -26.63
C42 JPX P . 18.12 -33.01 -27.57
C43 JPX P . 16.18 -44.89 -26.23
C44 JPX P . 17.46 -45.40 -26.83
C48 JPX P . 18.04 -44.53 -27.93
C49 JPX P . 18.54 -43.18 -27.50
C9 JPX P . 17.00 -48.98 -24.50
O10 JPX P . 13.56 -54.65 -22.36
O11 JPX P . 14.14 -54.13 -19.56
O12 JPX P . 14.72 -44.88 -22.62
O13 JPX P . 17.34 -43.04 -23.15
O14 JPX P . 14.12 -43.30 -24.02
O15 JPX P . 17.84 -40.97 -22.50
O2 JPX P . 13.10 -47.51 -19.38
O3 JPX P . 15.58 -47.52 -18.73
O4 JPX P . 14.82 -46.21 -20.75
O5 JPX P . 12.38 -50.18 -22.71
O6 JPX P . 11.07 -51.61 -23.49
O7 JPX P . 14.21 -48.38 -24.03
O8 JPX P . 9.70 -51.47 -25.29
O9 JPX P . 12.58 -53.59 -24.68
P1 JPX P . 14.53 -47.48 -19.80
C50 JPX P . 16.41 -52.16 -20.73
C51 JPX P . 17.70 -42.04 -28.02
H1 JPX P . 14.60 -50.28 -21.80
H2 JPX P . 12.56 -49.56 -20.84
H3 JPX P . 12.51 -48.37 -21.91
H4 JPX P . 16.69 -49.05 -22.51
H5 JPX P . 11.13 -51.19 -21.55
H6 JPX P . 9.92 -53.10 -22.85
H7 JPX P . 11.31 -54.82 -23.77
H8 JPX P . 11.80 -54.18 -21.60
H25 JPX P . 12.63 -51.90 -19.99
H9 JPX P . 13.64 -52.23 -22.43
H12 JPX P . 17.12 -46.95 -24.67
H13 JPX P . 18.09 -47.70 -25.65
H14 JPX P . 19.62 -48.08 -24.00
H15 JPX P . 18.61 -47.62 -22.87
H16 JPX P . 18.75 -45.42 -23.57
H17 JPX P . 19.65 -45.84 -24.80
H18 JPX P . 21.11 -46.67 -22.86
H19 JPX P . 20.40 -45.45 -22.17
H20 JPX P . 8.80 -53.14 -24.72
H21 JPX P . 10.12 -53.39 -25.58
H26 JPX P . 15.79 -52.39 -18.81
H28 JPX P . 15.08 -51.18 -19.53
H29 JPX P . 16.66 -46.70 -21.41
H30 JPX P . 16.65 -45.50 -20.36
H31 JPX P . 16.65 -45.29 -23.03
H32 JPX P . 17.33 -43.57 -21.24
H33 JPX P . 15.94 -42.93 -21.73
H34 JPX P . 15.69 -41.12 -24.32
H35 JPX P . 16.65 -42.03 -25.18
H36 JPX P . 16.96 -40.07 -26.13
H37 JPX P . 18.19 -40.13 -25.15
H38 JPX P . 17.58 -38.30 -24.22
H39 JPX P . 16.23 -38.96 -23.76
H40 JPX P . 15.64 -37.11 -24.91
H41 JPX P . 15.25 -38.34 -25.83
H43 JPX P . 13.64 -46.24 -24.50
H42 JPX P . 13.51 -45.10 -25.57
H45 JPX P . 15.89 -46.46 -24.93
H44 JPX P . 15.08 -46.63 -26.27
H46 JPX P . 21.95 -45.21 -24.53
H47 JPX P . 22.53 -44.91 -23.09
H48 JPX P . 20.45 -43.39 -24.26
H49 JPX P . 21.96 -42.96 -24.31
H50 JPX P . 21.55 -43.21 -21.74
H51 JPX P . 20.16 -42.65 -22.25
H52 JPX P . 22.64 -41.32 -22.63
H53 JPX P . 21.58 -40.93 -21.53
H54 JPX P . 20.10 -40.59 -23.55
H55 JPX P . 21.51 -40.38 -24.26
H56 JPX P . 21.96 -38.65 -22.68
H57 JPX P . 20.49 -38.81 -22.13
H58 JPX P . 19.71 -38.24 -24.33
H59 JPX P . 21.20 -37.85 -24.69
H60 JPX P . 21.14 -36.21 -22.99
H61 JPX P . 19.63 -36.57 -22.72
H62 JPX P . 19.24 -34.88 -24.02
H63 JPX P . 19.42 -35.95 -25.17
H64 JPX P . 21.34 -34.05 -24.34
H65 JPX P . 20.68 -34.17 -25.78
H66 JPX P . 21.73 -35.26 -25.29
H67 JPX P . 16.66 -37.81 -27.38
H68 JPX P . 17.76 -37.29 -26.36
H69 JPX P . 15.47 -35.74 -26.88
H70 JPX P . 16.70 -35.68 -27.88
H71 JPX P . 18.03 -35.00 -25.95
H72 JPX P . 16.65 -34.79 -25.20
H73 JPX P . 16.97 -32.75 -25.89
H74 JPX P . 16.14 -33.30 -27.12
H75 JPX P . 18.28 -33.73 -28.19
H76 JPX P . 17.88 -32.20 -28.05
H27 JPX P . 18.92 -32.85 -27.04
H77 JPX P . 16.41 -44.21 -25.56
H78 JPX P . 15.65 -44.46 -26.93
H79 JPX P . 17.30 -46.29 -27.20
H80 JPX P . 18.13 -45.48 -26.13
H88 JPX P . 17.37 -44.42 -28.63
H89 JPX P . 18.80 -45.01 -28.33
H90 JPX P . 19.45 -43.07 -27.83
H91 JPX P . 18.56 -43.14 -26.52
H10 JPX P . 16.39 -49.15 -25.25
H11 JPX P . 17.64 -49.72 -24.46
H24 JPX P . 13.88 -54.61 -23.13
H22 JPX P . 9.35 -51.00 -24.67
H23 JPX P . 12.56 -54.19 -25.27
H83 JPX P . 16.76 -51.26 -20.89
H81 JPX P . 16.00 -52.49 -21.55
H82 JPX P . 17.13 -52.74 -20.47
H84 JPX P . 16.78 -42.17 -27.75
H85 JPX P . 17.75 -42.01 -28.99
H86 JPX P . 18.03 -41.21 -27.64
C1 JQ6 Q . 18.94 -27.15 55.30
C10 JQ6 Q . 16.49 -30.90 55.04
C11 JQ6 Q . 17.59 -31.09 54.02
C12 JQ6 Q . 17.40 -30.43 52.68
C13 JQ6 Q . 18.48 -29.44 52.30
C14 JQ6 Q . 22.63 -31.67 56.23
C15 JQ6 Q . 23.93 -25.39 55.45
C16 JQ6 Q . 23.08 -24.52 54.59
C17 JQ6 Q . 16.88 -24.06 55.28
C18 JQ6 Q . 16.59 -22.65 54.79
C19 JQ6 Q . 15.65 -22.62 53.60
C2 JQ6 Q . 19.93 -28.29 55.38
C20 JQ6 Q . 13.36 -23.06 54.07
C21 JQ6 Q . 13.20 -22.61 55.48
C25 JQ6 Q . 18.25 -20.91 54.97
C26 JQ6 Q . 17.64 -19.69 54.36
C3 JQ6 Q . 17.60 -27.49 55.91
C4 JQ6 Q . 22.28 -28.63 55.53
C5 JQ6 Q . 23.22 -30.42 56.84
C6 JQ6 Q . 24.57 -29.99 56.27
C7 JQ6 Q . 24.68 -28.49 56.28
C8 JQ6 Q . 23.58 -27.82 55.47
C9 JQ6 Q . 16.72 -29.76 56.01
N1 JQ6 Q . 16.90 -28.47 55.36
N2 JQ6 Q . 23.32 -26.47 55.95
O1 JQ6 Q . 19.55 -26.07 56.00
O10 JQ6 Q . 25.95 -28.08 55.77
O11 JQ6 Q . 25.10 -25.12 55.71
O12 JQ6 Q . 17.82 -22.02 54.36
O13 JQ6 Q . 14.58 -23.55 53.83
O14 JQ6 Q . 19.03 -20.92 55.88
O15 JQ6 Q . 12.51 -23.01 53.22
O2 JQ6 Q . 20.50 -23.75 56.32
O3 JQ6 Q . 19.58 -24.47 54.03
O4 JQ6 Q . 18.08 -24.03 56.10
O5 JQ6 Q . 21.23 -27.72 55.54
O6 JQ6 Q . 22.22 -29.39 56.72
O7 JQ6 Q . 17.19 -26.84 56.87
O8 JQ6 Q . 21.40 -31.98 56.87
O9 JQ6 Q . 24.77 -30.50 54.94
P1 JQ6 Q . 19.49 -24.53 55.52
C28 JQ6 Q . 22.65 -23.26 55.28
C29 JQ6 Q . 23.70 -22.16 55.31
C30 JQ6 Q . 23.21 -20.81 54.86
C31 JQ6 Q . 23.00 -20.67 53.37
C32 JQ6 Q . 21.57 -20.51 52.94
C33 JQ6 Q . 20.96 -19.16 53.19
C34 JQ6 Q . 20.26 -18.55 52.00
C35 JQ6 Q . 21.18 -18.07 50.91
C36 JQ6 Q . 20.92 -18.68 49.57
C37 JQ6 Q . 21.75 -18.13 48.45
C50 JQ6 Q . 21.03 -18.01 47.13
C51 JQ6 Q . 20.06 -16.85 47.02
C52 JQ6 Q . 19.81 -16.36 45.62
C53 JQ6 Q . 20.82 -15.36 45.12
C54 JQ6 Q . 20.56 -13.92 45.51
C55 JQ6 Q . 21.79 -13.04 45.42
H1 JQ6 Q . 18.80 -26.91 54.36
H13 JQ6 Q . 16.40 -31.73 55.56
H12 JQ6 Q . 15.63 -30.76 54.58
H15 JQ6 Q . 18.43 -30.77 54.41
H14 JQ6 Q . 17.70 -32.05 53.87
H16 JQ6 Q . 16.54 -29.95 52.66
H17 JQ6 Q . 17.36 -31.12 51.98
H19 JQ6 Q . 19.34 -29.91 52.24
H36 JQ6 Q . 18.54 -28.75 52.99
H18 JQ6 Q . 18.27 -29.03 51.45
H21 JQ6 Q . 22.47 -31.54 55.28
H20 JQ6 Q . 23.26 -32.41 56.34
H27 JQ6 Q . 22.27 -25.02 54.34
H28 JQ6 Q . 23.56 -24.29 53.78
H29 JQ6 Q . 16.14 -24.38 55.81
H30 JQ6 Q . 17.01 -24.66 54.51
H31 JQ6 Q . 16.19 -22.14 55.53
H33 JQ6 Q . 15.28 -21.71 53.50
H32 JQ6 Q . 16.13 -22.86 52.78
H3 JQ6 Q . 19.71 -28.87 56.13
H2 JQ6 Q . 19.89 -28.81 54.55
H35 JQ6 Q . 12.27 -22.68 55.73
H26 JQ6 Q . 13.49 -21.69 55.56
H34 JQ6 Q . 13.74 -23.16 56.06
H37 JQ6 Q . 17.51 -19.85 53.41
H42 JQ6 Q . 18.24 -18.94 54.49
H43 JQ6 Q . 16.79 -19.51 54.77
H5 JQ6 Q . 22.21 -29.21 54.74
H6 JQ6 Q . 23.36 -30.60 57.81
H7 JQ6 Q . 25.28 -30.37 56.84
H8 JQ6 Q . 24.61 -28.17 57.21
H9 JQ6 Q . 23.86 -27.76 54.53
H11 JQ6 Q . 17.51 -29.96 56.56
H10 JQ6 Q . 15.95 -29.70 56.62
H4 JQ6 Q . 16.52 -28.34 54.60
H25 JQ6 Q . 22.73 -26.36 56.58
H24 JQ6 Q . 26.19 -27.39 56.20
H22 JQ6 Q . 20.91 -31.29 56.85
H23 JQ6 Q . 25.38 -30.05 54.57
H38 JQ6 Q . 22.41 -23.48 56.21
H39 JQ6 Q . 21.84 -22.92 54.84
H40 JQ6 Q . 24.46 -22.42 54.76
H41 JQ6 Q . 24.03 -22.07 56.23
H44 JQ6 Q . 23.86 -20.14 55.14
H45 JQ6 Q . 22.37 -20.60 55.32
H46 JQ6 Q . 23.37 -21.46 52.92
H47 JQ6 Q . 23.51 -19.89 53.04
H48 JQ6 Q . 21.02 -21.19 53.40
H49 JQ6 Q . 21.51 -20.72 51.99
H50 JQ6 Q . 21.66 -18.54 53.50
H51 JQ6 Q . 20.31 -19.24 53.92
H52 JQ6 Q . 19.73 -17.79 52.31
H53 JQ6 Q . 19.64 -19.22 51.63
H54 JQ6 Q . 22.11 -18.26 51.16
H55 JQ6 Q . 21.10 -17.09 50.84
H56 JQ6 Q . 19.97 -18.55 49.35
H57 JQ6 Q . 21.07 -19.65 49.62
H58 JQ6 Q . 22.53 -18.71 48.31
H59 JQ6 Q . 22.09 -17.24 48.70
H60 JQ6 Q . 20.54 -18.84 46.96
H61 JQ6 Q . 21.69 -17.92 46.41
H62 JQ6 Q . 20.39 -16.10 47.57
H63 JQ6 Q . 19.20 -17.13 47.40
H64 JQ6 Q . 18.92 -15.95 45.59
H65 JQ6 Q . 19.80 -17.13 45.02
H66 JQ6 Q . 20.84 -15.42 44.14
H67 JQ6 Q . 21.70 -15.61 45.45
H68 JQ6 Q . 20.22 -13.90 46.43
H69 JQ6 Q . 19.86 -13.56 44.92
H72 JQ6 Q . 22.38 -13.24 46.17
H70 JQ6 Q . 21.51 -12.10 45.47
H71 JQ6 Q . 22.25 -13.20 44.59
CU CU R . 12.43 -31.05 39.51
CU CU S . 31.32 -26.93 32.32
CU CU T . 25.51 -45.52 -2.22
FE FE U . 7.67 -39.16 24.52
C1 JPI V . 21.24 -28.12 -35.90
C10 JPI V . 18.62 -28.54 -35.95
C11 JPI V . 17.48 -29.22 -36.72
C12 JPI V . 17.85 -30.34 -37.70
C13 JPI V . 16.61 -31.24 -37.98
C14 JPI V . 16.62 -32.00 -39.28
C15 JPI V . 16.18 -33.47 -39.26
C16 JPI V . 14.75 -33.76 -39.74
C17 JPI V . 14.50 -35.24 -40.06
C18 JPI V . 13.61 -35.52 -41.25
C19 JPI V . 13.31 -36.97 -41.54
C2 JPI V . 22.38 -27.42 -36.68
C20 JPI V . 13.23 -37.28 -43.01
C21 JPI V . 12.58 -38.64 -43.39
C22 JPI V . 11.07 -38.51 -43.52
C23 JPI V . 10.29 -39.80 -43.70
C24 JPI V . 9.75 -40.00 -45.08
C25 JPI V . 9.35 -41.44 -45.42
C26 JPI V . 8.12 -41.47 -46.34
C27 JPI V . 7.65 -42.83 -46.77
C28 JPI V . 6.22 -42.90 -47.25
C29 JPI V . 5.60 -44.29 -47.31
C3 JPI V . 22.40 -27.80 -38.15
C30 JPI V . 4.15 -44.25 -47.77
C31 JPI V . 3.20 -45.09 -46.96
C32 JPI V . 1.91 -45.51 -47.67
C33 JPI V . 1.81 -46.97 -48.10
C34 JPI V . 2.91 -47.39 -49.06
C35 JPI V . 1.71 -47.95 -46.94
C36 JPI V . 19.03 -31.19 -37.24
C37 JPI V . 13.71 -33.23 -38.76
C38 JPI V . 13.22 -39.21 -44.64
C39 JPI V . 10.51 -42.22 -46.00
C4 JPI V . 21.03 -27.99 -38.73
C40 JPI V . 6.42 -45.25 -48.17
C5 JPI V . 19.90 -27.61 -37.91
C6 JPI V . 19.89 -28.09 -36.65
C7 JPI V . 18.90 -26.66 -38.49
C8 JPI V . 21.72 -29.56 -35.58
C9 JPI V . 21.07 -27.41 -34.54
O1 JPI V . 20.89 -28.47 -39.88
O2 JPI V . 22.30 -26.00 -36.55
O3 JPI V . 0.59 -47.08 -48.84
H14 JPI V . 18.24 -27.74 -35.53
H55 JPI V . 18.88 -29.14 -35.21
H15 JPI V . 17.00 -28.55 -37.23
H56 JPI V . 16.86 -29.60 -36.07
H57 JPI V . 18.10 -29.93 -38.56
H58 JPI V . 16.52 -31.87 -37.23
H16 JPI V . 15.82 -30.66 -37.96
H59 JPI V . 16.04 -31.52 -39.91
H17 JPI V . 17.53 -31.98 -39.66
H18 JPI V . 16.29 -33.82 -38.35
H60 JPI V . 16.80 -33.96 -39.83
H61 JPI V . 14.62 -33.26 -40.59
H19 JPI V . 14.11 -35.67 -39.26
H62 JPI V . 15.37 -35.67 -40.22
H63 JPI V . 12.76 -35.06 -41.10
H20 JPI V . 14.02 -35.12 -42.04
H21 JPI V . 12.47 -37.21 -41.10
H64 JPI V . 14.02 -37.52 -41.15
H1 JPI V . 23.24 -27.70 -36.29
H65 JPI V . 12.70 -36.58 -43.44
H22 JPI V . 14.13 -37.25 -43.38
H66 JPI V . 12.77 -39.25 -42.64
H23 JPI V . 10.87 -37.93 -44.29
H67 JPI V . 10.72 -38.06 -42.72
H68 JPI V . 10.88 -40.55 -43.47
H24 JPI V . 9.56 -39.80 -43.06
H69 JPI V . 8.97 -39.42 -45.19
H25 JPI V . 10.42 -39.72 -45.74
H70 JPI V . 9.07 -41.88 -44.57
H26 JPI V . 8.32 -40.95 -47.15
H71 JPI V . 7.38 -41.02 -45.88
H27 JPI V . 7.76 -43.46 -46.01
H72 JPI V . 8.23 -43.15 -47.49
H73 JPI V . 5.67 -42.35 -46.65
H28 JPI V . 6.18 -42.50 -48.14
H74 JPI V . 5.60 -44.64 -46.39
H3 JPI V . 22.91 -28.63 -38.26
H2 JPI V . 22.87 -27.11 -38.66
H75 JPI V . 3.83 -43.33 -47.75
H29 JPI V . 4.11 -44.54 -48.71
H30 JPI V . 2.96 -44.59 -46.15
H76 JPI V . 3.67 -45.89 -46.67
H32 JPI V . 1.17 -45.31 -47.07
H31 JPI V . 1.80 -44.94 -48.46
H34 JPI V . 2.68 -48.24 -49.47
H35 JPI V . 3.75 -47.46 -48.59
H33 JPI V . 3.00 -46.70 -49.76
H37 JPI V . 1.32 -48.78 -47.25
H38 JPI V . 1.14 -47.57 -46.25
H36 JPI V . 2.59 -48.11 -46.58
H40 JPI V . 18.97 -32.08 -37.64
H41 JPI V . 19.02 -31.29 -36.27
H42 JPI V . 19.86 -30.78 -37.52
H44 JPI V . 12.83 -33.53 -39.03
H45 JPI V . 13.74 -32.26 -38.75
H43 JPI V . 13.91 -33.57 -37.87
H47 JPI V . 14.18 -39.29 -44.52
H46 JPI V . 12.86 -40.10 -44.81
H48 JPI V . 13.03 -38.65 -45.40
H49 JPI V . 10.36 -43.17 -45.89
H50 JPI V . 11.34 -41.98 -45.55
H51 JPI V . 10.60 -42.02 -46.95
H52 JPI V . 6.66 -44.82 -49.01
H54 JPI V . 7.23 -45.51 -47.69
H53 JPI V . 5.90 -46.05 -48.36
H6 JPI V . 18.44 -26.18 -37.78
H5 JPI V . 19.35 -26.02 -39.06
H4 JPI V . 18.25 -27.15 -39.02
H7 JPI V . 21.97 -30.01 -36.41
H9 JPI V . 22.49 -29.53 -34.99
H8 JPI V . 21.01 -30.06 -35.15
H12 JPI V . 20.65 -28.01 -33.91
H11 JPI V . 21.94 -27.14 -34.20
H10 JPI V . 20.52 -26.63 -34.66
H13 JPI V . 21.69 -25.68 -37.02
H39 JPI V . -0.07 -46.97 -48.33
C1 JQ6 W . 13.79 -56.74 -27.40
C10 JQ6 W . 12.26 -59.31 -24.62
C11 JQ6 W . 10.90 -58.72 -24.31
C12 JQ6 W . 10.51 -57.51 -25.14
C13 JQ6 W . 10.11 -56.30 -24.35
C14 JQ6 W . 10.67 -60.97 -30.01
C15 JQ6 W . 12.73 -55.90 -32.76
C16 JQ6 W . 13.43 -54.70 -32.19
C17 JQ6 W . 16.79 -53.06 -28.16
C18 JQ6 W . 17.48 -52.53 -26.94
C19 JQ6 W . 16.53 -52.25 -25.80
C2 JQ6 W . 13.11 -57.92 -28.06
C20 JQ6 W . 17.23 -53.11 -23.70
C21 JQ6 W . 18.71 -53.19 -23.79
C25 JQ6 W . 17.86 -50.47 -28.18
C26 JQ6 W . 17.00 -49.40 -27.64
C3 JQ6 W . 14.43 -56.97 -26.03
C4 JQ6 W . 11.43 -57.42 -29.66
C5 JQ6 W . 11.10 -59.63 -30.53
C6 JQ6 W . 10.40 -59.20 -31.82
C7 JQ6 W . 10.16 -57.69 -31.83
C8 JQ6 W . 11.25 -56.91 -31.09
C9 JQ6 W . 13.44 -58.40 -24.31
N1 JQ6 W . 14.28 -58.15 -25.47
N2 JQ6 W . 12.47 -56.87 -31.87
O1 JQ6 W . 14.79 -56.37 -28.33
O10 JQ6 W . 8.91 -57.36 -31.26
O11 JQ6 W . 12.45 -56.00 -33.95
O12 JQ6 W . 18.26 -51.31 -27.21
O13 JQ6 W . 16.62 -53.35 -24.86
O14 JQ6 W . 18.20 -50.57 -29.32
O15 JQ6 W . 16.62 -52.89 -22.70
O2 JQ6 W . 13.84 -54.03 -28.80
O3 JQ6 W . 15.86 -54.97 -30.13
O4 JQ6 W . 16.14 -54.31 -27.81
O5 JQ6 W . 12.80 -57.53 -29.40
O6 JQ6 W . 10.79 -58.68 -29.49
O7 JQ6 W . 15.07 -56.05 -25.51
O8 JQ6 W . 10.58 -61.94 -31.05
O9 JQ6 W . 9.13 -59.84 -31.91
P1 JQ6 W . 15.08 -54.89 -28.86
C28 JQ6 W . 13.02 -53.38 -32.76
C29 JQ6 W . 14.18 -52.54 -33.28
C30 JQ6 W . 14.99 -51.85 -32.20
C31 JQ6 W . 14.56 -50.43 -31.91
C32 JQ6 W . 15.19 -49.81 -30.70
C33 JQ6 W . 14.49 -48.59 -30.16
C34 JQ6 W . 14.89 -47.30 -30.81
C35 JQ6 W . 13.80 -46.24 -30.81
C36 JQ6 W . 13.39 -45.76 -29.45
C37 JQ6 W . 13.19 -44.27 -29.37
C50 JQ6 W . 12.73 -43.79 -28.01
C51 JQ6 W . 13.08 -42.36 -27.68
C52 JQ6 W . 12.29 -41.33 -28.44
C53 JQ6 W . 13.10 -40.23 -29.08
C54 JQ6 W . 13.88 -40.61 -30.31
C55 JQ6 W . 14.19 -39.44 -31.20
H1 JQ6 W . 13.13 -56.00 -27.31
H13 JQ6 W . 12.30 -59.55 -25.57
H12 JQ6 W . 12.37 -60.13 -24.10
H15 JQ6 W . 10.22 -59.41 -24.44
H14 JQ6 W . 10.88 -58.46 -23.37
H16 JQ6 W . 9.76 -57.76 -25.72
H17 JQ6 W . 11.26 -57.26 -25.73
H19 JQ6 W . 9.86 -55.59 -24.96
H36 JQ6 W . 10.86 -56.01 -23.80
H18 JQ6 W . 9.36 -56.52 -23.77
H21 JQ6 W . 11.31 -61.28 -29.34
H20 JQ6 W . 9.79 -60.88 -29.57
H27 JQ6 W . 14.39 -54.82 -32.31
H28 JQ6 W . 13.26 -54.68 -31.23
H29 JQ6 W . 16.12 -52.44 -28.49
H30 JQ6 W . 17.45 -53.22 -28.87
H31 JQ6 W . 18.11 -53.22 -26.63
H33 JQ6 W . 16.77 -51.41 -25.34
H32 JQ6 W . 15.61 -52.16 -26.13
H3 JQ6 W . 13.73 -58.69 -28.08
H2 JQ6 W . 12.32 -58.16 -27.56
H35 JQ6 W . 19.06 -52.37 -24.18
H26 JQ6 W . 18.96 -53.94 -24.35
H34 JQ6 W . 19.09 -53.32 -22.90
H37 JQ6 W . 16.09 -49.73 -27.55
H42 JQ6 W . 17.00 -48.64 -28.25
H43 JQ6 W . 17.33 -49.12 -26.78
H5 JQ6 W . 11.04 -56.77 -29.04
H6 JQ6 W . 12.07 -59.64 -30.68
H7 JQ6 W . 10.95 -59.45 -32.60
H8 JQ6 W . 10.17 -57.39 -32.78
H9 JQ6 W . 10.94 -55.98 -31.04
H11 JQ6 W . 13.98 -58.80 -23.60
H10 JQ6 W . 13.11 -57.54 -23.97
H4 JQ6 W . 14.74 -58.82 -25.78
H25 JQ6 W . 13.07 -57.49 -31.76
H24 JQ6 W . 8.59 -56.71 -31.68
H22 JQ6 W . 9.77 -62.09 -31.24
H23 JQ6 W . 8.56 -59.41 -31.46
H38 JQ6 W . 12.56 -52.87 -32.06
H39 JQ6 W . 12.39 -53.52 -33.50
H40 JQ6 W . 13.82 -51.86 -33.87
H41 JQ6 W . 14.78 -53.10 -33.80
H44 JQ6 W . 15.93 -51.84 -32.47
H45 JQ6 W . 14.92 -52.38 -31.36
H46 JQ6 W . 13.58 -50.43 -31.80
H47 JQ6 W . 14.77 -49.88 -32.70
H48 JQ6 W . 16.12 -49.57 -30.92
H49 JQ6 W . 15.23 -50.49 -29.98
H50 JQ6 W . 14.68 -48.51 -29.20
H51 JQ6 W . 13.53 -48.71 -30.25
H52 JQ6 W . 15.14 -47.48 -31.74
H53 JQ6 W . 15.67 -46.94 -30.35
H54 JQ6 W . 13.01 -46.60 -31.28
H55 JQ6 W . 14.12 -45.48 -31.35
H56 JQ6 W . 14.07 -46.02 -28.81
H57 JQ6 W . 12.55 -46.20 -29.21
H58 JQ6 W . 12.53 -43.99 -30.03
H59 JQ6 W . 14.04 -43.82 -29.59
H60 JQ6 W . 13.13 -44.37 -27.33
H61 JQ6 W . 11.76 -43.89 -27.96
H62 JQ6 W . 14.03 -42.23 -27.86
H63 JQ6 W . 12.94 -42.22 -26.73
H64 JQ6 W . 11.65 -40.92 -27.82
H65 JQ6 W . 11.76 -41.77 -29.14
H66 JQ6 W . 13.73 -39.89 -28.41
H67 JQ6 W . 12.50 -39.50 -29.31
H68 JQ6 W . 13.37 -41.28 -30.82
H69 JQ6 W . 14.73 -41.04 -30.02
H72 JQ6 W . 14.88 -39.70 -31.84
H70 JQ6 W . 14.52 -38.70 -30.66
H71 JQ6 W . 13.39 -39.17 -31.67
CU CU X . 2.96 -49.49 -15.06
CU CU Y . -7.50 -41.86 -31.11
CU CU Z . -39.43 -33.09 -9.36
FE FE AA . -9.77 -45.51 -3.79
CU CU BA . 6.55 0.18 -24.00
CU CU CA . -19.74 15.58 1.66
CU CU DA . 19.78 11.58 12.76
#